data_8YD0
#
_entry.id   8YD0
#
loop_
_entity.id
_entity.type
_entity.pdbx_description
1 polymer 'ATP-dependent Clp protease ATP-binding subunit ClpX'
2 polymer 'ATP-dependent Clp protease proteolytic subunit 2'
3 polymer 'ATP-dependent Clp protease proteolytic subunit 1'
4 non-polymer 'MAGNESIUM ION'
5 non-polymer "ADENOSINE-5'-TRIPHOSPHATE"
6 non-polymer "ADENOSINE-5'-DIPHOSPHATE"
7 non-polymer N-[(1R)-1-(DIHYDROXYBORYL)-3-METHYLBUTYL]-N-(PYRAZIN-2-YLCARBONYL)-L-PHENYLALANINAMIDE
#
loop_
_entity_poly.entity_id
_entity_poly.type
_entity_poly.pdbx_seq_one_letter_code
_entity_poly.pdbx_strand_id
1 'polypeptide(L)'
;ELPKPAEIREFLEGYVIGQDTAKRTLAVAVYNHYKRIQAGEKGRDSRCEPVELTKSNILMLGPTGCGKTYLAQTLAKMLN
VPFAIADATALTEAGYVGEDVENILLKLIQAADYDVKRAETGIIYIDQVDKIARKSENPSITRDVSGEGVQQALLKILEG
TQASVPPQGGRKHPHQEFIQIDTTNVLFIVAGAFAGLEKIIYERVGKRGLGFGAEVRSKAEIDTTDHFADVMPEDLIKFG
LIPEFIGRLPVVASVTNLDKESLVKILSEPKNALVKQYIRLFEMDGVELEFTDDALEAIADQAIHRGTGARGLRAIMEEV
LLPVMYDIPSRDDVAKVVVTKETVQDNVLPTIVPR
;
A,B,C,D,E,F
2 'polypeptide(L)'
;ILPSFIEHSSFGVKESNPYNKLFEERIIFLGVQVDDASANDIMAQLLVLESLDPDRDITMYINSPGGGFTSLMAIYDTMQ
YVRADIQTVCLGQAASAAAVLLAAGTPGKRMALPNARVLIHQPSLSGVIQGQFSDLEIQAAEIERMRTLMETTLARHTGK
DAGVIRKDTDRDKILTAEEAKDYGIIDTVLEYRKLS
;
H,I,K,L,M,N,V
3 'polypeptide(L)'
;SLTDSVYERLLSERIIFLGSEVNDEIANRLCAQILLLAAEDASKDISLYINSPGGSISAGMAIYDTMVLAPCDIATYAMG
MAASMGEFLLAAGTKGKRYALPHARILMHQPLGGVTGSAADIAIQAEQFAVIKKEMFRLNAEFTGQPIERIEADSDRDRW
FTAAEALEYGFVDHIITR
;
O,P,Q,R,S,T,U
#
loop_
_chem_comp.id
_chem_comp.type
_chem_comp.name
_chem_comp.formula
ADP non-polymer ADENOSINE-5'-DIPHOSPHATE 'C10 H15 N5 O10 P2'
ATP non-polymer ADENOSINE-5'-TRIPHOSPHATE 'C10 H16 N5 O13 P3'
BO2 non-polymer N-[(1R)-1-(DIHYDROXYBORYL)-3-METHYLBUTYL]-N-(PYRAZIN-2-YLCARBONYL)-L-PHENYLALANINAMIDE 'C19 H25 B N4 O4'
MG non-polymer 'MAGNESIUM ION' 'Mg 2'
#
# COMPACT_ATOMS: atom_id res chain seq x y z
N GLU A 1 61.55 29.88 -36.07
CA GLU A 1 60.28 30.14 -36.75
C GLU A 1 59.12 30.10 -35.77
N LEU A 2 58.24 31.10 -35.85
CA LEU A 2 57.16 31.25 -34.90
C LEU A 2 55.92 31.83 -35.57
N PRO A 3 54.96 31.00 -35.96
CA PRO A 3 53.73 31.54 -36.55
C PRO A 3 52.81 32.10 -35.48
N LYS A 4 52.18 33.21 -35.81
CA LYS A 4 51.32 33.91 -34.87
C LYS A 4 50.04 33.09 -34.63
N PRO A 5 49.39 33.21 -33.46
CA PRO A 5 48.22 32.38 -33.20
C PRO A 5 47.02 32.73 -34.05
N ALA A 6 46.94 33.96 -34.56
CA ALA A 6 45.94 34.24 -35.57
C ALA A 6 46.28 33.54 -36.86
N GLU A 7 47.57 33.42 -37.17
CA GLU A 7 47.99 32.73 -38.38
C GLU A 7 47.93 31.22 -38.25
N ILE A 8 48.00 30.69 -37.02
CA ILE A 8 47.81 29.26 -36.84
C ILE A 8 46.36 28.89 -37.09
N ARG A 9 45.43 29.70 -36.59
CA ARG A 9 44.01 29.42 -36.77
C ARG A 9 43.57 29.61 -38.20
N GLU A 10 44.12 30.61 -38.90
CA GLU A 10 43.71 30.85 -40.28
C GLU A 10 44.22 29.76 -41.21
N PHE A 11 45.25 29.01 -40.81
CA PHE A 11 45.55 27.78 -41.51
C PHE A 11 44.58 26.68 -41.13
N LEU A 12 44.21 26.62 -39.85
CA LEU A 12 43.24 25.62 -39.40
C LEU A 12 41.87 25.85 -40.01
N GLU A 13 41.51 27.11 -40.26
CA GLU A 13 40.25 27.45 -40.92
C GLU A 13 40.19 26.95 -42.36
N GLY A 14 41.34 26.79 -43.02
CA GLY A 14 41.34 26.26 -44.36
C GLY A 14 40.95 24.81 -44.45
N TYR A 15 41.12 24.05 -43.37
CA TYR A 15 40.75 22.64 -43.32
C TYR A 15 39.62 22.37 -42.35
N VAL A 16 39.75 22.83 -41.11
CA VAL A 16 38.76 22.55 -40.08
C VAL A 16 37.67 23.61 -40.15
N ILE A 17 36.44 23.18 -40.29
CA ILE A 17 35.29 24.07 -40.31
C ILE A 17 34.59 23.99 -38.96
N GLY A 18 34.23 25.13 -38.40
CA GLY A 18 33.64 25.13 -37.09
C GLY A 18 34.75 24.99 -36.08
N GLN A 19 34.38 24.53 -34.88
CA GLN A 19 35.30 24.33 -33.75
C GLN A 19 36.10 25.58 -33.43
N ASP A 20 35.44 26.74 -33.44
CA ASP A 20 36.12 28.02 -33.34
C ASP A 20 36.77 28.27 -31.99
N THR A 21 36.19 27.77 -30.90
CA THR A 21 36.82 27.93 -29.60
C THR A 21 38.00 26.98 -29.44
N ALA A 22 37.89 25.77 -30.01
CA ALA A 22 38.98 24.82 -29.94
C ALA A 22 40.14 25.19 -30.84
N LYS A 23 39.90 25.91 -31.94
CA LYS A 23 40.98 26.42 -32.76
C LYS A 23 41.69 27.60 -32.14
N ARG A 24 41.00 28.39 -31.31
CA ARG A 24 41.69 29.44 -30.57
C ARG A 24 42.55 28.84 -29.47
N THR A 25 42.05 27.81 -28.80
CA THR A 25 42.78 27.23 -27.68
C THR A 25 44.00 26.46 -28.16
N LEU A 26 43.91 25.82 -29.32
CA LEU A 26 45.09 25.17 -29.89
C LEU A 26 46.10 26.20 -30.36
N ALA A 27 45.64 27.22 -31.08
CA ALA A 27 46.55 28.17 -31.71
C ALA A 27 47.27 29.02 -30.68
N VAL A 28 46.60 29.33 -29.57
CA VAL A 28 47.24 30.08 -28.51
C VAL A 28 48.24 29.21 -27.75
N ALA A 29 47.86 27.98 -27.44
CA ALA A 29 48.74 27.13 -26.64
C ALA A 29 49.91 26.60 -27.44
N VAL A 30 49.74 26.43 -28.75
CA VAL A 30 50.89 26.12 -29.60
C VAL A 30 51.79 27.35 -29.71
N TYR A 31 51.21 28.54 -29.80
CA TYR A 31 52.00 29.75 -29.83
C TYR A 31 52.68 30.00 -28.49
N ASN A 32 51.98 29.72 -27.38
CA ASN A 32 52.59 29.92 -26.07
C ASN A 32 53.71 28.92 -25.82
N HIS A 33 53.66 27.75 -26.47
CA HIS A 33 54.68 26.75 -26.25
C HIS A 33 55.97 27.12 -26.95
N TYR A 34 55.87 27.52 -28.22
CA TYR A 34 57.08 27.79 -29.00
C TYR A 34 57.68 29.14 -28.61
N LYS A 35 56.85 30.06 -28.12
CA LYS A 35 57.38 31.35 -27.67
C LYS A 35 58.10 31.20 -26.34
N ARG A 36 57.63 30.27 -25.50
CA ARG A 36 58.33 29.98 -24.26
C ARG A 36 59.64 29.25 -24.52
N ILE A 37 59.68 28.44 -25.58
CA ILE A 37 60.95 27.82 -26.00
C ILE A 37 61.92 28.90 -26.48
N GLN A 38 61.44 29.79 -27.35
CA GLN A 38 62.31 30.78 -27.97
C GLN A 38 62.81 31.81 -26.96
N ALA A 39 61.98 32.17 -25.98
CA ALA A 39 62.42 33.05 -24.91
C ALA A 39 63.39 32.33 -23.99
N GLY A 40 63.22 31.01 -23.84
CA GLY A 40 64.14 30.25 -23.01
C GLY A 40 65.48 30.05 -23.66
N GLU A 41 65.51 30.02 -24.99
CA GLU A 41 66.77 29.88 -25.71
C GLU A 41 67.56 31.19 -25.68
N LYS A 42 66.87 32.33 -25.70
CA LYS A 42 67.53 33.62 -25.62
C LYS A 42 67.95 33.91 -24.19
N PRO A 50 62.82 34.26 -16.31
CA PRO A 50 61.54 33.55 -16.40
C PRO A 50 60.78 33.53 -15.08
N VAL A 51 59.48 33.31 -15.14
CA VAL A 51 58.63 33.25 -13.95
C VAL A 51 58.22 31.78 -13.86
N GLU A 52 59.07 30.91 -14.41
CA GLU A 52 58.96 29.45 -14.43
C GLU A 52 57.60 29.01 -14.98
N LEU A 53 57.37 29.29 -16.26
CA LEU A 53 56.04 29.26 -16.85
C LEU A 53 55.46 27.85 -16.98
N THR A 54 54.17 27.79 -17.23
CA THR A 54 53.41 26.54 -17.28
C THR A 54 53.82 25.72 -18.50
N LYS A 55 53.46 24.43 -18.47
CA LYS A 55 53.85 23.53 -19.55
C LYS A 55 52.94 23.68 -20.75
N SER A 56 51.66 23.98 -20.53
CA SER A 56 50.61 24.20 -21.51
C SER A 56 50.34 23.01 -22.41
N ASN A 57 50.32 21.78 -21.90
CA ASN A 57 49.89 20.66 -22.71
C ASN A 57 48.39 20.70 -22.91
N ILE A 58 47.92 20.23 -24.06
CA ILE A 58 46.53 20.37 -24.48
C ILE A 58 45.82 19.04 -24.32
N LEU A 59 44.70 19.07 -23.61
CA LEU A 59 43.73 17.97 -23.58
C LEU A 59 42.53 18.35 -24.44
N MET A 60 42.44 17.79 -25.63
CA MET A 60 41.27 17.97 -26.48
C MET A 60 40.23 16.93 -26.12
N LEU A 61 38.97 17.34 -26.12
CA LEU A 61 37.86 16.43 -25.86
C LEU A 61 36.57 17.00 -26.42
N GLY A 62 35.83 16.16 -27.11
CA GLY A 62 34.59 16.57 -27.71
C GLY A 62 33.82 15.39 -28.26
N PRO A 63 32.73 15.65 -28.97
CA PRO A 63 32.02 14.55 -29.63
C PRO A 63 32.85 13.97 -30.75
N THR A 64 32.57 12.71 -31.09
CA THR A 64 33.35 12.04 -32.12
C THR A 64 33.02 12.59 -33.50
N GLY A 65 34.00 12.52 -34.38
CA GLY A 65 33.86 13.00 -35.74
C GLY A 65 33.87 14.50 -35.91
N CYS A 66 33.97 15.26 -34.82
CA CYS A 66 33.88 16.71 -34.89
C CYS A 66 35.21 17.39 -35.13
N GLY A 67 36.29 16.63 -35.17
CA GLY A 67 37.61 17.14 -35.46
C GLY A 67 38.40 17.30 -34.18
N LYS A 68 39.14 16.26 -33.84
CA LYS A 68 40.20 16.34 -32.85
C LYS A 68 41.47 15.91 -33.56
N THR A 69 41.40 14.71 -34.16
CA THR A 69 42.49 14.21 -34.99
C THR A 69 42.68 15.11 -36.20
N TYR A 70 41.59 15.61 -36.75
CA TYR A 70 41.66 16.46 -37.94
C TYR A 70 42.18 17.85 -37.60
N LEU A 71 41.99 18.30 -36.35
CA LEU A 71 42.70 19.49 -35.88
C LEU A 71 44.20 19.22 -35.78
N ALA A 72 44.58 18.03 -35.31
CA ALA A 72 45.99 17.74 -35.12
C ALA A 72 46.69 17.44 -36.42
N GLN A 73 45.98 16.81 -37.36
CA GLN A 73 46.55 16.58 -38.68
C GLN A 73 46.70 17.87 -39.46
N THR A 74 45.91 18.89 -39.13
CA THR A 74 46.09 20.20 -39.74
C THR A 74 47.26 20.93 -39.11
N LEU A 75 47.47 20.75 -37.81
CA LEU A 75 48.68 21.26 -37.18
C LEU A 75 49.92 20.52 -37.65
N ALA A 76 49.76 19.27 -38.10
CA ALA A 76 50.87 18.56 -38.73
C ALA A 76 51.29 19.22 -40.03
N LYS A 77 50.32 19.69 -40.81
CA LYS A 77 50.60 20.21 -42.13
C LYS A 77 51.07 21.66 -42.11
N MET A 78 51.28 22.25 -40.94
CA MET A 78 51.57 23.67 -40.84
C MET A 78 52.96 23.95 -40.31
N LEU A 79 53.31 23.42 -39.14
CA LEU A 79 54.27 24.09 -38.28
C LEU A 79 55.71 23.87 -38.70
N ASN A 80 55.97 22.83 -39.50
CA ASN A 80 57.32 22.34 -39.84
C ASN A 80 58.14 22.02 -38.59
N VAL A 81 57.46 21.63 -37.53
CA VAL A 81 58.07 21.20 -36.29
C VAL A 81 57.67 19.74 -36.13
N PRO A 82 58.58 18.85 -35.70
CA PRO A 82 58.28 17.41 -35.72
C PRO A 82 57.07 17.01 -34.89
N PHE A 83 56.15 16.31 -35.54
CA PHE A 83 54.81 16.09 -35.01
C PHE A 83 54.52 14.61 -35.03
N ALA A 84 54.54 13.97 -33.87
CA ALA A 84 54.15 12.58 -33.76
C ALA A 84 52.64 12.49 -33.78
N ILE A 85 52.11 11.44 -34.42
CA ILE A 85 50.68 11.22 -34.49
C ILE A 85 50.29 9.96 -33.71
N ALA A 86 51.01 9.68 -32.62
CA ALA A 86 50.90 8.44 -31.85
C ALA A 86 49.53 8.21 -31.25
N ASP A 87 49.17 6.94 -31.07
CA ASP A 87 47.89 6.55 -30.52
C ASP A 87 48.11 5.93 -29.15
N ALA A 88 47.09 5.99 -28.30
CA ALA A 88 47.20 5.47 -26.95
C ALA A 88 46.41 4.19 -26.83
N THR A 89 46.01 3.63 -27.97
CA THR A 89 45.22 2.41 -27.97
C THR A 89 46.12 1.20 -28.07
N ALA A 90 47.43 1.40 -28.14
CA ALA A 90 48.35 0.29 -28.20
C ALA A 90 49.35 0.38 -27.06
N LEU A 91 49.26 1.45 -26.29
CA LEU A 91 50.22 1.68 -25.22
C LEU A 91 49.95 0.76 -24.05
N THR A 92 51.00 0.06 -23.62
CA THR A 92 50.94 -0.79 -22.44
C THR A 92 51.99 -0.30 -21.46
N GLU A 93 52.06 -0.98 -20.32
CA GLU A 93 53.17 -0.76 -19.41
C GLU A 93 54.44 -1.36 -19.98
N ALA A 94 55.55 -1.02 -19.35
CA ALA A 94 56.82 -1.63 -19.72
C ALA A 94 56.85 -3.08 -19.24
N GLY A 95 57.56 -3.92 -19.99
CA GLY A 95 57.64 -5.31 -19.62
C GLY A 95 56.38 -6.09 -19.93
N TYR A 96 55.54 -5.58 -20.82
CA TYR A 96 54.36 -6.31 -21.24
C TYR A 96 54.31 -6.31 -22.76
N VAL A 97 53.50 -7.22 -23.28
CA VAL A 97 53.27 -7.37 -24.71
C VAL A 97 52.63 -6.09 -25.23
N GLY A 98 53.06 -5.64 -26.40
CA GLY A 98 52.44 -4.50 -27.03
C GLY A 98 53.37 -3.29 -27.01
N GLU A 99 52.84 -2.20 -27.55
CA GLU A 99 53.60 -0.98 -27.70
C GLU A 99 53.83 -0.33 -26.35
N ASP A 100 55.07 0.06 -26.07
CA ASP A 100 55.39 0.68 -24.81
C ASP A 100 55.28 2.19 -24.91
N VAL A 101 55.34 2.84 -23.76
CA VAL A 101 55.07 4.27 -23.64
C VAL A 101 56.15 5.08 -24.34
N GLU A 102 57.38 4.59 -24.37
CA GLU A 102 58.46 5.34 -24.98
C GLU A 102 58.44 5.28 -26.49
N ASN A 103 57.49 4.55 -27.09
CA ASN A 103 57.42 4.49 -28.54
C ASN A 103 56.80 5.76 -29.11
N ILE A 104 56.07 6.52 -28.28
CA ILE A 104 55.54 7.81 -28.73
C ILE A 104 56.66 8.83 -28.87
N LEU A 105 57.81 8.58 -28.23
CA LEU A 105 59.00 9.37 -28.46
C LEU A 105 59.71 8.91 -29.72
N LEU A 106 59.65 7.62 -30.01
CA LEU A 106 60.22 7.10 -31.25
C LEU A 106 59.43 7.58 -32.46
N LYS A 107 58.10 7.68 -32.33
CA LYS A 107 57.29 8.24 -33.41
C LYS A 107 57.58 9.72 -33.62
N LEU A 108 58.12 10.39 -32.62
CA LEU A 108 58.49 11.79 -32.78
C LEU A 108 59.76 11.93 -33.60
N ILE A 109 60.81 11.15 -33.29
CA ILE A 109 62.06 11.24 -34.04
C ILE A 109 61.97 10.58 -35.41
N GLN A 110 61.00 9.68 -35.63
CA GLN A 110 60.71 9.26 -36.99
C GLN A 110 60.13 10.40 -37.80
N ALA A 111 59.38 11.29 -37.15
CA ALA A 111 58.90 12.51 -37.79
C ALA A 111 59.94 13.63 -37.76
N ALA A 112 61.00 13.48 -36.98
CA ALA A 112 62.08 14.45 -36.95
C ALA A 112 63.25 14.07 -37.84
N ASP A 113 63.11 12.98 -38.61
CA ASP A 113 64.21 12.34 -39.35
C ASP A 113 65.40 12.04 -38.45
N TYR A 114 65.11 11.58 -37.23
CA TYR A 114 66.09 11.18 -36.21
C TYR A 114 67.00 12.32 -35.79
N ASP A 115 66.53 13.55 -35.92
CA ASP A 115 67.22 14.71 -35.36
C ASP A 115 66.63 14.99 -33.99
N VAL A 116 67.47 14.86 -32.95
CA VAL A 116 66.97 14.86 -31.58
C VAL A 116 66.69 16.25 -31.05
N LYS A 117 67.38 17.29 -31.56
CA LYS A 117 67.16 18.62 -31.05
C LYS A 117 65.93 19.30 -31.63
N ARG A 118 65.46 18.85 -32.80
CA ARG A 118 64.15 19.23 -33.28
C ARG A 118 63.03 18.43 -32.65
N ALA A 119 63.34 17.25 -32.12
CA ALA A 119 62.38 16.48 -31.36
C ALA A 119 62.35 16.86 -29.90
N GLU A 120 63.21 17.76 -29.45
CA GLU A 120 63.06 18.35 -28.12
C GLU A 120 62.24 19.62 -28.18
N THR A 121 61.76 19.98 -29.36
CA THR A 121 60.82 21.09 -29.54
C THR A 121 59.52 20.67 -30.18
N GLY A 122 59.32 19.40 -30.47
CA GLY A 122 58.20 18.98 -31.26
C GLY A 122 56.93 18.82 -30.46
N ILE A 123 55.87 18.42 -31.17
CA ILE A 123 54.57 18.15 -30.58
C ILE A 123 54.29 16.66 -30.71
N ILE A 124 54.09 16.00 -29.58
CA ILE A 124 53.64 14.62 -29.59
C ILE A 124 52.14 14.63 -29.38
N TYR A 125 51.41 14.22 -30.42
CA TYR A 125 49.98 14.08 -30.31
C TYR A 125 49.63 12.66 -29.92
N ILE A 126 48.87 12.53 -28.84
CA ILE A 126 48.43 11.23 -28.34
C ILE A 126 46.93 11.14 -28.56
N ASP A 127 46.50 10.10 -29.22
CA ASP A 127 45.11 9.97 -29.63
C ASP A 127 44.46 8.86 -28.85
N GLN A 128 43.20 9.10 -28.42
CA GLN A 128 42.44 8.28 -27.50
C GLN A 128 43.11 8.08 -26.15
N VAL A 129 43.27 9.13 -25.36
CA VAL A 129 43.64 8.96 -23.95
C VAL A 129 42.44 8.61 -23.09
N ASP A 130 41.25 8.53 -23.66
CA ASP A 130 40.13 7.92 -22.96
C ASP A 130 40.28 6.40 -22.84
N LYS A 131 41.17 5.80 -23.64
CA LYS A 131 41.46 4.38 -23.50
C LYS A 131 42.27 4.10 -22.25
N ILE A 132 43.23 4.97 -21.94
CA ILE A 132 44.17 4.71 -20.85
C ILE A 132 43.63 5.22 -19.52
N ALA A 133 42.36 5.58 -19.50
CA ALA A 133 41.71 5.91 -18.25
C ALA A 133 41.53 4.64 -17.42
N ARG A 134 41.49 4.82 -16.10
CA ARG A 134 41.40 3.69 -15.19
C ARG A 134 40.02 3.06 -15.25
N LYS A 135 39.99 1.75 -15.48
CA LYS A 135 38.81 0.94 -15.29
C LYS A 135 39.00 0.15 -14.00
N SER A 136 37.89 -0.14 -13.32
CA SER A 136 37.94 -1.06 -12.19
C SER A 136 38.30 -2.44 -12.71
N GLU A 137 39.25 -3.09 -12.06
CA GLU A 137 39.95 -4.21 -12.71
C GLU A 137 39.07 -5.44 -12.81
N ASN A 138 38.91 -5.93 -14.04
CA ASN A 138 38.27 -7.20 -14.31
C ASN A 138 39.08 -8.31 -13.65
N PRO A 139 38.45 -9.20 -12.87
CA PRO A 139 39.20 -10.30 -12.24
C PRO A 139 39.41 -11.49 -13.18
N SER A 140 39.78 -11.20 -14.43
CA SER A 140 40.03 -12.23 -15.41
C SER A 140 41.14 -11.86 -16.37
N ILE A 141 41.93 -10.81 -16.08
CA ILE A 141 42.81 -10.26 -17.11
C ILE A 141 44.28 -10.33 -16.76
N THR A 142 44.63 -10.64 -15.51
CA THR A 142 46.03 -10.72 -15.02
C THR A 142 46.75 -9.38 -15.24
N ARG A 143 46.47 -8.45 -14.32
CA ARG A 143 47.10 -7.13 -14.28
C ARG A 143 46.71 -6.27 -15.46
N ASP A 144 45.61 -5.53 -15.30
CA ASP A 144 45.29 -4.40 -16.19
C ASP A 144 46.55 -3.58 -16.44
N VAL A 145 47.04 -3.62 -17.68
CA VAL A 145 48.28 -2.96 -18.06
C VAL A 145 48.05 -1.74 -18.93
N SER A 146 46.81 -1.45 -19.26
CA SER A 146 46.50 -0.47 -20.28
C SER A 146 45.90 0.80 -19.71
N GLY A 147 45.72 0.87 -18.40
CA GLY A 147 45.02 1.98 -17.79
C GLY A 147 45.90 2.88 -16.98
N GLU A 148 45.89 2.66 -15.65
CA GLU A 148 46.61 3.52 -14.71
C GLU A 148 48.12 3.46 -14.90
N GLY A 149 48.64 2.38 -15.46
CA GLY A 149 50.08 2.20 -15.52
C GLY A 149 50.70 2.82 -16.75
N VAL A 150 49.97 2.80 -17.87
CA VAL A 150 50.33 3.63 -19.01
C VAL A 150 50.31 5.09 -18.61
N GLN A 151 49.33 5.46 -17.81
CA GLN A 151 49.08 6.84 -17.49
C GLN A 151 50.09 7.36 -16.49
N GLN A 152 50.53 6.51 -15.56
CA GLN A 152 51.64 6.86 -14.69
C GLN A 152 52.97 6.83 -15.42
N ALA A 153 53.09 6.08 -16.51
CA ALA A 153 54.31 6.08 -17.28
C ALA A 153 54.39 7.26 -18.23
N LEU A 154 53.28 8.00 -18.41
CA LEU A 154 53.32 9.24 -19.14
C LEU A 154 53.63 10.43 -18.25
N LEU A 155 53.44 10.31 -16.94
CA LEU A 155 53.54 11.44 -16.02
C LEU A 155 54.93 12.05 -16.01
N LYS A 156 55.96 11.21 -16.15
CA LYS A 156 57.31 11.71 -16.13
C LYS A 156 57.66 12.44 -17.41
N ILE A 157 57.17 11.97 -18.55
CA ILE A 157 57.54 12.60 -19.82
C ILE A 157 56.60 13.75 -20.20
N LEU A 158 55.41 13.83 -19.61
CA LEU A 158 54.57 15.00 -19.84
C LEU A 158 55.15 16.23 -19.16
N GLU A 159 55.65 16.08 -17.93
CA GLU A 159 56.40 17.16 -17.29
C GLU A 159 57.71 17.40 -18.02
N GLY A 160 58.39 16.32 -18.39
CA GLY A 160 59.69 16.44 -19.01
C GLY A 160 60.80 15.76 -18.24
N THR A 161 61.24 14.62 -18.74
CA THR A 161 62.39 13.91 -18.20
C THR A 161 63.24 13.41 -19.35
N GLN A 162 64.46 13.02 -19.04
CA GLN A 162 65.24 12.21 -19.96
C GLN A 162 64.60 10.84 -20.09
N ALA A 163 64.57 10.34 -21.33
CA ALA A 163 63.96 9.04 -21.54
C ALA A 163 64.68 8.25 -22.60
N SER A 164 65.12 7.04 -22.25
CA SER A 164 65.74 6.16 -23.23
C SER A 164 64.68 5.62 -24.19
N VAL A 165 64.99 5.64 -25.47
CA VAL A 165 64.00 5.25 -26.48
C VAL A 165 64.49 4.02 -27.23
N PRO A 166 63.80 2.89 -27.12
CA PRO A 166 64.15 1.72 -27.92
C PRO A 166 63.81 1.96 -29.38
N PRO A 167 64.72 1.63 -30.29
CA PRO A 167 64.43 1.75 -31.72
C PRO A 167 63.56 0.60 -32.23
N GLN A 168 63.43 0.55 -33.56
CA GLN A 168 62.69 -0.46 -34.32
C GLN A 168 61.21 -0.51 -33.94
N GLY A 169 60.48 0.57 -34.23
CA GLY A 169 59.05 0.60 -33.99
C GLY A 169 58.24 0.64 -35.28
N GLN A 176 69.76 -0.34 -31.31
CA GLN A 176 71.02 -0.73 -30.69
C GLN A 176 71.30 0.13 -29.43
N GLU A 177 71.74 1.37 -29.60
CA GLU A 177 71.77 2.31 -28.50
C GLU A 177 70.38 2.89 -28.29
N PHE A 178 70.18 3.47 -27.10
CA PHE A 178 68.89 4.16 -26.83
C PHE A 178 69.09 5.65 -27.10
N ILE A 179 68.04 6.33 -27.57
CA ILE A 179 68.09 7.73 -27.93
C ILE A 179 67.53 8.53 -26.77
N GLN A 180 68.33 9.47 -26.25
CA GLN A 180 67.92 10.29 -25.13
C GLN A 180 67.17 11.51 -25.65
N ILE A 181 65.90 11.62 -25.27
CA ILE A 181 65.06 12.74 -25.66
C ILE A 181 64.63 13.47 -24.40
N ASP A 182 64.86 14.78 -24.35
CA ASP A 182 64.33 15.62 -23.30
C ASP A 182 62.95 16.12 -23.71
N THR A 183 61.98 15.95 -22.83
CA THR A 183 60.60 16.33 -23.15
C THR A 183 60.11 17.49 -22.29
N THR A 184 61.03 18.30 -21.77
CA THR A 184 60.60 19.49 -21.04
C THR A 184 60.03 20.53 -21.99
N ASN A 185 60.55 20.58 -23.21
CA ASN A 185 60.06 21.51 -24.22
C ASN A 185 59.35 20.80 -25.35
N VAL A 186 58.70 19.67 -25.06
CA VAL A 186 57.92 18.93 -26.04
C VAL A 186 56.45 19.09 -25.67
N LEU A 187 55.66 19.59 -26.62
CA LEU A 187 54.25 19.83 -26.39
C LEU A 187 53.47 18.54 -26.58
N PHE A 188 52.49 18.34 -25.72
CA PHE A 188 51.68 17.14 -25.76
C PHE A 188 50.23 17.53 -25.95
N ILE A 189 49.71 17.27 -27.11
CA ILE A 189 48.28 17.41 -27.35
C ILE A 189 47.69 16.03 -27.22
N VAL A 190 46.81 15.84 -26.24
CA VAL A 190 46.15 14.56 -26.08
C VAL A 190 44.68 14.73 -26.39
N ALA A 191 44.04 13.64 -26.80
CA ALA A 191 42.67 13.75 -27.29
C ALA A 191 41.90 12.49 -26.97
N GLY A 192 40.60 12.57 -27.17
CA GLY A 192 39.67 11.50 -26.89
C GLY A 192 38.27 12.03 -26.91
N ALA A 193 37.32 11.14 -27.21
CA ALA A 193 35.94 11.59 -27.25
C ALA A 193 35.33 11.69 -25.86
N PHE A 194 35.74 10.79 -24.96
CA PHE A 194 35.28 10.73 -23.56
C PHE A 194 33.77 10.59 -23.50
N ALA A 195 33.25 9.45 -23.95
CA ALA A 195 31.81 9.30 -24.22
C ALA A 195 30.99 9.32 -22.94
N GLY A 196 31.52 8.77 -21.85
CA GLY A 196 30.82 8.82 -20.59
C GLY A 196 30.96 10.11 -19.83
N LEU A 197 31.88 10.98 -20.27
CA LEU A 197 32.15 12.23 -19.55
C LEU A 197 31.04 13.25 -19.76
N GLU A 198 30.31 13.14 -20.88
CA GLU A 198 29.17 14.00 -21.14
C GLU A 198 28.05 13.77 -20.13
N LYS A 199 27.92 12.54 -19.62
CA LYS A 199 26.96 12.24 -18.57
C LYS A 199 27.44 12.66 -17.19
N ILE A 200 28.75 12.53 -16.93
CA ILE A 200 29.33 12.85 -15.63
C ILE A 200 29.23 14.35 -15.33
N ILE A 201 29.47 15.19 -16.34
CA ILE A 201 29.35 16.63 -16.16
C ILE A 201 27.89 17.03 -15.93
N TYR A 202 26.96 16.36 -16.62
CA TYR A 202 25.54 16.60 -16.41
C TYR A 202 25.06 16.15 -15.04
N GLU A 203 25.77 15.21 -14.40
CA GLU A 203 25.52 14.87 -13.01
C GLU A 203 25.93 15.98 -12.03
N ARG A 204 26.70 16.98 -12.47
CA ARG A 204 27.16 18.05 -11.60
C ARG A 204 26.55 19.40 -11.93
N VAL A 205 26.71 19.88 -13.17
CA VAL A 205 26.16 21.19 -13.53
C VAL A 205 24.70 21.12 -13.96
N GLY A 206 24.19 19.94 -14.31
CA GLY A 206 22.84 19.80 -14.80
C GLY A 206 21.94 19.06 -13.82
N LYS A 207 20.64 19.23 -14.04
CA LYS A 207 19.64 18.52 -13.27
C LYS A 207 18.65 17.88 -14.24
N ARG A 208 18.16 16.71 -13.87
CA ARG A 208 16.99 16.15 -14.53
C ARG A 208 15.83 17.02 -14.09
N GLY A 209 15.50 18.01 -14.91
CA GLY A 209 14.47 18.94 -14.55
C GLY A 209 13.09 18.29 -14.58
N LEU A 210 12.31 18.61 -13.55
CA LEU A 210 11.01 18.02 -13.36
C LEU A 210 9.99 19.11 -13.10
N GLY A 211 8.91 19.07 -13.84
CA GLY A 211 7.75 19.85 -13.50
C GLY A 211 7.57 21.08 -14.35
N PHE A 212 6.71 21.95 -13.88
CA PHE A 212 6.27 23.13 -14.61
C PHE A 212 7.36 24.18 -14.56
N GLY A 213 7.76 24.67 -15.73
CA GLY A 213 8.77 25.71 -15.80
C GLY A 213 10.17 25.25 -15.55
N ALA A 214 10.40 23.94 -15.48
CA ALA A 214 11.73 23.39 -15.25
C ALA A 214 12.26 22.89 -16.56
N GLU A 215 13.52 23.20 -16.86
CA GLU A 215 14.10 22.76 -18.12
C GLU A 215 14.36 21.27 -18.08
N VAL A 216 13.72 20.54 -18.99
CA VAL A 216 13.78 19.10 -19.04
C VAL A 216 14.85 18.62 -20.02
N ARG A 217 15.18 19.46 -21.01
CA ARG A 217 16.28 19.25 -21.96
C ARG A 217 16.14 17.98 -22.78
N SER A 218 15.27 18.01 -23.79
CA SER A 218 15.05 16.93 -24.75
C SER A 218 16.35 16.40 -25.37
N LYS A 219 16.26 15.21 -25.96
CA LYS A 219 17.40 14.48 -26.53
C LYS A 219 18.11 15.25 -27.64
N ALA A 220 17.40 16.06 -28.40
CA ALA A 220 18.03 16.98 -29.35
C ALA A 220 18.90 18.01 -28.68
N GLU A 221 18.58 18.42 -27.46
CA GLU A 221 19.37 19.36 -26.70
C GLU A 221 20.39 18.68 -25.79
N ILE A 222 20.22 17.39 -25.52
CA ILE A 222 21.28 16.56 -24.95
C ILE A 222 22.45 16.42 -25.92
N ASP A 223 22.20 16.49 -27.22
CA ASP A 223 23.22 16.40 -28.26
C ASP A 223 24.05 17.68 -28.41
N THR A 224 23.90 18.65 -27.50
CA THR A 224 24.81 19.79 -27.43
C THR A 224 26.06 19.37 -26.65
N THR A 225 26.94 20.31 -26.37
CA THR A 225 28.15 20.02 -25.62
C THR A 225 28.01 20.55 -24.21
N ASP A 226 28.47 19.75 -23.25
CA ASP A 226 28.66 20.18 -21.88
C ASP A 226 30.13 20.34 -21.54
N HIS A 227 31.00 20.17 -22.53
CA HIS A 227 32.44 20.35 -22.35
C HIS A 227 32.91 21.78 -22.61
N PHE A 228 31.99 22.75 -22.70
CA PHE A 228 32.36 24.09 -23.14
C PHE A 228 33.17 24.82 -22.06
N ALA A 229 32.59 24.99 -20.88
CA ALA A 229 33.33 25.56 -19.75
C ALA A 229 33.00 24.80 -18.49
N ASP A 230 32.24 23.72 -18.62
CA ASP A 230 31.70 22.98 -17.49
C ASP A 230 32.48 21.71 -17.18
N VAL A 231 33.59 21.46 -17.88
CA VAL A 231 34.43 20.31 -17.55
C VAL A 231 35.41 20.73 -16.47
N MET A 232 35.63 19.83 -15.52
CA MET A 232 36.49 20.05 -14.36
C MET A 232 37.40 18.85 -14.22
N PRO A 233 38.52 18.98 -13.48
CA PRO A 233 39.33 17.80 -13.18
C PRO A 233 38.62 16.71 -12.39
N GLU A 234 37.65 17.06 -11.54
CA GLU A 234 36.95 16.04 -10.77
C GLU A 234 36.01 15.22 -11.64
N ASP A 235 35.60 15.78 -12.77
CA ASP A 235 34.83 14.99 -13.74
C ASP A 235 35.73 14.01 -14.47
N LEU A 236 36.98 14.40 -14.72
CA LEU A 236 37.92 13.53 -15.42
C LEU A 236 38.42 12.40 -14.53
N ILE A 237 38.47 12.62 -13.21
CA ILE A 237 38.85 11.57 -12.28
C ILE A 237 37.73 10.53 -12.18
N LYS A 238 36.48 10.99 -12.23
CA LYS A 238 35.35 10.09 -12.31
C LYS A 238 35.35 9.28 -13.60
N PHE A 239 35.87 9.85 -14.69
CA PHE A 239 36.01 9.08 -15.93
C PHE A 239 37.08 8.00 -15.78
N GLY A 240 38.19 8.33 -15.13
CA GLY A 240 39.25 7.36 -14.94
C GLY A 240 40.63 7.97 -15.04
N LEU A 241 40.72 9.24 -15.39
CA LEU A 241 42.02 9.88 -15.47
C LEU A 241 42.54 10.22 -14.07
N ILE A 242 43.77 9.81 -13.77
CA ILE A 242 44.38 10.00 -12.46
C ILE A 242 44.66 11.48 -12.28
N PRO A 243 44.66 12.02 -11.05
CA PRO A 243 44.65 13.48 -10.91
C PRO A 243 45.94 14.16 -11.30
N GLU A 244 47.06 13.45 -11.30
CA GLU A 244 48.30 14.05 -11.75
C GLU A 244 48.31 14.24 -13.27
N PHE A 245 47.77 13.27 -14.01
CA PHE A 245 47.70 13.32 -15.48
C PHE A 245 46.90 14.51 -15.96
N ILE A 246 45.91 14.94 -15.18
CA ILE A 246 45.20 16.18 -15.49
C ILE A 246 46.10 17.38 -15.23
N GLY A 247 46.88 17.35 -14.15
CA GLY A 247 47.75 18.45 -13.82
C GLY A 247 48.90 18.65 -14.79
N ARG A 248 49.26 17.63 -15.56
CA ARG A 248 50.17 17.83 -16.67
C ARG A 248 49.47 18.31 -17.93
N LEU A 249 48.16 18.57 -17.87
CA LEU A 249 47.38 19.04 -19.00
C LEU A 249 46.58 20.29 -18.62
N PRO A 250 47.22 21.44 -18.42
CA PRO A 250 46.48 22.60 -17.91
C PRO A 250 45.59 23.25 -18.96
N VAL A 251 45.86 23.00 -20.22
CA VAL A 251 45.09 23.57 -21.31
C VAL A 251 44.11 22.51 -21.80
N VAL A 252 42.83 22.86 -21.82
CA VAL A 252 41.78 21.95 -22.26
C VAL A 252 41.05 22.61 -23.42
N ALA A 253 41.19 22.04 -24.62
CA ALA A 253 40.55 22.57 -25.81
C ALA A 253 39.16 21.99 -25.94
N SER A 254 38.15 22.82 -25.74
CA SER A 254 36.75 22.39 -25.75
C SER A 254 36.34 22.14 -27.19
N VAL A 255 36.53 20.93 -27.66
CA VAL A 255 35.99 20.51 -28.94
C VAL A 255 34.48 20.36 -28.79
N THR A 256 33.73 20.97 -29.70
CA THR A 256 32.29 21.04 -29.56
C THR A 256 31.62 20.18 -30.62
N ASN A 257 30.32 19.95 -30.44
CA ASN A 257 29.49 19.37 -31.48
C ASN A 257 29.34 20.37 -32.61
N LEU A 258 29.27 19.86 -33.83
CA LEU A 258 29.17 20.71 -35.01
C LEU A 258 27.71 21.09 -35.26
N ASP A 259 27.47 22.37 -35.49
CA ASP A 259 26.13 22.83 -35.79
C ASP A 259 25.77 22.56 -37.25
N LYS A 260 24.56 22.97 -37.63
CA LYS A 260 24.08 22.79 -39.00
C LYS A 260 24.89 23.62 -39.98
N GLU A 261 25.34 24.80 -39.55
CA GLU A 261 26.02 25.71 -40.47
C GLU A 261 27.40 25.19 -40.85
N SER A 262 28.10 24.58 -39.90
CA SER A 262 29.43 24.04 -40.21
C SER A 262 29.34 22.74 -41.00
N LEU A 263 28.36 21.89 -40.70
CA LEU A 263 28.21 20.62 -41.41
C LEU A 263 27.82 20.81 -42.87
N VAL A 264 27.15 21.91 -43.22
CA VAL A 264 26.99 22.27 -44.62
C VAL A 264 28.34 22.62 -45.22
N LYS A 265 29.15 23.37 -44.49
CA LYS A 265 30.42 23.85 -45.03
C LYS A 265 31.49 22.77 -45.06
N ILE A 266 31.30 21.67 -44.32
CA ILE A 266 32.23 20.54 -44.42
C ILE A 266 32.02 19.80 -45.74
N LEU A 267 30.79 19.82 -46.26
CA LEU A 267 30.44 18.99 -47.41
C LEU A 267 31.07 19.44 -48.70
N SER A 268 31.27 20.75 -48.90
CA SER A 268 31.66 21.25 -50.20
C SER A 268 32.97 22.00 -50.19
N GLU A 269 33.24 22.68 -49.09
CA GLU A 269 34.33 23.66 -49.06
C GLU A 269 35.75 23.11 -48.87
N PRO A 270 36.08 22.12 -47.97
CA PRO A 270 37.48 21.71 -47.83
C PRO A 270 38.14 21.05 -49.04
N LYS A 271 39.41 20.68 -48.89
CA LYS A 271 40.20 20.14 -50.01
C LYS A 271 39.66 18.78 -50.44
N ASN A 272 39.64 17.83 -49.51
CA ASN A 272 38.96 16.56 -49.68
C ASN A 272 37.58 16.70 -49.06
N ALA A 273 36.74 17.56 -49.63
CA ALA A 273 35.39 17.76 -49.15
C ALA A 273 34.57 16.57 -49.58
N LEU A 274 33.44 16.35 -48.90
CA LEU A 274 32.68 15.13 -49.15
C LEU A 274 32.03 15.13 -50.52
N VAL A 275 31.38 16.22 -50.91
CA VAL A 275 30.73 16.21 -52.22
C VAL A 275 31.76 16.23 -53.33
N LYS A 276 32.97 16.72 -53.06
CA LYS A 276 34.03 16.63 -54.07
C LYS A 276 34.54 15.20 -54.18
N GLN A 277 34.42 14.43 -53.10
CA GLN A 277 34.79 13.02 -53.17
C GLN A 277 33.80 12.22 -53.99
N TYR A 278 32.52 12.61 -53.95
CA TYR A 278 31.51 11.84 -54.67
C TYR A 278 31.38 12.28 -56.13
N ILE A 279 31.56 13.57 -56.40
CA ILE A 279 31.61 14.03 -57.79
C ILE A 279 32.77 13.38 -58.55
N ARG A 280 33.89 13.16 -57.86
CA ARG A 280 34.99 12.40 -58.45
C ARG A 280 34.61 10.94 -58.66
N LEU A 281 33.81 10.37 -57.75
CA LEU A 281 33.36 9.00 -57.92
C LEU A 281 32.39 8.83 -59.07
N PHE A 282 31.59 9.84 -59.37
CA PHE A 282 30.66 9.71 -60.48
C PHE A 282 31.23 10.18 -61.80
N GLU A 283 32.18 11.11 -61.81
CA GLU A 283 32.77 11.47 -63.08
C GLU A 283 33.81 10.46 -63.54
N MET A 284 34.18 9.50 -62.68
CA MET A 284 34.85 8.31 -63.18
C MET A 284 33.89 7.40 -63.92
N ASP A 285 32.59 7.53 -63.66
CA ASP A 285 31.60 6.93 -64.54
C ASP A 285 31.22 7.84 -65.69
N GLY A 286 31.71 9.08 -65.68
CA GLY A 286 31.39 10.02 -66.72
C GLY A 286 30.12 10.80 -66.49
N VAL A 287 29.63 10.87 -65.26
CA VAL A 287 28.35 11.48 -64.93
C VAL A 287 28.58 12.58 -63.91
N GLU A 288 28.06 13.77 -64.18
CA GLU A 288 28.13 14.85 -63.22
C GLU A 288 27.24 14.55 -62.04
N LEU A 289 27.66 14.97 -60.86
CA LEU A 289 26.85 14.90 -59.66
C LEU A 289 26.63 16.32 -59.14
N GLU A 290 25.39 16.71 -58.99
CA GLU A 290 25.08 18.04 -58.50
C GLU A 290 24.28 17.93 -57.22
N PHE A 291 24.37 18.96 -56.40
CA PHE A 291 23.57 19.10 -55.20
C PHE A 291 22.93 20.47 -55.17
N THR A 292 21.64 20.50 -54.89
CA THR A 292 21.04 21.77 -54.54
C THR A 292 21.50 22.15 -53.14
N ASP A 293 21.45 23.45 -52.85
CA ASP A 293 21.82 23.90 -51.51
C ASP A 293 20.79 23.47 -50.48
N ASP A 294 19.55 23.21 -50.91
CA ASP A 294 18.55 22.63 -50.02
C ASP A 294 18.91 21.18 -49.69
N ALA A 295 19.59 20.49 -50.61
CA ALA A 295 19.95 19.11 -50.38
C ALA A 295 21.10 18.98 -49.39
N LEU A 296 22.10 19.85 -49.51
CA LEU A 296 23.25 19.81 -48.60
C LEU A 296 22.85 20.23 -47.20
N GLU A 297 21.86 21.11 -47.07
CA GLU A 297 21.32 21.38 -45.76
C GLU A 297 20.46 20.23 -45.26
N ALA A 298 19.85 19.47 -46.17
CA ALA A 298 19.08 18.31 -45.79
C ALA A 298 19.97 17.13 -45.44
N ILE A 299 21.18 17.07 -46.00
CA ILE A 299 22.16 16.09 -45.54
C ILE A 299 22.70 16.49 -44.17
N ALA A 300 22.97 17.78 -43.97
CA ALA A 300 23.67 18.21 -42.77
C ALA A 300 22.81 18.16 -41.51
N ASP A 301 21.49 18.34 -41.62
CA ASP A 301 20.70 18.30 -40.39
C ASP A 301 20.36 16.88 -39.96
N GLN A 302 20.59 15.88 -40.83
CA GLN A 302 20.48 14.50 -40.41
C GLN A 302 21.72 14.01 -39.66
N ALA A 303 22.85 14.71 -39.81
CA ALA A 303 24.07 14.32 -39.11
C ALA A 303 24.05 14.71 -37.64
N ILE A 304 23.24 15.71 -37.26
CA ILE A 304 23.12 16.09 -35.86
C ILE A 304 22.36 15.01 -35.09
N HIS A 305 21.43 14.32 -35.76
CA HIS A 305 20.68 13.25 -35.11
C HIS A 305 21.56 12.02 -34.90
N ARG A 306 22.64 11.89 -35.68
CA ARG A 306 23.51 10.72 -35.52
C ARG A 306 24.43 10.87 -34.32
N GLY A 307 24.99 12.05 -34.12
CA GLY A 307 25.94 12.25 -33.06
C GLY A 307 27.34 11.75 -33.37
N THR A 308 27.61 11.34 -34.60
CA THR A 308 28.93 10.93 -35.02
C THR A 308 29.70 12.02 -35.77
N GLY A 309 29.21 13.26 -35.72
CA GLY A 309 29.99 14.39 -36.22
C GLY A 309 30.02 14.45 -37.73
N ALA A 310 31.17 14.85 -38.26
CA ALA A 310 31.32 14.96 -39.70
C ALA A 310 31.50 13.60 -40.35
N ARG A 311 31.80 12.57 -39.56
CA ARG A 311 31.84 11.21 -40.09
C ARG A 311 30.46 10.70 -40.44
N GLY A 312 29.42 11.23 -39.77
CA GLY A 312 28.05 10.88 -40.10
C GLY A 312 27.55 11.47 -41.39
N LEU A 313 28.22 12.49 -41.90
CA LEU A 313 27.89 13.02 -43.22
C LEU A 313 28.22 12.02 -44.33
N ARG A 314 29.18 11.13 -44.08
CA ARG A 314 29.41 10.04 -45.02
C ARG A 314 28.31 8.99 -44.92
N ALA A 315 27.79 8.76 -43.71
CA ALA A 315 26.75 7.76 -43.49
C ALA A 315 25.46 8.15 -44.18
N ILE A 316 25.23 9.44 -44.33
CA ILE A 316 24.03 9.92 -45.01
C ILE A 316 24.20 9.85 -46.51
N MET A 317 25.34 10.32 -47.00
CA MET A 317 25.52 10.43 -48.44
C MET A 317 25.79 9.08 -49.09
N GLU A 318 26.31 8.12 -48.33
CA GLU A 318 26.33 6.76 -48.85
C GLU A 318 24.94 6.17 -48.88
N GLU A 319 24.08 6.55 -47.94
CA GLU A 319 22.72 6.05 -47.89
C GLU A 319 21.84 6.74 -48.92
N VAL A 320 22.05 8.03 -49.14
CA VAL A 320 21.30 8.77 -50.16
C VAL A 320 21.72 8.31 -51.55
N LEU A 321 23.02 8.20 -51.79
CA LEU A 321 23.51 7.85 -53.11
C LEU A 321 23.67 6.35 -53.31
N LEU A 322 23.09 5.53 -52.43
CA LEU A 322 23.20 4.08 -52.64
C LEU A 322 22.49 3.57 -53.90
N PRO A 323 21.23 3.96 -54.22
CA PRO A 323 20.65 3.39 -55.45
C PRO A 323 21.27 3.91 -56.73
N VAL A 324 21.77 5.15 -56.75
CA VAL A 324 22.32 5.64 -58.00
C VAL A 324 23.70 5.06 -58.26
N MET A 325 24.51 4.85 -57.22
CA MET A 325 25.80 4.20 -57.42
C MET A 325 25.67 2.76 -57.91
N TYR A 326 24.53 2.13 -57.64
CA TYR A 326 24.26 0.84 -58.26
C TYR A 326 23.75 1.01 -59.68
N ASP A 327 23.00 2.08 -59.95
CA ASP A 327 22.32 2.22 -61.23
C ASP A 327 23.21 2.87 -62.28
N ILE A 328 23.67 4.09 -62.00
CA ILE A 328 24.39 4.99 -62.92
C ILE A 328 25.56 4.37 -63.69
N PRO A 329 26.47 3.56 -63.11
CA PRO A 329 27.55 3.01 -63.95
C PRO A 329 27.11 1.97 -64.97
N SER A 330 25.89 1.45 -64.88
CA SER A 330 25.36 0.57 -65.89
C SER A 330 24.55 1.30 -66.95
N ARG A 331 24.67 2.62 -67.03
CA ARG A 331 23.81 3.42 -67.88
C ARG A 331 24.63 4.43 -68.66
N ASP A 332 23.95 5.23 -69.48
CA ASP A 332 24.53 6.36 -70.18
C ASP A 332 23.76 7.62 -69.79
N ASP A 333 24.39 8.49 -69.00
CA ASP A 333 23.74 9.66 -68.46
C ASP A 333 24.65 10.87 -68.58
N VAL A 334 24.10 12.03 -68.23
CA VAL A 334 24.84 13.27 -68.20
C VAL A 334 25.08 13.73 -66.76
N ALA A 335 24.00 13.91 -66.02
CA ALA A 335 24.09 14.46 -64.68
C ALA A 335 22.93 13.95 -63.87
N LYS A 336 23.02 14.10 -62.55
CA LYS A 336 21.89 13.90 -61.67
C LYS A 336 21.95 14.95 -60.57
N VAL A 337 20.79 15.48 -60.23
CA VAL A 337 20.70 16.62 -59.32
C VAL A 337 20.06 16.09 -58.05
N VAL A 338 20.89 15.78 -57.05
CA VAL A 338 20.39 15.37 -55.75
C VAL A 338 19.67 16.55 -55.11
N VAL A 339 18.39 16.36 -54.81
CA VAL A 339 17.53 17.41 -54.29
C VAL A 339 17.19 17.07 -52.84
N THR A 340 16.44 17.97 -52.21
CA THR A 340 16.01 17.79 -50.83
C THR A 340 14.94 16.70 -50.66
N LYS A 341 14.42 16.16 -51.76
CA LYS A 341 13.46 15.07 -51.75
C LYS A 341 14.13 13.70 -51.66
N GLU A 342 15.44 13.67 -51.40
CA GLU A 342 16.19 12.42 -51.36
C GLU A 342 16.86 12.17 -50.03
N THR A 343 16.78 13.12 -49.09
CA THR A 343 17.29 12.86 -47.76
C THR A 343 16.12 12.94 -46.78
N VAL A 344 15.26 13.94 -46.96
CA VAL A 344 14.01 14.03 -46.22
C VAL A 344 13.01 12.98 -46.68
N GLN A 345 12.76 12.85 -47.97
CA GLN A 345 11.91 11.81 -48.53
C GLN A 345 12.77 10.69 -49.09
N ASP A 346 12.10 9.65 -49.58
CA ASP A 346 12.77 8.53 -50.20
C ASP A 346 13.30 8.95 -51.56
N ASN A 347 14.31 8.22 -52.04
CA ASN A 347 15.13 8.66 -53.17
C ASN A 347 14.38 8.77 -54.48
N VAL A 348 14.24 10.00 -54.97
CA VAL A 348 13.96 10.22 -56.38
C VAL A 348 15.22 9.82 -57.15
N LEU A 349 15.04 9.28 -58.35
CA LEU A 349 16.14 9.03 -59.28
C LEU A 349 16.18 10.19 -60.26
N PRO A 350 16.95 11.25 -59.99
CA PRO A 350 16.76 12.52 -60.72
C PRO A 350 17.61 12.63 -61.96
N THR A 351 18.10 11.51 -62.47
CA THR A 351 19.15 11.52 -63.47
C THR A 351 18.67 12.07 -64.81
N ILE A 352 19.60 12.64 -65.57
CA ILE A 352 19.32 13.31 -66.84
C ILE A 352 20.04 12.57 -67.94
N VAL A 353 19.28 12.00 -68.87
CA VAL A 353 19.86 11.24 -69.97
C VAL A 353 20.29 12.21 -71.06
N PRO A 354 21.29 11.87 -71.89
CA PRO A 354 21.61 12.72 -73.05
C PRO A 354 20.59 12.61 -74.17
N GLU B 1 36.27 -1.46 -67.73
CA GLU B 1 37.44 -1.68 -66.88
C GLU B 1 37.06 -2.42 -65.60
N LEU B 2 36.50 -1.68 -64.66
CA LEU B 2 36.20 -2.23 -63.35
C LEU B 2 34.89 -3.01 -63.40
N PRO B 3 34.71 -4.02 -62.55
CA PRO B 3 33.41 -4.70 -62.48
C PRO B 3 32.36 -3.80 -61.87
N LYS B 4 31.33 -3.50 -62.64
CA LYS B 4 30.20 -2.67 -62.28
C LYS B 4 29.44 -3.29 -61.11
N PRO B 5 28.69 -2.49 -60.34
CA PRO B 5 27.89 -3.08 -59.25
C PRO B 5 26.81 -4.01 -59.71
N ALA B 6 26.29 -3.85 -60.93
CA ALA B 6 25.37 -4.84 -61.47
C ALA B 6 26.09 -6.15 -61.76
N GLU B 7 27.38 -6.07 -62.08
CA GLU B 7 28.14 -7.28 -62.37
C GLU B 7 28.64 -7.94 -61.09
N ILE B 8 28.88 -7.15 -60.04
CA ILE B 8 29.28 -7.71 -58.77
C ILE B 8 28.10 -8.39 -58.10
N ARG B 9 26.93 -7.76 -58.16
CA ARG B 9 25.74 -8.33 -57.56
C ARG B 9 25.27 -9.58 -58.30
N GLU B 10 25.46 -9.60 -59.62
CA GLU B 10 25.14 -10.80 -60.40
C GLU B 10 26.03 -11.97 -60.02
N PHE B 11 27.27 -11.71 -59.62
CA PHE B 11 28.09 -12.78 -59.07
C PHE B 11 27.58 -13.20 -57.70
N LEU B 12 27.21 -12.23 -56.87
CA LEU B 12 26.69 -12.52 -55.55
C LEU B 12 25.33 -13.21 -55.62
N GLU B 13 24.56 -12.97 -56.68
CA GLU B 13 23.24 -13.58 -56.83
C GLU B 13 23.35 -15.07 -57.10
N GLY B 14 24.47 -15.51 -57.68
CA GLY B 14 24.67 -16.92 -57.93
C GLY B 14 24.81 -17.75 -56.68
N TYR B 15 25.31 -17.16 -55.60
CA TYR B 15 25.48 -17.85 -54.33
C TYR B 15 24.46 -17.42 -53.30
N VAL B 16 24.19 -16.13 -53.19
CA VAL B 16 23.37 -15.59 -52.13
C VAL B 16 21.98 -15.30 -52.68
N ILE B 17 20.97 -15.87 -52.04
CA ILE B 17 19.58 -15.65 -52.42
C ILE B 17 18.94 -14.76 -51.36
N GLY B 18 18.03 -13.90 -51.78
CA GLY B 18 17.49 -12.90 -50.89
C GLY B 18 18.43 -11.73 -50.90
N GLN B 19 18.34 -10.90 -49.87
CA GLN B 19 19.38 -9.95 -49.49
C GLN B 19 19.65 -8.92 -50.58
N ASP B 20 18.57 -8.32 -51.08
CA ASP B 20 18.70 -7.37 -52.18
C ASP B 20 19.41 -6.09 -51.76
N THR B 21 19.08 -5.56 -50.58
CA THR B 21 19.69 -4.31 -50.16
C THR B 21 21.13 -4.50 -49.73
N ALA B 22 21.47 -5.67 -49.21
CA ALA B 22 22.83 -5.95 -48.79
C ALA B 22 23.67 -6.56 -49.91
N LYS B 23 23.09 -6.72 -51.10
CA LYS B 23 23.86 -6.99 -52.29
C LYS B 23 24.06 -5.78 -53.17
N ARG B 24 23.27 -4.71 -52.99
CA ARG B 24 23.57 -3.48 -53.69
C ARG B 24 24.74 -2.77 -53.02
N THR B 25 24.62 -2.50 -51.73
CA THR B 25 25.78 -2.40 -50.87
C THR B 25 26.57 -3.69 -50.98
N LEU B 26 27.91 -3.58 -50.99
CA LEU B 26 28.94 -4.60 -51.25
C LEU B 26 29.05 -4.93 -52.73
N ALA B 27 28.20 -4.35 -53.56
CA ALA B 27 28.51 -4.18 -54.97
C ALA B 27 28.75 -2.73 -55.29
N VAL B 28 28.01 -1.82 -54.65
CA VAL B 28 28.36 -0.42 -54.69
C VAL B 28 29.68 -0.17 -53.98
N ALA B 29 29.83 -0.74 -52.78
CA ALA B 29 30.96 -0.39 -51.94
C ALA B 29 32.24 -1.04 -52.43
N VAL B 30 32.14 -2.20 -53.08
CA VAL B 30 33.30 -2.79 -53.71
C VAL B 30 33.65 -2.04 -54.99
N TYR B 31 32.64 -1.53 -55.69
CA TYR B 31 32.90 -0.74 -56.88
C TYR B 31 33.51 0.62 -56.55
N ASN B 32 33.08 1.22 -55.43
CA ASN B 32 33.71 2.46 -54.98
C ASN B 32 35.12 2.21 -54.49
N HIS B 33 35.36 1.03 -53.93
CA HIS B 33 36.72 0.65 -53.56
C HIS B 33 37.59 0.49 -54.78
N TYR B 34 37.06 -0.13 -55.83
CA TYR B 34 37.81 -0.25 -57.08
C TYR B 34 38.07 1.11 -57.69
N LYS B 35 37.15 2.06 -57.50
CA LYS B 35 37.39 3.39 -57.99
C LYS B 35 38.33 4.17 -57.08
N ARG B 36 38.42 3.78 -55.81
CA ARG B 36 39.41 4.42 -54.95
C ARG B 36 40.83 3.98 -55.30
N ILE B 37 40.98 2.74 -55.77
CA ILE B 37 42.31 2.25 -56.11
C ILE B 37 42.76 2.80 -57.46
N GLN B 38 41.81 2.96 -58.39
CA GLN B 38 42.16 3.60 -59.66
C GLN B 38 42.44 5.09 -59.46
N ALA B 39 41.71 5.76 -58.58
CA ALA B 39 42.00 7.16 -58.32
C ALA B 39 43.23 7.33 -57.45
N GLY B 40 43.68 6.28 -56.79
CA GLY B 40 44.85 6.34 -55.94
C GLY B 40 46.17 6.21 -56.66
N GLU B 41 46.16 5.97 -57.98
CA GLU B 41 47.41 5.85 -58.72
C GLU B 41 47.41 6.72 -59.98
N LYS B 42 46.25 7.31 -60.32
CA LYS B 42 46.18 8.23 -61.44
C LYS B 42 45.05 9.23 -61.24
N GLY B 43 45.13 10.38 -61.89
CA GLY B 43 44.10 11.40 -61.81
C GLY B 43 44.02 12.09 -60.46
N ARG B 47 40.93 20.40 -64.63
CA ARG B 47 42.00 19.57 -64.08
C ARG B 47 41.55 18.13 -63.90
N CYS B 48 42.19 17.42 -62.97
CA CYS B 48 41.85 16.05 -62.66
C CYS B 48 41.22 15.90 -61.28
N GLU B 49 40.82 17.03 -60.65
CA GLU B 49 40.17 17.15 -59.34
C GLU B 49 41.05 16.52 -58.25
N PRO B 50 42.12 17.20 -57.82
CA PRO B 50 43.02 16.63 -56.80
C PRO B 50 42.36 16.48 -55.43
N VAL B 51 41.48 15.48 -55.33
CA VAL B 51 40.84 15.10 -54.09
C VAL B 51 41.24 13.67 -53.78
N GLU B 52 41.34 13.36 -52.50
CA GLU B 52 41.63 12.02 -52.05
C GLU B 52 40.36 11.42 -51.48
N LEU B 53 40.21 10.12 -51.64
CA LEU B 53 38.96 9.45 -51.33
C LEU B 53 39.10 8.67 -50.03
N THR B 54 38.11 8.81 -49.16
CA THR B 54 38.08 8.10 -47.89
C THR B 54 37.30 6.81 -48.13
N LYS B 55 37.51 5.82 -47.27
CA LYS B 55 37.27 4.43 -47.65
C LYS B 55 35.81 4.03 -47.60
N SER B 56 35.01 4.66 -46.74
CA SER B 56 33.57 4.38 -46.56
C SER B 56 33.32 2.93 -46.15
N ASN B 57 33.70 2.62 -44.91
CA ASN B 57 33.56 1.27 -44.35
C ASN B 57 32.10 0.84 -44.22
N ILE B 58 31.90 -0.46 -44.00
CA ILE B 58 30.60 -1.10 -44.04
C ILE B 58 30.37 -1.83 -42.72
N LEU B 59 29.20 -1.63 -42.12
CA LEU B 59 28.70 -2.44 -41.01
C LEU B 59 27.52 -3.26 -41.50
N MET B 60 27.62 -4.58 -41.43
CA MET B 60 26.54 -5.46 -41.87
C MET B 60 25.72 -5.89 -40.65
N LEU B 61 24.44 -5.52 -40.65
CA LEU B 61 23.50 -5.93 -39.62
C LEU B 61 22.88 -7.27 -39.99
N GLY B 62 21.76 -7.62 -39.38
CA GLY B 62 20.95 -8.71 -39.87
C GLY B 62 21.14 -9.96 -39.04
N PRO B 63 20.08 -10.75 -38.91
CA PRO B 63 20.11 -11.87 -37.95
C PRO B 63 20.99 -13.03 -38.40
N THR B 64 21.10 -14.05 -37.56
CA THR B 64 22.03 -15.12 -37.82
C THR B 64 21.55 -16.02 -38.95
N GLY B 65 22.50 -16.59 -39.68
CA GLY B 65 22.18 -17.51 -40.75
C GLY B 65 21.53 -16.89 -41.96
N CYS B 66 21.67 -15.58 -42.15
CA CYS B 66 20.96 -14.89 -43.20
C CYS B 66 21.88 -14.32 -44.28
N GLY B 67 23.14 -14.75 -44.31
CA GLY B 67 24.02 -14.34 -45.38
C GLY B 67 24.78 -13.06 -45.12
N LYS B 68 25.52 -13.02 -44.01
CA LYS B 68 26.54 -12.00 -43.80
C LYS B 68 27.93 -12.52 -44.11
N THR B 69 28.34 -13.57 -43.42
CA THR B 69 29.60 -14.25 -43.69
C THR B 69 29.58 -14.88 -45.06
N TYR B 70 28.45 -15.47 -45.43
CA TYR B 70 28.32 -16.14 -46.71
C TYR B 70 28.31 -15.13 -47.85
N LEU B 71 27.87 -13.92 -47.58
CA LEU B 71 27.91 -12.88 -48.59
C LEU B 71 29.30 -12.28 -48.70
N ALA B 72 30.12 -12.46 -47.68
CA ALA B 72 31.52 -12.05 -47.75
C ALA B 72 32.39 -13.14 -48.32
N GLN B 73 32.11 -14.40 -48.00
CA GLN B 73 32.81 -15.51 -48.62
C GLN B 73 32.51 -15.60 -50.10
N THR B 74 31.31 -15.20 -50.51
CA THR B 74 31.01 -15.07 -51.92
C THR B 74 31.78 -13.90 -52.52
N LEU B 75 31.85 -12.79 -51.78
CA LEU B 75 32.59 -11.63 -52.23
C LEU B 75 34.09 -11.89 -52.30
N ALA B 76 34.58 -12.86 -51.52
CA ALA B 76 35.97 -13.30 -51.63
C ALA B 76 36.24 -13.99 -52.95
N LYS B 77 35.23 -14.67 -53.52
CA LYS B 77 35.45 -15.49 -54.70
C LYS B 77 35.62 -14.66 -55.96
N MET B 78 35.21 -13.40 -55.97
CA MET B 78 35.47 -12.54 -57.11
C MET B 78 35.79 -11.16 -56.53
N LEU B 79 37.07 -10.88 -56.35
CA LEU B 79 37.37 -9.56 -55.82
C LEU B 79 38.53 -8.89 -56.56
N ASN B 80 39.47 -9.67 -57.09
CA ASN B 80 40.68 -9.17 -57.76
C ASN B 80 41.50 -8.22 -56.89
N VAL B 81 41.38 -8.35 -55.58
CA VAL B 81 41.83 -7.43 -54.54
C VAL B 81 42.00 -8.31 -53.31
N PRO B 82 43.04 -8.11 -52.50
CA PRO B 82 43.23 -8.97 -51.32
C PRO B 82 42.08 -8.89 -50.34
N PHE B 83 41.67 -10.06 -49.86
CA PHE B 83 40.55 -10.19 -48.95
C PHE B 83 41.00 -11.00 -47.75
N ALA B 84 40.69 -10.53 -46.56
CA ALA B 84 41.00 -11.26 -45.34
C ALA B 84 39.75 -11.30 -44.48
N ILE B 85 39.10 -12.44 -44.44
CA ILE B 85 38.02 -12.67 -43.49
C ILE B 85 38.65 -12.86 -42.13
N ALA B 86 38.13 -12.15 -41.13
CA ALA B 86 38.71 -12.10 -39.80
C ALA B 86 37.59 -12.12 -38.78
N ASP B 87 37.93 -12.43 -37.54
CA ASP B 87 36.95 -12.62 -36.49
C ASP B 87 37.27 -11.71 -35.31
N ALA B 88 36.29 -10.92 -34.91
CA ALA B 88 36.44 -10.03 -33.77
C ALA B 88 36.34 -10.76 -32.45
N THR B 89 35.93 -12.02 -32.46
CA THR B 89 35.83 -12.83 -31.25
C THR B 89 37.17 -13.44 -30.86
N ALA B 90 38.24 -13.09 -31.58
CA ALA B 90 39.57 -13.58 -31.27
C ALA B 90 40.47 -12.40 -30.98
N LEU B 91 39.94 -11.20 -31.08
CA LEU B 91 40.71 -9.97 -30.97
C LEU B 91 40.69 -9.44 -29.55
N THR B 92 41.80 -8.84 -29.15
CA THR B 92 41.94 -8.25 -27.82
C THR B 92 42.56 -6.87 -27.93
N GLU B 93 42.72 -6.24 -26.77
CA GLU B 93 43.56 -5.07 -26.67
C GLU B 93 45.02 -5.44 -26.87
N ALA B 94 45.84 -4.43 -27.09
CA ALA B 94 47.27 -4.61 -26.99
C ALA B 94 47.64 -4.83 -25.54
N GLY B 95 48.32 -5.93 -25.26
CA GLY B 95 48.75 -6.20 -23.90
C GLY B 95 48.18 -7.49 -23.34
N TYR B 96 47.27 -8.10 -24.07
CA TYR B 96 46.51 -9.22 -23.56
C TYR B 96 46.67 -10.39 -24.51
N VAL B 97 46.20 -11.56 -24.05
CA VAL B 97 46.77 -12.81 -24.53
C VAL B 97 46.29 -13.16 -25.93
N GLY B 98 45.11 -12.69 -26.33
CA GLY B 98 44.57 -13.07 -27.63
C GLY B 98 45.26 -12.39 -28.80
N GLU B 99 44.65 -12.54 -29.97
CA GLU B 99 45.20 -11.96 -31.18
C GLU B 99 45.02 -10.45 -31.15
N ASP B 100 46.07 -9.74 -31.55
CA ASP B 100 45.99 -8.29 -31.59
C ASP B 100 45.23 -7.85 -32.84
N VAL B 101 44.76 -6.60 -32.82
CA VAL B 101 43.96 -6.07 -33.92
C VAL B 101 44.78 -5.77 -35.15
N GLU B 102 46.09 -5.95 -35.11
CA GLU B 102 46.94 -5.85 -36.27
C GLU B 102 47.27 -7.21 -36.85
N ASN B 103 46.76 -8.28 -36.24
CA ASN B 103 46.88 -9.62 -36.79
C ASN B 103 45.73 -9.95 -37.72
N ILE B 104 44.67 -9.14 -37.74
CA ILE B 104 43.71 -9.22 -38.83
C ILE B 104 44.22 -8.47 -40.04
N LEU B 105 45.24 -7.66 -39.84
CA LEU B 105 45.88 -6.92 -40.90
C LEU B 105 47.10 -7.66 -41.41
N LEU B 106 47.66 -8.55 -40.59
CA LEU B 106 48.59 -9.55 -41.08
C LEU B 106 47.90 -10.53 -42.02
N LYS B 107 46.64 -10.87 -41.73
CA LYS B 107 45.88 -11.79 -42.58
C LYS B 107 45.61 -11.19 -43.95
N LEU B 108 45.56 -9.86 -44.04
CA LEU B 108 45.44 -9.22 -45.34
C LEU B 108 46.76 -9.24 -46.08
N ILE B 109 47.86 -9.09 -45.34
CA ILE B 109 49.19 -9.18 -45.94
C ILE B 109 49.48 -10.61 -46.36
N GLN B 110 49.04 -11.58 -45.56
CA GLN B 110 49.13 -12.97 -45.95
C GLN B 110 48.18 -13.31 -47.09
N ALA B 111 47.14 -12.51 -47.30
CA ALA B 111 46.24 -12.75 -48.42
C ALA B 111 46.82 -12.22 -49.72
N ALA B 112 47.80 -11.32 -49.65
CA ALA B 112 48.47 -10.80 -50.84
C ALA B 112 49.80 -11.53 -51.06
N ASP B 113 49.86 -12.70 -50.42
CA ASP B 113 50.87 -13.76 -50.45
C ASP B 113 52.18 -13.41 -49.75
N TYR B 114 52.59 -12.13 -49.78
CA TYR B 114 53.24 -11.43 -48.68
C TYR B 114 53.11 -9.93 -48.92
N ASP B 115 52.50 -9.54 -50.03
CA ASP B 115 52.68 -8.21 -50.61
C ASP B 115 52.01 -7.15 -49.75
N VAL B 116 52.66 -6.01 -49.64
CA VAL B 116 52.20 -4.92 -48.79
C VAL B 116 51.43 -3.89 -49.60
N LYS B 117 51.91 -3.59 -50.81
CA LYS B 117 51.25 -2.60 -51.66
C LYS B 117 49.89 -3.08 -52.13
N ARG B 118 49.73 -4.38 -52.38
CA ARG B 118 48.41 -4.91 -52.64
C ARG B 118 47.56 -4.99 -51.37
N ALA B 119 48.18 -5.27 -50.22
CA ALA B 119 47.43 -5.29 -48.97
C ALA B 119 47.03 -3.89 -48.52
N GLU B 120 47.70 -2.85 -49.01
CA GLU B 120 47.20 -1.51 -48.74
C GLU B 120 45.92 -1.21 -49.52
N THR B 121 45.64 -2.00 -50.54
CA THR B 121 44.45 -1.85 -51.37
C THR B 121 43.38 -2.89 -51.08
N GLY B 122 43.46 -3.59 -49.95
CA GLY B 122 42.64 -4.75 -49.75
C GLY B 122 41.36 -4.50 -48.99
N ILE B 123 40.70 -5.60 -48.66
CA ILE B 123 39.46 -5.61 -47.88
C ILE B 123 39.64 -6.55 -46.71
N ILE B 124 39.37 -6.08 -45.49
CA ILE B 124 39.31 -6.93 -44.32
C ILE B 124 37.85 -7.07 -43.92
N TYR B 125 37.40 -8.29 -43.74
CA TYR B 125 36.06 -8.58 -43.24
C TYR B 125 36.17 -9.05 -41.81
N ILE B 126 35.82 -8.18 -40.86
CA ILE B 126 35.88 -8.51 -39.45
C ILE B 126 34.52 -9.08 -39.08
N ASP B 127 34.45 -10.38 -38.87
CA ASP B 127 33.18 -11.04 -38.61
C ASP B 127 32.87 -11.01 -37.12
N GLN B 128 31.58 -10.87 -36.82
CA GLN B 128 31.02 -10.86 -35.46
C GLN B 128 31.58 -9.71 -34.62
N VAL B 129 31.27 -8.49 -35.07
CA VAL B 129 31.61 -7.29 -34.30
C VAL B 129 30.46 -6.86 -33.40
N ASP B 130 29.35 -7.59 -33.40
CA ASP B 130 28.39 -7.43 -32.32
C ASP B 130 28.86 -8.09 -31.04
N LYS B 131 29.93 -8.87 -31.10
CA LYS B 131 30.47 -9.56 -29.95
C LYS B 131 31.62 -8.82 -29.29
N ILE B 132 32.15 -7.78 -29.92
CA ILE B 132 32.99 -6.80 -29.25
C ILE B 132 32.20 -5.61 -28.74
N ALA B 133 30.88 -5.72 -28.69
CA ALA B 133 30.07 -4.66 -28.12
C ALA B 133 29.96 -4.84 -26.61
N ARG B 134 29.71 -3.75 -25.91
CA ARG B 134 29.58 -3.78 -24.46
C ARG B 134 28.18 -4.23 -24.07
N LYS B 135 28.00 -4.45 -22.77
CA LYS B 135 26.72 -4.85 -22.20
C LYS B 135 25.97 -3.66 -21.61
N SER B 136 26.43 -2.45 -21.90
CA SER B 136 25.83 -1.23 -21.41
C SER B 136 26.08 -0.11 -22.40
N GLU B 137 25.20 0.89 -22.39
CA GLU B 137 25.40 2.09 -23.19
C GLU B 137 26.48 2.99 -22.60
N ASN B 138 26.78 2.82 -21.33
CA ASN B 138 27.74 3.55 -20.52
C ASN B 138 29.13 2.93 -20.67
N PRO B 139 30.19 3.63 -20.24
CA PRO B 139 31.50 2.96 -20.12
C PRO B 139 31.47 1.82 -19.12
N SER B 140 32.14 0.72 -19.47
CA SER B 140 32.09 -0.47 -18.66
C SER B 140 32.93 -0.32 -17.39
N ILE B 141 32.46 -0.95 -16.30
CA ILE B 141 33.19 -0.91 -15.05
C ILE B 141 34.48 -1.72 -15.16
N THR B 142 34.38 -2.92 -15.71
CA THR B 142 35.55 -3.73 -16.01
C THR B 142 36.28 -3.15 -17.24
N ARG B 143 37.46 -3.71 -17.51
CA ARG B 143 38.29 -3.18 -18.59
C ARG B 143 37.73 -3.52 -19.97
N ASP B 144 37.18 -4.73 -20.13
CA ASP B 144 36.65 -5.27 -21.38
C ASP B 144 37.73 -5.28 -22.47
N VAL B 145 38.71 -6.16 -22.27
CA VAL B 145 39.86 -6.23 -23.19
C VAL B 145 39.46 -6.86 -24.52
N SER B 146 38.41 -7.66 -24.52
CA SER B 146 37.96 -8.36 -25.71
C SER B 146 36.79 -7.67 -26.38
N GLY B 147 36.24 -6.63 -25.75
CA GLY B 147 35.08 -5.94 -26.26
C GLY B 147 35.34 -4.51 -26.65
N GLU B 148 35.06 -3.61 -25.69
CA GLU B 148 35.27 -2.18 -25.85
C GLU B 148 36.69 -1.84 -26.26
N GLY B 149 37.66 -2.56 -25.69
CA GLY B 149 39.05 -2.23 -25.96
C GLY B 149 39.51 -2.68 -27.32
N VAL B 150 38.78 -3.61 -27.94
CA VAL B 150 39.03 -3.96 -29.33
C VAL B 150 38.52 -2.86 -30.25
N GLN B 151 37.33 -2.34 -29.94
CA GLN B 151 36.75 -1.24 -30.70
C GLN B 151 37.63 0.00 -30.61
N GLN B 152 38.22 0.23 -29.44
CA GLN B 152 39.18 1.31 -29.28
C GLN B 152 40.47 1.03 -30.04
N ALA B 153 40.87 -0.24 -30.11
CA ALA B 153 42.08 -0.57 -30.85
C ALA B 153 41.85 -0.65 -32.34
N LEU B 154 40.63 -0.95 -32.79
CA LEU B 154 40.35 -1.04 -34.21
C LEU B 154 40.21 0.31 -34.89
N LEU B 155 39.89 1.36 -34.15
CA LEU B 155 39.42 2.58 -34.80
C LEU B 155 40.56 3.38 -35.41
N LYS B 156 41.78 3.15 -34.95
CA LYS B 156 42.92 3.73 -35.65
C LYS B 156 43.12 3.03 -37.00
N ILE B 157 42.73 1.75 -37.07
CA ILE B 157 42.91 0.99 -38.29
C ILE B 157 41.73 1.21 -39.22
N LEU B 158 40.55 1.46 -38.66
CA LEU B 158 39.37 1.72 -39.48
C LEU B 158 39.45 3.07 -40.17
N GLU B 159 39.95 4.09 -39.49
CA GLU B 159 40.03 5.39 -40.14
C GLU B 159 41.26 5.52 -41.01
N GLY B 160 42.21 4.61 -40.89
CA GLY B 160 43.42 4.68 -41.67
C GLY B 160 44.59 5.17 -40.86
N THR B 161 45.67 4.40 -40.82
CA THR B 161 46.84 4.78 -40.06
C THR B 161 48.06 4.09 -40.66
N GLN B 162 49.23 4.49 -40.18
CA GLN B 162 50.47 3.78 -40.45
C GLN B 162 50.61 2.68 -39.41
N ALA B 163 49.94 1.57 -39.67
CA ALA B 163 49.95 0.47 -38.74
C ALA B 163 51.20 -0.37 -38.93
N SER B 164 51.83 -0.72 -37.82
CA SER B 164 53.05 -1.52 -37.83
C SER B 164 52.66 -2.95 -37.45
N VAL B 165 52.48 -3.79 -38.47
CA VAL B 165 51.98 -5.14 -38.29
C VAL B 165 53.11 -6.00 -37.72
N PRO B 166 52.90 -6.66 -36.59
CA PRO B 166 53.90 -7.60 -36.11
C PRO B 166 53.93 -8.83 -37.00
N PRO B 167 55.11 -9.34 -37.32
CA PRO B 167 55.23 -10.45 -38.28
C PRO B 167 54.76 -11.77 -37.70
N GLN B 168 54.88 -11.90 -36.36
CA GLN B 168 54.36 -13.03 -35.58
C GLN B 168 54.97 -14.36 -35.98
N GLY B 169 56.31 -14.40 -36.05
CA GLY B 169 57.02 -15.64 -36.31
C GLY B 169 58.25 -15.77 -35.44
N GLY B 170 58.52 -14.77 -34.61
CA GLY B 170 59.64 -14.78 -33.70
C GLY B 170 59.22 -14.89 -32.26
N ARG B 171 60.21 -14.70 -31.38
CA ARG B 171 59.97 -14.76 -29.94
C ARG B 171 59.32 -13.50 -29.39
N LYS B 172 59.74 -12.33 -29.86
CA LYS B 172 59.08 -11.10 -29.48
C LYS B 172 58.69 -10.37 -30.75
N HIS B 173 58.25 -9.14 -30.59
CA HIS B 173 57.68 -8.41 -31.72
C HIS B 173 58.72 -7.86 -32.71
N PRO B 174 59.79 -7.08 -32.31
CA PRO B 174 60.68 -6.56 -33.34
C PRO B 174 61.79 -7.52 -33.71
N HIS B 175 61.46 -8.78 -33.98
CA HIS B 175 62.44 -9.76 -34.40
C HIS B 175 62.42 -10.02 -35.90
N GLN B 176 61.36 -9.60 -36.59
CA GLN B 176 61.42 -9.60 -38.05
C GLN B 176 60.94 -8.28 -38.65
N GLU B 177 61.16 -7.13 -37.99
CA GLU B 177 61.07 -5.80 -38.60
C GLU B 177 59.69 -5.44 -39.16
N PHE B 178 58.79 -5.00 -38.27
CA PHE B 178 57.36 -4.75 -38.48
C PHE B 178 56.98 -4.31 -39.88
N ILE B 179 55.99 -4.97 -40.45
CA ILE B 179 55.49 -4.62 -41.77
C ILE B 179 54.71 -3.32 -41.65
N GLN B 180 55.20 -2.27 -42.28
CA GLN B 180 54.52 -0.99 -42.29
C GLN B 180 53.45 -1.01 -43.38
N ILE B 181 52.19 -0.87 -42.99
CA ILE B 181 51.08 -0.88 -43.93
C ILE B 181 50.25 0.38 -43.71
N ASP B 182 49.73 0.94 -44.79
CA ASP B 182 48.80 2.05 -44.70
C ASP B 182 47.38 1.54 -44.88
N THR B 183 46.55 1.75 -43.88
CA THR B 183 45.18 1.25 -43.92
C THR B 183 44.18 2.32 -44.30
N THR B 184 44.59 3.35 -45.04
CA THR B 184 43.62 4.38 -45.43
C THR B 184 42.79 3.93 -46.62
N ASN B 185 43.26 2.94 -47.38
CA ASN B 185 42.54 2.44 -48.54
C ASN B 185 42.11 1.00 -48.34
N VAL B 186 42.21 0.50 -47.12
CA VAL B 186 41.75 -0.84 -46.77
C VAL B 186 40.30 -0.72 -46.37
N LEU B 187 39.42 -1.38 -47.11
CA LEU B 187 38.00 -1.34 -46.82
C LEU B 187 37.69 -2.33 -45.72
N PHE B 188 36.95 -1.89 -44.72
CA PHE B 188 36.56 -2.76 -43.61
C PHE B 188 35.08 -3.01 -43.70
N ILE B 189 34.72 -4.23 -44.04
CA ILE B 189 33.34 -4.68 -44.00
C ILE B 189 33.20 -5.42 -42.68
N VAL B 190 32.64 -4.79 -41.67
CA VAL B 190 32.46 -5.49 -40.42
C VAL B 190 31.02 -5.99 -40.38
N ALA B 191 30.80 -7.06 -39.64
CA ALA B 191 29.47 -7.65 -39.61
C ALA B 191 29.16 -8.20 -38.24
N GLY B 192 27.88 -8.39 -37.97
CA GLY B 192 27.45 -8.96 -36.72
C GLY B 192 25.97 -9.22 -36.79
N ALA B 193 25.50 -10.11 -35.93
CA ALA B 193 24.09 -10.42 -35.93
C ALA B 193 23.29 -9.33 -35.23
N PHE B 194 23.84 -8.79 -34.14
CA PHE B 194 23.24 -7.72 -33.33
C PHE B 194 21.85 -8.14 -32.83
N ALA B 195 21.87 -9.17 -31.97
CA ALA B 195 20.64 -9.86 -31.61
C ALA B 195 19.72 -9.00 -30.76
N GLY B 196 20.26 -8.29 -29.77
CA GLY B 196 19.49 -7.38 -28.97
C GLY B 196 19.30 -6.00 -29.54
N LEU B 197 19.76 -5.76 -30.77
CA LEU B 197 19.67 -4.42 -31.37
C LEU B 197 18.24 -4.08 -31.77
N GLU B 198 17.45 -5.10 -32.13
CA GLU B 198 16.06 -4.86 -32.53
C GLU B 198 15.25 -4.28 -31.37
N LYS B 199 15.55 -4.70 -30.14
CA LYS B 199 14.87 -4.12 -28.98
C LYS B 199 15.31 -2.69 -28.73
N ILE B 200 16.52 -2.34 -29.16
CA ILE B 200 17.02 -0.98 -28.97
C ILE B 200 16.36 -0.01 -29.96
N ILE B 201 16.05 -0.49 -31.16
CA ILE B 201 15.50 0.38 -32.20
C ILE B 201 14.06 0.75 -31.89
N TYR B 202 13.27 -0.20 -31.36
CA TYR B 202 11.90 0.12 -30.95
C TYR B 202 11.88 1.10 -29.78
N GLU B 203 12.83 0.98 -28.85
CA GLU B 203 12.87 1.91 -27.73
C GLU B 203 13.37 3.29 -28.13
N ARG B 204 13.94 3.43 -29.33
CA ARG B 204 14.36 4.74 -29.81
C ARG B 204 13.22 5.48 -30.48
N VAL B 205 12.45 4.80 -31.33
CA VAL B 205 11.48 5.46 -32.19
C VAL B 205 10.24 5.92 -31.44
N GLY B 206 10.05 5.48 -30.20
CA GLY B 206 8.86 5.80 -29.44
C GLY B 206 7.87 4.66 -29.39
N LYS B 207 8.15 3.56 -30.08
CA LYS B 207 7.31 2.39 -29.99
C LYS B 207 7.53 1.66 -28.68
N ARG B 208 6.52 1.67 -27.84
CA ARG B 208 6.59 0.86 -26.65
C ARG B 208 6.23 -0.57 -27.03
N GLY B 209 6.44 -1.50 -26.12
CA GLY B 209 6.10 -2.87 -26.38
C GLY B 209 5.03 -3.34 -25.44
N LEU B 210 4.11 -2.44 -25.11
CA LEU B 210 3.00 -2.74 -24.22
C LEU B 210 1.87 -1.77 -24.51
N GLY B 211 0.66 -2.29 -24.54
CA GLY B 211 -0.51 -1.46 -24.53
C GLY B 211 -1.17 -1.32 -25.89
N PHE B 212 -2.07 -0.36 -25.96
CA PHE B 212 -2.87 -0.12 -27.15
C PHE B 212 -2.08 0.68 -28.16
N GLY B 213 -2.09 0.25 -29.41
CA GLY B 213 -1.38 0.92 -30.47
C GLY B 213 0.12 0.78 -30.43
N ALA B 214 0.65 -0.02 -29.50
CA ALA B 214 2.07 -0.22 -29.35
C ALA B 214 2.38 -1.60 -29.88
N GLU B 215 3.42 -1.70 -30.71
CA GLU B 215 3.70 -2.96 -31.37
C GLU B 215 4.28 -3.98 -30.40
N VAL B 216 3.54 -5.05 -30.16
CA VAL B 216 4.05 -6.23 -29.50
C VAL B 216 4.31 -7.27 -30.57
N ARG B 217 5.42 -8.00 -30.42
CA ARG B 217 5.96 -8.82 -31.49
C ARG B 217 5.66 -10.29 -31.23
N SER B 218 4.95 -10.91 -32.16
CA SER B 218 4.70 -12.33 -32.09
C SER B 218 5.86 -13.12 -32.69
N LYS B 219 5.82 -14.44 -32.51
CA LYS B 219 6.79 -15.32 -33.13
C LYS B 219 6.53 -15.56 -34.61
N ALA B 220 5.34 -15.19 -35.10
CA ALA B 220 5.07 -15.29 -36.53
C ALA B 220 5.80 -14.22 -37.32
N GLU B 221 6.26 -13.15 -36.67
CA GLU B 221 7.09 -12.15 -37.31
C GLU B 221 8.56 -12.58 -37.40
N ILE B 222 8.93 -13.68 -36.74
CA ILE B 222 10.28 -14.20 -36.83
C ILE B 222 10.38 -15.16 -38.01
N ASP B 226 10.22 -2.51 -39.59
CA ASP B 226 11.21 -1.95 -38.69
C ASP B 226 11.83 -3.03 -37.81
N HIS B 227 12.80 -3.75 -38.36
CA HIS B 227 13.60 -4.70 -37.58
C HIS B 227 15.09 -4.43 -37.61
N PHE B 228 15.67 -4.08 -38.75
CA PHE B 228 17.03 -3.58 -38.78
C PHE B 228 17.17 -2.36 -39.70
N ALA B 229 16.12 -1.96 -40.39
CA ALA B 229 16.07 -0.67 -41.07
C ALA B 229 15.64 0.39 -40.06
N ASP B 230 15.75 1.65 -40.49
CA ASP B 230 15.67 2.85 -39.66
C ASP B 230 16.66 2.73 -38.51
N VAL B 231 17.85 2.23 -38.81
CA VAL B 231 18.91 2.06 -37.84
C VAL B 231 19.76 3.33 -37.84
N MET B 232 20.15 3.76 -36.65
CA MET B 232 20.93 4.97 -36.46
C MET B 232 22.14 4.60 -35.61
N PRO B 233 23.18 5.43 -35.60
CA PRO B 233 24.31 5.17 -34.69
C PRO B 233 23.94 5.20 -33.22
N GLU B 234 22.89 5.92 -32.83
CA GLU B 234 22.50 5.96 -31.42
C GLU B 234 21.86 4.64 -30.98
N ASP B 235 21.35 3.86 -31.93
CA ASP B 235 20.91 2.50 -31.61
C ASP B 235 22.10 1.60 -31.34
N LEU B 236 23.21 1.86 -32.03
CA LEU B 236 24.41 1.05 -31.87
C LEU B 236 25.30 1.54 -30.74
N ILE B 237 25.18 2.82 -30.35
CA ILE B 237 25.79 3.27 -29.10
C ILE B 237 25.12 2.58 -27.92
N LYS B 238 23.80 2.53 -27.92
CA LYS B 238 23.07 1.86 -26.84
C LYS B 238 23.19 0.35 -26.93
N PHE B 239 23.62 -0.21 -28.07
CA PHE B 239 23.86 -1.64 -28.13
C PHE B 239 25.16 -2.02 -27.43
N GLY B 240 26.19 -1.19 -27.58
CA GLY B 240 27.45 -1.46 -26.94
C GLY B 240 28.67 -1.11 -27.78
N LEU B 241 28.44 -0.68 -29.01
CA LEU B 241 29.50 -0.13 -29.84
C LEU B 241 29.77 1.28 -29.37
N ILE B 242 31.05 1.63 -29.21
CA ILE B 242 31.43 2.96 -28.75
C ILE B 242 31.16 3.93 -29.90
N PRO B 243 30.85 5.21 -29.64
CA PRO B 243 30.52 6.12 -30.74
C PRO B 243 31.68 6.43 -31.68
N GLU B 244 32.92 6.27 -31.24
CA GLU B 244 34.06 6.42 -32.12
C GLU B 244 34.13 5.30 -33.15
N PHE B 245 33.60 4.13 -32.82
CA PHE B 245 33.66 2.96 -33.69
C PHE B 245 32.60 3.02 -34.79
N ILE B 246 31.46 3.63 -34.50
CA ILE B 246 30.34 3.61 -35.42
C ILE B 246 30.48 4.66 -36.50
N GLY B 247 31.05 5.82 -36.17
CA GLY B 247 31.23 6.88 -37.15
C GLY B 247 32.25 6.52 -38.20
N ARG B 248 33.17 5.63 -37.87
CA ARG B 248 34.10 5.06 -38.83
C ARG B 248 33.49 3.94 -39.66
N LEU B 249 32.20 3.67 -39.48
CA LEU B 249 31.47 2.67 -40.27
C LEU B 249 30.26 3.36 -40.87
N PRO B 250 30.43 4.16 -41.92
CA PRO B 250 29.30 4.95 -42.44
C PRO B 250 28.23 4.11 -43.14
N VAL B 251 28.61 3.04 -43.82
CA VAL B 251 27.64 2.27 -44.56
C VAL B 251 27.06 1.16 -43.70
N VAL B 252 25.74 1.06 -43.68
CA VAL B 252 25.05 -0.06 -43.07
C VAL B 252 24.46 -0.89 -44.20
N ALA B 253 24.84 -2.18 -44.25
CA ALA B 253 24.45 -3.02 -45.38
C ALA B 253 23.02 -3.52 -45.26
N SER B 254 22.51 -3.67 -44.03
CA SER B 254 21.12 -4.03 -43.72
C SER B 254 20.74 -5.39 -44.31
N VAL B 255 21.40 -6.43 -43.82
CA VAL B 255 20.92 -7.79 -44.01
C VAL B 255 19.59 -7.95 -43.29
N THR B 256 18.68 -8.73 -43.88
CA THR B 256 17.37 -8.93 -43.30
C THR B 256 17.14 -10.40 -43.00
N ASN B 257 16.06 -10.66 -42.27
CA ASN B 257 15.62 -12.02 -42.06
C ASN B 257 15.07 -12.57 -43.38
N LEU B 258 15.48 -13.78 -43.70
CA LEU B 258 15.06 -14.45 -44.93
C LEU B 258 13.65 -14.97 -44.75
N ASP B 259 12.77 -14.62 -45.67
CA ASP B 259 11.41 -15.13 -45.56
C ASP B 259 11.31 -16.52 -46.15
N LYS B 260 10.08 -17.03 -46.22
CA LYS B 260 9.86 -18.38 -46.71
C LYS B 260 10.17 -18.50 -48.19
N GLU B 261 9.88 -17.46 -48.98
CA GLU B 261 10.09 -17.55 -50.42
C GLU B 261 11.57 -17.48 -50.77
N SER B 262 12.38 -16.86 -49.91
CA SER B 262 13.82 -16.88 -50.11
C SER B 262 14.41 -18.22 -49.73
N LEU B 263 13.95 -18.80 -48.61
CA LEU B 263 14.55 -20.02 -48.08
C LEU B 263 14.22 -21.24 -48.94
N VAL B 264 13.14 -21.18 -49.71
CA VAL B 264 12.86 -22.23 -50.69
C VAL B 264 13.95 -22.24 -51.76
N LYS B 265 14.34 -21.05 -52.21
CA LYS B 265 15.35 -20.95 -53.25
C LYS B 265 16.75 -21.22 -52.71
N ILE B 266 16.99 -20.98 -51.43
CA ILE B 266 18.29 -21.28 -50.81
C ILE B 266 18.51 -22.78 -50.78
N LEU B 267 17.43 -23.56 -50.68
CA LEU B 267 17.51 -25.01 -50.71
C LEU B 267 18.02 -25.52 -52.05
N SER B 268 17.52 -24.97 -53.15
CA SER B 268 17.72 -25.55 -54.47
C SER B 268 18.63 -24.75 -55.37
N GLU B 269 18.53 -23.42 -55.37
CA GLU B 269 19.12 -22.63 -56.46
C GLU B 269 20.63 -22.41 -56.40
N PRO B 270 21.28 -22.05 -55.22
CA PRO B 270 22.70 -21.66 -55.29
C PRO B 270 23.68 -22.76 -55.69
N LYS B 271 24.96 -22.39 -55.75
CA LYS B 271 25.97 -23.31 -56.29
C LYS B 271 26.19 -24.48 -55.35
N ASN B 272 26.50 -24.19 -54.10
CA ASN B 272 26.58 -25.23 -53.09
C ASN B 272 25.27 -25.25 -52.31
N ALA B 273 24.16 -25.44 -53.02
CA ALA B 273 22.85 -25.37 -52.41
C ALA B 273 22.63 -26.54 -51.47
N LEU B 274 21.67 -26.37 -50.57
CA LEU B 274 21.55 -27.31 -49.47
C LEU B 274 20.98 -28.65 -49.91
N VAL B 275 19.95 -28.66 -50.76
CA VAL B 275 19.45 -29.95 -51.20
C VAL B 275 20.39 -30.58 -52.22
N LYS B 276 21.27 -29.79 -52.83
CA LYS B 276 22.30 -30.39 -53.67
C LYS B 276 23.32 -31.14 -52.81
N GLN B 277 23.48 -30.75 -51.55
CA GLN B 277 24.42 -31.42 -50.67
C GLN B 277 23.92 -32.79 -50.25
N TYR B 278 22.61 -32.93 -50.07
CA TYR B 278 22.08 -34.22 -49.63
C TYR B 278 21.86 -35.15 -50.80
N ILE B 279 21.46 -34.62 -51.95
CA ILE B 279 21.45 -35.41 -53.18
C ILE B 279 22.85 -35.93 -53.48
N ARG B 280 23.87 -35.14 -53.16
CA ARG B 280 25.26 -35.62 -53.21
C ARG B 280 25.53 -36.69 -52.18
N LEU B 281 24.94 -36.58 -50.98
CA LEU B 281 25.20 -37.56 -49.93
C LEU B 281 24.54 -38.90 -50.23
N PHE B 282 23.30 -38.88 -50.70
CA PHE B 282 22.65 -40.13 -51.05
C PHE B 282 23.21 -40.73 -52.34
N GLU B 283 23.84 -39.92 -53.18
CA GLU B 283 24.50 -40.45 -54.37
C GLU B 283 25.67 -41.36 -53.99
N MET B 284 26.36 -41.06 -52.89
CA MET B 284 27.37 -41.96 -52.37
C MET B 284 26.79 -43.27 -51.84
N ASP B 285 25.50 -43.30 -51.53
CA ASP B 285 24.82 -44.54 -51.24
C ASP B 285 24.15 -45.13 -52.47
N GLY B 286 24.42 -44.58 -53.65
CA GLY B 286 23.82 -45.08 -54.87
C GLY B 286 22.34 -44.82 -54.98
N VAL B 287 21.83 -43.81 -54.28
CA VAL B 287 20.40 -43.55 -54.19
C VAL B 287 20.13 -42.13 -54.67
N GLU B 288 19.24 -42.01 -55.63
CA GLU B 288 18.80 -40.71 -56.11
C GLU B 288 17.87 -40.12 -55.06
N LEU B 289 18.08 -38.86 -54.71
CA LEU B 289 17.22 -38.17 -53.75
C LEU B 289 16.41 -37.12 -54.47
N GLU B 290 15.08 -37.20 -54.34
CA GLU B 290 14.19 -36.26 -55.01
C GLU B 290 13.40 -35.54 -53.94
N PHE B 291 13.30 -34.23 -54.07
CA PHE B 291 12.39 -33.43 -53.27
C PHE B 291 11.25 -32.97 -54.16
N THR B 292 10.04 -33.29 -53.78
CA THR B 292 8.91 -32.62 -54.39
C THR B 292 8.91 -31.17 -53.95
N ASP B 293 8.45 -30.27 -54.84
CA ASP B 293 8.50 -28.85 -54.55
C ASP B 293 7.54 -28.45 -53.43
N ASP B 294 6.55 -29.28 -53.14
CA ASP B 294 5.71 -29.06 -51.97
C ASP B 294 6.48 -29.34 -50.69
N ALA B 295 7.48 -30.21 -50.76
CA ALA B 295 8.28 -30.53 -49.58
C ALA B 295 9.34 -29.47 -49.32
N LEU B 296 9.87 -28.86 -50.38
CA LEU B 296 10.85 -27.79 -50.22
C LEU B 296 10.22 -26.56 -49.60
N GLU B 297 8.97 -26.26 -49.97
CA GLU B 297 8.25 -25.19 -49.30
C GLU B 297 7.91 -25.57 -47.87
N ALA B 298 7.76 -26.86 -47.59
CA ALA B 298 7.45 -27.29 -46.23
C ALA B 298 8.68 -27.24 -45.33
N ILE B 299 9.87 -27.45 -45.89
CA ILE B 299 11.10 -27.31 -45.13
C ILE B 299 11.35 -25.86 -44.77
N ALA B 300 11.17 -24.95 -45.73
CA ALA B 300 11.33 -23.54 -45.47
C ALA B 300 10.21 -22.97 -44.60
N ASP B 301 9.04 -23.59 -44.61
CA ASP B 301 7.97 -23.18 -43.71
C ASP B 301 8.32 -23.48 -42.27
N GLN B 302 9.01 -24.58 -42.02
CA GLN B 302 9.44 -24.94 -40.68
C GLN B 302 10.72 -24.23 -40.29
N ALA B 303 11.49 -23.74 -41.27
CA ALA B 303 12.76 -23.08 -40.98
C ALA B 303 12.57 -21.66 -40.46
N ILE B 304 11.41 -21.03 -40.73
CA ILE B 304 11.16 -19.73 -40.14
C ILE B 304 10.65 -19.86 -38.71
N HIS B 305 10.04 -20.99 -38.36
CA HIS B 305 9.78 -21.29 -36.95
C HIS B 305 11.07 -21.63 -36.22
N ARG B 306 12.03 -22.19 -36.95
CA ARG B 306 13.34 -22.50 -36.40
C ARG B 306 14.08 -21.23 -35.98
N GLY B 307 14.00 -20.20 -36.81
CA GLY B 307 14.48 -18.88 -36.43
C GLY B 307 15.98 -18.70 -36.40
N THR B 308 16.73 -19.52 -37.13
CA THR B 308 18.17 -19.38 -37.21
C THR B 308 18.64 -19.17 -38.65
N GLY B 309 17.82 -18.55 -39.48
CA GLY B 309 18.23 -18.19 -40.83
C GLY B 309 18.23 -19.37 -41.77
N ALA B 310 19.14 -19.31 -42.74
CA ALA B 310 19.32 -20.42 -43.66
C ALA B 310 20.09 -21.57 -43.02
N ARG B 311 20.71 -21.33 -41.86
CA ARG B 311 21.27 -22.41 -41.07
C ARG B 311 20.18 -23.31 -40.52
N GLY B 312 18.98 -22.77 -40.36
CA GLY B 312 17.86 -23.58 -39.88
C GLY B 312 17.33 -24.54 -40.92
N LEU B 313 17.58 -24.25 -42.20
CA LEU B 313 17.21 -25.19 -43.27
C LEU B 313 17.98 -26.49 -43.15
N ARG B 314 19.23 -26.41 -42.71
CA ARG B 314 20.02 -27.61 -42.49
C ARG B 314 19.56 -28.34 -41.25
N ALA B 315 19.01 -27.61 -40.27
CA ALA B 315 18.48 -28.22 -39.07
C ALA B 315 17.17 -28.96 -39.31
N ILE B 316 16.37 -28.51 -40.27
CA ILE B 316 15.12 -29.19 -40.59
C ILE B 316 15.40 -30.44 -41.41
N MET B 317 16.30 -30.34 -42.39
CA MET B 317 16.52 -31.44 -43.32
C MET B 317 17.30 -32.59 -42.72
N GLU B 318 17.75 -32.47 -41.48
CA GLU B 318 18.40 -33.60 -40.83
C GLU B 318 17.63 -34.09 -39.60
N GLU B 319 16.47 -33.53 -39.33
CA GLU B 319 15.47 -34.23 -38.53
C GLU B 319 14.36 -34.76 -39.41
N VAL B 320 14.46 -34.54 -40.71
CA VAL B 320 13.56 -35.11 -41.71
C VAL B 320 14.20 -36.30 -42.41
N LEU B 321 15.45 -36.14 -42.83
CA LEU B 321 16.18 -37.20 -43.49
C LEU B 321 16.92 -38.10 -42.52
N LEU B 322 16.75 -37.89 -41.21
CA LEU B 322 17.45 -38.73 -40.23
C LEU B 322 17.04 -40.19 -40.26
N PRO B 323 15.74 -40.58 -40.30
CA PRO B 323 15.45 -42.01 -40.45
C PRO B 323 15.78 -42.53 -41.84
N VAL B 324 15.84 -41.64 -42.83
CA VAL B 324 16.23 -42.05 -44.16
C VAL B 324 17.72 -42.33 -44.21
N MET B 325 18.55 -41.40 -43.72
CA MET B 325 20.00 -41.58 -43.75
C MET B 325 20.49 -42.71 -42.86
N TYR B 326 19.67 -43.19 -41.93
CA TYR B 326 20.02 -44.37 -41.17
C TYR B 326 19.66 -45.64 -41.92
N ASP B 327 18.46 -45.69 -42.49
CA ASP B 327 17.96 -46.91 -43.11
C ASP B 327 18.65 -47.23 -44.42
N ILE B 328 18.73 -46.23 -45.30
CA ILE B 328 19.14 -46.38 -46.70
C ILE B 328 20.54 -46.92 -46.95
N PRO B 329 21.60 -46.61 -46.18
CA PRO B 329 22.88 -47.28 -46.41
C PRO B 329 22.91 -48.78 -46.09
N SER B 330 21.83 -49.34 -45.54
CA SER B 330 21.76 -50.76 -45.25
C SER B 330 20.86 -51.51 -46.21
N ARG B 331 20.49 -50.91 -47.33
CA ARG B 331 19.57 -51.56 -48.25
C ARG B 331 19.86 -51.07 -49.66
N ASP B 332 19.01 -51.49 -50.60
CA ASP B 332 19.20 -51.22 -52.03
C ASP B 332 17.98 -50.54 -52.62
N ASP B 333 18.14 -49.26 -52.97
CA ASP B 333 17.09 -48.45 -53.56
C ASP B 333 17.63 -47.66 -54.72
N VAL B 334 16.73 -46.99 -55.44
CA VAL B 334 17.08 -46.04 -56.48
C VAL B 334 16.70 -44.62 -56.10
N ALA B 335 15.41 -44.37 -55.92
CA ALA B 335 14.92 -43.02 -55.70
C ALA B 335 14.35 -42.92 -54.30
N LYS B 336 14.66 -41.81 -53.66
CA LYS B 336 14.08 -41.47 -52.37
C LYS B 336 13.30 -40.17 -52.54
N VAL B 337 12.00 -40.28 -52.76
CA VAL B 337 11.16 -39.13 -53.02
C VAL B 337 10.73 -38.58 -51.67
N VAL B 338 11.33 -37.46 -51.26
CA VAL B 338 10.87 -36.72 -50.10
C VAL B 338 9.55 -36.06 -50.44
N VAL B 339 8.51 -36.41 -49.71
CA VAL B 339 7.19 -35.89 -49.93
C VAL B 339 6.95 -34.75 -48.96
N THR B 340 5.90 -33.98 -49.19
CA THR B 340 5.53 -32.92 -48.25
C THR B 340 4.95 -33.50 -46.97
N LYS B 341 4.53 -34.76 -46.99
CA LYS B 341 3.90 -35.39 -45.84
C LYS B 341 4.89 -35.79 -44.76
N GLU B 342 6.20 -35.69 -45.00
CA GLU B 342 7.14 -36.06 -43.95
C GLU B 342 7.82 -34.86 -43.33
N THR B 343 7.65 -33.67 -43.89
CA THR B 343 8.25 -32.49 -43.29
C THR B 343 7.33 -31.87 -42.25
N VAL B 344 6.12 -31.49 -42.66
CA VAL B 344 5.19 -30.84 -41.74
C VAL B 344 4.56 -31.86 -40.81
N GLN B 345 4.42 -33.10 -41.27
CA GLN B 345 3.99 -34.21 -40.43
C GLN B 345 5.22 -35.08 -40.19
N ASP B 346 5.89 -34.83 -39.06
CA ASP B 346 7.14 -35.51 -38.76
C ASP B 346 6.93 -36.99 -38.52
N ASN B 347 8.01 -37.75 -38.68
CA ASN B 347 8.07 -39.21 -38.58
C ASN B 347 7.13 -39.86 -39.57
N VAL B 348 7.31 -39.56 -40.86
CA VAL B 348 6.62 -40.26 -41.94
C VAL B 348 7.67 -40.82 -42.88
N LEU B 349 7.62 -42.12 -43.10
CA LEU B 349 8.55 -42.77 -44.01
C LEU B 349 8.24 -42.34 -45.44
N PRO B 350 9.22 -41.86 -46.20
CA PRO B 350 8.92 -41.29 -47.52
C PRO B 350 8.77 -42.34 -48.61
N THR B 351 8.58 -41.87 -49.85
CA THR B 351 8.36 -42.77 -50.96
C THR B 351 9.67 -43.44 -51.35
N ILE B 352 9.62 -44.75 -51.55
CA ILE B 352 10.78 -45.54 -51.93
C ILE B 352 10.59 -46.03 -53.35
N VAL B 353 11.70 -46.10 -54.10
CA VAL B 353 11.71 -46.72 -55.41
C VAL B 353 12.89 -47.68 -55.45
N PRO B 354 12.68 -48.97 -55.33
CA PRO B 354 13.79 -49.93 -55.37
C PRO B 354 14.02 -50.44 -56.79
N ARG B 355 15.08 -51.22 -56.93
CA ARG B 355 15.35 -51.91 -58.19
C ARG B 355 14.43 -53.11 -58.37
N GLU C 1 31.71 -50.16 -47.57
CA GLU C 1 32.35 -48.86 -47.58
C GLU C 1 32.01 -48.02 -46.34
N LEU C 2 33.07 -47.63 -45.57
CA LEU C 2 33.09 -46.54 -44.60
C LEU C 2 31.97 -46.56 -43.57
N PRO C 3 32.12 -47.34 -42.49
CA PRO C 3 31.03 -48.08 -41.81
C PRO C 3 29.65 -47.42 -41.78
N LYS C 4 28.64 -48.22 -42.13
CA LYS C 4 27.27 -47.78 -42.29
C LYS C 4 26.71 -47.31 -40.96
N PRO C 5 25.66 -46.50 -40.97
CA PRO C 5 25.06 -46.06 -39.69
C PRO C 5 24.48 -47.19 -38.87
N ALA C 6 24.04 -48.28 -39.50
CA ALA C 6 23.64 -49.43 -38.71
C ALA C 6 24.83 -50.12 -38.06
N GLU C 7 26.01 -49.99 -38.67
CA GLU C 7 27.20 -50.62 -38.13
C GLU C 7 27.81 -49.76 -37.02
N ILE C 8 27.72 -48.44 -37.15
CA ILE C 8 28.10 -47.55 -36.06
C ILE C 8 27.14 -47.72 -34.90
N ARG C 9 25.86 -47.95 -35.21
CA ARG C 9 24.83 -48.18 -34.20
C ARG C 9 25.11 -49.41 -33.35
N GLU C 10 25.39 -50.55 -34.00
CA GLU C 10 25.58 -51.78 -33.26
C GLU C 10 26.89 -51.81 -32.50
N PHE C 11 27.82 -50.91 -32.82
CA PHE C 11 28.94 -50.71 -31.91
C PHE C 11 28.50 -49.94 -30.69
N LEU C 12 27.69 -48.91 -30.89
CA LEU C 12 27.19 -48.12 -29.76
C LEU C 12 26.25 -48.93 -28.89
N GLU C 13 25.52 -49.88 -29.48
CA GLU C 13 24.62 -50.71 -28.70
C GLU C 13 25.37 -51.69 -27.81
N GLY C 14 26.62 -51.98 -28.12
CA GLY C 14 27.42 -52.84 -27.25
C GLY C 14 27.80 -52.18 -25.95
N TYR C 15 27.79 -50.85 -25.91
CA TYR C 15 28.12 -50.11 -24.70
C TYR C 15 26.91 -49.35 -24.17
N VAL C 16 26.17 -48.68 -25.03
CA VAL C 16 25.09 -47.81 -24.61
C VAL C 16 23.77 -48.56 -24.75
N ILE C 17 22.97 -48.57 -23.70
CA ILE C 17 21.63 -49.15 -23.72
C ILE C 17 20.64 -48.00 -23.73
N GLY C 18 19.63 -48.09 -24.60
CA GLY C 18 18.68 -47.02 -24.76
C GLY C 18 19.28 -45.93 -25.61
N GLN C 19 18.62 -44.77 -25.59
CA GLN C 19 18.99 -43.60 -26.39
C GLN C 19 19.06 -43.94 -27.88
N ASP C 20 18.02 -44.60 -28.37
CA ASP C 20 17.96 -45.00 -29.77
C ASP C 20 17.93 -43.82 -30.72
N THR C 21 17.31 -42.71 -30.33
CA THR C 21 17.31 -41.53 -31.19
C THR C 21 18.68 -40.88 -31.23
N ALA C 22 19.35 -40.80 -30.09
CA ALA C 22 20.70 -40.26 -30.02
C ALA C 22 21.77 -41.28 -30.38
N LYS C 23 21.39 -42.49 -30.78
CA LYS C 23 22.30 -43.41 -31.44
C LYS C 23 22.06 -43.53 -32.93
N ARG C 24 20.88 -43.15 -33.43
CA ARG C 24 20.73 -43.01 -34.87
C ARG C 24 21.48 -41.79 -35.36
N THR C 25 21.18 -40.63 -34.79
CA THR C 25 22.13 -39.53 -34.74
C THR C 25 23.37 -40.02 -34.02
N LEU C 26 24.56 -39.62 -34.55
CA LEU C 26 25.93 -39.98 -34.18
C LEU C 26 26.28 -41.32 -34.79
N ALA C 27 25.32 -41.92 -35.49
CA ALA C 27 25.66 -42.94 -36.47
C ALA C 27 25.45 -42.38 -37.86
N VAL C 28 24.31 -41.72 -38.07
CA VAL C 28 24.05 -40.96 -39.28
C VAL C 28 25.08 -39.85 -39.43
N ALA C 29 25.35 -39.13 -38.35
CA ALA C 29 26.17 -37.94 -38.44
C ALA C 29 27.64 -38.28 -38.61
N VAL C 30 28.06 -39.40 -38.04
CA VAL C 30 29.44 -39.86 -38.24
C VAL C 30 29.59 -40.48 -39.62
N TYR C 31 28.54 -41.11 -40.13
CA TYR C 31 28.57 -41.62 -41.49
C TYR C 31 28.52 -40.49 -42.50
N ASN C 32 27.74 -39.44 -42.22
CA ASN C 32 27.77 -38.25 -43.05
C ASN C 32 29.10 -37.54 -42.93
N HIS C 33 29.73 -37.64 -41.76
CA HIS C 33 31.09 -37.13 -41.63
C HIS C 33 32.05 -37.93 -42.47
N TYR C 34 31.90 -39.26 -42.51
CA TYR C 34 32.78 -40.10 -43.32
C TYR C 34 32.60 -39.84 -44.81
N LYS C 35 31.35 -39.64 -45.23
CA LYS C 35 31.08 -39.35 -46.63
C LYS C 35 31.60 -37.98 -47.03
N ARG C 36 31.67 -37.06 -46.07
CA ARG C 36 32.25 -35.76 -46.38
C ARG C 36 33.77 -35.85 -46.48
N ILE C 37 34.39 -36.73 -45.70
CA ILE C 37 35.83 -36.91 -45.81
C ILE C 37 36.17 -37.77 -47.03
N GLN C 38 35.26 -38.67 -47.40
CA GLN C 38 35.43 -39.43 -48.64
C GLN C 38 35.35 -38.51 -49.85
N ALA C 39 34.54 -37.45 -49.76
CA ALA C 39 34.47 -36.43 -50.79
C ALA C 39 35.58 -35.41 -50.68
N GLY C 40 36.54 -35.61 -49.76
CA GLY C 40 37.68 -34.74 -49.64
C GLY C 40 38.87 -35.22 -50.44
N GLU C 41 38.62 -35.66 -51.66
CA GLU C 41 39.69 -36.02 -52.58
C GLU C 41 39.37 -35.51 -53.98
N LYS C 42 38.25 -34.83 -54.12
CA LYS C 42 37.81 -34.31 -55.42
C LYS C 42 36.84 -33.14 -55.23
N ARG C 47 38.68 -35.64 -59.26
CA ARG C 47 37.59 -35.87 -60.19
C ARG C 47 36.62 -34.69 -60.19
N CYS C 48 35.36 -34.97 -60.52
CA CYS C 48 34.35 -33.93 -60.71
C CYS C 48 33.35 -33.92 -59.56
N GLU C 49 33.27 -32.79 -58.86
CA GLU C 49 32.27 -32.58 -57.81
C GLU C 49 31.99 -31.09 -57.67
N PRO C 50 30.84 -30.60 -58.17
CA PRO C 50 30.60 -29.15 -58.14
C PRO C 50 29.92 -28.66 -56.87
N VAL C 51 29.59 -29.55 -55.94
CA VAL C 51 28.92 -29.18 -54.69
C VAL C 51 29.79 -29.64 -53.53
N GLU C 52 29.99 -28.76 -52.56
CA GLU C 52 30.77 -29.09 -51.38
C GLU C 52 29.85 -29.26 -50.19
N LEU C 53 30.27 -30.09 -49.24
CA LEU C 53 29.43 -30.48 -48.12
C LEU C 53 29.80 -29.67 -46.88
N THR C 54 28.85 -29.56 -45.97
CA THR C 54 29.05 -28.80 -44.74
C THR C 54 29.03 -29.72 -43.53
N LYS C 55 29.23 -29.13 -42.35
CA LYS C 55 29.58 -29.89 -41.16
C LYS C 55 28.40 -30.71 -40.65
N SER C 56 27.24 -30.06 -40.49
CA SER C 56 26.09 -30.57 -39.73
C SER C 56 26.49 -30.95 -38.30
N ASN C 57 26.84 -29.96 -37.50
CA ASN C 57 27.28 -30.19 -36.13
C ASN C 57 26.11 -30.65 -35.26
N ILE C 58 26.43 -31.28 -34.14
CA ILE C 58 25.44 -31.94 -33.31
C ILE C 58 25.38 -31.23 -31.97
N LEU C 59 24.19 -30.81 -31.59
CA LEU C 59 23.88 -30.41 -30.21
C LEU C 59 23.13 -31.56 -29.57
N MET C 60 23.75 -32.19 -28.58
CA MET C 60 23.20 -33.40 -27.96
C MET C 60 22.67 -33.04 -26.58
N LEU C 61 21.40 -33.30 -26.36
CA LEU C 61 20.71 -32.88 -25.15
C LEU C 61 20.24 -34.11 -24.39
N GLY C 62 20.35 -34.05 -23.08
CA GLY C 62 19.80 -35.11 -22.27
C GLY C 62 20.07 -34.89 -20.81
N PRO C 63 19.30 -35.54 -19.95
CA PRO C 63 19.49 -35.38 -18.51
C PRO C 63 20.78 -36.04 -18.04
N THR C 64 21.07 -35.83 -16.76
CA THR C 64 22.35 -36.23 -16.21
C THR C 64 22.47 -37.75 -16.11
N GLY C 65 23.67 -38.24 -16.41
CA GLY C 65 23.99 -39.65 -16.25
C GLY C 65 23.30 -40.60 -17.18
N CYS C 66 22.68 -40.08 -18.25
CA CYS C 66 21.93 -40.91 -19.18
C CYS C 66 22.71 -41.24 -20.43
N GLY C 67 23.92 -40.73 -20.56
CA GLY C 67 24.85 -41.12 -21.59
C GLY C 67 24.85 -40.10 -22.69
N LYS C 68 25.74 -39.14 -22.57
CA LYS C 68 26.07 -38.22 -23.65
C LYS C 68 27.56 -38.28 -23.85
N THR C 69 28.29 -38.21 -22.74
CA THR C 69 29.72 -38.42 -22.76
C THR C 69 30.01 -39.88 -23.07
N TYR C 70 29.18 -40.76 -22.54
CA TYR C 70 29.38 -42.20 -22.73
C TYR C 70 29.03 -42.61 -24.14
N LEU C 71 28.14 -41.88 -24.81
CA LEU C 71 27.98 -42.05 -26.24
C LEU C 71 29.21 -41.59 -26.99
N ALA C 72 29.82 -40.50 -26.54
CA ALA C 72 30.99 -39.96 -27.24
C ALA C 72 32.24 -40.78 -26.93
N GLN C 73 32.36 -41.27 -25.70
CA GLN C 73 33.48 -42.14 -25.36
C GLN C 73 33.39 -43.46 -26.08
N THR C 74 32.17 -43.93 -26.34
CA THR C 74 31.98 -45.12 -27.16
C THR C 74 32.29 -44.81 -28.61
N LEU C 75 31.86 -43.64 -29.08
CA LEU C 75 32.09 -43.24 -30.46
C LEU C 75 33.57 -42.94 -30.72
N ALA C 76 34.33 -42.67 -29.66
CA ALA C 76 35.77 -42.55 -29.77
C ALA C 76 36.43 -43.85 -30.16
N LYS C 77 35.84 -44.97 -29.76
CA LYS C 77 36.47 -46.27 -29.87
C LYS C 77 36.31 -46.90 -31.24
N MET C 78 35.74 -46.20 -32.22
CA MET C 78 35.52 -46.83 -33.52
C MET C 78 35.81 -45.90 -34.69
N LEU C 79 36.46 -44.76 -34.46
CA LEU C 79 36.05 -43.61 -35.23
C LEU C 79 36.79 -43.44 -36.55
N ASN C 80 38.01 -43.96 -36.72
CA ASN C 80 38.86 -43.84 -37.91
C ASN C 80 39.15 -42.37 -38.24
N VAL C 81 38.92 -41.47 -37.31
CA VAL C 81 38.92 -40.01 -37.44
C VAL C 81 39.39 -39.53 -36.07
N PRO C 82 40.29 -38.54 -36.01
CA PRO C 82 40.74 -38.05 -34.70
C PRO C 82 39.59 -37.45 -33.90
N PHE C 83 39.70 -37.61 -32.58
CA PHE C 83 38.57 -37.32 -31.70
C PHE C 83 39.09 -36.64 -30.44
N ALA C 84 38.54 -35.47 -30.13
CA ALA C 84 38.89 -34.74 -28.93
C ALA C 84 37.67 -34.65 -28.04
N ILE C 85 37.80 -35.07 -26.80
CA ILE C 85 36.84 -34.74 -25.77
C ILE C 85 37.26 -33.39 -25.19
N ALA C 86 36.53 -32.35 -25.55
CA ALA C 86 36.74 -31.05 -24.96
C ALA C 86 35.78 -30.86 -23.80
N ASP C 87 35.84 -29.68 -23.20
CA ASP C 87 34.87 -29.32 -22.18
C ASP C 87 34.69 -27.81 -22.22
N ALA C 88 33.44 -27.37 -22.33
CA ALA C 88 33.17 -25.95 -22.51
C ALA C 88 33.37 -25.16 -21.22
N THR C 89 33.37 -25.83 -20.06
CA THR C 89 33.60 -25.09 -18.83
C THR C 89 35.07 -24.72 -18.69
N ALA C 90 35.95 -25.56 -19.21
CA ALA C 90 37.38 -25.28 -19.24
C ALA C 90 37.73 -24.08 -20.12
N LEU C 91 36.88 -23.72 -21.05
CA LEU C 91 37.15 -22.67 -22.01
C LEU C 91 36.76 -21.31 -21.45
N THR C 92 37.44 -20.28 -21.95
CA THR C 92 37.16 -18.91 -21.59
C THR C 92 37.40 -18.08 -22.85
N GLU C 93 36.67 -16.96 -22.95
CA GLU C 93 36.81 -16.01 -24.04
C GLU C 93 38.25 -15.49 -24.14
N ALA C 94 38.68 -15.20 -25.37
CA ALA C 94 40.05 -14.80 -25.65
C ALA C 94 40.37 -13.46 -25.01
N GLY C 95 41.57 -13.35 -24.46
CA GLY C 95 41.95 -12.21 -23.66
C GLY C 95 41.82 -12.43 -22.18
N TYR C 96 41.36 -13.59 -21.76
CA TYR C 96 41.05 -13.83 -20.37
C TYR C 96 41.72 -15.12 -19.95
N VAL C 97 41.86 -15.28 -18.64
CA VAL C 97 42.60 -16.40 -18.09
C VAL C 97 41.78 -17.67 -18.18
N GLY C 98 42.43 -18.80 -17.96
CA GLY C 98 41.84 -20.05 -18.33
C GLY C 98 42.15 -20.36 -19.78
N GLU C 99 41.60 -21.46 -20.25
CA GLU C 99 41.89 -21.88 -21.60
C GLU C 99 41.07 -21.07 -22.59
N ASP C 100 41.55 -21.02 -23.81
CA ASP C 100 40.84 -20.36 -24.89
C ASP C 100 40.37 -21.44 -25.84
N VAL C 101 39.47 -21.07 -26.76
CA VAL C 101 38.71 -22.07 -27.49
C VAL C 101 39.53 -22.72 -28.60
N GLU C 102 40.77 -22.29 -28.78
CA GLU C 102 41.66 -22.98 -29.70
C GLU C 102 42.38 -24.14 -29.04
N ASN C 103 42.18 -24.34 -27.74
CA ASN C 103 42.73 -25.52 -27.10
C ASN C 103 42.01 -26.78 -27.55
N ILE C 104 40.72 -26.65 -27.86
CA ILE C 104 39.95 -27.83 -28.25
C ILE C 104 40.35 -28.29 -29.64
N LEU C 105 40.92 -27.37 -30.43
CA LEU C 105 41.51 -27.77 -31.69
C LEU C 105 42.87 -28.41 -31.47
N LEU C 106 43.60 -27.94 -30.47
CA LEU C 106 44.88 -28.56 -30.13
C LEU C 106 44.66 -29.97 -29.60
N LYS C 107 43.61 -30.17 -28.81
CA LYS C 107 43.26 -31.51 -28.35
C LYS C 107 42.85 -32.41 -29.50
N LEU C 108 42.37 -31.83 -30.60
CA LEU C 108 42.14 -32.61 -31.80
C LEU C 108 43.44 -32.87 -32.54
N ILE C 109 44.33 -31.87 -32.58
CA ILE C 109 45.63 -32.04 -33.22
C ILE C 109 46.50 -33.01 -32.43
N GLN C 110 46.42 -32.96 -31.10
CA GLN C 110 47.07 -33.97 -30.28
C GLN C 110 46.46 -35.34 -30.50
N ALA C 111 45.15 -35.41 -30.73
CA ALA C 111 44.51 -36.68 -31.02
C ALA C 111 44.83 -37.16 -32.42
N ALA C 112 45.14 -36.24 -33.31
CA ALA C 112 45.61 -36.59 -34.64
C ALA C 112 47.11 -36.77 -34.70
N ASP C 113 47.79 -36.76 -33.55
CA ASP C 113 49.24 -36.96 -33.40
C ASP C 113 50.01 -35.91 -34.17
N TYR C 114 49.52 -34.67 -34.09
CA TYR C 114 50.08 -33.48 -34.75
C TYR C 114 50.16 -33.66 -36.25
N ASP C 115 49.18 -34.36 -36.80
CA ASP C 115 48.93 -34.40 -38.23
C ASP C 115 47.75 -33.50 -38.51
N VAL C 116 48.02 -32.32 -39.03
CA VAL C 116 47.00 -31.28 -39.11
C VAL C 116 45.99 -31.59 -40.20
N LYS C 117 46.42 -32.16 -41.33
CA LYS C 117 45.48 -32.56 -42.36
C LYS C 117 44.61 -33.72 -41.93
N ARG C 118 45.05 -34.49 -40.92
CA ARG C 118 44.13 -35.46 -40.33
C ARG C 118 43.22 -34.75 -39.32
N ALA C 119 43.73 -33.77 -38.60
CA ALA C 119 42.90 -33.01 -37.67
C ALA C 119 41.94 -32.07 -38.36
N GLU C 120 42.21 -31.67 -39.60
CA GLU C 120 41.22 -30.88 -40.34
C GLU C 120 40.02 -31.72 -40.75
N THR C 121 40.13 -33.05 -40.65
CA THR C 121 39.04 -33.98 -40.93
C THR C 121 38.53 -34.63 -39.65
N GLY C 122 38.63 -33.96 -38.52
CA GLY C 122 38.38 -34.58 -37.23
C GLY C 122 36.97 -34.41 -36.71
N ILE C 123 36.77 -34.86 -35.48
CA ILE C 123 35.52 -34.69 -34.74
C ILE C 123 35.88 -34.24 -33.33
N ILE C 124 35.32 -33.13 -32.87
CA ILE C 124 35.53 -32.65 -31.52
C ILE C 124 34.24 -32.78 -30.74
N TYR C 125 34.32 -33.40 -29.57
CA TYR C 125 33.20 -33.47 -28.65
C TYR C 125 33.42 -32.44 -27.55
N ILE C 126 32.62 -31.39 -27.56
CA ILE C 126 32.69 -30.36 -26.54
C ILE C 126 31.67 -30.72 -25.47
N ASP C 127 32.15 -31.13 -24.30
CA ASP C 127 31.25 -31.59 -23.27
C ASP C 127 30.78 -30.41 -22.43
N GLN C 128 29.51 -30.48 -22.02
CA GLN C 128 28.83 -29.51 -21.17
C GLN C 128 28.81 -28.11 -21.75
N VAL C 129 28.13 -27.94 -22.90
CA VAL C 129 27.90 -26.60 -23.43
C VAL C 129 26.63 -25.97 -22.89
N ASP C 130 25.88 -26.66 -22.03
CA ASP C 130 24.86 -25.95 -21.29
C ASP C 130 25.44 -25.06 -20.21
N LYS C 131 26.69 -25.29 -19.83
CA LYS C 131 27.33 -24.50 -18.79
C LYS C 131 27.99 -23.24 -19.33
N ILE C 132 27.97 -23.05 -20.65
CA ILE C 132 28.26 -21.75 -21.24
C ILE C 132 26.91 -21.13 -21.65
N ALA C 133 26.49 -20.12 -20.90
CA ALA C 133 25.17 -19.50 -21.04
C ALA C 133 25.20 -18.17 -20.30
N ARG C 134 24.02 -17.56 -20.13
CA ARG C 134 23.88 -16.28 -19.45
C ARG C 134 24.24 -16.31 -17.96
N THR C 142 30.34 -6.60 -16.00
CA THR C 142 29.51 -7.64 -16.62
C THR C 142 30.00 -7.96 -18.02
N ARG C 143 30.74 -9.07 -18.16
CA ARG C 143 31.21 -9.50 -19.47
C ARG C 143 30.86 -10.96 -19.72
N ASP C 144 30.89 -11.77 -18.65
CA ASP C 144 30.69 -13.22 -18.67
C ASP C 144 31.69 -13.89 -19.62
N VAL C 145 32.96 -13.86 -19.25
CA VAL C 145 34.02 -14.40 -20.10
C VAL C 145 34.01 -15.92 -20.20
N SER C 146 33.41 -16.61 -19.23
CA SER C 146 33.42 -18.06 -19.20
C SER C 146 32.11 -18.65 -19.69
N GLY C 147 31.10 -17.83 -19.95
CA GLY C 147 29.81 -18.30 -20.36
C GLY C 147 29.47 -17.92 -21.78
N GLU C 148 28.74 -16.82 -21.94
CA GLU C 148 28.33 -16.37 -23.27
C GLU C 148 29.52 -15.98 -24.14
N GLY C 149 30.61 -15.55 -23.52
CA GLY C 149 31.80 -15.19 -24.29
C GLY C 149 32.53 -16.38 -24.89
N VAL C 150 32.37 -17.56 -24.30
CA VAL C 150 32.89 -18.77 -24.91
C VAL C 150 32.11 -19.09 -26.19
N GLN C 151 30.78 -18.92 -26.14
CA GLN C 151 29.92 -19.17 -27.30
C GLN C 151 30.24 -18.20 -28.44
N GLN C 152 30.65 -16.99 -28.09
CA GLN C 152 31.08 -16.02 -29.09
C GLN C 152 32.36 -16.47 -29.76
N ALA C 153 33.32 -16.92 -28.96
CA ALA C 153 34.59 -17.37 -29.47
C ALA C 153 34.49 -18.71 -30.17
N LEU C 154 33.46 -19.49 -29.89
CA LEU C 154 33.38 -20.85 -30.41
C LEU C 154 32.62 -20.94 -31.72
N LEU C 155 31.84 -19.93 -32.07
CA LEU C 155 31.03 -20.00 -33.28
C LEU C 155 31.89 -19.88 -34.53
N LYS C 156 33.03 -19.20 -34.44
CA LYS C 156 33.96 -19.21 -35.58
C LYS C 156 34.59 -20.57 -35.75
N ILE C 157 34.73 -21.32 -34.66
CA ILE C 157 35.31 -22.66 -34.73
C ILE C 157 34.29 -23.63 -35.30
N LEU C 158 33.00 -23.45 -34.95
CA LEU C 158 31.96 -24.38 -35.38
C LEU C 158 31.70 -24.27 -36.87
N GLU C 159 31.50 -23.05 -37.37
CA GLU C 159 31.16 -22.84 -38.77
C GLU C 159 32.34 -23.05 -39.70
N GLY C 160 33.56 -23.07 -39.18
CA GLY C 160 34.70 -23.26 -40.06
C GLY C 160 35.52 -22.00 -40.23
N THR C 161 36.76 -22.02 -39.77
CA THR C 161 37.63 -20.88 -39.93
C THR C 161 39.07 -21.36 -40.03
N GLN C 162 39.94 -20.48 -40.48
CA GLN C 162 41.38 -20.70 -40.40
C GLN C 162 41.82 -20.29 -39.02
N ALA C 163 41.85 -21.23 -38.10
CA ALA C 163 42.12 -20.93 -36.70
C ALA C 163 43.59 -21.18 -36.38
N SER C 164 44.23 -20.14 -35.84
CA SER C 164 45.61 -20.22 -35.40
C SER C 164 45.64 -20.83 -34.01
N VAL C 165 46.17 -22.03 -33.91
CA VAL C 165 46.18 -22.81 -32.67
C VAL C 165 47.57 -22.71 -32.06
N PRO C 166 47.69 -22.26 -30.81
CA PRO C 166 49.00 -22.21 -30.18
C PRO C 166 49.45 -23.61 -29.79
N PRO C 167 50.64 -24.03 -30.23
CA PRO C 167 51.20 -25.31 -29.78
C PRO C 167 51.85 -25.25 -28.41
N GLN C 168 51.69 -24.13 -27.69
CA GLN C 168 52.25 -23.96 -26.36
C GLN C 168 51.63 -24.94 -25.37
N GLY C 169 50.39 -25.35 -25.63
CA GLY C 169 49.69 -26.25 -24.75
C GLY C 169 48.22 -25.90 -24.69
N GLY C 170 47.90 -24.67 -25.07
CA GLY C 170 46.52 -24.24 -25.12
C GLY C 170 46.30 -22.83 -24.65
N ARG C 171 47.17 -22.33 -23.78
CA ARG C 171 47.11 -20.95 -23.34
C ARG C 171 47.62 -20.05 -24.45
N LYS C 172 46.71 -19.27 -25.03
CA LYS C 172 47.06 -18.31 -26.06
C LYS C 172 47.93 -17.20 -25.47
N HIS C 173 48.87 -16.74 -26.27
CA HIS C 173 49.73 -15.60 -26.01
C HIS C 173 50.16 -15.13 -27.40
N PRO C 174 50.22 -13.80 -27.65
CA PRO C 174 50.19 -13.28 -29.03
C PRO C 174 51.34 -13.71 -29.92
N HIS C 175 52.56 -13.72 -29.39
CA HIS C 175 53.72 -14.15 -30.17
C HIS C 175 53.94 -15.66 -30.02
N GLN C 176 53.93 -16.36 -31.16
CA GLN C 176 54.60 -17.64 -31.44
C GLN C 176 54.30 -17.99 -32.89
N GLU C 177 55.00 -18.97 -33.44
CA GLU C 177 54.48 -19.77 -34.54
C GLU C 177 53.20 -20.47 -34.06
N PHE C 178 52.25 -20.64 -34.96
CA PHE C 178 50.99 -21.25 -34.59
C PHE C 178 50.82 -22.52 -35.40
N ILE C 179 49.69 -23.18 -35.19
CA ILE C 179 49.27 -24.29 -36.03
C ILE C 179 47.98 -23.87 -36.72
N GLN C 180 48.07 -23.68 -38.03
CA GLN C 180 46.90 -23.29 -38.81
C GLN C 180 46.08 -24.52 -39.10
N ILE C 181 44.83 -24.53 -38.63
CA ILE C 181 43.91 -25.62 -38.87
C ILE C 181 42.64 -25.03 -39.47
N ASP C 182 42.01 -25.76 -40.37
CA ASP C 182 40.76 -25.35 -41.01
C ASP C 182 39.67 -26.26 -40.48
N THR C 183 38.65 -25.65 -39.87
CA THR C 183 37.58 -26.42 -39.25
C THR C 183 36.31 -26.42 -40.09
N THR C 184 36.43 -26.29 -41.41
CA THR C 184 35.28 -26.40 -42.29
C THR C 184 34.89 -27.84 -42.57
N ASN C 185 35.59 -28.80 -41.99
CA ASN C 185 35.24 -30.20 -42.11
C ASN C 185 35.33 -30.92 -40.79
N VAL C 186 35.60 -30.20 -39.71
CA VAL C 186 35.65 -30.78 -38.37
C VAL C 186 34.24 -30.81 -37.83
N LEU C 187 33.79 -31.99 -37.43
CA LEU C 187 32.46 -32.12 -36.85
C LEU C 187 32.52 -31.74 -35.39
N PHE C 188 31.51 -31.03 -34.91
CA PHE C 188 31.47 -30.59 -33.53
C PHE C 188 30.21 -31.16 -32.90
N ILE C 189 30.32 -32.36 -32.38
CA ILE C 189 29.34 -32.85 -31.43
C ILE C 189 29.50 -32.04 -30.17
N VAL C 190 28.44 -31.39 -29.71
CA VAL C 190 28.48 -30.72 -28.42
C VAL C 190 27.35 -31.29 -27.58
N ALA C 191 27.54 -31.23 -26.28
CA ALA C 191 26.52 -31.80 -25.42
C ALA C 191 26.40 -31.00 -24.14
N GLY C 192 25.38 -31.32 -23.37
CA GLY C 192 25.12 -30.64 -22.13
C GLY C 192 23.89 -31.22 -21.48
N ALA C 193 23.80 -31.04 -20.16
CA ALA C 193 22.66 -31.58 -19.44
C ALA C 193 21.41 -30.77 -19.71
N PHE C 194 21.54 -29.44 -19.76
CA PHE C 194 20.44 -28.49 -19.96
C PHE C 194 19.35 -28.70 -18.91
N ALA C 195 19.74 -28.53 -17.64
CA ALA C 195 18.92 -28.95 -16.52
C ALA C 195 17.69 -28.07 -16.33
N GLY C 196 17.74 -26.82 -16.75
CA GLY C 196 16.58 -25.94 -16.67
C GLY C 196 15.84 -25.74 -17.97
N LEU C 197 16.00 -26.62 -18.95
CA LEU C 197 15.45 -26.42 -20.28
C LEU C 197 14.09 -27.07 -20.48
N GLU C 198 13.83 -28.17 -19.77
CA GLU C 198 12.55 -28.87 -19.92
C GLU C 198 11.39 -28.04 -19.39
N LYS C 199 11.66 -27.09 -18.49
CA LYS C 199 10.65 -26.11 -18.11
C LYS C 199 10.43 -25.09 -19.22
N ILE C 200 11.51 -24.73 -19.92
CA ILE C 200 11.42 -23.74 -20.99
C ILE C 200 10.70 -24.32 -22.21
N ILE C 201 10.96 -25.60 -22.50
CA ILE C 201 10.26 -26.28 -23.58
C ILE C 201 8.78 -26.44 -23.25
N TYR C 202 8.47 -26.75 -21.99
CA TYR C 202 7.09 -26.97 -21.57
C TYR C 202 6.24 -25.70 -21.64
N GLU C 203 6.86 -24.52 -21.65
CA GLU C 203 6.10 -23.27 -21.73
C GLU C 203 5.45 -23.09 -23.09
N ARG C 204 5.96 -23.75 -24.13
CA ARG C 204 5.42 -23.61 -25.47
C ARG C 204 4.69 -24.87 -25.95
N VAL C 205 5.33 -26.03 -25.86
CA VAL C 205 4.72 -27.22 -26.43
C VAL C 205 3.66 -27.81 -25.50
N GLY C 206 3.74 -27.54 -24.21
CA GLY C 206 2.80 -28.08 -23.25
C GLY C 206 1.74 -27.07 -22.87
N LYS C 207 0.82 -27.53 -22.04
CA LYS C 207 -0.19 -26.62 -21.49
C LYS C 207 0.39 -25.90 -20.29
N ARG C 208 -0.45 -25.22 -19.53
CA ARG C 208 0.04 -24.52 -18.35
C ARG C 208 0.40 -25.51 -17.27
N GLY C 209 1.23 -25.06 -16.35
CA GLY C 209 1.43 -25.83 -15.15
C GLY C 209 0.45 -25.52 -14.05
N LEU C 210 -0.61 -24.77 -14.34
CA LEU C 210 -1.51 -24.31 -13.29
C LEU C 210 -2.86 -23.98 -13.89
N GLY C 211 -3.91 -24.32 -13.17
CA GLY C 211 -5.22 -23.75 -13.39
C GLY C 211 -6.14 -24.68 -14.14
N PHE C 212 -7.29 -24.12 -14.51
CA PHE C 212 -8.31 -24.88 -15.21
C PHE C 212 -7.90 -25.14 -16.64
N GLY C 213 -8.12 -26.36 -17.12
CA GLY C 213 -7.76 -26.72 -18.47
C GLY C 213 -6.27 -26.83 -18.70
N ALA C 214 -5.51 -27.01 -17.63
CA ALA C 214 -4.07 -27.09 -17.73
C ALA C 214 -3.64 -28.52 -17.50
N GLU C 215 -2.37 -28.79 -17.76
CA GLU C 215 -1.80 -30.11 -17.52
C GLU C 215 -0.77 -29.95 -16.42
N VAL C 216 -1.13 -30.29 -15.20
CA VAL C 216 -0.18 -30.33 -14.11
C VAL C 216 0.40 -31.73 -14.07
N ARG C 217 1.67 -31.83 -13.68
CA ARG C 217 2.39 -33.09 -13.78
C ARG C 217 2.89 -33.52 -12.41
N SER C 218 3.07 -34.82 -12.26
CA SER C 218 3.66 -35.38 -11.05
C SER C 218 5.14 -35.02 -10.98
N LYS C 219 5.72 -35.17 -9.78
CA LYS C 219 7.10 -34.75 -9.59
C LYS C 219 8.08 -35.82 -10.06
N ALA C 220 7.62 -37.06 -10.24
CA ALA C 220 8.52 -38.11 -10.72
C ALA C 220 8.64 -38.10 -12.24
N GLU C 221 7.78 -37.36 -12.94
CA GLU C 221 7.84 -37.29 -14.39
C GLU C 221 8.23 -35.88 -14.84
N THR C 225 11.41 -33.80 -17.31
CA THR C 225 12.04 -34.18 -18.57
C THR C 225 11.00 -34.26 -19.68
N ASP C 226 11.43 -33.91 -20.90
CA ASP C 226 10.55 -33.81 -22.06
C ASP C 226 10.99 -34.78 -23.15
N HIS C 227 12.01 -35.60 -22.88
CA HIS C 227 12.91 -36.35 -23.78
C HIS C 227 13.85 -35.42 -24.54
N PHE C 228 13.70 -34.09 -24.35
CA PHE C 228 14.43 -33.04 -25.07
C PHE C 228 14.32 -33.19 -26.59
N ALA C 229 13.17 -33.69 -27.05
CA ALA C 229 12.95 -33.92 -28.47
C ALA C 229 12.03 -32.89 -29.10
N ASP C 230 11.27 -32.14 -28.30
CA ASP C 230 10.51 -31.00 -28.76
C ASP C 230 11.30 -29.70 -28.69
N VAL C 231 12.62 -29.79 -28.53
CA VAL C 231 13.43 -28.59 -28.32
C VAL C 231 13.61 -27.87 -29.65
N MET C 232 13.56 -26.54 -29.58
CA MET C 232 13.75 -25.64 -30.71
C MET C 232 14.63 -24.51 -30.22
N PRO C 233 15.26 -23.76 -31.13
CA PRO C 233 16.09 -22.63 -30.69
C PRO C 233 15.34 -21.51 -29.98
N GLU C 234 14.01 -21.44 -30.14
CA GLU C 234 13.22 -20.56 -29.28
C GLU C 234 13.39 -20.95 -27.82
N ASP C 235 13.49 -22.25 -27.54
CA ASP C 235 13.70 -22.70 -26.18
C ASP C 235 15.17 -22.58 -25.77
N LEU C 236 16.07 -22.65 -26.74
CA LEU C 236 17.50 -22.63 -26.43
C LEU C 236 18.06 -21.21 -26.30
N ILE C 237 17.45 -20.23 -26.97
CA ILE C 237 17.81 -18.83 -26.74
C ILE C 237 17.34 -18.39 -25.36
N LYS C 238 16.13 -18.80 -24.96
CA LYS C 238 15.64 -18.51 -23.62
C LYS C 238 16.43 -19.25 -22.54
N PHE C 239 17.12 -20.33 -22.90
CA PHE C 239 17.98 -21.02 -21.94
C PHE C 239 19.21 -20.18 -21.61
N GLY C 240 19.86 -19.64 -22.62
CA GLY C 240 21.08 -18.88 -22.41
C GLY C 240 22.08 -19.02 -23.52
N LEU C 241 21.78 -19.86 -24.51
CA LEU C 241 22.59 -19.97 -25.71
C LEU C 241 22.28 -18.80 -26.62
N ILE C 242 23.32 -18.24 -27.23
CA ILE C 242 23.14 -17.10 -28.13
C ILE C 242 22.57 -17.65 -29.42
N PRO C 243 21.80 -16.85 -30.21
CA PRO C 243 21.19 -17.40 -31.44
C PRO C 243 22.19 -17.82 -32.50
N GLU C 244 23.41 -17.29 -32.46
CA GLU C 244 24.45 -17.64 -33.40
C GLU C 244 25.04 -19.02 -33.13
N PHE C 245 25.13 -19.41 -31.86
CA PHE C 245 25.70 -20.69 -31.46
C PHE C 245 24.78 -21.85 -31.83
N ILE C 246 23.48 -21.61 -31.86
CA ILE C 246 22.50 -22.68 -32.05
C ILE C 246 22.34 -23.03 -33.52
N GLY C 247 22.37 -22.01 -34.39
CA GLY C 247 22.22 -22.25 -35.81
C GLY C 247 23.41 -22.98 -36.41
N ARG C 248 24.56 -22.87 -35.77
CA ARG C 248 25.74 -23.65 -36.12
C ARG C 248 25.72 -25.05 -35.54
N LEU C 249 24.64 -25.42 -34.86
CA LEU C 249 24.44 -26.76 -34.34
C LEU C 249 23.10 -27.28 -34.89
N PRO C 250 23.06 -27.68 -36.17
CA PRO C 250 21.75 -28.03 -36.75
C PRO C 250 21.19 -29.33 -36.24
N VAL C 251 22.01 -30.29 -35.88
CA VAL C 251 21.49 -31.60 -35.48
C VAL C 251 21.13 -31.57 -34.02
N VAL C 252 19.91 -32.01 -33.72
CA VAL C 252 19.45 -32.21 -32.35
C VAL C 252 19.53 -33.69 -32.04
N ALA C 253 20.33 -34.05 -31.04
CA ALA C 253 20.38 -35.41 -30.54
C ALA C 253 19.74 -35.42 -29.16
N SER C 254 18.73 -36.27 -29.00
CA SER C 254 17.94 -36.30 -27.79
C SER C 254 18.29 -37.54 -26.99
N VAL C 255 19.14 -37.36 -25.99
CA VAL C 255 19.34 -38.36 -24.95
C VAL C 255 18.16 -38.28 -24.00
N THR C 256 17.58 -39.42 -23.69
CA THR C 256 16.37 -39.47 -22.90
C THR C 256 16.67 -39.92 -21.48
N ASN C 257 15.73 -39.66 -20.59
CA ASN C 257 15.82 -40.16 -19.23
C ASN C 257 15.59 -41.66 -19.26
N LEU C 258 16.43 -42.39 -18.54
CA LEU C 258 16.42 -43.84 -18.58
C LEU C 258 15.32 -44.39 -17.69
N ASP C 259 14.47 -45.24 -18.24
CA ASP C 259 13.41 -45.83 -17.43
C ASP C 259 13.94 -47.07 -16.69
N LYS C 260 13.03 -47.77 -16.02
CA LYS C 260 13.39 -48.97 -15.29
C LYS C 260 13.88 -50.06 -16.23
N GLU C 261 13.27 -50.18 -17.40
CA GLU C 261 13.64 -51.22 -18.34
C GLU C 261 15.01 -50.98 -18.96
N SER C 262 15.43 -49.73 -19.09
CA SER C 262 16.78 -49.46 -19.56
C SER C 262 17.81 -49.63 -18.46
N LEU C 263 17.50 -49.19 -17.24
CA LEU C 263 18.47 -49.25 -16.15
C LEU C 263 18.69 -50.68 -15.64
N VAL C 264 17.74 -51.60 -15.84
CA VAL C 264 18.04 -53.00 -15.51
C VAL C 264 18.99 -53.57 -16.54
N LYS C 265 19.03 -53.01 -17.74
CA LYS C 265 19.95 -53.48 -18.74
C LYS C 265 21.32 -52.83 -18.62
N ILE C 266 21.37 -51.56 -18.19
CA ILE C 266 22.64 -50.87 -17.99
C ILE C 266 23.43 -51.50 -16.86
N LEU C 267 22.75 -52.12 -15.90
CA LEU C 267 23.42 -52.84 -14.84
C LEU C 267 24.19 -54.04 -15.38
N SER C 268 23.55 -54.86 -16.21
CA SER C 268 24.12 -56.15 -16.53
C SER C 268 24.50 -56.38 -17.99
N GLU C 269 23.89 -55.70 -18.94
CA GLU C 269 24.12 -56.03 -20.34
C GLU C 269 25.35 -55.48 -21.07
N PRO C 270 25.77 -54.21 -20.94
CA PRO C 270 26.87 -53.72 -21.80
C PRO C 270 28.23 -54.33 -21.48
N LYS C 271 29.23 -53.85 -22.22
CA LYS C 271 30.54 -54.48 -22.18
C LYS C 271 31.26 -54.19 -20.88
N ASN C 272 31.20 -52.95 -20.42
CA ASN C 272 31.76 -52.59 -19.13
C ASN C 272 30.65 -52.28 -18.15
N ALA C 273 29.63 -53.14 -18.16
CA ALA C 273 28.41 -53.00 -17.38
C ALA C 273 28.71 -52.89 -15.89
N LEU C 274 27.77 -52.31 -15.16
CA LEU C 274 28.01 -51.96 -13.77
C LEU C 274 28.10 -53.19 -12.90
N VAL C 275 27.20 -54.15 -13.10
CA VAL C 275 27.26 -55.41 -12.37
C VAL C 275 28.53 -56.18 -12.72
N LYS C 276 28.97 -56.07 -13.97
CA LYS C 276 30.22 -56.70 -14.39
C LYS C 276 31.42 -56.05 -13.69
N GLN C 277 31.31 -54.77 -13.31
CA GLN C 277 32.40 -54.11 -12.61
C GLN C 277 32.52 -54.64 -11.19
N TYR C 278 31.40 -54.87 -10.54
CA TYR C 278 31.46 -55.31 -9.15
C TYR C 278 31.78 -56.79 -9.03
N ILE C 279 31.27 -57.62 -9.95
CA ILE C 279 31.66 -59.02 -10.00
C ILE C 279 33.17 -59.15 -10.23
N ARG C 280 33.74 -58.22 -10.99
CA ARG C 280 35.20 -58.15 -11.12
C ARG C 280 35.86 -57.76 -9.81
N LEU C 281 35.25 -56.85 -9.04
CA LEU C 281 35.83 -56.43 -7.77
C LEU C 281 35.79 -57.54 -6.74
N PHE C 282 34.70 -58.29 -6.68
CA PHE C 282 34.62 -59.39 -5.73
C PHE C 282 35.43 -60.59 -6.16
N GLU C 283 35.64 -60.77 -7.47
CA GLU C 283 36.49 -61.84 -7.95
C GLU C 283 37.94 -61.63 -7.52
N MET C 284 38.36 -60.37 -7.38
CA MET C 284 39.67 -60.08 -6.83
C MET C 284 39.74 -60.37 -5.33
N ASP C 285 38.60 -60.53 -4.66
CA ASP C 285 38.58 -61.10 -3.33
C ASP C 285 38.37 -62.61 -3.36
N GLY C 286 38.30 -63.21 -4.55
CA GLY C 286 38.07 -64.63 -4.65
C GLY C 286 36.67 -65.07 -4.33
N VAL C 287 35.71 -64.15 -4.36
CA VAL C 287 34.34 -64.42 -3.96
C VAL C 287 33.43 -64.08 -5.13
N GLU C 288 32.62 -65.03 -5.56
CA GLU C 288 31.74 -64.81 -6.70
C GLU C 288 30.53 -63.99 -6.30
N LEU C 289 30.37 -62.83 -6.94
CA LEU C 289 29.20 -61.99 -6.75
C LEU C 289 28.17 -62.33 -7.82
N GLU C 290 26.92 -62.46 -7.42
CA GLU C 290 25.85 -62.60 -8.40
C GLU C 290 24.58 -62.04 -7.79
N PHE C 291 23.62 -61.75 -8.67
CA PHE C 291 22.40 -61.05 -8.33
C PHE C 291 21.21 -61.87 -8.77
N THR C 292 20.16 -61.85 -7.98
CA THR C 292 18.88 -62.28 -8.51
C THR C 292 18.37 -61.20 -9.45
N ASP C 293 17.53 -61.59 -10.40
CA ASP C 293 16.97 -60.61 -11.33
C ASP C 293 15.99 -59.69 -10.64
N ASP C 294 15.40 -60.13 -9.53
CA ASP C 294 14.55 -59.25 -8.73
C ASP C 294 15.38 -58.19 -8.03
N ALA C 295 16.64 -58.50 -7.72
CA ALA C 295 17.51 -57.52 -7.09
C ALA C 295 17.90 -56.42 -8.08
N LEU C 296 18.21 -56.80 -9.32
CA LEU C 296 18.61 -55.81 -10.32
C LEU C 296 17.46 -54.90 -10.70
N GLU C 297 16.23 -55.42 -10.64
CA GLU C 297 15.07 -54.55 -10.83
C GLU C 297 14.86 -53.64 -9.64
N ALA C 298 15.25 -54.10 -8.44
CA ALA C 298 15.10 -53.27 -7.25
C ALA C 298 16.16 -52.19 -7.20
N ILE C 299 17.35 -52.47 -7.74
CA ILE C 299 18.39 -51.46 -7.83
C ILE C 299 18.00 -50.39 -8.85
N ALA C 300 17.41 -50.80 -9.95
CA ALA C 300 16.99 -49.83 -10.95
C ALA C 300 15.72 -49.10 -10.53
N ASP C 301 14.95 -49.67 -9.60
CA ASP C 301 13.85 -48.93 -8.99
C ASP C 301 14.36 -47.72 -8.24
N GLN C 302 15.32 -47.93 -7.35
CA GLN C 302 15.81 -46.87 -6.48
C GLN C 302 16.67 -45.85 -7.20
N ALA C 303 17.15 -46.17 -8.41
CA ALA C 303 17.98 -45.27 -9.21
C ALA C 303 17.19 -44.20 -9.91
N ILE C 304 15.94 -44.47 -10.27
CA ILE C 304 15.04 -43.42 -10.69
C ILE C 304 14.69 -42.49 -9.53
N HIS C 305 14.57 -43.03 -8.31
CA HIS C 305 14.40 -42.20 -7.12
C HIS C 305 15.63 -41.34 -6.83
N ARG C 306 16.83 -41.80 -7.18
CA ARG C 306 18.01 -40.93 -7.10
C ARG C 306 17.90 -39.82 -8.13
N GLY C 307 17.54 -40.18 -9.35
CA GLY C 307 17.34 -39.19 -10.39
C GLY C 307 18.60 -38.62 -10.97
N THR C 308 19.67 -39.41 -11.03
CA THR C 308 20.93 -38.96 -11.62
C THR C 308 21.34 -39.87 -12.77
N GLY C 309 20.38 -40.57 -13.38
CA GLY C 309 20.65 -41.37 -14.55
C GLY C 309 21.22 -42.72 -14.19
N ALA C 310 22.16 -43.18 -15.03
CA ALA C 310 22.82 -44.44 -14.76
C ALA C 310 23.93 -44.29 -13.73
N ARG C 311 24.25 -43.05 -13.36
CA ARG C 311 25.16 -42.81 -12.26
C ARG C 311 24.48 -43.09 -10.93
N GLY C 312 23.15 -43.03 -10.90
CA GLY C 312 22.43 -43.37 -9.69
C GLY C 312 22.40 -44.85 -9.44
N LEU C 313 22.66 -45.66 -10.47
CA LEU C 313 22.83 -47.09 -10.28
C LEU C 313 24.05 -47.39 -9.41
N ARG C 314 25.15 -46.68 -9.65
CA ARG C 314 26.36 -46.86 -8.86
C ARG C 314 26.17 -46.38 -7.43
N ALA C 315 25.29 -45.41 -7.23
CA ALA C 315 25.00 -44.88 -5.89
C ALA C 315 24.27 -45.90 -5.02
N ILE C 316 23.69 -46.91 -5.63
CA ILE C 316 22.98 -47.96 -4.90
C ILE C 316 23.83 -49.19 -4.75
N MET C 317 24.53 -49.57 -5.81
CA MET C 317 25.47 -50.68 -5.78
C MET C 317 26.58 -50.47 -4.77
N GLU C 318 26.99 -49.23 -4.53
CA GLU C 318 27.90 -48.96 -3.44
C GLU C 318 27.17 -48.95 -2.10
N GLU C 319 25.90 -48.54 -2.11
CA GLU C 319 25.13 -48.49 -0.87
C GLU C 319 24.67 -49.88 -0.46
N VAL C 320 24.30 -50.73 -1.42
CA VAL C 320 23.89 -52.09 -1.13
C VAL C 320 25.09 -52.92 -0.67
N LEU C 321 26.21 -52.77 -1.35
CA LEU C 321 27.36 -53.63 -1.10
C LEU C 321 28.38 -53.03 -0.13
N LEU C 322 28.03 -51.95 0.55
CA LEU C 322 28.95 -51.41 1.57
C LEU C 322 29.14 -52.33 2.78
N PRO C 323 28.12 -52.94 3.39
CA PRO C 323 28.44 -53.89 4.48
C PRO C 323 29.08 -55.15 3.96
N VAL C 324 28.85 -55.44 2.69
CA VAL C 324 29.43 -56.59 2.03
C VAL C 324 30.92 -56.40 1.81
N MET C 325 31.31 -55.32 1.16
CA MET C 325 32.71 -55.10 0.81
C MET C 325 33.60 -54.82 2.01
N TYR C 326 33.04 -54.56 3.17
CA TYR C 326 33.86 -54.54 4.37
C TYR C 326 34.13 -55.95 4.88
N ASP C 327 33.11 -56.81 4.85
CA ASP C 327 33.19 -58.12 5.48
C ASP C 327 33.82 -59.16 4.59
N ILE C 328 33.53 -59.12 3.29
CA ILE C 328 34.02 -60.15 2.36
C ILE C 328 35.55 -60.27 2.28
N PRO C 329 36.34 -59.18 2.24
CA PRO C 329 37.79 -59.39 2.18
C PRO C 329 38.41 -59.93 3.46
N SER C 330 37.69 -59.99 4.55
CA SER C 330 38.20 -60.54 5.80
C SER C 330 37.78 -61.98 6.03
N ARG C 331 37.11 -62.60 5.06
CA ARG C 331 36.49 -63.90 5.26
C ARG C 331 36.92 -64.84 4.16
N ASP C 332 36.31 -66.03 4.16
CA ASP C 332 36.49 -67.03 3.12
C ASP C 332 35.11 -67.50 2.65
N ASP C 333 34.71 -67.03 1.46
CA ASP C 333 33.42 -67.35 0.88
C ASP C 333 33.61 -67.79 -0.55
N VAL C 334 32.52 -68.29 -1.16
CA VAL C 334 32.56 -68.75 -2.53
C VAL C 334 31.49 -68.11 -3.40
N ALA C 335 30.38 -67.66 -2.83
CA ALA C 335 29.31 -67.07 -3.62
C ALA C 335 28.59 -66.07 -2.73
N LYS C 336 27.72 -65.22 -3.29
CA LYS C 336 27.21 -64.12 -2.43
C LYS C 336 25.69 -63.91 -2.55
N VAL C 337 25.10 -64.14 -3.71
CA VAL C 337 23.61 -64.05 -3.89
C VAL C 337 23.03 -62.79 -3.23
N VAL C 338 22.92 -61.71 -3.98
CA VAL C 338 22.31 -60.46 -3.53
C VAL C 338 20.86 -60.47 -4.01
N VAL C 339 19.92 -60.30 -3.10
CA VAL C 339 18.50 -60.43 -3.41
C VAL C 339 17.82 -59.09 -3.26
N THR C 340 16.50 -59.04 -3.51
CA THR C 340 15.73 -57.83 -3.26
C THR C 340 15.80 -57.42 -1.79
N LYS C 341 15.78 -58.41 -0.90
CA LYS C 341 15.89 -58.16 0.52
C LYS C 341 17.26 -57.61 0.91
N GLU C 342 18.31 -57.92 0.15
CA GLU C 342 19.59 -57.30 0.45
C GLU C 342 19.70 -55.92 -0.20
N THR C 343 18.72 -55.53 -1.01
CA THR C 343 18.69 -54.19 -1.58
C THR C 343 17.85 -53.24 -0.74
N VAL C 344 16.70 -53.73 -0.23
CA VAL C 344 15.85 -52.87 0.58
C VAL C 344 16.21 -52.90 2.06
N GLN C 345 16.99 -53.88 2.51
CA GLN C 345 17.45 -53.96 3.90
C GLN C 345 18.91 -54.35 3.95
N ASP C 346 19.73 -53.50 4.55
CA ASP C 346 21.19 -53.68 4.53
C ASP C 346 21.61 -54.83 5.44
N ASN C 347 22.15 -55.89 4.84
CA ASN C 347 22.70 -57.04 5.55
C ASN C 347 23.72 -57.71 4.63
N VAL C 348 24.17 -58.89 5.04
CA VAL C 348 25.00 -59.72 4.19
C VAL C 348 24.66 -61.18 4.48
N LEU C 349 24.53 -61.97 3.42
CA LEU C 349 24.25 -63.39 3.57
C LEU C 349 24.85 -64.15 2.39
N PRO C 350 26.10 -64.59 2.52
CA PRO C 350 26.74 -65.34 1.43
C PRO C 350 26.25 -66.77 1.32
N THR C 351 26.94 -67.50 0.47
CA THR C 351 26.61 -68.90 0.23
C THR C 351 27.73 -69.77 0.74
N ILE C 352 28.00 -69.68 2.06
CA ILE C 352 29.21 -70.07 2.80
C ILE C 352 29.81 -71.38 2.33
N VAL C 353 31.11 -71.33 2.03
CA VAL C 353 31.82 -72.33 1.24
C VAL C 353 31.89 -73.67 1.98
N PRO C 354 31.55 -74.79 1.31
CA PRO C 354 31.63 -76.13 1.91
C PRO C 354 33.06 -76.55 2.21
N GLU D 1 49.99 -56.34 -1.75
CA GLU D 1 49.59 -56.16 -0.36
C GLU D 1 48.07 -56.00 -0.25
N LEU D 2 47.57 -54.81 -0.66
CA LEU D 2 46.15 -54.45 -0.70
C LEU D 2 45.52 -54.57 0.68
N PRO D 3 45.75 -53.60 1.57
CA PRO D 3 45.18 -53.69 2.92
C PRO D 3 43.66 -53.68 2.91
N LYS D 4 43.10 -54.66 3.62
CA LYS D 4 41.67 -54.94 3.61
C LYS D 4 40.91 -53.80 4.27
N PRO D 5 39.60 -53.67 4.01
CA PRO D 5 38.84 -52.58 4.66
C PRO D 5 38.77 -52.69 6.16
N ALA D 6 38.90 -53.88 6.73
CA ALA D 6 39.05 -53.98 8.17
C ALA D 6 40.40 -53.42 8.61
N GLU D 7 41.43 -53.60 7.80
CA GLU D 7 42.75 -53.11 8.15
C GLU D 7 42.87 -51.61 7.92
N ILE D 8 42.14 -51.07 6.95
CA ILE D 8 42.12 -49.63 6.74
C ILE D 8 41.36 -48.95 7.86
N ARG D 9 40.24 -49.55 8.27
CA ARG D 9 39.44 -49.00 9.35
C ARG D 9 40.16 -49.09 10.69
N GLU D 10 40.91 -50.18 10.91
CA GLU D 10 41.70 -50.31 12.12
C GLU D 10 42.78 -49.24 12.22
N PHE D 11 43.31 -48.79 11.08
CA PHE D 11 44.18 -47.63 11.10
C PHE D 11 43.39 -46.37 11.41
N LEU D 12 42.17 -46.26 10.88
CA LEU D 12 41.37 -45.08 11.11
C LEU D 12 40.86 -45.03 12.54
N GLU D 13 40.66 -46.20 13.18
CA GLU D 13 40.26 -46.23 14.58
C GLU D 13 41.32 -45.68 15.50
N GLY D 14 42.60 -45.76 15.11
CA GLY D 14 43.66 -45.25 15.95
C GLY D 14 43.67 -43.75 16.09
N TYR D 15 43.07 -43.04 15.14
CA TYR D 15 42.95 -41.60 15.20
C TYR D 15 41.53 -41.12 15.30
N VAL D 16 40.57 -41.74 14.63
CA VAL D 16 39.22 -41.23 14.55
C VAL D 16 38.31 -42.11 15.40
N ILE D 17 37.58 -41.48 16.31
CA ILE D 17 36.69 -42.18 17.22
C ILE D 17 35.26 -41.92 16.76
N GLY D 18 34.44 -42.97 16.84
CA GLY D 18 33.10 -42.80 16.38
C GLY D 18 33.17 -43.03 14.90
N GLN D 19 32.17 -42.50 14.20
CA GLN D 19 32.14 -42.41 12.74
C GLN D 19 32.25 -43.76 12.05
N ASP D 20 31.41 -44.71 12.47
CA ASP D 20 31.52 -46.07 11.96
C ASP D 20 31.15 -46.14 10.48
N THR D 21 30.05 -45.51 10.08
CA THR D 21 29.61 -45.59 8.69
C THR D 21 30.52 -44.80 7.78
N ALA D 22 31.21 -43.79 8.32
CA ALA D 22 32.14 -43.03 7.50
C ALA D 22 33.49 -43.73 7.41
N LYS D 23 33.90 -44.44 8.46
CA LYS D 23 35.14 -45.20 8.37
C LYS D 23 34.97 -46.43 7.50
N ARG D 24 33.81 -47.10 7.58
CA ARG D 24 33.58 -48.26 6.73
C ARG D 24 33.47 -47.86 5.26
N THR D 25 32.88 -46.69 5.00
CA THR D 25 32.82 -46.18 3.63
C THR D 25 34.21 -45.84 3.10
N LEU D 26 34.97 -45.06 3.86
CA LEU D 26 36.31 -44.66 3.44
C LEU D 26 37.34 -45.76 3.61
N ALA D 27 36.98 -46.94 4.07
CA ALA D 27 37.88 -48.07 4.00
C ALA D 27 37.55 -48.98 2.84
N VAL D 28 36.25 -49.19 2.61
CA VAL D 28 35.80 -49.94 1.45
C VAL D 28 36.19 -49.24 0.18
N ALA D 29 36.00 -47.92 0.11
CA ALA D 29 36.20 -47.22 -1.15
C ALA D 29 37.67 -47.01 -1.44
N VAL D 30 38.50 -46.96 -0.41
CA VAL D 30 39.95 -46.95 -0.61
C VAL D 30 40.42 -48.34 -1.02
N TYR D 31 39.76 -49.38 -0.51
CA TYR D 31 40.11 -50.73 -0.90
C TYR D 31 39.65 -51.03 -2.31
N ASN D 32 38.47 -50.52 -2.71
CA ASN D 32 38.07 -50.65 -4.10
C ASN D 32 38.95 -49.82 -5.00
N HIS D 33 39.46 -48.71 -4.49
CA HIS D 33 40.43 -47.95 -5.25
C HIS D 33 41.74 -48.69 -5.39
N TYR D 34 42.19 -49.35 -4.33
CA TYR D 34 43.38 -50.18 -4.42
C TYR D 34 43.16 -51.39 -5.31
N LYS D 35 41.92 -51.85 -5.46
CA LYS D 35 41.64 -52.95 -6.36
C LYS D 35 41.43 -52.53 -7.79
N ARG D 36 40.93 -51.32 -8.04
CA ARG D 36 40.82 -50.90 -9.44
C ARG D 36 42.13 -50.40 -9.98
N ILE D 37 43.09 -50.09 -9.10
CA ILE D 37 44.49 -50.12 -9.48
C ILE D 37 44.95 -51.56 -9.37
N GLN D 38 45.89 -51.96 -10.25
CA GLN D 38 46.30 -53.35 -10.45
C GLN D 38 45.14 -54.22 -10.91
N ALA D 39 44.17 -53.61 -11.59
CA ALA D 39 43.21 -54.33 -12.41
C ALA D 39 43.08 -53.57 -13.71
N GLY D 40 43.55 -52.32 -13.69
CA GLY D 40 43.61 -51.51 -14.88
C GLY D 40 45.06 -51.33 -15.28
N GLU D 41 45.95 -51.72 -14.37
CA GLU D 41 47.38 -51.70 -14.64
C GLU D 41 47.96 -53.10 -14.82
N LYS D 42 47.16 -54.15 -14.59
CA LYS D 42 47.61 -55.50 -14.88
C LYS D 42 46.81 -56.13 -16.00
N GLY D 43 45.49 -56.22 -15.83
CA GLY D 43 44.62 -56.73 -16.86
C GLY D 43 44.47 -58.23 -16.89
N ARG D 44 43.22 -58.71 -16.82
CA ARG D 44 42.84 -60.12 -16.84
C ARG D 44 41.33 -60.19 -17.00
N ASP D 45 40.80 -61.23 -17.65
CA ASP D 45 39.36 -61.42 -17.69
C ASP D 45 38.89 -62.31 -16.54
N CYS D 48 33.98 -63.96 -17.08
CA CYS D 48 35.13 -63.48 -17.83
C CYS D 48 34.89 -62.03 -18.28
N GLU D 49 35.06 -61.76 -19.59
CA GLU D 49 34.75 -60.49 -20.23
C GLU D 49 35.46 -59.30 -19.59
N PRO D 50 36.73 -59.04 -19.93
CA PRO D 50 37.60 -58.09 -19.20
C PRO D 50 36.99 -56.70 -19.03
N VAL D 51 36.78 -56.33 -17.78
CA VAL D 51 35.98 -55.18 -17.39
C VAL D 51 36.91 -54.02 -17.08
N GLU D 52 36.69 -52.89 -17.73
CA GLU D 52 37.30 -51.64 -17.32
C GLU D 52 36.54 -51.10 -16.11
N LEU D 53 37.20 -51.08 -14.97
CA LEU D 53 36.57 -50.64 -13.73
C LEU D 53 36.45 -49.12 -13.71
N THR D 54 35.52 -48.64 -12.91
CA THR D 54 35.24 -47.21 -12.83
C THR D 54 35.05 -46.85 -11.37
N LYS D 55 35.63 -45.72 -10.99
CA LYS D 55 35.67 -45.31 -9.60
C LYS D 55 34.30 -44.91 -9.07
N SER D 56 34.18 -44.92 -7.75
CA SER D 56 33.00 -44.47 -7.05
C SER D 56 33.44 -43.38 -6.08
N ASN D 57 33.25 -42.13 -6.47
CA ASN D 57 33.70 -41.00 -5.68
C ASN D 57 32.84 -40.84 -4.44
N ILE D 58 33.38 -40.18 -3.44
CA ILE D 58 32.79 -40.16 -2.11
C ILE D 58 32.41 -38.73 -1.77
N LEU D 59 31.19 -38.56 -1.26
CA LEU D 59 30.71 -37.31 -0.72
C LEU D 59 30.50 -37.48 0.77
N MET D 60 31.32 -36.82 1.59
CA MET D 60 31.21 -36.92 3.04
C MET D 60 30.34 -35.79 3.57
N LEU D 61 29.49 -36.12 4.54
CA LEU D 61 28.51 -35.16 5.01
C LEU D 61 28.39 -35.32 6.51
N GLY D 62 28.68 -34.27 7.26
CA GLY D 62 28.43 -34.29 8.68
C GLY D 62 28.81 -32.99 9.33
N PRO D 63 28.38 -32.78 10.57
CA PRO D 63 28.58 -31.49 11.23
C PRO D 63 30.05 -31.18 11.47
N THR D 64 30.33 -29.92 11.79
CA THR D 64 31.69 -29.49 11.98
C THR D 64 32.27 -30.12 13.24
N GLY D 65 33.57 -30.40 13.18
CA GLY D 65 34.27 -31.04 14.26
C GLY D 65 34.09 -32.52 14.35
N CYS D 66 33.28 -33.12 13.48
CA CYS D 66 32.91 -34.52 13.61
C CYS D 66 33.82 -35.44 12.82
N GLY D 67 34.89 -34.91 12.25
CA GLY D 67 35.89 -35.74 11.63
C GLY D 67 35.65 -36.08 10.18
N LYS D 68 35.51 -35.06 9.34
CA LYS D 68 35.52 -35.24 7.89
C LYS D 68 36.92 -35.02 7.34
N THR D 69 37.49 -33.83 7.59
CA THR D 69 38.86 -33.55 7.21
C THR D 69 39.83 -34.43 7.97
N TYR D 70 39.54 -34.66 9.25
CA TYR D 70 40.45 -35.43 10.09
C TYR D 70 40.44 -36.90 9.72
N LEU D 71 39.32 -37.38 9.20
CA LEU D 71 39.27 -38.75 8.72
C LEU D 71 39.98 -38.89 7.37
N ALA D 72 40.10 -37.78 6.64
CA ALA D 72 40.89 -37.78 5.42
C ALA D 72 42.36 -37.56 5.71
N GLN D 73 42.68 -36.74 6.71
CA GLN D 73 44.08 -36.58 7.12
C GLN D 73 44.61 -37.84 7.78
N THR D 74 43.76 -38.58 8.48
CA THR D 74 44.13 -39.90 8.95
C THR D 74 44.32 -40.84 7.79
N LEU D 75 43.41 -40.78 6.81
CA LEU D 75 43.53 -41.61 5.63
C LEU D 75 44.74 -41.25 4.81
N ALA D 76 45.17 -39.98 4.87
CA ALA D 76 46.38 -39.54 4.18
C ALA D 76 47.63 -40.23 4.72
N LYS D 77 47.62 -40.66 5.97
CA LYS D 77 48.80 -41.22 6.60
C LYS D 77 48.96 -42.70 6.34
N MET D 78 48.16 -43.27 5.44
CA MET D 78 48.26 -44.71 5.22
C MET D 78 48.22 -45.09 3.75
N LEU D 79 48.04 -44.13 2.87
CA LEU D 79 47.79 -44.46 1.47
C LEU D 79 49.08 -44.87 0.78
N ASN D 80 48.97 -45.94 -0.01
CA ASN D 80 50.01 -46.29 -0.97
C ASN D 80 49.89 -45.48 -2.25
N VAL D 81 48.84 -44.67 -2.36
CA VAL D 81 48.57 -43.84 -3.54
C VAL D 81 48.82 -42.39 -3.17
N PRO D 82 49.06 -41.54 -4.17
CA PRO D 82 49.19 -40.11 -3.89
C PRO D 82 47.90 -39.51 -3.34
N PHE D 83 48.05 -38.56 -2.45
CA PHE D 83 46.92 -37.91 -1.80
C PHE D 83 47.08 -36.42 -1.90
N ALA D 84 46.00 -35.74 -2.28
CA ALA D 84 46.00 -34.29 -2.39
C ALA D 84 44.78 -33.77 -1.66
N ILE D 85 45.00 -33.04 -0.58
CA ILE D 85 43.93 -32.35 0.10
C ILE D 85 43.79 -30.98 -0.54
N ALA D 86 42.56 -30.53 -0.73
CA ALA D 86 42.30 -29.25 -1.36
C ALA D 86 40.96 -28.70 -0.87
N ASP D 87 40.82 -27.39 -0.94
CA ASP D 87 39.56 -26.74 -0.64
C ASP D 87 38.86 -26.32 -1.92
N ALA D 88 37.54 -26.36 -1.90
CA ALA D 88 36.74 -25.83 -2.98
C ALA D 88 36.44 -24.36 -2.81
N THR D 89 36.67 -23.81 -1.61
CA THR D 89 36.43 -22.40 -1.34
C THR D 89 37.45 -21.49 -2.00
N ALA D 90 38.60 -22.02 -2.41
CA ALA D 90 39.56 -21.30 -3.21
C ALA D 90 39.33 -21.49 -4.70
N LEU D 91 38.57 -22.51 -5.09
CA LEU D 91 38.39 -22.85 -6.48
C LEU D 91 37.39 -21.93 -7.14
N THR D 92 37.65 -21.63 -8.42
CA THR D 92 36.69 -20.94 -9.28
C THR D 92 36.56 -21.72 -10.57
N GLU D 93 35.60 -21.32 -11.39
CA GLU D 93 35.48 -21.89 -12.71
C GLU D 93 36.58 -21.34 -13.60
N ALA D 94 36.87 -22.06 -14.69
CA ALA D 94 37.96 -21.71 -15.59
C ALA D 94 37.68 -20.37 -16.24
N GLY D 95 38.56 -19.43 -16.00
CA GLY D 95 38.30 -18.02 -16.10
C GLY D 95 38.80 -17.35 -14.86
N TYR D 96 37.84 -16.84 -14.10
CA TYR D 96 37.94 -15.89 -12.98
C TYR D 96 39.04 -16.14 -11.96
N VAL D 97 39.45 -15.07 -11.29
CA VAL D 97 40.76 -14.90 -10.64
C VAL D 97 41.21 -16.02 -9.71
N GLY D 98 40.29 -16.74 -9.07
CA GLY D 98 40.69 -17.73 -8.09
C GLY D 98 41.35 -18.98 -8.67
N GLU D 99 41.49 -19.98 -7.81
CA GLU D 99 42.22 -21.19 -8.16
C GLU D 99 41.44 -22.02 -9.17
N ASP D 100 42.16 -22.54 -10.17
CA ASP D 100 41.54 -23.39 -11.18
C ASP D 100 41.32 -24.78 -10.62
N VAL D 101 40.39 -25.53 -11.23
CA VAL D 101 40.09 -26.89 -10.78
C VAL D 101 41.06 -27.91 -11.34
N GLU D 102 42.13 -27.47 -11.98
CA GLU D 102 43.25 -28.34 -12.30
C GLU D 102 44.45 -28.05 -11.42
N ASN D 103 44.36 -27.05 -10.54
CA ASN D 103 45.40 -26.90 -9.54
C ASN D 103 45.23 -27.91 -8.42
N ILE D 104 44.02 -28.46 -8.24
CA ILE D 104 43.85 -29.59 -7.36
C ILE D 104 44.49 -30.83 -7.94
N LEU D 105 44.67 -30.87 -9.26
CA LEU D 105 45.42 -31.94 -9.90
C LEU D 105 46.90 -31.70 -9.75
N LEU D 106 47.32 -30.43 -9.78
CA LEU D 106 48.72 -30.10 -9.54
C LEU D 106 49.14 -30.47 -8.13
N LYS D 107 48.24 -30.33 -7.14
CA LYS D 107 48.52 -30.79 -5.79
C LYS D 107 48.72 -32.29 -5.75
N LEU D 108 48.06 -33.01 -6.65
CA LEU D 108 48.25 -34.45 -6.74
C LEU D 108 49.50 -34.82 -7.54
N ILE D 109 49.83 -34.04 -8.57
CA ILE D 109 51.07 -34.23 -9.30
C ILE D 109 52.26 -33.94 -8.38
N GLN D 110 52.16 -32.89 -7.57
CA GLN D 110 53.19 -32.58 -6.60
C GLN D 110 53.29 -33.63 -5.51
N ALA D 111 52.19 -34.29 -5.16
CA ALA D 111 52.20 -35.35 -4.18
C ALA D 111 52.65 -36.67 -4.75
N ALA D 112 52.80 -36.77 -6.07
CA ALA D 112 53.30 -37.96 -6.71
C ALA D 112 54.73 -37.80 -7.22
N ASP D 113 55.44 -36.77 -6.74
CA ASP D 113 56.79 -36.40 -7.18
C ASP D 113 56.86 -36.20 -8.68
N TYR D 114 55.84 -35.54 -9.23
CA TYR D 114 55.70 -35.20 -10.64
C TYR D 114 55.69 -36.43 -11.53
N ASP D 115 55.20 -37.54 -11.02
CA ASP D 115 55.02 -38.75 -11.82
C ASP D 115 53.53 -38.91 -12.09
N VAL D 116 53.15 -38.78 -13.36
CA VAL D 116 51.75 -38.80 -13.71
C VAL D 116 51.12 -40.18 -13.62
N LYS D 117 51.88 -41.25 -13.81
CA LYS D 117 51.29 -42.58 -13.72
C LYS D 117 50.96 -42.99 -12.30
N ARG D 118 51.62 -42.39 -11.31
CA ARG D 118 51.19 -42.58 -9.94
C ARG D 118 50.07 -41.62 -9.58
N ALA D 119 50.10 -40.42 -10.15
CA ALA D 119 49.06 -39.44 -9.85
C ALA D 119 47.76 -39.78 -10.54
N GLU D 120 47.77 -40.59 -11.59
CA GLU D 120 46.51 -41.09 -12.14
C GLU D 120 45.87 -42.12 -11.23
N THR D 121 46.61 -42.65 -10.27
CA THR D 121 46.09 -43.57 -9.27
C THR D 121 45.82 -42.88 -7.95
N GLY D 122 45.71 -41.56 -7.92
CA GLY D 122 45.68 -40.86 -6.65
C GLY D 122 44.32 -40.67 -6.03
N ILE D 123 44.28 -40.10 -4.83
CA ILE D 123 43.03 -39.72 -4.18
C ILE D 123 43.09 -38.22 -3.90
N ILE D 124 42.13 -37.48 -4.40
CA ILE D 124 42.04 -36.06 -4.09
C ILE D 124 40.91 -35.83 -3.10
N TYR D 125 41.20 -35.08 -2.05
CA TYR D 125 40.20 -34.71 -1.07
C TYR D 125 39.84 -33.25 -1.25
N ILE D 126 38.69 -33.00 -1.85
CA ILE D 126 38.19 -31.64 -2.03
C ILE D 126 37.36 -31.28 -0.82
N ASP D 127 37.93 -30.49 0.09
CA ASP D 127 37.23 -30.13 1.29
C ASP D 127 36.32 -28.93 1.00
N GLN D 128 35.22 -28.85 1.76
CA GLN D 128 34.23 -27.78 1.70
C GLN D 128 33.55 -27.67 0.33
N VAL D 129 32.86 -28.74 -0.07
CA VAL D 129 32.04 -28.67 -1.29
C VAL D 129 30.61 -28.30 -0.97
N ASP D 130 30.31 -28.10 0.31
CA ASP D 130 29.03 -27.50 0.66
C ASP D 130 29.04 -25.99 0.49
N LYS D 131 30.21 -25.41 0.24
CA LYS D 131 30.42 -23.98 0.23
C LYS D 131 30.85 -23.51 -1.16
N ILE D 132 30.65 -24.38 -2.14
CA ILE D 132 30.46 -24.04 -3.54
C ILE D 132 29.01 -24.23 -3.95
N ALA D 133 28.11 -24.09 -2.99
CA ALA D 133 26.69 -24.35 -3.24
C ALA D 133 26.02 -23.14 -3.87
N ARG D 134 25.06 -23.41 -4.76
CA ARG D 134 24.26 -22.37 -5.38
C ARG D 134 22.97 -22.17 -4.57
N LYS D 135 22.00 -21.47 -5.16
CA LYS D 135 20.71 -21.18 -4.54
C LYS D 135 19.90 -22.45 -4.23
N ARG D 143 25.83 -14.89 -13.25
CA ARG D 143 25.82 -16.13 -12.49
C ARG D 143 26.96 -16.17 -11.47
N ASP D 144 26.90 -17.15 -10.57
CA ASP D 144 27.92 -17.33 -9.54
C ASP D 144 29.09 -18.11 -10.15
N VAL D 145 30.29 -17.59 -9.96
CA VAL D 145 31.48 -18.15 -10.61
C VAL D 145 32.40 -18.87 -9.63
N SER D 146 32.09 -18.84 -8.34
CA SER D 146 32.87 -19.56 -7.35
C SER D 146 32.01 -20.50 -6.54
N GLY D 147 30.70 -20.50 -6.77
CA GLY D 147 29.80 -21.34 -6.01
C GLY D 147 28.64 -21.82 -6.85
N GLU D 148 28.75 -21.69 -8.17
CA GLU D 148 27.87 -22.42 -9.07
C GLU D 148 28.71 -23.04 -10.18
N GLY D 149 29.76 -22.32 -10.59
CA GLY D 149 30.59 -22.75 -11.70
C GLY D 149 31.72 -23.66 -11.29
N VAL D 150 31.90 -23.90 -9.99
CA VAL D 150 32.90 -24.87 -9.55
C VAL D 150 32.36 -26.29 -9.68
N GLN D 151 31.05 -26.47 -9.45
CA GLN D 151 30.36 -27.70 -9.86
C GLN D 151 30.56 -27.97 -11.34
N GLN D 152 30.43 -26.94 -12.16
CA GLN D 152 30.50 -27.09 -13.61
C GLN D 152 31.92 -27.40 -14.07
N ALA D 153 32.90 -27.03 -13.26
CA ALA D 153 34.29 -27.24 -13.64
C ALA D 153 34.87 -28.50 -13.01
N LEU D 154 34.42 -28.88 -11.82
CA LEU D 154 34.88 -30.11 -11.21
C LEU D 154 34.32 -31.36 -11.88
N LEU D 155 33.21 -31.22 -12.60
CA LEU D 155 32.48 -32.41 -13.03
C LEU D 155 33.20 -33.15 -14.13
N LYS D 156 33.98 -32.45 -14.96
CA LYS D 156 34.84 -33.12 -15.92
C LYS D 156 35.99 -33.83 -15.21
N ILE D 157 36.41 -33.29 -14.06
CA ILE D 157 37.50 -33.86 -13.31
C ILE D 157 37.02 -35.05 -12.51
N LEU D 158 35.80 -34.96 -11.97
CA LEU D 158 35.26 -36.02 -11.13
C LEU D 158 34.85 -37.24 -11.93
N GLU D 159 34.64 -37.10 -13.24
CA GLU D 159 34.27 -38.24 -14.05
C GLU D 159 35.46 -38.86 -14.76
N GLY D 160 36.52 -38.11 -14.96
CA GLY D 160 37.62 -38.58 -15.78
C GLY D 160 37.80 -37.77 -17.05
N THR D 161 38.89 -37.03 -17.13
CA THR D 161 39.21 -36.32 -18.36
C THR D 161 40.72 -36.25 -18.48
N GLN D 162 41.18 -35.99 -19.71
CA GLN D 162 42.59 -35.79 -19.98
C GLN D 162 42.90 -34.32 -19.71
N ALA D 163 42.99 -33.99 -18.43
CA ALA D 163 43.22 -32.62 -18.04
C ALA D 163 44.69 -32.26 -18.12
N SER D 164 44.96 -30.96 -18.22
CA SER D 164 46.31 -30.44 -18.29
C SER D 164 46.43 -29.30 -17.29
N VAL D 165 47.45 -29.37 -16.44
CA VAL D 165 47.52 -28.44 -15.32
C VAL D 165 48.11 -27.11 -15.82
N PRO D 166 47.50 -25.98 -15.50
CA PRO D 166 47.79 -24.76 -16.25
C PRO D 166 49.08 -24.08 -15.81
N PRO D 167 49.44 -24.02 -14.51
CA PRO D 167 50.84 -23.70 -14.23
C PRO D 167 51.68 -24.95 -14.05
N GLN D 168 53.01 -24.76 -14.17
CA GLN D 168 54.04 -25.69 -13.72
C GLN D 168 53.94 -27.09 -14.32
N GLY D 169 54.13 -27.19 -15.64
CA GLY D 169 54.27 -28.49 -16.25
C GLY D 169 55.72 -28.92 -16.33
N GLY D 170 56.14 -29.75 -15.38
CA GLY D 170 57.50 -30.23 -15.34
C GLY D 170 58.53 -29.21 -14.88
N ARG D 171 58.31 -28.60 -13.72
CA ARG D 171 59.17 -27.59 -13.09
C ARG D 171 59.43 -26.39 -13.98
N LYS D 172 58.38 -25.91 -14.67
CA LYS D 172 58.35 -24.64 -15.38
C LYS D 172 59.41 -24.56 -16.49
N HIS D 173 59.23 -25.33 -17.56
CA HIS D 173 59.93 -25.01 -18.78
C HIS D 173 59.08 -24.04 -19.58
N PRO D 174 59.68 -23.02 -20.20
CA PRO D 174 58.89 -22.02 -20.95
C PRO D 174 58.24 -22.55 -22.23
N HIS D 175 58.50 -23.79 -22.62
CA HIS D 175 57.69 -24.51 -23.61
C HIS D 175 57.04 -25.68 -22.89
N GLN D 176 55.76 -25.93 -23.20
CA GLN D 176 54.93 -26.98 -22.61
C GLN D 176 54.86 -26.82 -21.09
N GLU D 177 54.18 -25.77 -20.64
CA GLU D 177 53.86 -25.59 -19.23
C GLU D 177 52.73 -26.49 -18.74
N PHE D 178 52.23 -27.41 -19.58
CA PHE D 178 51.10 -28.27 -19.21
C PHE D 178 51.64 -29.70 -19.20
N ILE D 179 51.18 -30.51 -18.26
CA ILE D 179 51.36 -31.97 -18.36
C ILE D 179 50.00 -32.63 -18.22
N GLN D 180 49.82 -33.74 -18.94
CA GLN D 180 48.54 -34.42 -18.97
C GLN D 180 48.34 -35.24 -17.72
N ILE D 181 47.09 -35.38 -17.31
CA ILE D 181 46.72 -36.30 -16.24
C ILE D 181 45.33 -36.85 -16.56
N ASP D 182 45.18 -38.16 -16.43
CA ASP D 182 43.90 -38.82 -16.59
C ASP D 182 43.27 -38.94 -15.21
N THR D 183 42.15 -38.26 -15.00
CA THR D 183 41.47 -38.31 -13.73
C THR D 183 40.39 -39.39 -13.69
N THR D 184 40.49 -40.38 -14.57
CA THR D 184 39.51 -41.45 -14.59
C THR D 184 39.66 -42.35 -13.38
N ASN D 185 40.90 -42.64 -12.99
CA ASN D 185 41.15 -43.54 -11.86
C ASN D 185 41.55 -42.77 -10.62
N VAL D 186 41.43 -41.46 -10.64
CA VAL D 186 41.74 -40.62 -9.48
C VAL D 186 40.48 -40.57 -8.63
N LEU D 187 40.50 -41.22 -7.48
CA LEU D 187 39.35 -41.21 -6.59
C LEU D 187 39.18 -39.83 -5.97
N PHE D 188 37.94 -39.37 -5.87
CA PHE D 188 37.65 -38.09 -5.23
C PHE D 188 36.79 -38.31 -4.00
N ILE D 189 37.29 -37.88 -2.87
CA ILE D 189 36.52 -37.79 -1.65
C ILE D 189 36.23 -36.33 -1.43
N VAL D 190 34.96 -35.95 -1.39
CA VAL D 190 34.63 -34.56 -1.16
C VAL D 190 33.83 -34.48 0.13
N ALA D 191 33.84 -33.32 0.75
CA ALA D 191 33.24 -33.21 2.07
C ALA D 191 32.75 -31.80 2.32
N GLY D 192 31.99 -31.67 3.39
CA GLY D 192 31.40 -30.43 3.82
C GLY D 192 30.37 -30.69 4.88
N ALA D 193 30.01 -29.63 5.61
CA ALA D 193 29.02 -29.78 6.67
C ALA D 193 27.65 -30.03 6.11
N PHE D 194 27.29 -29.30 5.04
CA PHE D 194 25.94 -29.21 4.51
C PHE D 194 24.96 -28.85 5.63
N ALA D 195 25.15 -27.65 6.18
CA ALA D 195 24.54 -27.30 7.46
C ALA D 195 23.05 -27.10 7.34
N GLY D 196 22.59 -26.48 6.25
CA GLY D 196 21.16 -26.37 6.03
C GLY D 196 20.50 -27.60 5.44
N LEU D 197 21.26 -28.67 5.21
CA LEU D 197 20.72 -29.83 4.52
C LEU D 197 19.88 -30.71 5.44
N GLU D 198 20.21 -30.73 6.74
CA GLU D 198 19.41 -31.52 7.67
C GLU D 198 18.03 -30.91 7.90
N LYS D 199 17.83 -29.64 7.54
CA LYS D 199 16.50 -29.07 7.48
C LYS D 199 15.79 -29.42 6.18
N ILE D 200 16.56 -29.82 5.16
CA ILE D 200 15.99 -30.18 3.87
C ILE D 200 15.61 -31.65 3.84
N ILE D 201 16.48 -32.50 4.37
CA ILE D 201 16.21 -33.94 4.50
C ILE D 201 15.00 -34.19 5.39
N TYR D 202 14.86 -33.38 6.45
CA TYR D 202 13.75 -33.53 7.38
C TYR D 202 12.39 -33.19 6.73
N GLU D 203 12.39 -32.45 5.63
CA GLU D 203 11.15 -32.21 4.90
C GLU D 203 10.66 -33.47 4.21
N ARG D 204 11.54 -34.41 3.91
CA ARG D 204 11.16 -35.63 3.21
C ARG D 204 11.00 -36.82 4.15
N VAL D 205 12.07 -37.17 4.87
CA VAL D 205 12.02 -38.38 5.69
C VAL D 205 11.36 -38.08 7.04
N GLY D 206 11.35 -36.81 7.45
CA GLY D 206 10.79 -36.47 8.75
C GLY D 206 9.28 -36.29 8.73
N LYS D 207 8.78 -35.66 7.66
CA LYS D 207 7.37 -35.35 7.45
C LYS D 207 6.84 -34.50 8.60
N ARG D 208 7.30 -33.26 8.67
CA ARG D 208 6.76 -32.31 9.65
C ARG D 208 5.36 -31.91 9.20
N GLY D 209 4.35 -32.63 9.69
CA GLY D 209 2.97 -32.39 9.31
C GLY D 209 2.30 -31.41 10.24
N LEU D 210 1.15 -30.93 9.80
CA LEU D 210 0.41 -29.95 10.57
C LEU D 210 -1.07 -30.23 10.43
N GLY D 211 -1.81 -29.97 11.47
CA GLY D 211 -3.24 -29.88 11.37
C GLY D 211 -3.97 -31.14 11.75
N PHE D 212 -5.27 -31.10 11.50
CA PHE D 212 -6.14 -32.23 11.76
C PHE D 212 -5.83 -33.33 10.77
N GLY D 213 -5.74 -34.57 11.25
CA GLY D 213 -5.26 -35.58 10.34
C GLY D 213 -3.77 -35.81 10.48
N ALA D 214 -3.00 -35.03 9.72
CA ALA D 214 -1.59 -35.28 9.45
C ALA D 214 -0.75 -35.41 10.71
N GLU D 215 0.25 -36.29 10.65
CA GLU D 215 1.06 -36.62 11.81
C GLU D 215 2.02 -35.49 12.13
N VAL D 216 2.02 -35.08 13.39
CA VAL D 216 2.91 -34.03 13.87
C VAL D 216 4.09 -34.71 14.58
N ARG D 217 5.28 -34.15 14.40
CA ARG D 217 6.49 -34.72 14.94
C ARG D 217 7.30 -33.65 15.66
N SER D 218 8.08 -34.07 16.65
CA SER D 218 8.87 -33.15 17.47
C SER D 218 10.15 -32.68 16.78
N HIS D 227 19.31 -37.46 9.04
CA HIS D 227 19.91 -36.14 9.18
C HIS D 227 21.05 -35.98 8.17
N PHE D 228 21.89 -37.01 8.07
CA PHE D 228 22.84 -37.13 6.97
C PHE D 228 22.95 -38.57 6.49
N ALA D 229 22.14 -39.49 6.99
CA ALA D 229 22.20 -40.89 6.60
C ALA D 229 21.13 -41.25 5.58
N ASP D 230 20.13 -40.39 5.40
CA ASP D 230 19.14 -40.55 4.36
C ASP D 230 19.28 -39.35 3.44
N VAL D 231 20.25 -39.41 2.54
CA VAL D 231 20.57 -38.29 1.66
C VAL D 231 20.31 -38.74 0.23
N MET D 232 19.27 -38.19 -0.37
CA MET D 232 18.97 -38.38 -1.77
C MET D 232 19.54 -37.22 -2.56
N PRO D 233 19.78 -37.38 -3.87
CA PRO D 233 20.30 -36.26 -4.66
C PRO D 233 19.36 -35.07 -4.76
N GLU D 234 18.05 -35.29 -4.61
CA GLU D 234 17.11 -34.17 -4.68
C GLU D 234 17.25 -33.26 -3.46
N ASP D 235 17.73 -33.80 -2.34
CA ASP D 235 18.03 -32.95 -1.19
C ASP D 235 19.25 -32.07 -1.45
N LEU D 236 20.24 -32.62 -2.14
CA LEU D 236 21.44 -31.86 -2.48
C LEU D 236 21.18 -30.85 -3.59
N ILE D 237 20.19 -31.09 -4.42
CA ILE D 237 19.75 -30.07 -5.37
C ILE D 237 18.96 -28.98 -4.65
N LYS D 238 18.11 -29.35 -3.68
CA LYS D 238 17.43 -28.36 -2.86
C LYS D 238 18.40 -27.62 -1.94
N PHE D 239 19.51 -28.26 -1.56
CA PHE D 239 20.60 -27.54 -0.91
C PHE D 239 21.28 -26.56 -1.86
N GLY D 240 21.29 -26.89 -3.14
CA GLY D 240 21.89 -26.10 -4.19
C GLY D 240 23.21 -26.73 -4.56
N LEU D 241 23.14 -27.62 -5.53
CA LEU D 241 24.23 -28.35 -6.15
C LEU D 241 23.62 -28.86 -7.44
N ILE D 242 24.36 -28.79 -8.54
CA ILE D 242 23.71 -29.10 -9.82
C ILE D 242 23.53 -30.61 -9.93
N PRO D 243 22.54 -31.10 -10.68
CA PRO D 243 22.27 -32.55 -10.69
C PRO D 243 23.37 -33.37 -11.34
N GLU D 244 24.21 -32.74 -12.16
CA GLU D 244 25.33 -33.44 -12.76
C GLU D 244 26.41 -33.74 -11.73
N PHE D 245 26.59 -32.85 -10.75
CA PHE D 245 27.67 -32.94 -9.75
C PHE D 245 27.43 -34.06 -8.74
N ILE D 246 26.18 -34.38 -8.43
CA ILE D 246 25.88 -35.41 -7.45
C ILE D 246 26.06 -36.79 -8.07
N GLY D 247 25.80 -36.91 -9.37
CA GLY D 247 25.95 -38.19 -10.03
C GLY D 247 27.38 -38.67 -10.12
N ARG D 248 28.33 -37.72 -10.18
CA ARG D 248 29.73 -38.08 -10.08
C ARG D 248 30.15 -38.51 -8.69
N LEU D 249 29.31 -38.29 -7.68
CA LEU D 249 29.61 -38.62 -6.28
C LEU D 249 28.62 -39.67 -5.80
N PRO D 250 28.75 -40.94 -6.20
CA PRO D 250 27.73 -41.93 -5.87
C PRO D 250 27.71 -42.35 -4.42
N VAL D 251 28.82 -42.17 -3.74
CA VAL D 251 28.98 -42.69 -2.39
C VAL D 251 28.82 -41.57 -1.40
N VAL D 252 27.88 -41.75 -0.47
CA VAL D 252 27.64 -40.81 0.63
C VAL D 252 28.19 -41.46 1.90
N ALA D 253 29.09 -40.74 2.58
CA ALA D 253 29.81 -41.36 3.69
C ALA D 253 29.07 -41.20 5.02
N SER D 254 28.24 -40.16 5.14
CA SER D 254 27.35 -39.91 6.28
C SER D 254 28.09 -39.79 7.61
N VAL D 255 28.88 -38.74 7.76
CA VAL D 255 29.53 -38.40 9.02
C VAL D 255 28.46 -37.98 10.03
N THR D 256 28.54 -38.51 11.24
CA THR D 256 27.48 -38.29 12.20
C THR D 256 27.90 -37.27 13.27
N ASN D 257 26.90 -36.71 13.92
CA ASN D 257 27.11 -35.84 15.07
C ASN D 257 27.62 -36.67 16.24
N LEU D 258 28.62 -36.13 16.93
CA LEU D 258 29.27 -36.84 18.03
C LEU D 258 28.49 -36.64 19.31
N ASP D 259 28.15 -37.72 19.99
CA ASP D 259 27.49 -37.62 21.27
C ASP D 259 28.52 -37.41 22.38
N LYS D 260 28.03 -37.41 23.63
CA LYS D 260 28.90 -37.23 24.78
C LYS D 260 29.87 -38.40 24.90
N GLU D 261 29.40 -39.60 24.61
CA GLU D 261 30.20 -40.80 24.86
C GLU D 261 31.32 -40.95 23.84
N SER D 262 31.17 -40.37 22.65
CA SER D 262 32.28 -40.33 21.72
C SER D 262 33.25 -39.22 22.05
N LEU D 263 32.75 -38.05 22.47
CA LEU D 263 33.62 -36.92 22.78
C LEU D 263 34.48 -37.16 24.01
N VAL D 264 34.03 -38.01 24.93
CA VAL D 264 34.89 -38.44 26.03
C VAL D 264 36.07 -39.23 25.49
N LYS D 265 35.81 -40.09 24.51
CA LYS D 265 36.88 -40.89 23.94
C LYS D 265 37.79 -40.08 23.04
N ILE D 266 37.27 -39.06 22.37
CA ILE D 266 38.09 -38.20 21.51
C ILE D 266 39.08 -37.40 22.35
N LEU D 267 38.76 -37.16 23.62
CA LEU D 267 39.71 -36.52 24.52
C LEU D 267 40.93 -37.38 24.79
N SER D 268 40.74 -38.70 24.92
CA SER D 268 41.79 -39.53 25.48
C SER D 268 42.20 -40.71 24.62
N GLU D 269 41.31 -41.27 23.79
CA GLU D 269 41.64 -42.51 23.09
C GLU D 269 42.57 -42.36 21.89
N PRO D 270 42.38 -41.35 20.94
CA PRO D 270 43.23 -41.35 19.73
C PRO D 270 44.72 -41.17 19.92
N LYS D 271 45.48 -41.28 18.82
CA LYS D 271 46.92 -41.16 18.92
C LYS D 271 47.33 -39.72 19.22
N ASN D 272 46.84 -38.77 18.44
CA ASN D 272 47.04 -37.37 18.77
C ASN D 272 45.81 -36.87 19.49
N ALA D 273 45.43 -37.52 20.60
CA ALA D 273 44.23 -37.17 21.34
C ALA D 273 44.37 -35.79 21.95
N LEU D 274 43.24 -35.26 22.40
CA LEU D 274 43.24 -33.88 22.86
C LEU D 274 43.90 -33.75 24.22
N VAL D 275 43.59 -34.62 25.18
CA VAL D 275 44.26 -34.47 26.46
C VAL D 275 45.69 -35.00 26.39
N LYS D 276 46.04 -35.78 25.38
CA LYS D 276 47.42 -36.21 25.23
C LYS D 276 48.32 -35.05 24.80
N GLN D 277 47.77 -34.09 24.07
CA GLN D 277 48.57 -32.96 23.63
C GLN D 277 48.46 -31.77 24.56
N TYR D 278 47.68 -31.87 25.63
CA TYR D 278 47.81 -30.94 26.74
C TYR D 278 48.76 -31.45 27.81
N ILE D 279 48.76 -32.75 28.12
CA ILE D 279 49.76 -33.27 29.04
C ILE D 279 51.15 -33.19 28.42
N ARG D 280 51.24 -33.14 27.08
CA ARG D 280 52.50 -32.83 26.42
C ARG D 280 52.90 -31.38 26.68
N LEU D 281 51.93 -30.46 26.70
CA LEU D 281 52.23 -29.05 26.94
C LEU D 281 52.68 -28.81 28.37
N PHE D 282 52.11 -29.52 29.33
CA PHE D 282 52.52 -29.35 30.71
C PHE D 282 53.78 -30.12 31.05
N GLU D 283 54.12 -31.15 30.27
CA GLU D 283 55.43 -31.78 30.43
C GLU D 283 56.55 -30.88 29.97
N MET D 284 56.28 -29.92 29.08
CA MET D 284 57.27 -28.90 28.78
C MET D 284 57.46 -27.92 29.94
N ASP D 285 56.53 -27.88 30.88
CA ASP D 285 56.76 -27.21 32.15
C ASP D 285 57.20 -28.17 33.24
N GLY D 286 57.42 -29.43 32.91
CA GLY D 286 57.78 -30.42 33.91
C GLY D 286 56.65 -30.76 34.85
N VAL D 287 55.41 -30.66 34.39
CA VAL D 287 54.24 -30.82 35.23
C VAL D 287 53.38 -31.94 34.66
N GLU D 288 53.05 -32.92 35.50
CA GLU D 288 52.26 -34.07 35.06
C GLU D 288 50.80 -33.69 35.17
N LEU D 289 50.19 -33.33 34.05
CA LEU D 289 48.76 -33.02 34.04
C LEU D 289 47.95 -34.30 34.10
N GLU D 290 46.95 -34.32 34.97
CA GLU D 290 46.07 -35.48 35.09
C GLU D 290 44.63 -35.02 34.97
N PHE D 291 43.77 -35.98 34.66
CA PHE D 291 42.33 -35.73 34.58
C PHE D 291 41.64 -36.85 35.32
N THR D 292 40.70 -36.49 36.17
CA THR D 292 39.76 -37.49 36.63
C THR D 292 38.82 -37.84 35.49
N ASP D 293 38.27 -39.06 35.52
CA ASP D 293 37.35 -39.47 34.47
C ASP D 293 36.06 -38.69 34.51
N ASP D 294 35.69 -38.17 35.69
CA ASP D 294 34.54 -37.30 35.77
C ASP D 294 34.81 -35.93 35.16
N ALA D 295 36.08 -35.53 35.10
CA ALA D 295 36.40 -34.26 34.47
C ALA D 295 36.34 -34.38 32.96
N LEU D 296 36.73 -35.53 32.42
CA LEU D 296 36.66 -35.73 30.98
C LEU D 296 35.22 -35.82 30.50
N GLU D 297 34.33 -36.35 31.35
CA GLU D 297 32.92 -36.30 31.04
C GLU D 297 32.39 -34.88 31.11
N ALA D 298 32.87 -34.09 32.08
CA ALA D 298 32.40 -32.72 32.24
C ALA D 298 32.89 -31.81 31.12
N ILE D 299 34.05 -32.13 30.53
CA ILE D 299 34.50 -31.41 29.35
C ILE D 299 33.61 -31.74 28.17
N ALA D 300 33.27 -33.01 28.00
CA ALA D 300 32.46 -33.42 26.86
C ALA D 300 30.98 -33.08 27.07
N ASP D 301 30.56 -32.86 28.32
CA ASP D 301 29.22 -32.32 28.56
C ASP D 301 29.11 -30.91 28.02
N GLN D 302 30.18 -30.12 28.13
CA GLN D 302 30.17 -28.72 27.73
C GLN D 302 30.64 -28.53 26.30
N ALA D 303 30.92 -29.61 25.59
CA ALA D 303 31.31 -29.55 24.20
C ALA D 303 30.18 -29.88 23.24
N ILE D 304 29.23 -30.72 23.64
CA ILE D 304 28.05 -30.95 22.81
C ILE D 304 27.12 -29.75 22.90
N HIS D 305 27.19 -28.99 23.99
CA HIS D 305 26.46 -27.73 24.07
C HIS D 305 27.22 -26.62 23.34
N ARG D 306 28.53 -26.77 23.21
CA ARG D 306 29.35 -25.84 22.44
C ARG D 306 29.00 -25.90 20.96
N GLY D 307 28.54 -27.05 20.48
CA GLY D 307 27.92 -27.15 19.18
C GLY D 307 28.85 -27.13 17.99
N THR D 308 30.15 -27.34 18.20
CA THR D 308 31.09 -27.34 17.09
C THR D 308 31.85 -28.66 17.00
N GLY D 309 31.28 -29.74 17.53
CA GLY D 309 31.86 -31.06 17.41
C GLY D 309 33.01 -31.25 18.36
N ALA D 310 34.03 -31.97 17.89
CA ALA D 310 35.23 -32.18 18.69
C ALA D 310 36.16 -30.98 18.65
N ARG D 311 35.87 -30.01 17.78
CA ARG D 311 36.60 -28.75 17.83
C ARG D 311 36.16 -27.90 19.02
N GLY D 312 35.03 -28.25 19.63
CA GLY D 312 34.59 -27.56 20.82
C GLY D 312 35.11 -28.21 22.10
N LEU D 313 35.67 -29.41 21.97
CA LEU D 313 36.40 -30.00 23.09
C LEU D 313 37.64 -29.20 23.42
N ARG D 314 38.27 -28.61 22.40
CA ARG D 314 39.40 -27.75 22.65
C ARG D 314 38.97 -26.44 23.28
N ALA D 315 37.82 -25.92 22.87
CA ALA D 315 37.33 -24.64 23.39
C ALA D 315 37.00 -24.70 24.86
N ILE D 316 36.64 -25.89 25.37
CA ILE D 316 36.45 -26.07 26.79
C ILE D 316 37.80 -26.17 27.50
N MET D 317 38.70 -26.97 26.96
CA MET D 317 39.97 -27.21 27.64
C MET D 317 40.94 -26.07 27.52
N GLU D 318 40.70 -25.11 26.62
CA GLU D 318 41.52 -23.92 26.64
C GLU D 318 41.09 -22.94 27.72
N GLU D 319 39.82 -22.97 28.12
CA GLU D 319 39.36 -22.08 29.18
C GLU D 319 39.27 -22.77 30.54
N VAL D 320 39.27 -24.09 30.57
CA VAL D 320 39.50 -24.79 31.83
C VAL D 320 40.95 -24.61 32.27
N LEU D 321 41.88 -24.66 31.32
CA LEU D 321 43.30 -24.63 31.62
C LEU D 321 43.93 -23.26 31.46
N LEU D 322 43.15 -22.23 31.09
CA LEU D 322 43.70 -20.89 30.97
C LEU D 322 44.26 -20.31 32.27
N PRO D 323 43.61 -20.39 33.44
CA PRO D 323 44.32 -19.95 34.65
C PRO D 323 45.41 -20.89 35.08
N VAL D 324 45.34 -22.16 34.67
CA VAL D 324 46.39 -23.12 34.95
C VAL D 324 47.61 -22.86 34.10
N MET D 325 47.44 -22.73 32.79
CA MET D 325 48.57 -22.48 31.90
C MET D 325 49.25 -21.15 32.11
N TYR D 326 48.64 -20.22 32.85
CA TYR D 326 49.30 -18.96 33.13
C TYR D 326 50.27 -19.07 34.31
N ASP D 327 49.86 -19.67 35.42
CA ASP D 327 50.68 -19.60 36.62
C ASP D 327 51.59 -20.80 36.80
N ILE D 328 51.24 -21.96 36.26
CA ILE D 328 52.03 -23.19 36.41
C ILE D 328 53.42 -23.08 35.78
N PRO D 329 53.66 -22.49 34.60
CA PRO D 329 55.05 -22.27 34.19
C PRO D 329 55.80 -21.22 34.98
N SER D 330 55.14 -20.50 35.88
CA SER D 330 55.83 -19.60 36.79
C SER D 330 56.05 -20.21 38.16
N ARG D 331 55.81 -21.51 38.30
CA ARG D 331 55.89 -22.18 39.58
C ARG D 331 56.75 -23.42 39.48
N ASP D 332 57.06 -23.99 40.64
CA ASP D 332 57.67 -25.31 40.71
C ASP D 332 56.63 -26.30 41.20
N ASP D 333 56.11 -27.11 40.28
CA ASP D 333 55.14 -28.15 40.57
C ASP D 333 55.56 -29.41 39.82
N VAL D 334 54.95 -30.53 40.21
CA VAL D 334 55.14 -31.77 39.47
C VAL D 334 53.85 -32.40 38.98
N ALA D 335 52.70 -32.16 39.61
CA ALA D 335 51.48 -32.81 39.18
C ALA D 335 50.33 -31.83 39.28
N LYS D 336 49.52 -31.78 38.24
CA LYS D 336 48.32 -30.95 38.19
C LYS D 336 47.12 -31.82 37.84
N VAL D 337 46.08 -31.77 38.66
CA VAL D 337 44.94 -32.66 38.51
C VAL D 337 43.71 -31.82 38.19
N VAL D 338 43.20 -31.96 36.99
CA VAL D 338 41.95 -31.29 36.63
C VAL D 338 40.82 -32.17 37.10
N VAL D 339 40.18 -31.78 38.20
CA VAL D 339 39.05 -32.53 38.74
C VAL D 339 37.80 -32.08 38.02
N THR D 340 36.68 -32.79 38.22
CA THR D 340 35.43 -32.38 37.58
C THR D 340 34.88 -31.09 38.15
N LYS D 341 35.34 -30.70 39.33
CA LYS D 341 34.88 -29.45 39.91
C LYS D 341 35.54 -28.25 39.25
N GLU D 342 36.67 -28.45 38.57
CA GLU D 342 37.33 -27.39 37.81
C GLU D 342 36.68 -27.13 36.47
N THR D 343 35.85 -28.05 35.97
CA THR D 343 35.31 -27.91 34.63
C THR D 343 33.90 -27.35 34.64
N VAL D 344 33.05 -27.82 35.56
CA VAL D 344 31.64 -27.40 35.57
C VAL D 344 31.52 -25.95 36.01
N GLN D 345 32.37 -25.52 36.95
CA GLN D 345 32.61 -24.12 37.23
C GLN D 345 34.11 -23.94 37.44
N ASP D 346 34.59 -22.71 37.32
CA ASP D 346 36.01 -22.48 37.46
C ASP D 346 36.42 -22.63 38.92
N ASN D 347 37.36 -23.54 39.17
CA ASN D 347 37.72 -23.91 40.52
C ASN D 347 39.23 -23.81 40.67
N VAL D 348 39.67 -23.75 41.92
CA VAL D 348 41.05 -23.54 42.31
C VAL D 348 41.90 -24.75 41.97
N LEU D 349 43.19 -24.63 42.18
CA LEU D 349 44.15 -25.59 41.64
C LEU D 349 44.65 -26.51 42.74
N PRO D 350 44.68 -27.83 42.53
CA PRO D 350 45.20 -28.71 43.59
C PRO D 350 46.71 -28.64 43.75
N THR D 351 47.46 -28.72 42.64
CA THR D 351 48.90 -28.47 42.55
C THR D 351 49.74 -29.25 43.55
N ILE D 352 49.87 -30.56 43.33
CA ILE D 352 50.78 -31.41 44.09
C ILE D 352 52.18 -30.82 43.98
N VAL D 353 52.74 -30.40 45.10
CA VAL D 353 54.05 -29.75 45.15
C VAL D 353 55.12 -30.81 44.92
N PRO D 354 56.33 -30.45 44.48
CA PRO D 354 57.38 -31.47 44.29
C PRO D 354 57.82 -32.09 45.60
N ARG D 355 58.29 -33.33 45.49
CA ARG D 355 58.50 -34.20 46.64
C ARG D 355 59.38 -35.38 46.25
N GLU E 1 64.89 -21.72 26.25
CA GLU E 1 64.07 -20.98 27.21
C GLU E 1 63.13 -20.03 26.50
N LEU E 2 61.84 -20.18 26.81
CA LEU E 2 60.76 -19.43 26.18
C LEU E 2 60.25 -18.35 27.12
N PRO E 3 59.69 -17.26 26.58
CA PRO E 3 59.06 -16.27 27.45
C PRO E 3 57.79 -16.83 28.07
N LYS E 4 57.79 -16.91 29.40
CA LYS E 4 56.68 -17.46 30.16
C LYS E 4 55.46 -16.55 30.03
N PRO E 5 54.24 -17.07 30.29
CA PRO E 5 53.06 -16.21 30.19
C PRO E 5 53.03 -15.08 31.20
N ALA E 6 53.67 -15.24 32.34
CA ALA E 6 53.81 -14.11 33.24
C ALA E 6 54.75 -13.07 32.66
N GLU E 7 55.71 -13.50 31.83
CA GLU E 7 56.65 -12.56 31.23
C GLU E 7 56.06 -11.91 29.99
N ILE E 8 55.18 -12.63 29.28
CA ILE E 8 54.51 -12.03 28.13
C ILE E 8 53.49 -11.00 28.59
N ARG E 9 52.70 -11.35 29.62
CA ARG E 9 51.72 -10.43 30.18
C ARG E 9 52.39 -9.23 30.82
N GLU E 10 53.57 -9.40 31.39
CA GLU E 10 54.29 -8.26 31.96
C GLU E 10 54.77 -7.34 30.87
N PHE E 11 55.11 -7.89 29.71
CA PHE E 11 55.42 -7.05 28.56
C PHE E 11 54.18 -6.33 28.06
N LEU E 12 53.04 -7.02 28.06
CA LEU E 12 51.79 -6.41 27.66
C LEU E 12 51.33 -5.38 28.67
N GLU E 13 51.66 -5.56 29.95
CA GLU E 13 51.33 -4.54 30.96
C GLU E 13 52.15 -3.27 30.76
N GLY E 14 53.31 -3.38 30.13
CA GLY E 14 54.11 -2.21 29.84
C GLY E 14 53.51 -1.28 28.84
N TYR E 15 52.60 -1.76 28.00
CA TYR E 15 51.96 -0.93 27.00
C TYR E 15 50.45 -0.90 27.10
N VAL E 16 49.81 -1.99 27.48
CA VAL E 16 48.36 -2.07 27.51
C VAL E 16 47.90 -1.95 28.95
N ILE E 17 46.92 -1.10 29.17
CA ILE E 17 46.37 -0.88 30.51
C ILE E 17 45.01 -1.56 30.58
N GLY E 18 44.82 -2.36 31.62
CA GLY E 18 43.54 -3.01 31.84
C GLY E 18 43.47 -4.22 30.95
N GLN E 19 42.28 -4.83 30.85
CA GLN E 19 42.03 -5.97 29.96
C GLN E 19 42.95 -7.15 30.30
N ASP E 20 43.03 -7.45 31.60
CA ASP E 20 43.99 -8.42 32.10
C ASP E 20 43.61 -9.84 31.74
N THR E 21 42.33 -10.08 31.47
CA THR E 21 41.92 -11.40 31.00
C THR E 21 42.42 -11.65 29.58
N ALA E 22 42.29 -10.65 28.70
CA ALA E 22 42.80 -10.81 27.34
C ALA E 22 44.32 -10.80 27.29
N LYS E 23 44.98 -10.12 28.23
CA LYS E 23 46.42 -10.25 28.37
C LYS E 23 46.80 -11.68 28.73
N ARG E 24 46.15 -12.21 29.77
CA ARG E 24 46.43 -13.57 30.24
C ARG E 24 46.08 -14.61 29.19
N THR E 25 45.05 -14.33 28.39
CA THR E 25 44.69 -15.24 27.31
C THR E 25 45.73 -15.23 26.21
N LEU E 26 46.16 -14.05 25.78
CA LEU E 26 47.16 -13.97 24.73
C LEU E 26 48.54 -14.37 25.22
N ALA E 27 48.82 -14.22 26.51
CA ALA E 27 50.13 -14.64 27.01
C ALA E 27 50.22 -16.16 27.06
N VAL E 28 49.13 -16.81 27.46
CA VAL E 28 49.07 -18.27 27.46
C VAL E 28 49.14 -18.80 26.04
N ALA E 29 48.39 -18.17 25.13
CA ALA E 29 48.24 -18.74 23.80
C ALA E 29 49.49 -18.56 22.97
N VAL E 30 50.24 -17.48 23.21
CA VAL E 30 51.52 -17.31 22.54
C VAL E 30 52.57 -18.23 23.13
N TYR E 31 52.52 -18.45 24.45
CA TYR E 31 53.41 -19.41 25.08
C TYR E 31 53.12 -20.83 24.63
N ASN E 32 51.83 -21.16 24.45
CA ASN E 32 51.49 -22.44 23.86
C ASN E 32 51.87 -22.48 22.39
N HIS E 33 51.86 -21.34 21.72
CA HIS E 33 52.35 -21.30 20.36
C HIS E 33 53.85 -21.49 20.32
N TYR E 34 54.58 -20.90 21.27
CA TYR E 34 56.02 -21.09 21.34
C TYR E 34 56.38 -22.54 21.64
N LYS E 35 55.60 -23.20 22.51
CA LYS E 35 55.91 -24.57 22.87
C LYS E 35 55.64 -25.54 21.74
N ARG E 36 54.73 -25.21 20.84
CA ARG E 36 54.51 -26.09 19.70
C ARG E 36 55.55 -25.90 18.62
N ILE E 37 56.14 -24.71 18.54
CA ILE E 37 57.24 -24.53 17.60
C ILE E 37 58.50 -25.19 18.14
N GLN E 38 58.69 -25.16 19.46
CA GLN E 38 59.76 -25.93 20.07
C GLN E 38 59.51 -27.42 19.93
N ALA E 39 58.24 -27.83 19.96
CA ALA E 39 57.91 -29.22 19.66
C ALA E 39 57.95 -29.52 18.17
N GLY E 40 58.15 -28.50 17.32
CA GLY E 40 58.42 -28.77 15.92
C GLY E 40 59.77 -29.41 15.69
N GLU E 41 60.71 -29.19 16.61
CA GLU E 41 61.95 -29.94 16.65
C GLU E 41 61.83 -31.22 17.48
N LYS E 42 60.65 -31.46 18.07
CA LYS E 42 60.26 -32.65 18.87
C LYS E 42 61.31 -33.07 19.90
N GLY E 43 61.88 -32.08 20.59
CA GLY E 43 62.58 -32.37 21.83
C GLY E 43 61.57 -32.82 22.85
N ARG E 44 61.93 -33.83 23.66
CA ARG E 44 61.16 -34.48 24.73
C ARG E 44 60.03 -35.36 24.18
N ASP E 45 59.77 -35.29 22.88
CA ASP E 45 58.84 -36.19 22.22
C ASP E 45 59.46 -37.54 21.93
N SER E 46 60.80 -37.63 21.89
CA SER E 46 61.51 -38.87 21.69
C SER E 46 61.67 -39.67 22.98
N ARG E 47 61.07 -39.21 24.09
CA ARG E 47 61.03 -39.99 25.32
C ARG E 47 59.60 -40.40 25.67
N CYS E 48 58.64 -40.09 24.80
CA CYS E 48 57.26 -40.50 24.99
C CYS E 48 56.73 -40.98 23.64
N GLU E 49 55.44 -41.31 23.62
CA GLU E 49 54.82 -41.62 22.34
C GLU E 49 54.66 -40.33 21.53
N PRO E 50 54.75 -40.42 20.21
CA PRO E 50 54.70 -39.20 19.39
C PRO E 50 53.33 -38.57 19.40
N VAL E 51 53.28 -37.33 19.89
CA VAL E 51 52.06 -36.56 19.94
C VAL E 51 52.21 -35.32 19.08
N GLU E 52 51.39 -35.20 18.05
CA GLU E 52 51.36 -33.96 17.28
C GLU E 52 50.52 -32.94 18.03
N LEU E 53 50.98 -31.70 18.07
CA LEU E 53 50.35 -30.64 18.84
C LEU E 53 49.64 -29.68 17.91
N THR E 54 48.35 -29.51 18.11
CA THR E 54 47.53 -28.68 17.25
C THR E 54 47.23 -27.37 17.97
N LYS E 55 47.19 -26.28 17.21
CA LYS E 55 47.04 -24.94 17.73
C LYS E 55 45.65 -24.69 18.30
N SER E 56 45.53 -23.56 18.98
CA SER E 56 44.26 -23.08 19.53
C SER E 56 44.14 -21.62 19.11
N ASN E 57 43.38 -21.37 18.04
CA ASN E 57 43.22 -20.01 17.54
C ASN E 57 42.37 -19.18 18.51
N ILE E 58 42.44 -17.86 18.36
CA ILE E 58 41.89 -16.93 19.34
C ILE E 58 40.87 -16.05 18.63
N LEU E 59 39.69 -15.92 19.21
CA LEU E 59 38.71 -14.91 18.82
C LEU E 59 38.65 -13.85 19.90
N MET E 60 39.08 -12.63 19.58
CA MET E 60 39.01 -11.55 20.55
C MET E 60 37.75 -10.73 20.35
N LEU E 61 37.06 -10.47 21.44
CA LEU E 61 35.78 -9.76 21.43
C LEU E 61 35.93 -8.49 22.25
N GLY E 62 35.15 -7.47 21.90
CA GLY E 62 35.07 -6.29 22.73
C GLY E 62 34.91 -5.02 21.94
N PRO E 63 34.53 -3.93 22.63
CA PRO E 63 34.10 -2.71 21.93
C PRO E 63 35.26 -1.99 21.27
N THR E 64 34.91 -0.97 20.49
CA THR E 64 35.89 -0.26 19.68
C THR E 64 36.80 0.58 20.56
N GLY E 65 38.08 0.64 20.19
CA GLY E 65 39.05 1.44 20.89
C GLY E 65 39.39 0.95 22.28
N CYS E 66 39.20 -0.33 22.57
CA CYS E 66 39.40 -0.87 23.90
C CYS E 66 40.68 -1.68 24.02
N GLY E 67 41.49 -1.76 22.97
CA GLY E 67 42.80 -2.34 23.05
C GLY E 67 42.97 -3.71 22.44
N LYS E 68 41.98 -4.20 21.72
CA LYS E 68 42.06 -5.54 21.15
C LYS E 68 42.92 -5.60 19.90
N THR E 69 43.17 -4.47 19.24
CA THR E 69 44.19 -4.42 18.20
C THR E 69 45.50 -3.85 18.69
N TYR E 70 45.50 -3.25 19.88
CA TYR E 70 46.72 -2.71 20.47
C TYR E 70 47.43 -3.76 21.30
N LEU E 71 46.70 -4.79 21.74
CA LEU E 71 47.36 -5.96 22.30
C LEU E 71 48.14 -6.71 21.24
N ALA E 72 47.69 -6.65 19.99
CA ALA E 72 48.38 -7.33 18.90
C ALA E 72 49.61 -6.56 18.45
N GLN E 73 49.56 -5.23 18.50
CA GLN E 73 50.73 -4.44 18.15
C GLN E 73 51.79 -4.53 19.23
N THR E 74 51.36 -4.59 20.49
CA THR E 74 52.27 -4.87 21.59
C THR E 74 52.80 -6.29 21.49
N LEU E 75 51.97 -7.20 20.97
CA LEU E 75 52.43 -8.56 20.73
C LEU E 75 53.50 -8.58 19.65
N ALA E 76 53.38 -7.71 18.64
CA ALA E 76 54.37 -7.63 17.57
C ALA E 76 55.73 -7.18 18.08
N LYS E 77 55.77 -6.43 19.17
CA LYS E 77 57.02 -5.96 19.75
C LYS E 77 57.64 -6.98 20.69
N MET E 78 57.07 -8.16 20.78
CA MET E 78 57.54 -9.21 21.67
C MET E 78 57.94 -10.47 20.94
N LEU E 79 57.30 -10.79 19.82
CA LEU E 79 57.36 -12.11 19.24
C LEU E 79 58.71 -12.40 18.60
N ASN E 80 59.18 -13.63 18.81
CA ASN E 80 60.28 -14.19 18.06
C ASN E 80 59.77 -14.88 16.80
N VAL E 81 58.47 -14.87 16.59
CA VAL E 81 57.84 -15.49 15.42
C VAL E 81 57.33 -14.37 14.53
N PRO E 82 57.12 -14.65 13.24
CA PRO E 82 56.55 -13.63 12.36
C PRO E 82 55.14 -13.25 12.76
N PHE E 83 54.83 -11.98 12.62
CA PHE E 83 53.53 -11.45 12.99
C PHE E 83 52.97 -10.65 11.82
N ALA E 84 51.73 -10.94 11.46
CA ALA E 84 51.03 -10.18 10.43
C ALA E 84 49.73 -9.68 11.01
N ILE E 85 49.60 -8.36 11.11
CA ILE E 85 48.32 -7.76 11.48
C ILE E 85 47.52 -7.57 10.20
N ALA E 86 46.66 -8.54 9.91
CA ALA E 86 45.88 -8.60 8.69
C ALA E 86 44.57 -7.85 8.88
N ASP E 87 43.64 -8.02 7.95
CA ASP E 87 42.39 -7.28 7.96
C ASP E 87 41.33 -8.07 7.20
N ALA E 88 40.11 -8.05 7.72
CA ALA E 88 39.00 -8.79 7.16
C ALA E 88 37.91 -7.86 6.68
N THR E 89 38.29 -6.71 6.11
CA THR E 89 37.32 -5.80 5.53
C THR E 89 37.51 -5.65 4.03
N ALA E 90 38.76 -5.58 3.56
CA ALA E 90 39.03 -5.54 2.13
C ALA E 90 38.98 -6.92 1.48
N LEU E 91 38.79 -7.98 2.26
CA LEU E 91 38.79 -9.33 1.74
C LEU E 91 37.50 -9.62 0.99
N THR E 92 37.61 -10.53 0.02
CA THR E 92 36.48 -11.02 -0.76
C THR E 92 36.85 -12.44 -1.17
N GLU E 93 35.84 -13.32 -1.24
CA GLU E 93 36.03 -14.69 -1.72
C GLU E 93 36.58 -14.68 -3.14
N ALA E 94 37.40 -15.69 -3.45
CA ALA E 94 38.11 -15.77 -4.72
C ALA E 94 37.14 -15.92 -5.89
N GLY E 95 37.42 -15.19 -6.96
CA GLY E 95 36.53 -15.14 -8.10
C GLY E 95 35.94 -13.76 -8.26
N TYR E 96 36.17 -12.93 -7.24
CA TYR E 96 35.59 -11.60 -7.19
C TYR E 96 36.70 -10.63 -6.81
N VAL E 97 36.45 -9.35 -7.10
CA VAL E 97 37.45 -8.33 -6.78
C VAL E 97 37.51 -8.12 -5.28
N GLY E 98 38.73 -8.05 -4.77
CA GLY E 98 38.96 -7.92 -3.35
C GLY E 98 40.39 -8.28 -3.04
N GLU E 99 40.66 -8.44 -1.74
CA GLU E 99 42.01 -8.68 -1.27
C GLU E 99 42.44 -10.13 -1.45
N ASP E 100 41.50 -11.04 -1.71
CA ASP E 100 41.78 -12.44 -2.08
C ASP E 100 42.54 -13.18 -0.99
N VAL E 101 41.79 -13.72 -0.01
CA VAL E 101 42.13 -14.08 1.38
C VAL E 101 43.54 -14.61 1.63
N GLU E 102 44.20 -15.19 0.65
CA GLU E 102 45.59 -15.62 0.81
C GLU E 102 46.58 -14.45 0.85
N ASN E 103 46.12 -13.20 0.76
CA ASN E 103 46.98 -12.05 1.01
C ASN E 103 47.24 -11.87 2.49
N ILE E 104 46.40 -12.46 3.34
CA ILE E 104 46.64 -12.57 4.77
C ILE E 104 47.96 -13.30 5.02
N LEU E 105 48.17 -14.38 4.29
CA LEU E 105 49.39 -15.17 4.44
C LEU E 105 50.58 -14.48 3.80
N LEU E 106 50.35 -13.68 2.76
CA LEU E 106 51.42 -12.91 2.15
C LEU E 106 52.00 -11.89 3.10
N LYS E 107 51.14 -11.26 3.90
CA LYS E 107 51.60 -10.32 4.91
C LYS E 107 52.35 -11.00 6.04
N LEU E 108 52.21 -12.32 6.18
CA LEU E 108 53.02 -13.09 7.10
C LEU E 108 54.33 -13.53 6.48
N ILE E 109 54.30 -13.90 5.19
CA ILE E 109 55.51 -14.24 4.47
C ILE E 109 56.39 -13.01 4.29
N GLN E 110 55.79 -11.86 4.02
CA GLN E 110 56.53 -10.61 4.00
C GLN E 110 57.02 -10.20 5.38
N ALA E 111 56.46 -10.75 6.45
CA ALA E 111 56.91 -10.49 7.80
C ALA E 111 58.02 -11.42 8.24
N ALA E 112 58.21 -12.56 7.56
CA ALA E 112 59.39 -13.39 7.74
C ALA E 112 60.45 -13.08 6.68
N ASP E 113 60.37 -11.89 6.10
CA ASP E 113 61.34 -11.52 5.04
C ASP E 113 61.28 -12.61 3.97
N TYR E 114 60.07 -13.08 3.65
CA TYR E 114 59.88 -14.05 2.54
C TYR E 114 60.37 -15.45 2.94
N ASP E 115 60.67 -15.69 4.22
CA ASP E 115 60.99 -17.05 4.60
C ASP E 115 59.71 -17.82 4.86
N VAL E 116 59.42 -18.79 4.00
CA VAL E 116 58.16 -19.51 4.15
C VAL E 116 58.22 -20.49 5.31
N LYS E 117 59.40 -21.02 5.62
CA LYS E 117 59.52 -21.95 6.74
C LYS E 117 59.41 -21.21 8.07
N ARG E 118 59.94 -19.99 8.13
CA ARG E 118 59.78 -19.17 9.32
C ARG E 118 58.35 -18.66 9.44
N ALA E 119 57.69 -18.39 8.32
CA ALA E 119 56.31 -17.93 8.34
C ALA E 119 55.35 -19.04 8.71
N GLU E 120 55.72 -20.30 8.52
CA GLU E 120 54.86 -21.40 8.96
C GLU E 120 54.78 -21.50 10.47
N THR E 121 55.71 -20.88 11.19
CA THR E 121 55.67 -20.76 12.64
C THR E 121 55.15 -19.41 13.08
N GLY E 122 54.35 -18.74 12.27
CA GLY E 122 53.96 -17.38 12.56
C GLY E 122 52.69 -17.25 13.35
N ILE E 123 52.32 -16.00 13.61
CA ILE E 123 51.05 -15.65 14.25
C ILE E 123 50.42 -14.55 13.41
N ILE E 124 49.17 -14.75 12.99
CA ILE E 124 48.45 -13.75 12.23
C ILE E 124 47.33 -13.18 13.09
N TYR E 125 47.27 -11.85 13.18
CA TYR E 125 46.15 -11.14 13.75
C TYR E 125 45.29 -10.62 12.61
N ILE E 126 44.03 -11.03 12.57
CA ILE E 126 43.08 -10.56 11.58
C ILE E 126 42.04 -9.72 12.30
N ASP E 127 42.12 -8.40 12.19
CA ASP E 127 41.10 -7.61 12.86
C ASP E 127 39.85 -7.49 12.00
N GLN E 128 38.76 -7.09 12.65
CA GLN E 128 37.48 -6.79 12.05
C GLN E 128 36.90 -8.02 11.33
N VAL E 129 36.83 -9.12 12.07
CA VAL E 129 36.11 -10.31 11.60
C VAL E 129 34.66 -10.29 12.02
N ASP E 130 34.19 -9.19 12.58
CA ASP E 130 32.75 -8.97 12.69
C ASP E 130 32.16 -8.46 11.38
N LYS E 131 33.04 -8.00 10.50
CA LYS E 131 32.60 -7.47 9.19
C LYS E 131 32.36 -8.65 8.24
N ILE E 132 33.18 -9.69 8.37
CA ILE E 132 32.98 -10.90 7.54
C ILE E 132 31.82 -11.70 8.12
N ALA E 133 31.08 -11.12 9.08
CA ALA E 133 29.93 -11.85 9.64
C ALA E 133 28.84 -11.93 8.57
N ARG E 134 28.20 -13.11 8.41
CA ARG E 134 27.18 -13.30 7.35
C ARG E 134 26.18 -12.15 7.41
N PRO E 139 20.24 -17.46 3.62
CA PRO E 139 20.30 -17.60 2.17
C PRO E 139 20.30 -16.23 1.49
N SER E 140 20.99 -16.11 0.35
CA SER E 140 21.04 -14.83 -0.40
C SER E 140 21.55 -15.09 -1.82
N ILE E 141 20.65 -15.11 -2.81
CA ILE E 141 21.05 -15.34 -4.22
C ILE E 141 22.41 -14.65 -4.43
N THR E 142 22.55 -13.41 -3.97
CA THR E 142 23.85 -12.69 -4.07
C THR E 142 24.84 -13.32 -3.08
N ARG E 143 25.77 -14.14 -3.58
CA ARG E 143 26.79 -14.79 -2.71
C ARG E 143 27.39 -13.77 -1.75
N ASP E 144 27.43 -14.08 -0.45
CA ASP E 144 28.09 -13.17 0.52
C ASP E 144 29.60 -13.18 0.20
N VAL E 145 29.99 -12.70 -0.98
CA VAL E 145 31.41 -12.82 -1.42
C VAL E 145 32.33 -12.15 -0.40
N SER E 146 31.93 -10.97 0.10
CA SER E 146 32.83 -10.22 1.01
C SER E 146 32.48 -10.56 2.46
N GLY E 147 31.35 -11.21 2.70
CA GLY E 147 31.05 -11.47 4.10
C GLY E 147 31.27 -12.92 4.47
N GLU E 148 30.16 -13.69 4.43
CA GLU E 148 30.19 -15.11 4.77
C GLU E 148 31.14 -15.90 3.87
N GLY E 149 31.27 -15.49 2.61
CA GLY E 149 32.17 -16.18 1.70
C GLY E 149 33.64 -15.98 2.04
N VAL E 150 33.96 -14.92 2.80
CA VAL E 150 35.30 -14.75 3.32
C VAL E 150 35.56 -15.72 4.47
N GLN E 151 34.53 -15.94 5.31
CA GLN E 151 34.64 -16.95 6.38
C GLN E 151 34.83 -18.34 5.81
N GLN E 152 34.17 -18.63 4.69
CA GLN E 152 34.30 -19.93 4.05
C GLN E 152 35.71 -20.14 3.51
N ALA E 153 36.34 -19.07 3.06
CA ALA E 153 37.68 -19.18 2.51
C ALA E 153 38.76 -19.18 3.58
N LEU E 154 38.42 -18.82 4.82
CA LEU E 154 39.37 -18.80 5.92
C LEU E 154 39.50 -20.15 6.62
N LEU E 155 38.61 -21.09 6.33
CA LEU E 155 38.46 -22.32 7.12
C LEU E 155 39.69 -23.21 7.04
N LYS E 156 40.14 -23.53 5.83
CA LYS E 156 41.35 -24.31 5.67
C LYS E 156 42.59 -23.52 6.05
N ILE E 157 42.53 -22.20 5.96
CA ILE E 157 43.62 -21.36 6.44
C ILE E 157 43.69 -21.41 7.96
N LEU E 158 42.54 -21.29 8.64
CA LEU E 158 42.52 -21.22 10.10
C LEU E 158 42.83 -22.56 10.74
N GLU E 159 42.64 -23.65 10.02
CA GLU E 159 42.95 -24.95 10.58
C GLU E 159 44.30 -25.47 10.12
N GLY E 160 44.65 -25.25 8.87
CA GLY E 160 45.92 -25.68 8.35
C GLY E 160 45.78 -26.31 6.99
N THR E 161 46.47 -25.75 6.00
CA THR E 161 46.44 -26.29 4.65
C THR E 161 47.71 -25.85 3.94
N GLN E 162 48.04 -26.56 2.88
CA GLN E 162 49.14 -26.17 2.01
C GLN E 162 48.59 -25.08 1.11
N ALA E 163 48.68 -23.85 1.56
CA ALA E 163 48.08 -22.74 0.84
C ALA E 163 49.05 -22.16 -0.16
N SER E 164 48.54 -21.88 -1.36
CA SER E 164 49.33 -21.24 -2.40
C SER E 164 49.14 -19.74 -2.30
N VAL E 165 50.23 -19.01 -2.13
CA VAL E 165 50.16 -17.57 -1.89
C VAL E 165 50.73 -16.85 -3.10
N PRO E 166 49.95 -16.06 -3.81
CA PRO E 166 50.52 -15.19 -4.84
C PRO E 166 51.34 -14.08 -4.22
N PRO E 167 52.48 -13.71 -4.82
CA PRO E 167 53.32 -12.67 -4.23
C PRO E 167 52.72 -11.28 -4.32
N GLN E 168 53.47 -10.28 -3.86
CA GLN E 168 53.00 -8.91 -3.83
C GLN E 168 52.80 -8.37 -5.24
N GLY E 169 51.59 -7.92 -5.52
CA GLY E 169 51.29 -7.36 -6.83
C GLY E 169 50.50 -8.30 -7.71
N GLY E 170 50.69 -9.60 -7.53
CA GLY E 170 50.04 -10.57 -8.37
C GLY E 170 48.85 -11.20 -7.70
N ARG E 171 48.01 -11.80 -8.54
CA ARG E 171 46.77 -12.39 -8.10
C ARG E 171 46.82 -13.89 -8.36
N LYS E 172 45.70 -14.57 -8.10
CA LYS E 172 45.61 -16.02 -8.10
C LYS E 172 45.42 -16.60 -9.51
N HIS E 173 45.77 -15.84 -10.54
CA HIS E 173 45.54 -16.26 -11.92
C HIS E 173 46.46 -17.43 -12.29
N PRO E 174 46.11 -18.24 -13.29
CA PRO E 174 47.03 -19.29 -13.73
C PRO E 174 48.28 -18.72 -14.38
N HIS E 175 49.27 -19.60 -14.52
CA HIS E 175 50.64 -19.26 -14.92
C HIS E 175 51.25 -18.20 -14.03
N GLN E 176 50.97 -18.30 -12.72
CA GLN E 176 51.57 -17.44 -11.72
C GLN E 176 52.28 -18.32 -10.70
N GLU E 177 53.51 -17.95 -10.36
CA GLU E 177 54.23 -18.67 -9.32
C GLU E 177 53.66 -18.36 -7.96
N PHE E 178 53.46 -19.39 -7.15
CA PHE E 178 52.87 -19.24 -5.83
C PHE E 178 53.85 -19.67 -4.77
N ILE E 179 53.55 -19.27 -3.54
CA ILE E 179 54.35 -19.66 -2.38
C ILE E 179 53.56 -20.68 -1.59
N GLN E 180 54.13 -21.87 -1.42
CA GLN E 180 53.46 -22.95 -0.71
C GLN E 180 53.76 -22.80 0.77
N ILE E 181 52.79 -22.30 1.53
CA ILE E 181 52.91 -22.17 2.97
C ILE E 181 51.98 -23.18 3.63
N ASP E 182 52.41 -23.73 4.76
CA ASP E 182 51.59 -24.59 5.58
C ASP E 182 51.10 -23.76 6.76
N THR E 183 49.78 -23.59 6.87
CA THR E 183 49.20 -22.80 7.95
C THR E 183 48.76 -23.67 9.11
N THR E 184 49.40 -24.82 9.29
CA THR E 184 49.03 -25.73 10.36
C THR E 184 49.45 -25.19 11.72
N ASN E 185 50.64 -24.62 11.81
CA ASN E 185 51.15 -24.09 13.07
C ASN E 185 51.08 -22.58 13.13
N VAL E 186 50.48 -21.93 12.13
CA VAL E 186 50.29 -20.49 12.15
C VAL E 186 49.13 -20.19 13.09
N LEU E 187 49.41 -19.48 14.17
CA LEU E 187 48.34 -19.10 15.09
C LEU E 187 47.53 -17.96 14.48
N PHE E 188 46.22 -18.01 14.67
CA PHE E 188 45.34 -16.97 14.19
C PHE E 188 44.63 -16.35 15.38
N ILE E 189 44.87 -15.07 15.58
CA ILE E 189 44.16 -14.29 16.59
C ILE E 189 43.22 -13.39 15.80
N VAL E 190 42.02 -13.85 15.53
CA VAL E 190 41.11 -12.99 14.80
C VAL E 190 40.31 -12.18 15.82
N ALA E 191 39.86 -11.00 15.40
CA ALA E 191 39.24 -10.09 16.34
C ALA E 191 38.29 -9.17 15.60
N GLY E 192 37.35 -8.61 16.36
CA GLY E 192 36.45 -7.62 15.82
C GLY E 192 35.76 -6.91 16.96
N ALA E 193 35.01 -5.86 16.60
CA ALA E 193 34.24 -5.13 17.60
C ALA E 193 33.09 -5.96 18.12
N PHE E 194 32.36 -6.62 17.21
CA PHE E 194 31.17 -7.43 17.50
C PHE E 194 30.13 -6.61 18.27
N ALA E 195 29.73 -5.50 17.67
CA ALA E 195 28.84 -4.55 18.30
C ALA E 195 27.42 -5.08 18.46
N GLY E 196 26.93 -5.81 17.46
CA GLY E 196 25.61 -6.42 17.58
C GLY E 196 25.53 -7.59 18.52
N LEU E 197 26.67 -8.12 18.96
CA LEU E 197 26.70 -9.26 19.86
C LEU E 197 26.26 -8.92 21.28
N GLU E 198 26.34 -7.63 21.66
CA GLU E 198 25.90 -7.22 22.99
C GLU E 198 24.40 -7.36 23.14
N LYS E 199 23.65 -7.16 22.05
CA LYS E 199 22.22 -7.45 22.07
C LYS E 199 21.99 -8.95 22.13
N ILE E 200 22.83 -9.72 21.46
CA ILE E 200 22.59 -11.16 21.30
C ILE E 200 22.87 -11.92 22.59
N ILE E 201 23.95 -11.53 23.30
CA ILE E 201 24.22 -12.14 24.60
C ILE E 201 23.17 -11.70 25.62
N TYR E 202 22.64 -10.48 25.48
CA TYR E 202 21.53 -10.04 26.31
C TYR E 202 20.27 -10.84 26.02
N GLU E 203 20.13 -11.39 24.82
CA GLU E 203 19.00 -12.25 24.52
C GLU E 203 19.16 -13.61 25.18
N ARG E 204 20.26 -14.30 24.89
CA ARG E 204 20.43 -15.68 25.35
C ARG E 204 20.74 -15.75 26.85
N VAL E 205 21.75 -15.03 27.30
CA VAL E 205 21.96 -14.88 28.74
C VAL E 205 20.91 -13.88 29.22
N GLY E 206 19.85 -14.39 29.82
CA GLY E 206 18.70 -13.57 30.14
C GLY E 206 17.48 -14.03 29.39
N LYS E 207 17.56 -15.20 28.76
CA LYS E 207 16.42 -15.83 28.10
C LYS E 207 15.58 -16.46 29.19
N ARG E 208 14.65 -15.70 29.73
CA ARG E 208 13.75 -16.21 30.75
C ARG E 208 12.55 -16.85 30.09
N GLY E 209 11.77 -17.56 30.91
CA GLY E 209 10.46 -17.97 30.47
C GLY E 209 9.53 -16.77 30.34
N LEU E 210 8.57 -16.89 29.46
CA LEU E 210 7.65 -15.79 29.19
C LEU E 210 6.25 -16.15 29.63
N GLY E 211 5.63 -15.24 30.36
CA GLY E 211 4.23 -15.34 30.64
C GLY E 211 3.91 -15.80 32.04
N PHE E 212 2.69 -16.27 32.24
CA PHE E 212 2.21 -16.65 33.55
C PHE E 212 2.64 -18.04 33.96
N GLY E 213 3.36 -18.75 33.11
CA GLY E 213 3.73 -20.12 33.36
C GLY E 213 5.12 -20.22 33.93
N ALA E 214 6.09 -20.52 33.05
CA ALA E 214 7.44 -20.89 33.44
C ALA E 214 8.14 -19.78 34.19
N GLU E 215 9.11 -20.18 35.01
CA GLU E 215 9.74 -19.27 35.95
C GLU E 215 10.70 -18.34 35.23
N VAL E 216 10.88 -17.14 35.79
CA VAL E 216 11.80 -16.14 35.27
C VAL E 216 13.08 -16.17 36.11
N ARG E 217 13.35 -17.31 36.73
CA ARG E 217 14.64 -17.59 37.37
C ARG E 217 15.24 -18.84 36.75
N SER E 218 14.73 -19.25 35.60
CA SER E 218 15.23 -20.44 34.94
C SER E 218 15.71 -20.10 33.54
N HIS E 227 28.49 -9.88 29.14
CA HIS E 227 29.33 -8.90 28.46
C HIS E 227 29.89 -9.51 27.18
N PHE E 228 31.07 -10.11 27.28
CA PHE E 228 31.62 -10.92 26.20
C PHE E 228 32.24 -12.17 26.80
N ALA E 229 32.15 -12.29 28.13
CA ALA E 229 32.67 -13.45 28.83
C ALA E 229 31.66 -14.57 28.96
N ASP E 230 30.37 -14.29 28.72
CA ASP E 230 29.33 -15.30 28.69
C ASP E 230 29.06 -15.79 27.27
N VAL E 231 30.05 -15.68 26.38
CA VAL E 231 29.82 -15.92 24.97
C VAL E 231 29.82 -17.43 24.69
N MET E 232 28.98 -17.83 23.75
CA MET E 232 28.90 -19.18 23.24
C MET E 232 28.76 -19.06 21.72
N PRO E 233 29.04 -20.14 20.98
CA PRO E 233 28.81 -20.09 19.53
C PRO E 233 27.35 -19.95 19.13
N GLU E 234 26.40 -20.27 20.03
CA GLU E 234 24.99 -19.98 19.78
C GLU E 234 24.75 -18.48 19.61
N ASP E 235 25.54 -17.66 20.30
CA ASP E 235 25.47 -16.22 20.09
C ASP E 235 26.13 -15.81 18.79
N LEU E 236 27.24 -16.45 18.41
CA LEU E 236 28.00 -16.06 17.23
C LEU E 236 27.43 -16.61 15.94
N ILE E 237 26.63 -17.67 16.00
CA ILE E 237 25.85 -18.07 14.82
C ILE E 237 24.71 -17.08 14.60
N LYS E 238 24.11 -16.60 15.69
CA LYS E 238 23.12 -15.52 15.58
C LYS E 238 23.76 -14.22 15.10
N PHE E 239 25.04 -14.02 15.39
CA PHE E 239 25.74 -12.86 14.87
C PHE E 239 25.97 -12.97 13.37
N GLY E 240 26.38 -14.14 12.90
CA GLY E 240 26.60 -14.34 11.49
C GLY E 240 27.83 -15.16 11.19
N LEU E 241 28.61 -15.47 12.22
CA LEU E 241 29.73 -16.38 12.06
C LEU E 241 29.21 -17.79 11.85
N ILE E 242 29.67 -18.46 10.81
CA ILE E 242 29.22 -19.82 10.49
C ILE E 242 29.82 -20.75 11.54
N PRO E 243 29.15 -21.86 11.89
CA PRO E 243 29.63 -22.69 13.01
C PRO E 243 30.94 -23.39 12.73
N GLU E 244 31.32 -23.53 11.45
CA GLU E 244 32.65 -24.02 11.12
C GLU E 244 33.74 -23.02 11.47
N PHE E 245 33.45 -21.73 11.29
CA PHE E 245 34.41 -20.68 11.57
C PHE E 245 34.67 -20.54 13.07
N ILE E 246 33.66 -20.83 13.88
CA ILE E 246 33.76 -20.62 15.32
C ILE E 246 34.54 -21.74 15.98
N GLY E 247 34.33 -22.99 15.53
CA GLY E 247 35.01 -24.11 16.15
C GLY E 247 36.49 -24.16 15.84
N ARG E 248 36.91 -23.49 14.77
CA ARG E 248 38.31 -23.23 14.48
C ARG E 248 38.86 -22.08 15.30
N LEU E 249 38.07 -21.50 16.19
CA LEU E 249 38.51 -20.43 17.09
C LEU E 249 38.13 -20.86 18.50
N PRO E 250 38.88 -21.78 19.10
CA PRO E 250 38.49 -22.32 20.40
C PRO E 250 38.66 -21.33 21.54
N VAL E 251 39.63 -20.43 21.42
CA VAL E 251 39.94 -19.53 22.50
C VAL E 251 39.22 -18.21 22.28
N VAL E 252 38.55 -17.73 23.33
CA VAL E 252 37.90 -16.44 23.29
C VAL E 252 38.56 -15.54 24.32
N ALA E 253 39.19 -14.47 23.83
CA ALA E 253 39.61 -13.37 24.67
C ALA E 253 38.55 -12.29 24.61
N SER E 254 38.36 -11.59 25.71
CA SER E 254 37.40 -10.50 25.77
C SER E 254 38.11 -9.28 26.34
N VAL E 255 38.10 -8.19 25.58
CA VAL E 255 38.58 -6.91 26.10
C VAL E 255 37.38 -6.17 26.67
N THR E 256 37.59 -5.50 27.80
CA THR E 256 36.50 -4.82 28.47
C THR E 256 36.41 -3.36 28.01
N ASN E 257 35.36 -2.70 28.46
CA ASN E 257 35.19 -1.29 28.15
C ASN E 257 36.13 -0.47 29.02
N LEU E 258 36.86 0.44 28.40
CA LEU E 258 37.78 1.31 29.11
C LEU E 258 36.99 2.39 29.85
N ASP E 259 37.10 2.41 31.17
CA ASP E 259 36.44 3.43 31.96
C ASP E 259 37.30 4.68 32.04
N LYS E 260 36.87 5.63 32.86
CA LYS E 260 37.63 6.86 33.06
C LYS E 260 38.93 6.56 33.81
N GLU E 261 38.87 5.71 34.83
CA GLU E 261 40.06 5.41 35.62
C GLU E 261 41.05 4.55 34.86
N SER E 262 40.61 3.89 33.78
CA SER E 262 41.54 3.20 32.91
C SER E 262 42.22 4.15 31.94
N LEU E 263 41.47 5.11 31.39
CA LEU E 263 42.03 6.03 30.40
C LEU E 263 43.06 6.97 31.02
N VAL E 264 42.85 7.36 32.27
CA VAL E 264 43.86 8.14 33.00
C VAL E 264 45.13 7.32 33.16
N LYS E 265 44.98 6.03 33.41
CA LYS E 265 46.15 5.16 33.44
C LYS E 265 46.72 4.93 32.06
N ILE E 266 45.91 5.01 31.00
CA ILE E 266 46.44 4.92 29.64
C ILE E 266 47.26 6.15 29.32
N LEU E 267 46.90 7.29 29.90
CA LEU E 267 47.63 8.53 29.64
C LEU E 267 49.02 8.50 30.25
N SER E 268 49.16 7.99 31.47
CA SER E 268 50.39 8.21 32.22
C SER E 268 51.19 6.95 32.48
N GLU E 269 50.56 5.78 32.62
CA GLU E 269 51.27 4.60 33.08
C GLU E 269 52.13 3.89 32.02
N PRO E 270 51.67 3.63 30.73
CA PRO E 270 52.46 2.76 29.84
C PRO E 270 53.85 3.23 29.46
N LYS E 271 54.58 2.36 28.76
CA LYS E 271 55.92 2.72 28.34
C LYS E 271 55.88 3.75 27.22
N ASN E 272 54.91 3.65 26.32
CA ASN E 272 54.68 4.67 25.31
C ASN E 272 53.55 5.61 25.68
N ALA E 273 53.42 5.93 26.96
CA ALA E 273 52.31 6.74 27.45
C ALA E 273 52.34 8.12 26.85
N LEU E 274 51.16 8.65 26.55
CA LEU E 274 51.06 9.91 25.82
C LEU E 274 51.58 11.07 26.65
N VAL E 275 51.27 11.07 27.95
CA VAL E 275 51.87 12.03 28.88
C VAL E 275 53.38 11.89 28.90
N LYS E 276 53.88 10.66 28.89
CA LYS E 276 55.32 10.45 28.83
C LYS E 276 55.87 10.83 27.47
N GLN E 277 55.03 10.83 26.43
CA GLN E 277 55.49 11.25 25.11
C GLN E 277 55.69 12.76 25.06
N TYR E 278 54.81 13.52 25.70
CA TYR E 278 54.96 14.97 25.63
C TYR E 278 55.94 15.51 26.66
N ILE E 279 56.02 14.89 27.84
CA ILE E 279 57.06 15.25 28.79
C ILE E 279 58.45 15.03 28.19
N ARG E 280 58.60 13.97 27.39
CA ARG E 280 59.81 13.81 26.58
C ARG E 280 59.89 14.88 25.49
N LEU E 281 58.75 15.24 24.92
CA LEU E 281 58.76 16.14 23.77
C LEU E 281 59.04 17.58 24.17
N PHE E 282 58.49 18.03 25.30
CA PHE E 282 58.72 19.40 25.73
C PHE E 282 60.09 19.58 26.36
N GLU E 283 60.70 18.50 26.87
CA GLU E 283 62.03 18.66 27.46
C GLU E 283 63.12 18.67 26.41
N MET E 284 62.79 18.48 25.14
CA MET E 284 63.73 18.83 24.08
C MET E 284 63.89 20.34 24.00
N ASP E 285 62.82 21.08 24.29
CA ASP E 285 62.91 22.52 24.41
C ASP E 285 63.39 22.97 25.78
N GLY E 286 63.57 22.03 26.71
CA GLY E 286 63.98 22.37 28.05
C GLY E 286 62.84 22.73 28.98
N VAL E 287 61.61 22.41 28.61
CA VAL E 287 60.43 22.75 29.38
C VAL E 287 59.87 21.50 30.00
N GLU E 288 59.70 21.52 31.32
CA GLU E 288 59.08 20.41 32.02
C GLU E 288 57.56 20.54 31.96
N LEU E 289 56.88 19.43 31.74
CA LEU E 289 55.43 19.39 31.87
C LEU E 289 55.02 18.84 33.22
N GLU E 290 53.93 19.36 33.75
CA GLU E 290 53.29 18.83 34.93
C GLU E 290 51.79 18.84 34.67
N PHE E 291 51.30 17.78 34.04
CA PHE E 291 49.87 17.50 34.05
C PHE E 291 49.45 17.25 35.49
N THR E 292 48.49 18.02 35.98
CA THR E 292 47.91 17.69 37.27
C THR E 292 47.01 16.48 37.13
N ASP E 293 46.68 15.85 38.26
CA ASP E 293 45.84 14.66 38.22
C ASP E 293 44.42 15.01 37.80
N ASP E 294 43.96 16.21 38.13
CA ASP E 294 42.65 16.65 37.67
C ASP E 294 42.67 16.98 36.20
N ALA E 295 43.83 17.34 35.65
CA ALA E 295 43.94 17.56 34.21
C ALA E 295 43.82 16.27 33.45
N LEU E 296 44.44 15.19 33.95
CA LEU E 296 44.39 13.91 33.26
C LEU E 296 43.02 13.28 33.36
N GLU E 297 42.29 13.54 34.44
CA GLU E 297 40.91 13.10 34.52
C GLU E 297 40.04 13.88 33.54
N ALA E 298 40.31 15.18 33.38
CA ALA E 298 39.52 15.99 32.47
C ALA E 298 39.83 15.66 31.02
N ILE E 299 41.05 15.18 30.76
CA ILE E 299 41.38 14.67 29.44
C ILE E 299 40.61 13.38 29.17
N ALA E 300 40.55 12.50 30.16
CA ALA E 300 39.80 11.25 30.00
C ALA E 300 38.30 11.46 30.03
N ASP E 301 37.82 12.51 30.71
CA ASP E 301 36.39 12.80 30.73
C ASP E 301 35.89 13.22 29.36
N GLN E 302 36.72 13.94 28.61
CA GLN E 302 36.30 14.38 27.28
C GLN E 302 36.41 13.25 26.27
N ALA E 303 37.31 12.30 26.49
CA ALA E 303 37.40 11.13 25.62
C ALA E 303 36.21 10.21 25.82
N ILE E 304 35.70 10.12 27.05
CA ILE E 304 34.43 9.44 27.28
C ILE E 304 33.30 10.24 26.66
N HIS E 305 33.37 11.56 26.71
CA HIS E 305 32.28 12.42 26.23
C HIS E 305 32.17 12.38 24.72
N ARG E 306 33.30 12.32 24.02
CA ARG E 306 33.26 12.31 22.57
C ARG E 306 33.24 10.91 21.98
N GLY E 307 33.19 9.87 22.81
CA GLY E 307 33.03 8.52 22.32
C GLY E 307 34.23 7.98 21.58
N THR E 308 35.42 8.50 21.90
CA THR E 308 36.64 8.08 21.24
C THR E 308 37.50 7.15 22.09
N GLY E 309 37.44 7.28 23.42
CA GLY E 309 38.10 6.31 24.28
C GLY E 309 39.59 6.55 24.37
N ALA E 310 40.36 5.47 24.26
CA ALA E 310 41.81 5.61 24.24
C ALA E 310 42.30 6.12 22.89
N ARG E 311 41.45 6.08 21.87
CA ARG E 311 41.87 6.54 20.55
C ARG E 311 42.00 8.05 20.50
N GLY E 312 41.03 8.76 21.05
CA GLY E 312 41.04 10.20 21.02
C GLY E 312 41.79 10.84 22.15
N LEU E 313 42.58 10.07 22.90
CA LEU E 313 43.41 10.66 23.93
C LEU E 313 44.59 11.41 23.36
N ARG E 314 44.95 11.17 22.10
CA ARG E 314 46.01 11.92 21.47
C ARG E 314 45.48 13.18 20.80
N ALA E 315 44.25 13.13 20.29
CA ALA E 315 43.66 14.30 19.64
C ALA E 315 43.36 15.40 20.64
N ILE E 316 43.07 15.05 21.88
CA ILE E 316 42.78 16.07 22.87
C ILE E 316 44.05 16.78 23.33
N MET E 317 45.18 16.08 23.46
CA MET E 317 46.41 16.73 23.86
C MET E 317 47.19 17.27 22.68
N GLU E 318 46.55 17.49 21.56
CA GLU E 318 47.07 18.29 20.46
C GLU E 318 46.00 19.27 20.01
N GLU E 319 45.04 19.50 20.86
CA GLU E 319 44.11 20.61 20.85
C GLU E 319 44.21 21.43 22.12
N VAL E 320 44.30 20.77 23.27
CA VAL E 320 44.55 21.47 24.52
C VAL E 320 45.98 21.99 24.55
N LEU E 321 46.90 21.21 24.01
CA LEU E 321 48.32 21.47 24.18
C LEU E 321 48.96 22.09 22.95
N LEU E 322 48.22 22.30 21.88
CA LEU E 322 48.73 22.93 20.66
C LEU E 322 49.11 24.41 20.80
N PRO E 323 48.35 25.30 21.47
CA PRO E 323 48.81 26.70 21.52
C PRO E 323 50.05 26.93 22.35
N VAL E 324 50.37 26.03 23.28
CA VAL E 324 51.58 26.25 24.05
C VAL E 324 52.79 25.72 23.30
N MET E 325 52.60 24.76 22.40
CA MET E 325 53.69 24.25 21.57
C MET E 325 54.20 25.30 20.59
N TYR E 326 53.30 26.13 20.05
CA TYR E 326 53.73 27.28 19.27
C TYR E 326 54.49 28.28 20.14
N ASP E 327 54.02 28.46 21.38
CA ASP E 327 54.55 29.48 22.27
C ASP E 327 55.78 29.02 23.05
N ILE E 328 56.41 27.92 22.63
CA ILE E 328 57.72 27.57 23.17
C ILE E 328 58.69 27.41 22.00
N PRO E 329 59.32 28.48 21.50
CA PRO E 329 60.59 28.29 20.80
C PRO E 329 61.67 27.89 21.80
N SER E 330 61.99 28.81 22.70
CA SER E 330 62.64 28.60 23.99
C SER E 330 62.50 29.91 24.76
N ARG E 331 61.79 29.92 25.88
CA ARG E 331 61.49 31.17 26.56
C ARG E 331 62.05 31.26 27.98
N ASP E 332 63.02 30.41 28.32
CA ASP E 332 63.50 30.18 29.68
C ASP E 332 62.31 29.82 30.58
N ASP E 333 61.46 28.94 30.09
CA ASP E 333 60.36 28.41 30.89
C ASP E 333 60.78 27.09 31.50
N VAL E 334 60.74 27.01 32.82
CA VAL E 334 61.22 25.80 33.48
C VAL E 334 60.10 24.77 33.67
N ALA E 335 58.84 25.21 33.63
CA ALA E 335 57.73 24.28 33.84
C ALA E 335 56.48 24.84 33.17
N LYS E 336 55.81 23.99 32.40
CA LYS E 336 54.47 24.25 31.90
C LYS E 336 53.54 23.33 32.68
N VAL E 337 52.74 23.90 33.58
CA VAL E 337 51.83 23.12 34.40
C VAL E 337 50.47 23.12 33.71
N VAL E 338 50.01 21.96 33.26
CA VAL E 338 48.67 21.82 32.71
C VAL E 338 47.70 21.64 33.87
N VAL E 339 46.94 22.67 34.16
CA VAL E 339 45.87 22.57 35.14
C VAL E 339 44.64 21.98 34.46
N THR E 340 43.63 21.64 35.25
CA THR E 340 42.38 21.14 34.66
C THR E 340 41.58 22.24 33.98
N LYS E 341 41.93 23.50 34.23
CA LYS E 341 41.31 24.64 33.55
C LYS E 341 41.85 24.85 32.15
N GLU E 342 42.73 24.00 31.65
CA GLU E 342 43.16 24.07 30.26
C GLU E 342 42.43 23.08 29.38
N THR E 343 41.99 21.96 29.94
CA THR E 343 41.37 20.94 29.13
C THR E 343 39.89 21.24 28.90
N VAL E 344 39.16 21.62 29.95
CA VAL E 344 37.74 21.87 29.85
C VAL E 344 37.45 23.32 29.42
N GLN E 345 38.47 24.14 29.30
CA GLN E 345 38.28 25.53 28.91
C GLN E 345 39.15 25.89 27.71
N ASP E 346 39.23 27.18 27.40
CA ASP E 346 40.26 27.64 26.48
C ASP E 346 41.62 27.53 27.13
N ASN E 347 42.65 27.48 26.29
CA ASN E 347 44.00 27.28 26.79
C ASN E 347 44.51 28.53 27.49
N VAL E 348 45.01 28.37 28.70
CA VAL E 348 45.66 29.44 29.42
C VAL E 348 47.13 29.10 29.58
N LEU E 349 47.90 30.09 30.02
CA LEU E 349 49.36 29.95 30.08
C LEU E 349 49.88 30.18 31.49
N PRO E 350 49.86 29.16 32.37
CA PRO E 350 50.53 29.29 33.68
C PRO E 350 51.96 28.80 33.61
N THR E 351 52.72 29.34 32.66
CA THR E 351 54.10 28.91 32.49
C THR E 351 54.97 29.49 33.59
N ILE E 352 55.82 28.65 34.16
CA ILE E 352 56.73 29.07 35.22
C ILE E 352 58.08 29.41 34.58
N VAL E 353 58.51 30.66 34.74
CA VAL E 353 59.75 31.11 34.13
C VAL E 353 60.93 30.71 34.99
N GLU F 1 69.97 22.42 14.53
CA GLU F 1 68.59 22.18 14.91
C GLU F 1 67.65 22.41 13.74
N LEU F 2 66.36 22.52 14.05
CA LEU F 2 65.29 22.66 13.07
C LEU F 2 64.55 23.96 13.32
N PRO F 3 63.90 24.52 12.29
CA PRO F 3 63.14 25.77 12.49
C PRO F 3 61.96 25.64 13.43
N LYS F 4 61.91 26.51 14.41
CA LYS F 4 60.88 26.61 15.44
C LYS F 4 59.56 27.01 14.81
N PRO F 5 58.42 26.73 15.45
CA PRO F 5 57.12 26.99 14.79
C PRO F 5 56.83 28.46 14.59
N ALA F 6 57.45 29.35 15.36
CA ALA F 6 57.38 30.77 15.03
C ALA F 6 58.07 31.04 13.70
N GLU F 7 59.22 30.40 13.48
CA GLU F 7 59.93 30.55 12.20
C GLU F 7 59.19 29.86 11.07
N ILE F 8 58.48 28.78 11.38
CA ILE F 8 57.72 28.08 10.35
C ILE F 8 56.50 28.91 9.93
N ARG F 9 55.85 29.53 10.91
CA ARG F 9 54.67 30.34 10.61
C ARG F 9 55.03 31.58 9.80
N GLU F 10 56.20 32.17 10.07
CA GLU F 10 56.63 33.34 9.30
C GLU F 10 57.02 32.95 7.89
N PHE F 11 57.54 31.74 7.70
CA PHE F 11 57.84 31.27 6.35
C PHE F 11 56.56 31.00 5.57
N LEU F 12 55.52 30.51 6.24
CA LEU F 12 54.27 30.26 5.55
C LEU F 12 53.51 31.54 5.24
N GLU F 13 53.85 32.64 5.91
CA GLU F 13 53.22 33.92 5.62
C GLU F 13 53.66 34.46 4.27
N GLY F 14 54.90 34.17 3.88
CA GLY F 14 55.43 34.65 2.62
C GLY F 14 54.83 34.00 1.39
N TYR F 15 54.14 32.87 1.56
CA TYR F 15 53.56 32.16 0.44
C TYR F 15 52.04 32.09 0.56
N VAL F 16 51.56 31.80 1.76
CA VAL F 16 50.12 31.66 1.98
C VAL F 16 49.58 32.96 2.57
N ILE F 17 48.48 33.45 2.01
CA ILE F 17 47.80 34.64 2.52
C ILE F 17 46.41 34.22 2.99
N GLY F 18 46.13 34.49 4.26
CA GLY F 18 44.92 33.98 4.85
C GLY F 18 45.19 32.62 5.46
N GLN F 19 44.19 32.08 6.15
CA GLN F 19 44.28 30.82 6.89
C GLN F 19 45.42 30.80 7.89
N ASP F 20 45.40 31.71 8.85
CA ASP F 20 46.47 31.82 9.84
C ASP F 20 46.37 30.79 10.95
N THR F 21 45.14 30.37 11.30
CA THR F 21 44.99 29.33 12.32
C THR F 21 45.50 27.98 11.80
N ALA F 22 45.39 27.76 10.50
CA ALA F 22 45.98 26.55 9.92
C ALA F 22 47.48 26.69 9.76
N LYS F 23 47.98 27.92 9.62
CA LYS F 23 49.43 28.13 9.64
C LYS F 23 50.03 27.78 10.99
N ARG F 24 49.39 28.25 12.06
CA ARG F 24 49.90 28.03 13.41
C ARG F 24 49.75 26.58 13.83
N THR F 25 48.71 25.92 13.33
CA THR F 25 48.51 24.50 13.62
C THR F 25 49.51 23.64 12.88
N LEU F 26 49.72 23.92 11.59
CA LEU F 26 50.69 23.15 10.82
C LEU F 26 52.12 23.47 11.19
N ALA F 27 52.39 24.67 11.72
CA ALA F 27 53.74 24.96 12.19
C ALA F 27 54.04 24.16 13.45
N VAL F 28 53.03 23.93 14.26
CA VAL F 28 53.20 23.13 15.47
C VAL F 28 53.37 21.66 15.13
N ALA F 29 52.43 21.12 14.36
CA ALA F 29 52.32 19.67 14.22
C ALA F 29 53.45 19.10 13.38
N VAL F 30 54.09 19.93 12.56
CA VAL F 30 55.23 19.49 11.78
C VAL F 30 56.52 19.66 12.55
N TYR F 31 56.60 20.70 13.38
CA TYR F 31 57.76 20.85 14.26
C TYR F 31 57.83 19.73 15.27
N ASN F 32 56.70 19.33 15.84
CA ASN F 32 56.71 18.21 16.77
C ASN F 32 56.92 16.90 16.05
N HIS F 33 56.59 16.84 14.75
CA HIS F 33 56.79 15.60 14.01
C HIS F 33 58.27 15.35 13.76
N TYR F 34 59.03 16.41 13.52
CA TYR F 34 60.45 16.23 13.29
C TYR F 34 61.27 16.37 14.56
N LYS F 35 60.66 16.78 15.67
CA LYS F 35 61.31 16.58 16.96
C LYS F 35 61.27 15.12 17.38
N ARG F 36 60.22 14.41 17.01
CA ARG F 36 60.14 13.00 17.33
C ARG F 36 61.02 12.14 16.43
N ILE F 37 61.63 12.73 15.41
CA ILE F 37 62.62 12.07 14.59
C ILE F 37 64.00 12.48 15.11
N GLN F 38 64.07 13.64 15.76
CA GLN F 38 65.28 14.00 16.50
C GLN F 38 65.54 13.09 17.68
N ALA F 39 64.49 12.45 18.23
CA ALA F 39 64.70 11.48 19.30
C ALA F 39 65.42 10.24 18.78
N GLY F 40 65.18 9.87 17.52
CA GLY F 40 65.94 8.81 16.89
C GLY F 40 67.40 9.10 16.68
N GLU F 41 67.77 10.39 16.65
CA GLU F 41 69.17 10.79 16.61
C GLU F 41 69.75 11.02 17.99
N LYS F 42 69.09 10.50 19.04
CA LYS F 42 69.50 10.62 20.45
C LYS F 42 69.64 12.08 20.89
N GLY F 43 68.66 12.90 20.52
CA GLY F 43 68.64 14.29 20.95
C GLY F 43 67.70 14.51 22.11
N ARG F 47 65.61 11.59 29.79
CA ARG F 47 64.79 11.00 28.73
C ARG F 47 63.84 9.95 29.31
N CYS F 48 62.53 10.20 29.16
CA CYS F 48 61.54 9.23 29.60
C CYS F 48 61.54 8.00 28.70
N GLU F 49 61.64 8.22 27.39
CA GLU F 49 61.73 7.15 26.42
C GLU F 49 62.65 7.61 25.29
N PRO F 50 63.57 6.76 24.86
CA PRO F 50 64.45 7.13 23.74
C PRO F 50 63.75 7.21 22.40
N VAL F 51 63.10 6.13 21.98
CA VAL F 51 62.63 6.00 20.60
C VAL F 51 61.16 5.59 20.55
N GLU F 52 60.47 5.62 21.69
CA GLU F 52 59.08 5.18 21.72
C GLU F 52 58.08 6.32 21.56
N LEU F 53 58.50 7.44 20.98
CA LEU F 53 57.55 8.48 20.61
C LEU F 53 56.75 8.04 19.40
N THR F 54 55.54 8.60 19.27
CA THR F 54 54.62 8.25 18.20
C THR F 54 54.23 9.51 17.47
N LYS F 55 54.31 9.47 16.14
CA LYS F 55 53.99 10.60 15.27
C LYS F 55 52.52 10.99 15.36
N SER F 56 52.25 12.22 14.92
CA SER F 56 50.93 12.82 14.91
C SER F 56 50.62 13.31 13.51
N ASN F 57 49.45 12.97 13.01
CA ASN F 57 49.08 13.26 11.64
C ASN F 57 48.03 14.35 11.61
N ILE F 58 47.98 15.08 10.51
CA ILE F 58 47.14 16.26 10.39
C ILE F 58 45.93 15.93 9.52
N LEU F 59 44.74 16.22 10.04
CA LEU F 59 43.51 16.20 9.26
C LEU F 59 43.10 17.64 8.97
N MET F 60 43.18 18.03 7.70
CA MET F 60 42.82 19.38 7.28
C MET F 60 41.39 19.39 6.77
N LEU F 61 40.52 20.08 7.49
CA LEU F 61 39.09 20.07 7.23
C LEU F 61 38.75 21.15 6.20
N GLY F 62 37.47 21.41 6.01
CA GLY F 62 37.02 22.56 5.25
C GLY F 62 36.78 22.32 3.78
N PRO F 63 36.21 23.32 3.08
CA PRO F 63 35.94 23.18 1.65
C PRO F 63 37.17 23.44 0.79
N THR F 64 37.03 23.23 -0.52
CA THR F 64 38.16 23.19 -1.44
C THR F 64 38.60 24.59 -1.83
N GLY F 65 39.78 24.65 -2.46
CA GLY F 65 40.32 25.88 -3.00
C GLY F 65 40.77 26.90 -1.99
N CYS F 66 40.97 26.50 -0.73
CA CYS F 66 41.37 27.41 0.32
C CYS F 66 42.88 27.42 0.52
N GLY F 67 43.60 26.60 -0.22
CA GLY F 67 45.04 26.53 -0.09
C GLY F 67 45.51 25.48 0.89
N LYS F 68 44.84 24.34 0.91
CA LYS F 68 45.20 23.24 1.82
C LYS F 68 46.47 22.55 1.37
N THR F 69 46.53 22.13 0.10
CA THR F 69 47.73 21.46 -0.39
C THR F 69 48.88 22.44 -0.57
N TYR F 70 48.58 23.73 -0.71
CA TYR F 70 49.64 24.73 -0.85
C TYR F 70 50.27 25.05 0.49
N LEU F 71 49.53 24.86 1.58
CA LEU F 71 50.15 24.91 2.91
C LEU F 71 51.13 23.76 3.10
N ALA F 72 50.70 22.54 2.78
CA ALA F 72 51.52 21.36 3.04
C ALA F 72 52.69 21.27 2.07
N GLN F 73 52.53 21.79 0.86
CA GLN F 73 53.63 21.77 -0.10
C GLN F 73 54.71 22.77 0.28
N THR F 74 54.30 23.99 0.67
CA THR F 74 55.23 25.00 1.16
C THR F 74 55.95 24.51 2.40
N LEU F 75 55.21 23.82 3.26
CA LEU F 75 55.77 23.31 4.50
C LEU F 75 56.76 22.19 4.26
N ALA F 76 56.60 21.46 3.15
CA ALA F 76 57.60 20.48 2.75
C ALA F 76 58.76 21.13 2.01
N LYS F 77 58.52 22.23 1.30
CA LYS F 77 59.62 22.93 0.66
C LYS F 77 60.47 23.69 1.67
N MET F 78 59.93 23.93 2.86
CA MET F 78 60.71 24.62 3.89
C MET F 78 61.77 23.70 4.47
N LEU F 79 61.40 22.47 4.80
CA LEU F 79 62.30 21.52 5.43
C LEU F 79 62.94 20.57 4.44
N ASN F 80 62.80 20.85 3.14
CA ASN F 80 63.16 20.04 1.95
C ASN F 80 62.99 18.53 2.18
N VAL F 81 61.85 18.18 2.75
CA VAL F 81 61.43 16.78 2.91
C VAL F 81 60.65 16.43 1.66
N PRO F 82 60.46 15.13 1.37
CA PRO F 82 59.60 14.76 0.25
C PRO F 82 58.15 15.14 0.46
N PHE F 83 57.41 15.15 -0.64
CA PHE F 83 56.01 15.54 -0.60
C PHE F 83 55.29 14.82 -1.72
N ALA F 84 54.23 14.11 -1.36
CA ALA F 84 53.48 13.33 -2.33
C ALA F 84 52.01 13.68 -2.24
N ILE F 85 51.49 14.28 -3.32
CA ILE F 85 50.06 14.50 -3.47
C ILE F 85 49.42 13.18 -3.85
N ALA F 86 48.42 12.77 -3.09
CA ALA F 86 47.63 11.59 -3.43
C ALA F 86 46.16 11.92 -3.24
N ASP F 87 45.29 11.16 -3.88
CA ASP F 87 43.86 11.30 -3.63
C ASP F 87 43.31 9.96 -3.19
N ALA F 88 42.17 10.02 -2.49
CA ALA F 88 41.47 8.83 -2.05
C ALA F 88 40.47 8.33 -3.08
N THR F 89 40.29 9.08 -4.17
CA THR F 89 39.54 8.60 -5.33
C THR F 89 40.42 7.70 -6.19
N ALA F 90 41.73 7.71 -5.95
CA ALA F 90 42.66 6.74 -6.51
C ALA F 90 42.51 5.35 -5.90
N LEU F 91 41.70 5.21 -4.86
CA LEU F 91 41.32 3.94 -4.29
C LEU F 91 39.87 3.65 -4.66
N THR F 92 39.57 2.40 -4.97
CA THR F 92 38.27 2.03 -5.53
C THR F 92 37.35 1.52 -4.42
N GLU F 93 36.06 1.90 -4.49
CA GLU F 93 35.03 1.40 -3.58
C GLU F 93 34.40 0.15 -4.21
N ALA F 94 35.26 -0.79 -4.58
CA ALA F 94 34.82 -2.11 -5.02
C ALA F 94 35.82 -3.18 -4.58
N GLY F 95 36.71 -2.84 -3.67
CA GLY F 95 37.81 -3.73 -3.36
C GLY F 95 39.11 -3.29 -4.03
N TYR F 96 40.04 -4.26 -4.11
CA TYR F 96 41.38 -4.19 -4.72
C TYR F 96 42.35 -3.27 -3.97
N VAL F 97 41.90 -2.59 -2.91
CA VAL F 97 42.71 -1.61 -2.22
C VAL F 97 43.79 -2.30 -1.40
N GLY F 98 45.03 -1.86 -1.58
CA GLY F 98 46.18 -2.48 -0.94
C GLY F 98 47.37 -2.50 -1.86
N GLU F 99 47.11 -2.49 -3.17
CA GLU F 99 48.17 -2.36 -4.16
C GLU F 99 48.21 -0.97 -4.78
N ASP F 100 47.15 -0.18 -4.61
CA ASP F 100 47.17 1.21 -5.01
C ASP F 100 47.56 2.13 -3.86
N VAL F 101 47.55 1.61 -2.64
CA VAL F 101 48.14 2.30 -1.50
C VAL F 101 49.67 2.28 -1.63
N GLU F 102 50.22 1.21 -2.20
CA GLU F 102 51.65 1.16 -2.47
C GLU F 102 52.07 2.17 -3.54
N ASN F 103 51.15 2.52 -4.44
CA ASN F 103 51.44 3.55 -5.42
C ASN F 103 51.47 4.93 -4.79
N ILE F 104 50.77 5.11 -3.67
CA ILE F 104 50.89 6.36 -2.89
C ILE F 104 52.27 6.45 -2.27
N LEU F 105 52.76 5.34 -1.74
CA LEU F 105 54.09 5.29 -1.17
C LEU F 105 55.16 5.38 -2.25
N LEU F 106 54.85 4.90 -3.45
CA LEU F 106 55.77 5.03 -4.57
C LEU F 106 55.97 6.48 -4.95
N LYS F 107 54.90 7.28 -4.88
CA LYS F 107 55.01 8.71 -5.21
C LYS F 107 55.83 9.45 -4.17
N LEU F 108 55.88 8.93 -2.94
CA LEU F 108 56.74 9.52 -1.92
C LEU F 108 58.20 9.19 -2.20
N ILE F 109 58.48 7.95 -2.59
CA ILE F 109 59.84 7.53 -2.88
C ILE F 109 60.34 8.20 -4.17
N GLN F 110 59.45 8.38 -5.15
CA GLN F 110 59.81 9.13 -6.34
C GLN F 110 60.04 10.60 -6.04
N ALA F 111 59.33 11.15 -5.04
CA ALA F 111 59.60 12.51 -4.60
C ALA F 111 60.87 12.60 -3.76
N ALA F 112 61.37 11.46 -3.28
CA ALA F 112 62.62 11.42 -2.54
C ALA F 112 63.81 11.05 -3.42
N ASP F 113 63.58 10.87 -4.72
CA ASP F 113 64.58 10.42 -5.71
C ASP F 113 65.20 9.09 -5.30
N TYR F 114 64.33 8.20 -4.82
CA TYR F 114 64.62 6.79 -4.52
C TYR F 114 65.69 6.63 -3.43
N ASP F 115 65.74 7.59 -2.52
CA ASP F 115 66.45 7.43 -1.27
C ASP F 115 65.41 7.16 -0.21
N VAL F 116 65.39 5.93 0.31
CA VAL F 116 64.33 5.52 1.21
C VAL F 116 64.44 6.19 2.57
N LYS F 117 65.66 6.43 3.08
CA LYS F 117 65.80 7.02 4.41
C LYS F 117 65.39 8.48 4.42
N ARG F 118 65.48 9.15 3.27
CA ARG F 118 64.96 10.50 3.14
C ARG F 118 63.46 10.47 2.86
N ALA F 119 62.96 9.37 2.30
CA ALA F 119 61.51 9.20 2.14
C ALA F 119 60.83 8.84 3.44
N GLU F 120 61.51 8.13 4.34
CA GLU F 120 60.89 7.68 5.58
C GLU F 120 60.65 8.81 6.57
N THR F 121 61.16 10.00 6.30
CA THR F 121 60.80 11.19 7.05
C THR F 121 60.01 12.17 6.20
N GLY F 122 59.37 11.70 5.14
CA GLY F 122 58.68 12.59 4.24
C GLY F 122 57.27 12.90 4.68
N ILE F 123 56.59 13.66 3.83
CA ILE F 123 55.20 14.04 4.04
C ILE F 123 54.37 13.48 2.89
N ILE F 124 53.27 12.80 3.21
CA ILE F 124 52.32 12.36 2.20
C ILE F 124 51.03 13.13 2.38
N TYR F 125 50.62 13.85 1.34
CA TYR F 125 49.37 14.59 1.34
C TYR F 125 48.30 13.73 0.66
N ILE F 126 47.13 13.63 1.29
CA ILE F 126 46.00 12.93 0.73
C ILE F 126 44.83 13.91 0.68
N ASP F 127 44.12 13.94 -0.44
CA ASP F 127 42.98 14.84 -0.60
C ASP F 127 41.74 14.02 -0.92
N GLN F 128 40.56 14.63 -0.72
CA GLN F 128 39.24 14.06 -0.93
C GLN F 128 39.00 12.77 -0.15
N VAL F 129 38.95 12.86 1.18
CA VAL F 129 38.52 11.73 2.01
C VAL F 129 37.00 11.77 2.16
N ASP F 130 36.37 12.76 1.52
CA ASP F 130 34.93 12.86 1.41
C ASP F 130 34.32 11.74 0.57
N LYS F 131 35.06 11.23 -0.40
CA LYS F 131 34.51 10.22 -1.32
C LYS F 131 34.30 8.89 -0.62
N ILE F 132 35.17 8.55 0.32
CA ILE F 132 35.27 7.20 0.87
C ILE F 132 34.66 7.11 2.26
N ALA F 133 33.85 8.08 2.65
CA ALA F 133 33.21 8.06 3.97
C ALA F 133 31.86 7.36 3.93
N GLY F 149 35.56 0.18 3.55
CA GLY F 149 36.64 -0.75 3.25
C GLY F 149 37.90 -0.06 2.77
N VAL F 150 37.77 1.21 2.41
CA VAL F 150 38.88 1.97 1.85
C VAL F 150 39.71 2.64 2.94
N GLN F 151 39.05 3.26 3.93
CA GLN F 151 39.77 3.89 5.03
C GLN F 151 40.47 2.85 5.90
N GLN F 152 39.93 1.64 5.96
CA GLN F 152 40.50 0.60 6.80
C GLN F 152 41.83 0.10 6.24
N ALA F 153 41.93 -0.06 4.92
CA ALA F 153 43.20 -0.42 4.32
C ALA F 153 44.12 0.77 4.12
N LEU F 154 43.63 1.98 4.40
CA LEU F 154 44.45 3.18 4.30
C LEU F 154 45.11 3.52 5.63
N LEU F 155 44.47 3.19 6.75
CA LEU F 155 44.99 3.54 8.06
C LEU F 155 46.19 2.69 8.49
N LYS F 156 46.54 1.67 7.71
CA LYS F 156 47.73 0.88 8.03
C LYS F 156 49.00 1.67 7.78
N ILE F 157 49.02 2.50 6.73
CA ILE F 157 50.22 3.27 6.47
C ILE F 157 50.25 4.54 7.31
N LEU F 158 49.08 5.09 7.67
CA LEU F 158 49.04 6.26 8.55
C LEU F 158 49.55 5.93 9.94
N GLU F 159 49.42 4.68 10.35
CA GLU F 159 49.88 4.20 11.63
C GLU F 159 51.33 3.75 11.59
N GLY F 160 51.85 3.41 10.44
CA GLY F 160 53.22 2.94 10.39
C GLY F 160 53.28 1.46 10.12
N THR F 161 53.84 1.10 8.96
CA THR F 161 53.95 -0.30 8.58
C THR F 161 55.16 -0.47 7.66
N GLN F 162 55.75 -1.65 7.74
CA GLN F 162 56.82 -2.04 6.82
C GLN F 162 56.15 -2.43 5.51
N ALA F 163 56.13 -1.52 4.56
CA ALA F 163 55.46 -1.75 3.29
C ALA F 163 56.50 -2.02 2.20
N SER F 164 56.15 -2.94 1.29
CA SER F 164 57.01 -3.30 0.17
C SER F 164 56.46 -2.64 -1.08
N VAL F 165 57.17 -1.66 -1.60
CA VAL F 165 56.73 -0.85 -2.73
C VAL F 165 57.33 -1.44 -3.99
N PRO F 166 56.53 -1.78 -4.99
CA PRO F 166 57.07 -2.11 -6.30
C PRO F 166 57.61 -0.86 -6.96
N PRO F 167 58.76 -0.94 -7.64
CA PRO F 167 59.37 0.27 -8.21
C PRO F 167 58.58 0.90 -9.34
N GLN F 168 57.88 0.10 -10.16
CA GLN F 168 56.91 0.63 -11.10
C GLN F 168 55.86 -0.46 -11.33
N GLY F 169 54.94 -0.17 -12.25
CA GLY F 169 53.89 -1.13 -12.57
C GLY F 169 54.42 -2.38 -13.26
N GLY F 170 55.55 -2.26 -13.96
CA GLY F 170 56.16 -3.37 -14.64
C GLY F 170 56.89 -4.36 -13.74
N ARG F 171 57.10 -4.02 -12.47
CA ARG F 171 57.80 -4.90 -11.54
C ARG F 171 56.85 -5.79 -10.76
N LYS F 172 55.56 -5.80 -11.11
CA LYS F 172 54.60 -6.73 -10.49
C LYS F 172 54.50 -8.00 -11.34
N HIS F 173 55.27 -8.02 -12.42
CA HIS F 173 55.47 -9.21 -13.24
C HIS F 173 56.52 -10.19 -12.70
N PRO F 174 57.77 -9.79 -12.33
CA PRO F 174 58.73 -10.84 -11.95
C PRO F 174 58.68 -11.24 -10.49
N HIS F 175 58.27 -10.33 -9.59
CA HIS F 175 58.07 -10.55 -8.15
C HIS F 175 59.28 -11.06 -7.38
N GLN F 176 60.37 -10.30 -7.35
CA GLN F 176 61.40 -10.61 -6.36
C GLN F 176 61.98 -9.34 -5.74
N GLU F 177 61.70 -8.19 -6.34
CA GLU F 177 62.34 -6.94 -5.96
C GLU F 177 61.27 -5.94 -5.55
N PHE F 178 61.36 -5.46 -4.31
CA PHE F 178 60.44 -4.45 -3.83
C PHE F 178 61.21 -3.45 -2.98
N ILE F 179 60.74 -2.21 -2.98
CA ILE F 179 61.38 -1.14 -2.26
C ILE F 179 60.76 -1.09 -0.87
N GLN F 180 61.60 -1.31 0.15
CA GLN F 180 61.10 -1.33 1.52
C GLN F 180 61.05 0.09 2.08
N ILE F 181 59.98 0.40 2.79
CA ILE F 181 59.81 1.68 3.44
C ILE F 181 58.95 1.45 4.68
N ASP F 182 59.24 2.17 5.76
CA ASP F 182 58.31 2.21 6.88
C ASP F 182 57.71 3.60 6.94
N THR F 183 56.43 3.65 7.31
CA THR F 183 55.74 4.93 7.47
C THR F 183 55.56 5.26 8.95
N THR F 184 56.39 4.68 9.80
CA THR F 184 56.42 5.00 11.21
C THR F 184 56.88 6.43 11.46
N ASN F 185 57.69 6.99 10.56
CA ASN F 185 58.12 8.37 10.68
C ASN F 185 57.70 9.22 9.51
N VAL F 186 56.78 8.74 8.67
CA VAL F 186 56.27 9.52 7.55
C VAL F 186 55.10 10.34 8.06
N LEU F 187 55.14 11.65 7.81
CA LEU F 187 54.04 12.51 8.18
C LEU F 187 52.91 12.39 7.17
N PHE F 188 51.68 12.35 7.67
CA PHE F 188 50.49 12.25 6.83
C PHE F 188 49.62 13.47 7.08
N ILE F 189 49.49 14.30 6.07
CA ILE F 189 48.60 15.46 6.12
C ILE F 189 47.48 15.16 5.16
N VAL F 190 46.40 14.60 5.67
CA VAL F 190 45.28 14.28 4.81
C VAL F 190 44.30 15.45 4.85
N ALA F 191 43.46 15.51 3.82
CA ALA F 191 42.50 16.60 3.72
C ALA F 191 41.26 16.11 2.99
N GLY F 192 40.16 16.84 3.18
CA GLY F 192 38.92 16.46 2.56
C GLY F 192 38.28 17.56 1.75
N ALA F 193 36.99 17.40 1.44
CA ALA F 193 36.23 18.38 0.70
C ALA F 193 34.91 18.61 1.42
N PHE F 194 34.98 18.80 2.74
CA PHE F 194 33.79 18.78 3.57
C PHE F 194 32.94 20.02 3.36
N ALA F 195 31.76 19.82 2.77
CA ALA F 195 30.79 20.91 2.70
C ALA F 195 29.44 20.52 3.30
N GLY F 196 29.31 19.32 3.83
CA GLY F 196 28.09 18.91 4.51
C GLY F 196 28.38 18.51 5.94
N LEU F 197 29.49 19.01 6.48
CA LEU F 197 29.89 18.73 7.85
C LEU F 197 29.42 19.76 8.85
N GLU F 198 29.24 21.02 8.44
CA GLU F 198 28.83 22.09 9.35
C GLU F 198 27.42 21.88 9.89
N LYS F 199 26.61 21.04 9.22
CA LYS F 199 25.33 20.56 9.72
C LYS F 199 25.52 19.84 11.04
N ILE F 200 26.52 18.97 11.13
CA ILE F 200 26.80 18.28 12.37
C ILE F 200 27.52 19.20 13.36
N ILE F 201 28.26 20.19 12.86
CA ILE F 201 28.86 21.19 13.74
C ILE F 201 27.79 22.09 14.33
N TYR F 202 26.76 22.43 13.53
CA TYR F 202 25.62 23.17 14.06
C TYR F 202 24.81 22.33 15.04
N GLU F 203 24.89 21.01 14.92
CA GLU F 203 23.99 20.10 15.63
C GLU F 203 24.25 20.12 17.14
N ARG F 204 25.48 19.85 17.56
CA ARG F 204 25.81 19.67 18.96
C ARG F 204 25.99 20.99 19.71
N VAL F 205 25.77 22.12 19.04
CA VAL F 205 25.61 23.39 19.74
C VAL F 205 24.31 23.40 20.52
N GLY F 206 23.29 22.70 20.01
CA GLY F 206 21.93 22.86 20.42
C GLY F 206 21.09 23.57 19.38
N LYS F 207 21.73 24.19 18.41
CA LYS F 207 21.03 24.79 17.29
C LYS F 207 20.61 23.71 16.30
N ARG F 208 19.42 23.87 15.74
CA ARG F 208 18.95 22.92 14.74
C ARG F 208 19.41 23.33 13.35
N GLY F 209 19.35 22.38 12.43
CA GLY F 209 19.60 22.65 11.04
C GLY F 209 18.34 22.48 10.25
N LEU F 210 17.21 22.40 10.95
CA LEU F 210 15.92 22.18 10.34
C LEU F 210 14.85 22.89 11.14
N GLY F 211 14.05 23.69 10.45
CA GLY F 211 12.80 24.14 11.00
C GLY F 211 12.86 25.60 11.36
N PHE F 212 11.90 26.01 12.18
CA PHE F 212 11.72 27.39 12.57
C PHE F 212 12.75 27.75 13.62
N GLY F 213 13.47 28.84 13.39
CA GLY F 213 14.47 29.28 14.34
C GLY F 213 15.69 28.40 14.34
N ALA F 214 15.99 27.79 13.21
CA ALA F 214 17.17 26.97 13.04
C ALA F 214 18.21 27.78 12.27
N GLU F 215 19.32 27.14 11.95
CA GLU F 215 20.34 27.80 11.14
C GLU F 215 20.67 26.89 9.97
N VAL F 216 20.17 27.23 8.80
CA VAL F 216 20.52 26.55 7.58
C VAL F 216 21.56 27.39 6.84
N ARG F 217 22.49 26.70 6.17
CA ARG F 217 23.64 27.34 5.54
C ARG F 217 23.30 27.64 4.10
N SER F 218 23.45 28.90 3.70
CA SER F 218 23.29 29.30 2.30
C SER F 218 24.56 29.02 1.50
N ASP F 226 33.32 29.09 15.32
CA ASP F 226 32.10 28.78 14.59
C ASP F 226 32.15 27.41 13.93
N HIS F 227 31.48 27.27 12.80
CA HIS F 227 31.61 26.06 12.01
C HIS F 227 32.96 26.05 11.29
N PHE F 228 33.53 24.85 11.17
CA PHE F 228 34.87 24.60 10.62
C PHE F 228 35.96 25.34 11.40
N ALA F 229 35.69 25.56 12.70
CA ALA F 229 36.72 26.02 13.62
C ALA F 229 36.57 25.25 14.92
N ASP F 230 35.45 24.55 15.06
CA ASP F 230 35.14 23.74 16.24
C ASP F 230 34.73 22.37 15.73
N VAL F 231 35.71 21.51 15.47
CA VAL F 231 35.46 20.21 14.86
C VAL F 231 35.87 19.14 15.86
N MET F 232 34.92 18.33 16.29
CA MET F 232 35.15 17.24 17.20
C MET F 232 35.13 15.91 16.45
N PRO F 233 35.87 14.90 16.92
CA PRO F 233 35.86 13.61 16.22
C PRO F 233 34.56 12.84 16.34
N GLU F 234 33.63 13.28 17.21
CA GLU F 234 32.30 12.68 17.24
C GLU F 234 31.48 13.14 16.04
N ASP F 235 31.88 14.24 15.40
CA ASP F 235 31.11 14.79 14.29
C ASP F 235 31.50 14.14 12.98
N LEU F 236 32.69 13.55 12.92
CA LEU F 236 33.16 12.87 11.72
C LEU F 236 32.80 11.39 11.69
N ILE F 237 32.56 10.78 12.85
CA ILE F 237 32.05 9.41 12.87
C ILE F 237 30.62 9.37 12.36
N LYS F 238 29.81 10.36 12.74
CA LYS F 238 28.45 10.47 12.23
C LYS F 238 28.44 10.78 10.74
N PHE F 239 29.48 11.47 10.25
CA PHE F 239 29.58 11.74 8.82
C PHE F 239 29.80 10.46 8.01
N GLY F 240 30.52 9.49 8.56
CA GLY F 240 30.72 8.25 7.86
C GLY F 240 32.15 7.73 7.93
N LEU F 241 33.06 8.53 8.49
CA LEU F 241 34.43 8.07 8.69
C LEU F 241 34.48 6.97 9.75
N ILE F 242 35.45 6.07 9.58
CA ILE F 242 35.70 4.99 10.52
C ILE F 242 36.31 5.63 11.76
N PRO F 243 35.93 5.21 12.97
CA PRO F 243 36.63 5.70 14.18
C PRO F 243 38.10 5.29 14.23
N GLU F 244 38.46 4.21 13.54
CA GLU F 244 39.85 3.79 13.52
C GLU F 244 40.69 4.67 12.60
N PHE F 245 40.04 5.45 11.74
CA PHE F 245 40.76 6.34 10.83
C PHE F 245 41.02 7.70 11.48
N ILE F 246 40.08 8.16 12.31
CA ILE F 246 40.17 9.51 12.87
C ILE F 246 41.20 9.56 13.99
N GLY F 247 41.31 8.49 14.77
CA GLY F 247 42.27 8.44 15.86
C GLY F 247 43.71 8.43 15.43
N ARG F 248 43.97 8.07 14.17
CA ARG F 248 45.29 8.23 13.57
C ARG F 248 45.52 9.63 13.04
N LEU F 249 44.56 10.55 13.20
CA LEU F 249 44.67 11.93 12.74
C LEU F 249 44.40 12.87 13.91
N PRO F 250 45.33 12.98 14.87
CA PRO F 250 45.03 13.72 16.09
C PRO F 250 45.04 15.23 15.93
N VAL F 251 45.86 15.74 15.04
CA VAL F 251 45.87 17.17 14.78
C VAL F 251 44.83 17.52 13.73
N VAL F 252 43.91 18.42 14.10
CA VAL F 252 42.95 18.97 13.16
C VAL F 252 43.37 20.39 12.80
N ALA F 253 43.53 20.63 11.51
CA ALA F 253 43.56 21.97 10.97
C ALA F 253 42.29 22.17 10.16
N SER F 254 41.91 23.43 9.98
CA SER F 254 40.64 23.67 9.32
C SER F 254 40.74 24.93 8.51
N VAL F 255 40.01 24.97 7.40
CA VAL F 255 40.00 26.12 6.53
C VAL F 255 38.56 26.60 6.34
N THR F 256 38.40 27.91 6.23
CA THR F 256 37.21 28.52 5.67
C THR F 256 37.55 29.11 4.31
N ASN F 257 36.51 29.55 3.60
CA ASN F 257 36.66 29.97 2.21
C ASN F 257 37.43 31.28 2.13
N LEU F 258 38.44 31.30 1.27
CA LEU F 258 39.16 32.53 0.98
C LEU F 258 38.25 33.51 0.27
N ASP F 259 38.32 34.77 0.70
CA ASP F 259 37.47 35.80 0.13
C ASP F 259 38.30 36.66 -0.81
N LYS F 260 37.67 37.74 -1.31
CA LYS F 260 38.11 38.39 -2.55
C LYS F 260 39.45 39.08 -2.39
N GLU F 261 39.72 39.64 -1.21
CA GLU F 261 40.95 40.41 -1.03
C GLU F 261 42.17 39.49 -0.97
N SER F 262 42.02 38.32 -0.36
CA SER F 262 43.11 37.35 -0.33
C SER F 262 43.35 36.67 -1.67
N LEU F 263 42.29 36.48 -2.48
CA LEU F 263 42.45 35.88 -3.80
C LEU F 263 43.22 36.78 -4.74
N VAL F 264 43.08 38.11 -4.59
CA VAL F 264 43.90 39.05 -5.35
C VAL F 264 45.35 38.94 -4.91
N LYS F 265 45.57 38.67 -3.62
CA LYS F 265 46.93 38.58 -3.10
C LYS F 265 47.60 37.28 -3.53
N ILE F 266 46.82 36.32 -4.04
CA ILE F 266 47.39 35.10 -4.61
C ILE F 266 47.75 35.32 -6.07
N LEU F 267 47.07 36.27 -6.73
CA LEU F 267 47.21 36.44 -8.18
C LEU F 267 48.55 37.05 -8.56
N SER F 268 49.04 38.03 -7.79
CA SER F 268 50.16 38.85 -8.21
C SER F 268 51.41 38.64 -7.38
N GLU F 269 51.32 38.75 -6.04
CA GLU F 269 52.46 38.79 -5.11
C GLU F 269 53.50 37.67 -5.14
N PRO F 270 53.17 36.38 -5.22
CA PRO F 270 54.25 35.37 -5.09
C PRO F 270 55.15 35.31 -6.31
N LYS F 271 56.23 34.53 -6.16
CA LYS F 271 57.16 34.32 -7.26
C LYS F 271 56.51 33.56 -8.40
N ASN F 272 55.96 32.39 -8.13
CA ASN F 272 55.10 31.69 -9.07
C ASN F 272 53.69 32.21 -8.88
N ALA F 273 53.31 33.21 -9.68
CA ALA F 273 51.99 33.83 -9.58
C ALA F 273 51.48 34.06 -10.98
N LEU F 274 50.15 34.09 -11.10
CA LEU F 274 49.50 34.12 -12.41
C LEU F 274 49.67 35.47 -13.09
N VAL F 275 49.50 36.57 -12.35
CA VAL F 275 49.62 37.90 -12.93
C VAL F 275 51.04 38.15 -13.44
N LYS F 276 52.05 37.75 -12.65
CA LYS F 276 53.43 37.90 -13.10
C LYS F 276 53.76 36.96 -14.25
N GLN F 277 52.98 35.89 -14.40
CA GLN F 277 53.26 34.90 -15.44
C GLN F 277 52.82 35.38 -16.81
N TYR F 278 51.61 35.93 -16.91
CA TYR F 278 51.11 36.38 -18.20
C TYR F 278 51.72 37.69 -18.63
N ILE F 279 52.21 38.50 -17.68
CA ILE F 279 53.02 39.66 -18.05
C ILE F 279 54.32 39.20 -18.70
N ARG F 280 54.94 38.19 -18.11
CA ARG F 280 56.14 37.56 -18.69
C ARG F 280 55.81 36.92 -20.03
N LEU F 281 54.62 36.35 -20.14
CA LEU F 281 54.21 35.73 -21.39
C LEU F 281 53.97 36.78 -22.47
N PHE F 282 53.64 38.01 -22.07
CA PHE F 282 53.38 39.02 -23.07
C PHE F 282 54.60 39.87 -23.39
N GLU F 283 55.53 40.01 -22.46
CA GLU F 283 56.76 40.74 -22.77
C GLU F 283 57.74 39.92 -23.59
N MET F 284 57.41 38.65 -23.86
CA MET F 284 58.09 37.93 -24.93
C MET F 284 57.78 38.55 -26.28
N ASP F 285 56.58 39.11 -26.44
CA ASP F 285 56.22 39.88 -27.62
C ASP F 285 56.54 41.36 -27.49
N GLY F 286 57.12 41.77 -26.37
CA GLY F 286 57.40 43.18 -26.17
C GLY F 286 56.16 43.99 -25.84
N VAL F 287 55.17 43.37 -25.21
CA VAL F 287 53.92 44.02 -24.86
C VAL F 287 53.75 43.94 -23.36
N GLU F 288 53.70 45.08 -22.70
CA GLU F 288 53.47 45.06 -21.26
C GLU F 288 52.00 44.81 -20.99
N LEU F 289 51.73 44.12 -19.89
CA LEU F 289 50.38 43.75 -19.50
C LEU F 289 50.08 44.36 -18.14
N GLU F 290 48.99 45.11 -18.06
CA GLU F 290 48.57 45.70 -16.81
C GLU F 290 47.20 45.15 -16.43
N PHE F 291 46.98 45.04 -15.12
CA PHE F 291 45.68 44.73 -14.57
C PHE F 291 45.27 45.88 -13.69
N THR F 292 44.08 46.42 -13.93
CA THR F 292 43.50 47.33 -12.96
C THR F 292 43.09 46.53 -11.73
N ASP F 293 43.10 47.18 -10.57
CA ASP F 293 42.73 46.50 -9.34
C ASP F 293 41.25 46.17 -9.29
N ASP F 294 40.43 46.84 -10.10
CA ASP F 294 39.04 46.44 -10.27
C ASP F 294 38.93 45.15 -11.06
N ALA F 295 39.88 44.89 -11.96
CA ALA F 295 39.84 43.68 -12.75
C ALA F 295 40.28 42.46 -11.94
N LEU F 296 41.25 42.66 -11.04
CA LEU F 296 41.68 41.57 -10.18
C LEU F 296 40.59 41.22 -9.17
N GLU F 297 39.78 42.20 -8.77
CA GLU F 297 38.61 41.90 -7.96
C GLU F 297 37.54 41.17 -8.76
N ALA F 298 37.48 41.42 -10.07
CA ALA F 298 36.53 40.69 -10.91
C ALA F 298 36.96 39.26 -11.13
N ILE F 299 38.28 39.02 -11.17
CA ILE F 299 38.79 37.66 -11.20
C ILE F 299 38.59 36.99 -9.86
N ALA F 300 38.77 37.75 -8.77
CA ALA F 300 38.44 37.25 -7.44
C ALA F 300 36.95 37.12 -7.20
N ASP F 301 36.13 37.87 -7.94
CA ASP F 301 34.68 37.65 -7.93
C ASP F 301 34.33 36.28 -8.49
N GLN F 302 35.00 35.84 -9.54
CA GLN F 302 34.86 34.47 -10.00
C GLN F 302 35.58 33.54 -9.03
N ALA F 303 35.10 32.28 -8.99
CA ALA F 303 35.35 31.20 -8.01
C ALA F 303 34.71 31.48 -6.66
N ILE F 304 34.09 32.64 -6.46
CA ILE F 304 33.09 32.82 -5.42
C ILE F 304 31.70 32.42 -5.91
N HIS F 305 31.38 32.68 -7.18
CA HIS F 305 30.21 32.07 -7.80
C HIS F 305 30.33 30.56 -7.91
N ARG F 306 31.55 30.03 -7.96
CA ARG F 306 31.79 28.60 -8.13
C ARG F 306 32.16 27.88 -6.85
N GLY F 307 32.94 28.49 -5.96
CA GLY F 307 33.37 27.81 -4.76
C GLY F 307 34.62 27.00 -4.92
N THR F 308 35.37 27.21 -5.99
CA THR F 308 36.61 26.48 -6.23
C THR F 308 37.84 27.23 -5.74
N GLY F 309 37.66 28.43 -5.20
CA GLY F 309 38.67 29.19 -4.49
C GLY F 309 39.87 29.58 -5.34
N ALA F 310 41.06 29.42 -4.75
CA ALA F 310 42.29 29.79 -5.42
C ALA F 310 42.73 28.81 -6.48
N ARG F 311 42.23 27.57 -6.44
CA ARG F 311 42.60 26.60 -7.47
C ARG F 311 41.92 26.92 -8.79
N GLY F 312 40.82 27.67 -8.75
CA GLY F 312 40.12 28.00 -9.98
C GLY F 312 40.70 29.20 -10.69
N LEU F 313 41.66 29.88 -10.07
CA LEU F 313 42.17 31.15 -10.59
C LEU F 313 42.90 30.98 -11.92
N ARG F 314 43.58 29.85 -12.10
CA ARG F 314 44.28 29.61 -13.36
C ARG F 314 43.30 29.39 -14.51
N ALA F 315 42.15 28.77 -14.20
CA ALA F 315 41.14 28.57 -15.23
C ALA F 315 40.48 29.89 -15.61
N ILE F 316 40.37 30.81 -14.64
CA ILE F 316 39.76 32.11 -14.90
C ILE F 316 40.70 32.97 -15.73
N MET F 317 42.01 32.93 -15.43
CA MET F 317 42.99 33.71 -16.17
C MET F 317 43.12 33.22 -17.61
N GLU F 318 42.95 31.91 -17.82
CA GLU F 318 42.97 31.39 -19.18
C GLU F 318 41.73 31.81 -19.96
N GLU F 319 40.56 31.82 -19.31
CA GLU F 319 39.34 32.19 -20.02
C GLU F 319 39.27 33.68 -20.32
N VAL F 320 39.89 34.51 -19.48
CA VAL F 320 39.89 35.95 -19.71
C VAL F 320 40.90 36.31 -20.79
N LEU F 321 42.11 35.77 -20.69
CA LEU F 321 43.19 36.17 -21.58
C LEU F 321 43.28 35.36 -22.85
N LEU F 322 42.39 34.39 -23.09
CA LEU F 322 42.42 33.65 -24.34
C LEU F 322 42.05 34.51 -25.56
N PRO F 323 41.05 35.42 -25.52
CA PRO F 323 40.97 36.36 -26.65
C PRO F 323 42.08 37.39 -26.66
N VAL F 324 42.75 37.63 -25.53
CA VAL F 324 43.88 38.55 -25.54
C VAL F 324 45.06 37.92 -26.26
N MET F 325 45.47 36.72 -25.80
CA MET F 325 46.63 36.02 -26.35
C MET F 325 46.46 35.69 -27.82
N TYR F 326 45.23 35.52 -28.28
CA TYR F 326 44.99 35.31 -29.69
C TYR F 326 45.19 36.59 -30.49
N ASP F 327 45.02 37.76 -29.86
CA ASP F 327 45.00 39.02 -30.58
C ASP F 327 46.22 39.89 -30.37
N ILE F 328 47.12 39.56 -29.46
CA ILE F 328 48.32 40.39 -29.26
C ILE F 328 49.29 40.37 -30.44
N PRO F 329 49.73 39.21 -30.98
CA PRO F 329 50.84 39.30 -31.95
C PRO F 329 50.43 39.83 -33.32
N SER F 330 49.16 39.77 -33.66
CA SER F 330 48.71 40.38 -34.92
C SER F 330 48.36 41.86 -34.76
N ARG F 331 48.59 42.43 -33.59
CA ARG F 331 48.35 43.83 -33.27
C ARG F 331 49.68 44.46 -32.88
N ASP F 332 49.86 45.75 -33.17
CA ASP F 332 51.10 46.41 -32.79
C ASP F 332 50.97 47.22 -31.51
N ASP F 333 50.16 46.77 -30.56
CA ASP F 333 50.10 47.39 -29.25
C ASP F 333 51.40 47.18 -28.49
N VAL F 334 51.64 48.04 -27.51
CA VAL F 334 52.75 47.89 -26.58
C VAL F 334 52.28 47.82 -25.15
N ALA F 335 51.01 48.09 -24.89
CA ALA F 335 50.46 48.04 -23.54
C ALA F 335 49.04 47.52 -23.60
N LYS F 336 48.76 46.45 -22.88
CA LYS F 336 47.43 45.88 -22.81
C LYS F 336 46.94 45.91 -21.37
N VAL F 337 45.76 46.49 -21.17
CA VAL F 337 45.22 46.71 -19.83
C VAL F 337 43.90 45.97 -19.72
N VAL F 338 43.79 45.14 -18.70
CA VAL F 338 42.57 44.37 -18.43
C VAL F 338 41.75 45.15 -17.42
N VAL F 339 40.50 45.42 -17.76
CA VAL F 339 39.57 46.16 -16.91
C VAL F 339 38.48 45.18 -16.49
N THR F 340 37.73 45.52 -15.43
CA THR F 340 36.67 44.64 -14.93
C THR F 340 35.55 44.44 -15.94
N LYS F 341 35.39 45.36 -16.90
CA LYS F 341 34.47 45.16 -18.02
C LYS F 341 35.07 44.28 -19.11
N GLU F 342 36.35 43.91 -18.98
CA GLU F 342 37.05 43.10 -19.95
C GLU F 342 37.45 41.75 -19.39
N THR F 343 37.50 41.60 -18.07
CA THR F 343 37.26 40.33 -17.41
C THR F 343 35.80 39.98 -17.63
N VAL F 344 35.49 38.67 -17.67
CA VAL F 344 34.22 38.21 -18.23
C VAL F 344 33.07 38.60 -17.31
N GLN F 345 32.47 39.74 -17.62
CA GLN F 345 31.16 40.14 -17.14
C GLN F 345 30.30 40.29 -18.38
N ASP F 346 30.87 40.92 -19.40
CA ASP F 346 30.28 41.02 -20.73
C ASP F 346 31.25 40.61 -21.83
N ASN F 347 32.51 40.36 -21.48
CA ASN F 347 33.59 39.95 -22.40
C ASN F 347 33.79 40.98 -23.51
N VAL F 348 34.19 42.18 -23.09
CA VAL F 348 34.57 43.22 -24.04
C VAL F 348 36.03 43.03 -24.43
N LEU F 349 36.34 43.30 -25.71
CA LEU F 349 37.71 43.26 -26.19
C LEU F 349 38.56 44.28 -25.44
N PRO F 350 39.77 43.89 -24.98
CA PRO F 350 40.49 44.72 -24.00
C PRO F 350 41.07 46.00 -24.56
N THR F 351 41.82 46.70 -23.70
CA THR F 351 42.17 48.10 -23.95
C THR F 351 43.27 48.24 -24.98
N ILE F 352 42.98 48.96 -26.05
CA ILE F 352 43.88 49.13 -27.19
C ILE F 352 44.75 50.35 -26.92
N VAL F 353 46.03 50.12 -26.66
CA VAL F 353 47.00 51.22 -26.53
C VAL F 353 48.07 51.03 -27.59
N PRO F 354 47.98 51.73 -28.73
CA PRO F 354 49.01 51.61 -29.77
C PRO F 354 50.32 52.27 -29.36
N ILE G 1 -2.79 1.21 22.20
CA ILE G 1 -1.55 1.33 21.43
C ILE G 1 -0.68 0.11 21.72
N LEU G 2 0.04 -0.38 20.71
CA LEU G 2 0.86 -1.56 20.84
C LEU G 2 2.23 -1.27 20.26
N PRO G 3 3.29 -1.37 21.05
CA PRO G 3 4.63 -1.07 20.55
C PRO G 3 5.20 -2.21 19.73
N SER G 4 5.61 -1.91 18.50
CA SER G 4 5.99 -2.96 17.57
C SER G 4 6.85 -2.36 16.47
N PHE G 5 8.01 -2.95 16.25
CA PHE G 5 8.91 -2.50 15.20
C PHE G 5 8.75 -3.35 13.95
N ILE G 6 9.21 -2.80 12.83
CA ILE G 6 9.29 -3.53 11.58
C ILE G 6 10.75 -3.64 11.18
N GLU G 7 11.33 -4.82 11.38
CA GLU G 7 12.63 -5.08 10.79
C GLU G 7 12.43 -5.50 9.33
N HIS G 8 13.29 -5.01 8.45
CA HIS G 8 13.08 -5.27 7.03
C HIS G 8 14.01 -6.37 6.52
N SER G 9 15.32 -6.14 6.62
CA SER G 9 16.43 -7.03 6.22
C SER G 9 16.42 -7.39 4.73
N SER G 10 15.64 -6.69 3.89
CA SER G 10 15.47 -6.96 2.45
C SER G 10 15.04 -8.41 2.17
N PHE G 11 14.28 -8.98 3.11
CA PHE G 11 13.74 -10.32 2.95
C PHE G 11 12.25 -10.27 3.29
N GLY G 12 11.87 -9.30 4.11
CA GLY G 12 10.50 -9.17 4.55
C GLY G 12 10.20 -7.76 5.01
N VAL G 13 8.99 -7.59 5.53
CA VAL G 13 8.52 -6.35 6.11
C VAL G 13 8.24 -6.74 7.56
N LYS G 14 9.14 -7.57 8.11
CA LYS G 14 8.91 -8.36 9.32
C LYS G 14 8.46 -7.63 10.58
N GLU G 15 7.25 -7.96 11.02
CA GLU G 15 6.57 -7.35 12.16
C GLU G 15 6.96 -8.05 13.46
N SER G 16 7.05 -7.28 14.55
CA SER G 16 7.36 -7.82 15.87
C SER G 16 6.48 -7.18 16.94
N ASN G 17 5.33 -7.78 17.19
CA ASN G 17 4.47 -7.39 18.29
C ASN G 17 4.97 -8.00 19.60
N PRO G 18 4.39 -7.62 20.73
CA PRO G 18 4.48 -8.48 21.91
C PRO G 18 3.66 -9.74 21.78
N TYR G 19 2.66 -9.76 20.91
CA TYR G 19 1.91 -10.99 20.67
C TYR G 19 2.73 -11.99 19.88
N ASN G 20 3.59 -11.51 18.99
CA ASN G 20 4.52 -12.41 18.31
C ASN G 20 5.51 -12.99 19.29
N LYS G 21 5.88 -12.23 20.30
CA LYS G 21 6.79 -12.72 21.32
C LYS G 21 6.09 -13.77 22.19
N LEU G 22 4.82 -13.54 22.51
CA LEU G 22 4.05 -14.52 23.27
C LEU G 22 3.84 -15.79 22.48
N PHE G 23 3.56 -15.66 21.18
CA PHE G 23 3.31 -16.83 20.36
C PHE G 23 4.56 -17.66 20.15
N GLU G 24 5.73 -17.02 20.18
CA GLU G 24 6.99 -17.76 20.11
C GLU G 24 7.19 -18.62 21.34
N GLU G 25 6.70 -18.17 22.49
CA GLU G 25 6.71 -18.95 23.71
C GLU G 25 5.43 -19.73 23.91
N ARG G 26 4.72 -20.02 22.81
CA ARG G 26 3.60 -20.96 22.74
C ARG G 26 2.42 -20.48 23.57
N ILE G 27 2.15 -19.19 23.50
CA ILE G 27 1.04 -18.57 24.20
C ILE G 27 0.06 -18.10 23.14
N ILE G 28 -1.05 -18.79 23.01
CA ILE G 28 -2.16 -18.37 22.17
C ILE G 28 -3.02 -17.44 22.98
N PHE G 29 -3.53 -16.41 22.36
CA PHE G 29 -4.18 -15.33 23.08
C PHE G 29 -5.62 -15.16 22.62
N LEU G 30 -6.57 -15.52 23.47
CA LEU G 30 -7.97 -15.27 23.23
C LEU G 30 -8.37 -14.04 24.03
N GLY G 31 -8.27 -12.87 23.40
CA GLY G 31 -8.51 -11.64 24.10
C GLY G 31 -9.70 -10.90 23.55
N VAL G 32 -10.29 -11.45 22.50
CA VAL G 32 -11.43 -10.86 21.84
C VAL G 32 -12.62 -11.78 22.05
N GLN G 33 -13.78 -11.33 21.61
CA GLN G 33 -14.97 -12.15 21.64
C GLN G 33 -14.83 -13.33 20.71
N VAL G 34 -15.30 -14.48 21.16
CA VAL G 34 -15.22 -15.70 20.36
C VAL G 34 -16.25 -15.61 19.25
N ASP G 35 -15.84 -15.12 18.09
CA ASP G 35 -16.67 -15.20 16.91
C ASP G 35 -15.93 -16.11 15.95
N ASP G 36 -16.42 -16.19 14.70
CA ASP G 36 -15.79 -17.04 13.71
C ASP G 36 -14.36 -16.62 13.44
N ALA G 37 -14.14 -15.33 13.20
CA ALA G 37 -12.82 -14.82 12.87
C ALA G 37 -11.83 -14.97 14.02
N SER G 38 -12.31 -14.89 15.25
CA SER G 38 -11.46 -15.18 16.40
C SER G 38 -11.18 -16.66 16.49
N ALA G 39 -12.21 -17.49 16.31
CA ALA G 39 -12.05 -18.93 16.38
C ALA G 39 -11.17 -19.44 15.26
N ASN G 40 -11.30 -18.84 14.08
CA ASN G 40 -10.44 -19.18 12.96
C ASN G 40 -8.99 -18.88 13.27
N ASP G 41 -8.74 -17.77 13.95
CA ASP G 41 -7.37 -17.41 14.32
C ASP G 41 -6.82 -18.39 15.35
N ILE G 42 -7.59 -18.66 16.41
CA ILE G 42 -7.12 -19.49 17.52
C ILE G 42 -6.85 -20.92 17.07
N MET G 43 -7.70 -21.47 16.20
CA MET G 43 -7.49 -22.83 15.73
C MET G 43 -6.29 -22.94 14.82
N ALA G 44 -6.02 -21.90 14.03
CA ALA G 44 -4.84 -21.91 13.18
C ALA G 44 -3.58 -21.86 14.01
N GLN G 45 -3.63 -21.18 15.16
CA GLN G 45 -2.46 -21.08 16.03
C GLN G 45 -2.25 -22.35 16.83
N LEU G 46 -3.34 -23.03 17.21
CA LEU G 46 -3.24 -24.29 17.95
C LEU G 46 -2.66 -25.38 17.08
N LEU G 47 -2.92 -25.32 15.78
CA LEU G 47 -2.40 -26.34 14.89
C LEU G 47 -0.98 -26.05 14.48
N VAL G 48 -0.63 -24.77 14.40
CA VAL G 48 0.77 -24.41 14.17
C VAL G 48 1.62 -24.83 15.36
N LEU G 49 1.17 -24.52 16.57
CA LEU G 49 1.95 -24.86 17.75
C LEU G 49 1.96 -26.34 18.04
N GLU G 50 0.95 -27.09 17.58
CA GLU G 50 1.07 -28.54 17.65
C GLU G 50 2.13 -29.04 16.69
N SER G 51 2.23 -28.42 15.51
CA SER G 51 3.20 -28.87 14.54
C SER G 51 4.61 -28.46 14.91
N LEU G 52 4.78 -27.30 15.55
CA LEU G 52 6.12 -26.86 15.92
C LEU G 52 6.70 -27.74 17.01
N ASP G 53 5.94 -27.99 18.05
CA ASP G 53 6.30 -29.00 19.04
C ASP G 53 5.02 -29.55 19.64
N PRO G 54 4.66 -30.79 19.34
CA PRO G 54 3.45 -31.35 19.95
C PRO G 54 3.65 -31.80 21.38
N ASP G 55 4.85 -31.68 21.92
CA ASP G 55 5.10 -32.10 23.28
C ASP G 55 5.02 -30.94 24.26
N ARG G 56 5.51 -29.76 23.88
CA ARG G 56 5.45 -28.60 24.75
C ARG G 56 4.03 -28.10 24.87
N ASP G 57 3.71 -27.57 26.04
CA ASP G 57 2.35 -27.17 26.33
C ASP G 57 2.04 -25.85 25.64
N ILE G 58 0.94 -25.81 24.92
CA ILE G 58 0.35 -24.57 24.45
C ILE G 58 -0.27 -23.87 25.64
N THR G 59 -0.07 -22.57 25.76
CA THR G 59 -0.75 -21.79 26.78
C THR G 59 -1.80 -20.93 26.10
N MET G 60 -3.01 -20.93 26.64
CA MET G 60 -4.07 -20.11 26.07
C MET G 60 -4.49 -19.05 27.09
N TYR G 61 -4.29 -17.80 26.75
CA TYR G 61 -4.75 -16.72 27.61
C TYR G 61 -6.15 -16.34 27.21
N ILE G 62 -7.00 -16.16 28.22
CA ILE G 62 -8.41 -15.94 27.99
C ILE G 62 -8.81 -14.67 28.71
N ASN G 63 -9.04 -13.61 27.94
CA ASN G 63 -9.67 -12.39 28.42
C ASN G 63 -10.79 -12.12 27.43
N SER G 64 -11.92 -12.77 27.61
CA SER G 64 -12.88 -12.75 26.54
C SER G 64 -14.30 -12.71 27.07
N PRO G 65 -15.17 -11.92 26.43
CA PRO G 65 -16.57 -11.91 26.84
C PRO G 65 -17.34 -13.13 26.38
N GLY G 66 -16.73 -13.96 25.52
CA GLY G 66 -17.38 -15.14 25.02
C GLY G 66 -18.33 -14.82 23.89
N GLY G 67 -18.48 -15.74 22.97
CA GLY G 67 -19.37 -15.46 21.87
C GLY G 67 -20.11 -16.67 21.35
N GLY G 68 -20.04 -16.87 20.04
CA GLY G 68 -20.82 -17.87 19.34
C GLY G 68 -20.52 -19.29 19.77
N PHE G 69 -21.54 -20.15 19.72
CA PHE G 69 -21.37 -21.50 20.20
C PHE G 69 -20.57 -22.35 19.23
N THR G 70 -20.77 -22.19 17.93
CA THR G 70 -20.03 -23.03 17.00
C THR G 70 -18.60 -22.55 16.88
N SER G 71 -18.38 -21.26 17.11
CA SER G 71 -17.03 -20.74 17.20
C SER G 71 -16.37 -21.21 18.49
N LEU G 72 -17.17 -21.34 19.55
CA LEU G 72 -16.72 -21.95 20.79
C LEU G 72 -16.27 -23.39 20.56
N MET G 73 -17.15 -24.21 19.97
CA MET G 73 -16.82 -25.61 19.78
C MET G 73 -15.80 -25.80 18.67
N ALA G 74 -15.56 -24.79 17.85
CA ALA G 74 -14.43 -24.82 16.95
C ALA G 74 -13.12 -24.77 17.73
N ILE G 75 -12.99 -23.78 18.62
CA ILE G 75 -11.81 -23.66 19.47
C ILE G 75 -11.70 -24.83 20.42
N TYR G 76 -12.83 -25.24 21.02
CA TYR G 76 -12.86 -26.33 21.98
C TYR G 76 -12.33 -27.62 21.40
N ASP G 77 -12.76 -27.95 20.19
CA ASP G 77 -12.35 -29.20 19.57
C ASP G 77 -10.88 -29.16 19.18
N THR G 78 -10.40 -28.01 18.74
CA THR G 78 -9.01 -27.87 18.36
C THR G 78 -8.09 -27.86 19.57
N MET G 79 -8.56 -27.30 20.69
CA MET G 79 -7.88 -27.49 21.96
C MET G 79 -7.80 -28.96 22.33
N GLN G 80 -8.93 -29.64 22.42
CA GLN G 80 -8.96 -31.04 22.79
C GLN G 80 -8.24 -31.95 21.80
N TYR G 81 -8.10 -31.51 20.55
CA TYR G 81 -7.47 -32.34 19.53
C TYR G 81 -5.97 -32.43 19.68
N VAL G 82 -5.27 -31.29 19.81
CA VAL G 82 -3.83 -31.24 19.61
C VAL G 82 -3.10 -32.02 20.69
N ARG G 83 -1.92 -32.54 20.34
CA ARG G 83 -1.20 -33.41 21.24
C ARG G 83 -0.63 -32.65 22.42
N ALA G 84 -0.43 -31.36 22.25
CA ALA G 84 0.03 -30.51 23.34
C ALA G 84 -1.06 -30.38 24.39
N ASP G 85 -0.65 -30.40 25.65
CA ASP G 85 -1.54 -30.01 26.72
C ASP G 85 -1.77 -28.51 26.63
N ILE G 86 -2.94 -28.05 27.05
CA ILE G 86 -3.27 -26.63 26.95
C ILE G 86 -3.37 -26.05 28.35
N GLN G 87 -2.55 -25.06 28.61
CA GLN G 87 -2.60 -24.28 29.84
C GLN G 87 -3.52 -23.10 29.59
N THR G 88 -4.71 -23.14 30.14
CA THR G 88 -5.61 -22.00 30.02
C THR G 88 -5.41 -21.08 31.22
N VAL G 89 -5.18 -19.81 30.94
CA VAL G 89 -5.02 -18.79 31.98
C VAL G 89 -6.11 -17.77 31.77
N CYS G 90 -6.89 -17.50 32.80
CA CYS G 90 -7.93 -16.49 32.71
C CYS G 90 -7.39 -15.13 33.11
N LEU G 91 -7.62 -14.16 32.24
CA LEU G 91 -7.20 -12.78 32.46
C LEU G 91 -8.45 -11.95 32.59
N GLY G 92 -8.70 -11.39 33.75
CA GLY G 92 -9.81 -10.47 33.85
C GLY G 92 -11.17 -11.11 33.81
N GLN G 93 -11.55 -11.69 32.67
CA GLN G 93 -12.80 -12.43 32.60
C GLN G 93 -12.67 -13.58 31.62
N ALA G 94 -13.51 -14.59 31.83
CA ALA G 94 -13.81 -15.63 30.86
C ALA G 94 -15.31 -15.82 30.95
N ALA G 95 -16.03 -15.17 30.04
CA ALA G 95 -17.50 -15.19 30.17
C ALA G 95 -18.13 -16.07 29.10
N SER G 96 -19.32 -16.60 29.40
CA SER G 96 -20.07 -17.36 28.37
C SER G 96 -19.18 -18.45 27.77
N ALA G 97 -18.87 -18.33 26.48
CA ALA G 97 -18.11 -19.39 25.79
C ALA G 97 -16.67 -19.41 26.28
N ALA G 98 -16.16 -18.30 26.79
CA ALA G 98 -14.74 -18.32 27.12
C ALA G 98 -14.47 -19.02 28.43
N ALA G 99 -15.47 -19.16 29.28
CA ALA G 99 -15.34 -19.97 30.49
C ALA G 99 -15.34 -21.45 30.16
N VAL G 100 -15.97 -21.84 29.06
CA VAL G 100 -15.93 -23.23 28.63
C VAL G 100 -14.54 -23.56 28.10
N LEU G 101 -13.92 -22.63 27.38
CA LEU G 101 -12.55 -22.82 26.92
C LEU G 101 -11.59 -22.78 28.08
N LEU G 102 -11.91 -22.02 29.12
CA LEU G 102 -11.09 -21.97 30.31
C LEU G 102 -11.12 -23.30 31.05
N ALA G 103 -12.29 -23.92 31.14
CA ALA G 103 -12.39 -25.25 31.71
C ALA G 103 -11.83 -26.31 30.78
N ALA G 104 -11.69 -26.00 29.50
CA ALA G 104 -11.22 -26.96 28.52
C ALA G 104 -9.72 -27.16 28.51
N GLY G 105 -8.98 -26.52 29.41
CA GLY G 105 -7.56 -26.78 29.51
C GLY G 105 -7.30 -28.16 30.07
N THR G 106 -6.06 -28.52 30.03
CA THR G 106 -5.62 -29.77 30.61
C THR G 106 -5.76 -29.69 32.13
N PRO G 107 -6.30 -30.74 32.77
CA PRO G 107 -6.47 -30.72 34.22
C PRO G 107 -5.15 -30.55 34.95
N GLY G 108 -5.17 -29.67 35.95
CA GLY G 108 -3.97 -29.23 36.62
C GLY G 108 -3.32 -28.03 35.97
N LYS G 109 -3.76 -27.67 34.77
CA LYS G 109 -3.14 -26.60 34.00
C LYS G 109 -4.14 -25.51 33.66
N ARG G 110 -5.19 -25.37 34.43
CA ARG G 110 -6.18 -24.34 34.19
C ARG G 110 -6.02 -23.29 35.27
N MET G 111 -5.59 -22.10 34.87
CA MET G 111 -5.24 -21.06 35.81
C MET G 111 -6.16 -19.87 35.67
N ALA G 112 -6.22 -19.08 36.72
CA ALA G 112 -6.89 -17.80 36.69
C ALA G 112 -6.13 -16.85 37.58
N LEU G 113 -6.01 -15.61 37.14
CA LEU G 113 -5.46 -14.59 37.99
C LEU G 113 -6.45 -14.26 39.09
N PRO G 114 -5.98 -13.80 40.27
CA PRO G 114 -6.85 -13.77 41.46
C PRO G 114 -8.07 -12.87 41.36
N ASN G 115 -8.05 -11.82 40.55
CA ASN G 115 -9.21 -10.97 40.38
C ASN G 115 -9.89 -11.19 39.05
N ALA G 116 -9.64 -12.32 38.41
CA ALA G 116 -10.38 -12.66 37.22
C ALA G 116 -11.74 -13.22 37.60
N ARG G 117 -12.73 -12.98 36.75
CA ARG G 117 -14.05 -13.55 36.99
C ARG G 117 -14.31 -14.60 35.93
N VAL G 118 -15.17 -15.54 36.26
CA VAL G 118 -15.56 -16.62 35.36
C VAL G 118 -17.07 -16.57 35.32
N LEU G 119 -17.62 -16.21 34.17
CA LEU G 119 -19.04 -16.02 34.02
C LEU G 119 -19.59 -17.14 33.16
N ILE G 120 -20.32 -18.07 33.77
CA ILE G 120 -20.97 -19.14 33.02
C ILE G 120 -22.46 -18.86 32.97
N HIS G 121 -23.06 -19.07 31.81
CA HIS G 121 -24.50 -19.02 31.64
C HIS G 121 -24.88 -19.86 30.44
N GLN G 122 -26.17 -20.13 30.31
CA GLN G 122 -26.69 -20.92 29.22
C GLN G 122 -26.60 -20.16 27.91
N PRO G 123 -26.58 -20.86 26.76
CA PRO G 123 -26.58 -20.18 25.47
C PRO G 123 -27.79 -19.30 25.23
N SER G 124 -27.64 -18.30 24.38
CA SER G 124 -28.72 -17.40 24.07
C SER G 124 -28.76 -17.23 22.57
N LEU G 125 -29.84 -16.59 22.11
CA LEU G 125 -29.88 -16.05 20.76
C LEU G 125 -29.79 -14.54 20.86
N SER G 126 -28.68 -13.99 20.39
CA SER G 126 -28.52 -12.55 20.24
C SER G 126 -29.47 -12.12 19.14
N GLY G 127 -30.49 -11.36 19.50
CA GLY G 127 -31.49 -10.97 18.55
C GLY G 127 -32.55 -12.04 18.40
N VAL G 128 -33.50 -11.74 17.52
CA VAL G 128 -34.67 -12.58 17.32
C VAL G 128 -34.48 -13.35 16.03
N ILE G 129 -34.62 -14.67 16.11
CA ILE G 129 -34.69 -15.50 14.91
C ILE G 129 -36.15 -15.60 14.53
N GLN G 130 -36.52 -14.93 13.45
CA GLN G 130 -37.89 -15.01 12.95
C GLN G 130 -38.10 -16.33 12.24
N GLY G 131 -39.36 -16.62 11.94
CA GLY G 131 -39.65 -17.79 11.14
C GLY G 131 -40.98 -18.44 11.49
N GLN G 132 -41.36 -19.43 10.69
CA GLN G 132 -42.53 -20.25 10.98
C GLN G 132 -42.27 -21.08 12.22
N PHE G 133 -43.34 -21.58 12.85
CA PHE G 133 -43.17 -22.36 14.07
C PHE G 133 -42.43 -23.67 13.83
N SER G 134 -42.45 -24.19 12.61
CA SER G 134 -41.61 -25.34 12.31
C SER G 134 -40.14 -24.94 12.23
N ASP G 135 -39.86 -23.73 11.74
CA ASP G 135 -38.48 -23.22 11.78
C ASP G 135 -38.04 -22.98 13.20
N LEU G 136 -38.94 -22.45 14.04
CA LEU G 136 -38.56 -22.08 15.39
C LEU G 136 -38.43 -23.30 16.28
N GLU G 137 -39.18 -24.36 15.99
CA GLU G 137 -39.01 -25.61 16.71
C GLU G 137 -37.66 -26.24 16.38
N ILE G 138 -37.16 -26.01 15.17
CA ILE G 138 -35.82 -26.44 14.82
C ILE G 138 -34.78 -25.58 15.54
N GLN G 139 -35.00 -24.26 15.58
CA GLN G 139 -34.03 -23.37 16.20
C GLN G 139 -34.02 -23.51 17.72
N ALA G 140 -35.10 -24.03 18.28
CA ALA G 140 -35.15 -24.20 19.72
C ALA G 140 -34.67 -25.57 20.15
N ALA G 141 -34.85 -26.57 19.29
CA ALA G 141 -34.17 -27.83 19.52
C ALA G 141 -32.67 -27.65 19.35
N GLU G 142 -32.28 -26.68 18.55
CA GLU G 142 -30.87 -26.36 18.39
C GLU G 142 -30.30 -25.70 19.63
N ILE G 143 -31.00 -24.72 20.18
CA ILE G 143 -30.48 -24.01 21.33
C ILE G 143 -30.54 -24.88 22.58
N GLU G 144 -31.39 -25.91 22.58
CA GLU G 144 -31.33 -26.90 23.64
C GLU G 144 -30.21 -27.89 23.42
N ARG G 145 -29.89 -28.20 22.16
CA ARG G 145 -28.73 -29.03 21.91
C ARG G 145 -27.45 -28.27 22.23
N MET G 146 -27.42 -26.97 21.95
CA MET G 146 -26.29 -26.14 22.34
C MET G 146 -26.17 -26.04 23.85
N ARG G 147 -27.31 -25.95 24.54
CA ARG G 147 -27.30 -25.87 25.99
C ARG G 147 -26.86 -27.18 26.61
N THR G 148 -27.37 -28.30 26.09
CA THR G 148 -26.97 -29.60 26.60
C THR G 148 -25.52 -29.90 26.29
N LEU G 149 -25.03 -29.45 25.14
CA LEU G 149 -23.64 -29.72 24.78
C LEU G 149 -22.69 -28.87 25.60
N MET G 150 -23.09 -27.65 25.94
CA MET G 150 -22.28 -26.81 26.81
C MET G 150 -22.21 -27.35 28.22
N GLU G 151 -23.33 -27.91 28.68
CA GLU G 151 -23.39 -28.45 30.04
C GLU G 151 -22.60 -29.74 30.14
N THR G 152 -22.72 -30.62 29.15
CA THR G 152 -21.93 -31.86 29.18
C THR G 152 -20.46 -31.59 28.91
N THR G 153 -20.14 -30.49 28.24
CA THR G 153 -18.75 -30.06 28.15
C THR G 153 -18.24 -29.57 29.50
N LEU G 154 -19.03 -28.72 30.17
CA LEU G 154 -18.65 -28.28 31.50
C LEU G 154 -18.80 -29.39 32.53
N ALA G 155 -19.55 -30.44 32.22
CA ALA G 155 -19.60 -31.58 33.13
C ALA G 155 -18.29 -32.35 33.09
N ARG G 156 -17.74 -32.58 31.90
CA ARG G 156 -16.56 -33.41 31.81
C ARG G 156 -15.28 -32.67 32.14
N HIS G 157 -15.35 -31.36 32.33
CA HIS G 157 -14.17 -30.60 32.67
C HIS G 157 -14.18 -30.04 34.08
N THR G 158 -15.34 -29.92 34.70
CA THR G 158 -15.43 -29.50 36.09
C THR G 158 -15.70 -30.65 37.04
N GLY G 159 -16.09 -31.81 36.53
CA GLY G 159 -16.37 -32.94 37.39
C GLY G 159 -17.70 -32.81 38.06
N LYS G 160 -18.57 -31.98 37.48
CA LYS G 160 -19.91 -31.79 37.99
C LYS G 160 -20.86 -32.63 37.16
N ASP G 161 -22.02 -32.90 37.73
CA ASP G 161 -23.10 -33.47 36.95
C ASP G 161 -23.60 -32.40 35.98
N ALA G 162 -24.04 -32.85 34.80
CA ALA G 162 -24.54 -31.91 33.82
C ALA G 162 -25.84 -31.25 34.27
N GLY G 163 -26.60 -31.91 35.14
CA GLY G 163 -27.77 -31.28 35.72
C GLY G 163 -27.42 -30.21 36.74
N VAL G 164 -26.25 -30.32 37.36
CA VAL G 164 -25.76 -29.27 38.24
C VAL G 164 -25.35 -28.05 37.43
N ILE G 165 -24.83 -28.29 36.22
CA ILE G 165 -24.52 -27.18 35.32
C ILE G 165 -25.81 -26.53 34.83
N ARG G 166 -26.90 -27.28 34.75
CA ARG G 166 -28.19 -26.71 34.37
C ARG G 166 -28.67 -25.73 35.42
N LYS G 167 -28.66 -26.15 36.68
CA LYS G 167 -29.19 -25.31 37.74
C LYS G 167 -28.28 -24.14 38.05
N ASP G 168 -27.01 -24.23 37.70
CA ASP G 168 -26.08 -23.15 37.95
C ASP G 168 -26.04 -22.14 36.82
N THR G 169 -26.14 -22.59 35.57
CA THR G 169 -26.15 -21.70 34.43
C THR G 169 -27.56 -21.30 34.01
N ASP G 170 -28.53 -21.44 34.91
CA ASP G 170 -29.88 -20.96 34.62
C ASP G 170 -29.89 -19.44 34.50
N ARG G 171 -29.15 -18.77 35.36
CA ARG G 171 -28.87 -17.35 35.27
C ARG G 171 -27.37 -17.20 35.02
N ASP G 172 -26.90 -15.97 35.01
CA ASP G 172 -25.45 -15.73 35.01
C ASP G 172 -24.88 -16.21 36.34
N LYS G 173 -23.96 -17.15 36.28
CA LYS G 173 -23.23 -17.57 37.46
C LYS G 173 -21.83 -17.01 37.33
N ILE G 174 -21.60 -15.85 37.94
CA ILE G 174 -20.27 -15.25 37.94
C ILE G 174 -19.51 -15.84 39.11
N LEU G 175 -18.40 -16.47 38.80
CA LEU G 175 -17.49 -16.98 39.80
C LEU G 175 -16.29 -16.06 39.89
N THR G 176 -15.67 -16.02 41.07
CA THR G 176 -14.37 -15.38 41.17
C THR G 176 -13.32 -16.39 40.73
N ALA G 177 -12.04 -16.06 40.90
CA ALA G 177 -11.01 -17.04 40.59
C ALA G 177 -11.04 -18.19 41.59
N GLU G 178 -11.22 -17.86 42.87
CA GLU G 178 -11.27 -18.90 43.89
C GLU G 178 -12.58 -19.67 43.82
N GLU G 179 -13.67 -19.01 43.42
CA GLU G 179 -14.93 -19.71 43.27
C GLU G 179 -14.94 -20.58 42.04
N ALA G 180 -14.15 -20.25 41.02
CA ALA G 180 -14.03 -21.12 39.86
C ALA G 180 -13.11 -22.29 40.14
N LYS G 181 -12.21 -22.16 41.12
CA LYS G 181 -11.41 -23.30 41.54
C LYS G 181 -12.25 -24.31 42.29
N ASP G 182 -13.13 -23.84 43.17
CA ASP G 182 -14.04 -24.73 43.88
C ASP G 182 -15.06 -25.32 42.93
N TYR G 183 -15.43 -24.58 41.89
CA TYR G 183 -16.41 -25.09 40.95
C TYR G 183 -15.79 -26.08 39.98
N GLY G 184 -14.53 -25.89 39.63
CA GLY G 184 -13.85 -26.80 38.74
C GLY G 184 -13.52 -26.23 37.39
N ILE G 185 -13.78 -24.94 37.16
CA ILE G 185 -13.40 -24.30 35.92
C ILE G 185 -11.88 -24.21 35.82
N ILE G 186 -11.24 -23.70 36.86
CA ILE G 186 -9.79 -23.63 36.89
C ILE G 186 -9.28 -24.54 38.00
N ASP G 187 -7.98 -24.79 37.97
CA ASP G 187 -7.34 -25.64 38.94
C ASP G 187 -6.42 -24.90 39.87
N THR G 188 -6.03 -23.68 39.53
CA THR G 188 -5.04 -22.93 40.29
C THR G 188 -5.41 -21.47 40.18
N VAL G 189 -5.66 -20.83 41.32
CA VAL G 189 -5.67 -19.37 41.34
C VAL G 189 -4.21 -18.96 41.38
N LEU G 190 -3.78 -18.23 40.36
CA LEU G 190 -2.37 -18.02 40.11
C LEU G 190 -1.82 -16.99 41.06
N GLU G 191 -0.85 -17.38 41.88
CA GLU G 191 -0.27 -16.47 42.85
C GLU G 191 0.61 -15.44 42.17
N TYR G 192 0.65 -14.26 42.76
CA TYR G 192 1.56 -13.21 42.31
C TYR G 192 2.99 -13.61 42.62
N ARG G 193 3.91 -13.21 41.74
CA ARG G 193 5.30 -13.56 41.95
C ARG G 193 6.21 -12.34 41.87
N LYS G 194 5.75 -11.21 42.38
CA LYS G 194 6.56 -10.00 42.36
C LYS G 194 7.72 -10.12 43.35
N LEU G 195 8.86 -9.53 42.97
CA LEU G 195 10.06 -9.55 43.81
C LEU G 195 9.83 -8.85 45.14
N SER G 196 9.23 -7.67 45.10
CA SER G 196 8.93 -6.94 46.32
C SER G 196 7.58 -7.37 46.89
N ILE H 1 -0.49 12.62 14.06
CA ILE H 1 0.47 11.87 13.26
C ILE H 1 1.63 11.44 14.17
N LEU H 2 2.21 10.28 13.89
CA LEU H 2 3.24 9.70 14.74
C LEU H 2 4.44 9.28 13.90
N PRO H 3 5.60 9.89 14.10
CA PRO H 3 6.75 9.61 13.24
C PRO H 3 7.49 8.33 13.59
N SER H 4 7.59 7.42 12.64
CA SER H 4 8.23 6.13 12.85
C SER H 4 9.66 6.23 12.34
N PHE H 5 10.58 6.54 13.25
CA PHE H 5 11.97 6.73 12.88
C PHE H 5 12.68 5.39 12.70
N ILE H 6 13.77 5.43 11.96
CA ILE H 6 14.45 4.23 11.48
C ILE H 6 15.76 4.05 12.25
N GLU H 7 15.97 2.85 12.79
CA GLU H 7 17.20 2.53 13.49
C GLU H 7 17.94 1.43 12.73
N HIS H 8 19.21 1.69 12.44
CA HIS H 8 20.03 0.72 11.72
C HIS H 8 20.37 -0.43 12.67
N SER H 9 19.60 -1.52 12.56
CA SER H 9 19.78 -2.66 13.51
C SER H 9 20.47 -3.83 12.83
N SER H 10 20.62 -4.95 13.54
CA SER H 10 21.23 -6.17 12.95
C SER H 10 20.42 -6.59 11.74
N PHE H 11 19.24 -7.16 11.98
CA PHE H 11 18.35 -7.56 10.85
C PHE H 11 18.16 -6.35 9.94
N GLY H 12 18.77 -6.38 8.75
CA GLY H 12 18.63 -5.28 7.78
C GLY H 12 18.38 -3.96 8.49
N VAL H 13 17.15 -3.43 8.38
CA VAL H 13 16.83 -2.11 9.00
C VAL H 13 15.63 -2.26 9.91
N LYS H 14 15.68 -1.64 11.09
CA LYS H 14 14.55 -1.65 12.02
C LYS H 14 13.83 -0.32 11.99
N GLU H 15 12.51 -0.36 11.79
CA GLU H 15 11.67 0.84 11.77
C GLU H 15 10.79 0.85 13.00
N SER H 16 10.90 1.90 13.81
CA SER H 16 10.32 1.93 15.15
C SER H 16 9.58 3.23 15.38
N ASN H 17 8.43 3.15 16.03
CA ASN H 17 7.70 4.32 16.45
C ASN H 17 8.23 4.80 17.81
N PRO H 18 7.78 5.95 18.35
CA PRO H 18 8.19 6.30 19.71
C PRO H 18 7.69 5.37 20.79
N TYR H 19 6.64 4.60 20.54
CA TYR H 19 6.16 3.68 21.58
C TYR H 19 7.09 2.49 21.72
N ASN H 20 7.67 2.00 20.62
CA ASN H 20 8.58 0.88 20.73
C ASN H 20 9.95 1.34 21.19
N LYS H 21 10.31 2.61 20.94
CA LYS H 21 11.54 3.14 21.50
C LYS H 21 11.46 3.19 23.01
N LEU H 22 10.28 3.48 23.54
CA LEU H 22 10.10 3.52 24.98
C LEU H 22 9.83 2.15 25.55
N PHE H 23 9.23 1.25 24.78
CA PHE H 23 9.02 -0.12 25.22
C PHE H 23 10.33 -0.86 25.41
N GLU H 24 11.37 -0.47 24.68
CA GLU H 24 12.70 -0.97 24.93
C GLU H 24 13.27 -0.47 26.24
N GLU H 25 12.68 0.56 26.83
CA GLU H 25 13.13 1.10 28.11
C GLU H 25 12.17 0.81 29.24
N ARG H 26 11.43 -0.31 29.18
CA ARG H 26 10.46 -0.73 30.20
C ARG H 26 9.36 0.31 30.40
N ILE H 27 8.94 0.99 29.34
CA ILE H 27 7.92 2.03 29.46
C ILE H 27 6.66 1.60 28.74
N ILE H 28 5.55 1.57 29.47
CA ILE H 28 4.26 1.17 28.97
C ILE H 28 3.35 2.38 29.04
N PHE H 29 2.57 2.60 28.00
CA PHE H 29 1.56 3.65 28.03
C PHE H 29 0.19 3.02 28.18
N LEU H 30 -0.43 3.24 29.33
CA LEU H 30 -1.88 3.13 29.43
C LEU H 30 -2.43 4.50 29.09
N GLY H 31 -2.58 4.74 27.80
CA GLY H 31 -2.99 6.05 27.36
C GLY H 31 -4.35 6.04 26.73
N VAL H 32 -4.80 4.88 26.34
CA VAL H 32 -6.13 4.71 25.82
C VAL H 32 -7.07 4.37 26.96
N GLN H 33 -8.36 4.38 26.65
CA GLN H 33 -9.37 3.86 27.56
C GLN H 33 -9.13 2.38 27.86
N VAL H 34 -9.29 2.00 29.12
CA VAL H 34 -9.08 0.62 29.52
C VAL H 34 -10.28 -0.19 29.04
N ASP H 35 -10.15 -0.80 27.88
CA ASP H 35 -11.10 -1.79 27.43
C ASP H 35 -10.34 -3.10 27.27
N ASP H 36 -11.00 -4.10 26.67
CA ASP H 36 -10.38 -5.41 26.52
C ASP H 36 -9.13 -5.34 25.67
N ALA H 37 -9.21 -4.68 24.50
CA ALA H 37 -8.07 -4.61 23.60
C ALA H 37 -6.92 -3.80 24.19
N SER H 38 -7.24 -2.80 25.00
CA SER H 38 -6.19 -2.10 25.73
C SER H 38 -5.57 -2.99 26.79
N ALA H 39 -6.40 -3.69 27.56
CA ALA H 39 -5.91 -4.57 28.60
C ALA H 39 -5.12 -5.72 28.02
N ASN H 40 -5.58 -6.24 26.90
CA ASN H 40 -4.86 -7.28 26.17
C ASN H 40 -3.48 -6.81 25.76
N ASP H 41 -3.38 -5.56 25.31
CA ASP H 41 -2.09 -5.02 24.90
C ASP H 41 -1.17 -4.84 26.10
N ILE H 42 -1.68 -4.25 27.19
CA ILE H 42 -0.85 -3.97 28.36
C ILE H 42 -0.35 -5.25 29.02
N MET H 43 -1.20 -6.27 29.09
CA MET H 43 -0.77 -7.55 29.66
C MET H 43 0.29 -8.21 28.81
N ALA H 44 0.21 -8.06 27.49
CA ALA H 44 1.23 -8.62 26.63
C ALA H 44 2.54 -7.85 26.79
N GLN H 45 2.46 -6.55 27.01
CA GLN H 45 3.67 -5.76 27.23
C GLN H 45 4.29 -6.09 28.58
N LEU H 46 3.47 -6.24 29.62
CA LEU H 46 3.96 -6.49 30.97
C LEU H 46 4.64 -7.85 31.08
N LEU H 47 4.17 -8.83 30.33
CA LEU H 47 4.79 -10.14 30.36
C LEU H 47 6.09 -10.14 29.58
N VAL H 48 6.10 -9.48 28.42
CA VAL H 48 7.30 -9.41 27.60
C VAL H 48 8.39 -8.64 28.34
N LEU H 49 8.03 -7.55 29.02
CA LEU H 49 9.01 -6.80 29.79
C LEU H 49 9.44 -7.57 31.03
N GLU H 50 8.64 -8.50 31.52
CA GLU H 50 9.09 -9.34 32.62
C GLU H 50 10.11 -10.36 32.15
N SER H 51 9.93 -10.92 30.96
CA SER H 51 10.82 -11.99 30.54
C SER H 51 12.17 -11.47 30.07
N LEU H 52 12.24 -10.20 29.68
CA LEU H 52 13.51 -9.66 29.20
C LEU H 52 14.46 -9.38 30.35
N ASP H 53 13.96 -8.79 31.42
CA ASP H 53 14.65 -8.69 32.70
C ASP H 53 13.56 -8.56 33.76
N PRO H 54 13.36 -9.57 34.59
CA PRO H 54 12.36 -9.48 35.66
C PRO H 54 12.80 -8.65 36.86
N ASP H 55 13.98 -8.04 36.83
CA ASP H 55 14.44 -7.23 37.93
C ASP H 55 14.56 -5.75 37.56
N ARG H 56 14.36 -5.38 36.29
CA ARG H 56 14.40 -3.99 35.87
C ARG H 56 12.98 -3.47 35.90
N ASP H 57 12.79 -2.31 36.54
CA ASP H 57 11.46 -1.82 36.84
C ASP H 57 10.75 -1.34 35.60
N ILE H 58 9.48 -1.67 35.48
CA ILE H 58 8.64 -1.26 34.37
C ILE H 58 7.99 0.06 34.73
N THR H 59 8.01 1.03 33.82
CA THR H 59 7.32 2.28 34.03
C THR H 59 6.01 2.25 33.25
N MET H 60 4.91 2.46 33.93
CA MET H 60 3.61 2.50 33.27
C MET H 60 3.09 3.92 33.32
N TYR H 61 3.16 4.61 32.20
CA TYR H 61 2.59 5.94 32.10
C TYR H 61 1.09 5.84 31.88
N ILE H 62 0.32 6.49 32.74
CA ILE H 62 -1.12 6.36 32.74
C ILE H 62 -1.74 7.70 32.40
N ASN H 63 -2.34 7.79 31.22
CA ASN H 63 -3.21 8.90 30.85
C ASN H 63 -4.49 8.26 30.36
N SER H 64 -5.38 7.90 31.27
CA SER H 64 -6.50 7.12 30.81
C SER H 64 -7.78 7.53 31.49
N PRO H 65 -8.90 7.51 30.76
CA PRO H 65 -10.19 7.76 31.40
C PRO H 65 -10.68 6.58 32.20
N GLY H 66 -9.99 5.44 32.12
CA GLY H 66 -10.44 4.22 32.74
C GLY H 66 -11.55 3.58 31.92
N GLY H 67 -11.97 2.42 32.38
CA GLY H 67 -12.99 1.73 31.63
C GLY H 67 -13.47 0.47 32.32
N GLY H 68 -13.54 -0.61 31.56
CA GLY H 68 -14.11 -1.87 32.00
C GLY H 68 -13.45 -2.46 33.23
N PHE H 69 -14.25 -3.06 34.09
CA PHE H 69 -13.74 -3.57 35.35
C PHE H 69 -12.92 -4.83 35.16
N THR H 70 -13.30 -5.70 34.23
CA THR H 70 -12.52 -6.90 34.04
C THR H 70 -11.26 -6.61 33.26
N SER H 71 -11.33 -5.63 32.36
CA SER H 71 -10.12 -5.14 31.71
C SER H 71 -9.22 -4.44 32.70
N LEU H 72 -9.82 -3.78 33.68
CA LEU H 72 -9.07 -3.25 34.81
C LEU H 72 -8.34 -4.35 35.56
N MET H 73 -9.07 -5.39 35.97
CA MET H 73 -8.46 -6.41 36.80
C MET H 73 -7.58 -7.35 35.99
N ALA H 74 -7.68 -7.29 34.67
CA ALA H 74 -6.73 -7.99 33.84
C ALA H 74 -5.37 -7.32 33.88
N ILE H 75 -5.36 -5.98 33.72
CA ILE H 75 -4.13 -5.22 33.86
C ILE H 75 -3.63 -5.28 35.30
N TYR H 76 -4.54 -5.13 36.26
CA TYR H 76 -4.21 -5.10 37.68
C TYR H 76 -3.48 -6.34 38.13
N ASP H 77 -4.03 -7.50 37.81
CA ASP H 77 -3.43 -8.75 38.24
C ASP H 77 -2.11 -9.00 37.55
N THR H 78 -1.98 -8.58 36.31
CA THR H 78 -0.74 -8.73 35.57
C THR H 78 0.33 -7.78 36.08
N MET H 79 -0.05 -6.57 36.47
CA MET H 79 0.87 -5.67 37.16
C MET H 79 1.32 -6.26 38.48
N GLN H 80 0.40 -6.87 39.23
CA GLN H 80 0.76 -7.48 40.49
C GLN H 80 1.47 -8.81 40.30
N TYR H 81 1.29 -9.46 39.15
CA TYR H 81 1.89 -10.77 38.94
C TYR H 81 3.37 -10.67 38.66
N VAL H 82 3.77 -9.73 37.80
CA VAL H 82 5.10 -9.76 37.21
C VAL H 82 6.17 -9.52 38.27
N ARG H 83 7.32 -10.17 38.07
CA ARG H 83 8.43 -10.07 39.01
C ARG H 83 8.99 -8.65 39.05
N ALA H 84 8.89 -7.93 37.94
CA ALA H 84 9.39 -6.57 37.86
C ALA H 84 8.47 -5.61 38.59
N ASP H 85 9.07 -4.65 39.28
CA ASP H 85 8.29 -3.61 39.93
C ASP H 85 7.69 -2.68 38.89
N ILE H 86 6.47 -2.24 39.14
CA ILE H 86 5.77 -1.37 38.21
C ILE H 86 5.86 0.04 38.76
N GLN H 87 6.33 0.96 37.94
CA GLN H 87 6.37 2.36 38.29
C GLN H 87 5.24 3.05 37.55
N THR H 88 4.14 3.30 38.23
CA THR H 88 3.01 3.98 37.62
C THR H 88 3.23 5.48 37.73
N VAL H 89 3.19 6.16 36.58
CA VAL H 89 3.30 7.61 36.52
C VAL H 89 2.02 8.10 35.87
N CYS H 90 1.30 8.98 36.54
CA CYS H 90 0.07 9.52 35.99
C CYS H 90 0.37 10.76 35.17
N LEU H 91 -0.20 10.81 33.98
CA LEU H 91 -0.08 11.94 33.07
C LEU H 91 -1.47 12.48 32.83
N GLY H 92 -1.72 13.70 33.27
CA GLY H 92 -3.00 14.29 32.96
C GLY H 92 -4.17 13.74 33.75
N GLN H 93 -4.55 12.50 33.48
CA GLN H 93 -5.62 11.89 34.27
C GLN H 93 -5.33 10.41 34.49
N ALA H 94 -5.85 9.91 35.60
CA ALA H 94 -6.05 8.48 35.84
C ALA H 94 -7.46 8.42 36.45
N ALA H 95 -8.43 8.11 35.61
CA ALA H 95 -9.82 8.14 36.11
C ALA H 95 -10.35 6.71 36.24
N SER H 96 -11.19 6.47 37.23
CA SER H 96 -11.84 5.14 37.33
C SER H 96 -10.80 4.03 37.44
N ALA H 97 -10.89 3.05 36.56
CA ALA H 97 -9.97 1.91 36.57
C ALA H 97 -8.52 2.40 36.54
N ALA H 98 -8.28 3.49 35.84
CA ALA H 98 -6.89 3.98 35.65
C ALA H 98 -6.35 4.47 37.00
N ALA H 99 -7.20 5.03 37.87
CA ALA H 99 -6.69 5.40 39.17
C ALA H 99 -6.39 4.19 40.02
N VAL H 100 -7.10 3.08 39.78
CA VAL H 100 -6.79 1.85 40.48
C VAL H 100 -5.48 1.28 39.97
N LEU H 101 -5.23 1.37 38.66
CA LEU H 101 -3.95 0.95 38.12
C LEU H 101 -2.84 1.89 38.51
N LEU H 102 -3.16 3.16 38.73
CA LEU H 102 -2.16 4.09 39.26
C LEU H 102 -1.78 3.73 40.67
N ALA H 103 -2.76 3.37 41.49
CA ALA H 103 -2.49 2.90 42.84
C ALA H 103 -1.87 1.51 42.87
N ALA H 104 -1.96 0.78 41.78
CA ALA H 104 -1.47 -0.59 41.69
C ALA H 104 0.01 -0.70 41.41
N GLY H 105 0.73 0.41 41.37
CA GLY H 105 2.16 0.35 41.19
C GLY H 105 2.84 -0.16 42.44
N THR H 106 4.12 -0.36 42.32
CA THR H 106 4.91 -0.76 43.47
C THR H 106 4.95 0.38 44.48
N PRO H 107 4.77 0.11 45.77
CA PRO H 107 4.80 1.18 46.77
C PRO H 107 6.15 1.89 46.81
N GLY H 108 6.08 3.22 46.82
CA GLY H 108 7.26 4.04 46.65
C GLY H 108 7.52 4.38 45.21
N LYS H 109 6.87 3.69 44.28
CA LYS H 109 7.12 3.92 42.87
C LYS H 109 5.87 4.38 42.13
N ARG H 110 4.91 4.99 42.80
CA ARG H 110 3.71 5.47 42.15
C ARG H 110 3.79 6.98 42.09
N MET H 111 3.91 7.51 40.88
CA MET H 111 4.10 8.93 40.69
C MET H 111 2.90 9.52 39.99
N ALA H 112 2.78 10.84 40.10
CA ALA H 112 1.91 11.61 39.23
C ALA H 112 2.61 12.93 39.01
N LEU H 113 2.55 13.43 37.79
CA LEU H 113 3.04 14.75 37.53
C LEU H 113 2.10 15.78 38.14
N PRO H 114 2.60 17.00 38.50
CA PRO H 114 1.84 17.89 39.39
C PRO H 114 0.44 18.31 38.98
N ASN H 115 0.17 18.34 37.68
CA ASN H 115 -1.13 18.74 37.20
C ASN H 115 -1.95 17.56 36.70
N ALA H 116 -1.60 16.36 37.14
CA ALA H 116 -2.37 15.18 36.79
C ALA H 116 -3.59 15.06 37.68
N ARG H 117 -4.70 14.73 37.06
CA ARG H 117 -5.94 14.46 37.76
C ARG H 117 -5.97 13.00 38.17
N VAL H 118 -6.48 12.71 39.36
CA VAL H 118 -6.75 11.33 39.75
C VAL H 118 -8.21 11.31 40.14
N LEU H 119 -9.00 10.57 39.39
CA LEU H 119 -10.45 10.50 39.60
C LEU H 119 -10.79 9.07 40.03
N ILE H 120 -11.38 8.92 41.20
CA ILE H 120 -11.88 7.63 41.65
C ILE H 120 -13.39 7.72 41.77
N HIS H 121 -14.07 6.66 41.31
CA HIS H 121 -15.50 6.55 41.46
C HIS H 121 -15.87 5.08 41.41
N GLN H 122 -17.02 4.77 41.97
CA GLN H 122 -17.52 3.41 41.99
C GLN H 122 -17.84 2.96 40.58
N PRO H 123 -17.75 1.65 40.28
CA PRO H 123 -18.07 1.18 38.93
C PRO H 123 -19.52 1.41 38.55
N SER H 124 -19.72 1.74 37.28
CA SER H 124 -21.03 2.04 36.75
C SER H 124 -21.31 1.11 35.59
N LEU H 125 -22.57 0.80 35.37
CA LEU H 125 -22.96 0.17 34.12
C LEU H 125 -23.10 1.24 33.05
N SER H 126 -22.26 1.16 32.02
CA SER H 126 -22.48 1.94 30.83
C SER H 126 -23.68 1.37 30.09
N GLY H 127 -24.64 2.23 29.80
CA GLY H 127 -25.88 1.78 29.23
C GLY H 127 -26.75 1.10 30.27
N VAL H 128 -27.81 0.48 29.78
CA VAL H 128 -28.82 -0.13 30.63
C VAL H 128 -28.79 -1.62 30.35
N ILE H 129 -28.55 -2.42 31.38
CA ILE H 129 -28.67 -3.87 31.25
C ILE H 129 -30.12 -4.25 31.47
N GLN H 130 -30.79 -4.71 30.43
CA GLN H 130 -32.17 -5.14 30.53
C GLN H 130 -32.26 -6.54 31.12
N GLY H 131 -33.49 -7.00 31.33
CA GLY H 131 -33.68 -8.36 31.76
C GLY H 131 -34.72 -8.52 32.84
N GLN H 132 -35.01 -9.76 33.19
CA GLN H 132 -35.91 -10.07 34.29
C GLN H 132 -35.29 -9.65 35.60
N PHE H 133 -36.10 -9.53 36.65
CA PHE H 133 -35.56 -9.13 37.94
C PHE H 133 -34.59 -10.14 38.52
N SER H 134 -34.70 -11.42 38.14
CA SER H 134 -33.66 -12.36 38.54
C SER H 134 -32.38 -12.14 37.77
N ASP H 135 -32.46 -11.68 36.52
CA ASP H 135 -31.26 -11.30 35.79
C ASP H 135 -30.61 -10.08 36.41
N LEU H 136 -31.41 -9.11 36.84
CA LEU H 136 -30.88 -7.85 37.32
C LEU H 136 -30.31 -7.98 38.71
N GLU H 137 -30.86 -8.86 39.54
CA GLU H 137 -30.29 -9.09 40.85
C GLU H 137 -28.95 -9.80 40.76
N ILE H 138 -28.73 -10.53 39.67
CA ILE H 138 -27.39 -11.05 39.39
C ILE H 138 -26.48 -9.91 38.94
N GLN H 139 -26.97 -9.06 38.05
CA GLN H 139 -26.16 -7.96 37.54
C GLN H 139 -25.90 -6.91 38.61
N ALA H 140 -26.77 -6.82 39.60
CA ALA H 140 -26.57 -5.88 40.68
C ALA H 140 -25.66 -6.44 41.76
N ALA H 141 -25.76 -7.73 42.04
CA ALA H 141 -24.82 -8.35 42.95
C ALA H 141 -23.44 -8.41 42.32
N GLU H 142 -23.37 -8.38 41.00
CA GLU H 142 -22.09 -8.34 40.34
C GLU H 142 -21.44 -6.97 40.43
N ILE H 143 -22.21 -5.90 40.26
CA ILE H 143 -21.60 -4.59 40.36
C ILE H 143 -21.37 -4.21 41.81
N GLU H 144 -22.07 -4.86 42.75
CA GLU H 144 -21.66 -4.75 44.14
C GLU H 144 -20.40 -5.55 44.40
N ARG H 145 -20.25 -6.67 43.71
CA ARG H 145 -18.99 -7.40 43.79
C ARG H 145 -17.87 -6.62 43.13
N MET H 146 -18.15 -5.90 42.04
CA MET H 146 -17.15 -5.05 41.41
C MET H 146 -16.80 -3.86 42.28
N ARG H 147 -17.82 -3.27 42.92
CA ARG H 147 -17.60 -2.13 43.79
C ARG H 147 -16.79 -2.52 45.01
N THR H 148 -17.16 -3.62 45.66
CA THR H 148 -16.43 -4.11 46.82
C THR H 148 -15.00 -4.50 46.46
N LEU H 149 -14.80 -5.11 45.29
CA LEU H 149 -13.45 -5.53 44.90
C LEU H 149 -12.57 -4.33 44.59
N MET H 150 -13.15 -3.29 44.00
CA MET H 150 -12.39 -2.08 43.71
C MET H 150 -12.05 -1.33 44.98
N GLU H 151 -12.97 -1.30 45.93
CA GLU H 151 -12.70 -0.68 47.22
C GLU H 151 -11.72 -1.51 48.03
N THR H 152 -11.79 -2.84 47.91
CA THR H 152 -10.80 -3.70 48.55
C THR H 152 -9.44 -3.51 47.90
N THR H 153 -9.41 -3.34 46.58
CA THR H 153 -8.16 -3.12 45.86
C THR H 153 -7.54 -1.78 46.22
N LEU H 154 -8.35 -0.72 46.25
CA LEU H 154 -7.84 0.57 46.68
C LEU H 154 -7.56 0.60 48.18
N ALA H 155 -8.04 -0.38 48.94
CA ALA H 155 -7.72 -0.42 50.35
C ALA H 155 -6.27 -0.81 50.59
N ARG H 156 -5.81 -1.89 49.96
CA ARG H 156 -4.47 -2.35 50.28
C ARG H 156 -3.40 -1.60 49.51
N HIS H 157 -3.77 -0.74 48.58
CA HIS H 157 -2.79 0.08 47.91
C HIS H 157 -2.70 1.51 48.43
N THR H 158 -3.81 2.08 48.89
CA THR H 158 -3.77 3.38 49.53
C THR H 158 -3.61 3.29 51.03
N GLY H 159 -3.66 2.09 51.60
CA GLY H 159 -3.53 1.93 53.03
C GLY H 159 -4.73 2.42 53.79
N LYS H 160 -5.90 2.43 53.17
CA LYS H 160 -7.08 2.89 53.85
C LYS H 160 -8.05 1.74 54.07
N ASP H 161 -9.08 2.00 54.86
CA ASP H 161 -10.13 1.01 54.99
C ASP H 161 -11.01 1.03 53.76
N ALA H 162 -11.54 -0.14 53.41
CA ALA H 162 -12.41 -0.23 52.24
C ALA H 162 -13.72 0.50 52.47
N GLY H 163 -14.10 0.73 53.73
CA GLY H 163 -15.23 1.58 54.02
C GLY H 163 -14.93 3.04 53.75
N VAL H 164 -13.70 3.47 54.00
CA VAL H 164 -13.29 4.85 53.70
C VAL H 164 -13.23 5.07 52.21
N ILE H 165 -12.86 4.05 51.43
CA ILE H 165 -12.92 4.14 49.98
C ILE H 165 -14.37 4.24 49.54
N ARG H 166 -15.27 3.59 50.28
CA ARG H 166 -16.67 3.51 49.87
C ARG H 166 -17.38 4.84 50.07
N LYS H 167 -17.07 5.55 51.16
CA LYS H 167 -17.63 6.89 51.31
C LYS H 167 -17.02 7.88 50.33
N ASP H 168 -15.76 7.67 49.96
CA ASP H 168 -15.11 8.62 49.07
C ASP H 168 -15.54 8.43 47.63
N THR H 169 -15.66 7.19 47.18
CA THR H 169 -16.04 6.89 45.82
C THR H 169 -17.54 6.88 45.61
N ASP H 170 -18.32 7.43 46.54
CA ASP H 170 -19.75 7.56 46.35
C ASP H 170 -20.04 8.52 45.20
N ARG H 171 -19.38 9.66 45.21
CA ARG H 171 -19.34 10.52 44.05
C ARG H 171 -17.96 10.44 43.42
N ASP H 172 -17.74 11.28 42.42
CA ASP H 172 -16.43 11.38 41.78
C ASP H 172 -15.50 12.06 42.76
N LYS H 173 -14.75 11.27 43.51
CA LYS H 173 -13.71 11.88 44.33
C LYS H 173 -12.55 12.21 43.41
N ILE H 174 -12.43 13.47 43.01
CA ILE H 174 -11.40 13.89 42.09
C ILE H 174 -10.25 14.49 42.87
N LEU H 175 -9.06 13.95 42.66
CA LEU H 175 -7.88 14.33 43.40
C LEU H 175 -6.89 14.97 42.45
N THR H 176 -6.13 15.94 42.96
CA THR H 176 -5.00 16.46 42.22
C THR H 176 -3.81 15.52 42.50
N ALA H 177 -2.61 15.91 42.08
CA ALA H 177 -1.46 15.07 42.37
C ALA H 177 -1.12 15.10 43.85
N GLU H 178 -1.17 16.27 44.47
CA GLU H 178 -0.88 16.34 45.90
C GLU H 178 -1.99 15.75 46.74
N GLU H 179 -3.24 15.79 46.24
CA GLU H 179 -4.33 15.19 46.97
C GLU H 179 -4.32 13.67 46.84
N ALA H 180 -3.77 13.15 45.74
CA ALA H 180 -3.67 11.72 45.60
C ALA H 180 -2.48 11.15 46.36
N LYS H 181 -1.50 11.99 46.68
CA LYS H 181 -0.41 11.53 47.53
C LYS H 181 -0.84 11.43 48.98
N ASP H 182 -1.62 12.41 49.44
CA ASP H 182 -2.18 12.34 50.78
C ASP H 182 -3.21 11.23 50.89
N TYR H 183 -3.90 10.93 49.80
CA TYR H 183 -4.86 9.84 49.80
C TYR H 183 -4.16 8.49 49.80
N GLY H 184 -3.11 8.34 49.02
CA GLY H 184 -2.37 7.10 48.97
C GLY H 184 -2.33 6.42 47.63
N ILE H 185 -2.97 7.01 46.62
CA ILE H 185 -2.91 6.45 45.27
C ILE H 185 -1.53 6.57 44.66
N ILE H 186 -0.88 7.71 44.81
CA ILE H 186 0.51 7.84 44.40
C ILE H 186 1.35 7.99 45.66
N ASP H 187 2.66 7.91 45.48
CA ASP H 187 3.61 8.05 46.57
C ASP H 187 4.46 9.29 46.43
N THR H 188 4.52 9.86 45.25
CA THR H 188 5.39 10.99 44.97
C THR H 188 4.71 11.85 43.92
N VAL H 189 4.50 13.12 44.22
CA VAL H 189 4.18 14.06 43.15
C VAL H 189 5.49 14.29 42.41
N LEU H 190 5.58 13.79 41.19
CA LEU H 190 6.84 13.71 40.46
C LEU H 190 7.31 15.08 40.02
N GLU H 191 8.44 15.54 40.57
CA GLU H 191 8.89 16.90 40.32
C GLU H 191 9.49 17.00 38.94
N TYR H 192 9.44 18.19 38.36
CA TYR H 192 9.94 18.36 37.01
C TYR H 192 11.45 18.35 37.02
N ARG H 193 12.05 17.48 36.20
CA ARG H 193 13.48 17.34 36.14
C ARG H 193 14.10 18.13 34.99
N LYS H 194 13.45 19.21 34.58
CA LYS H 194 14.00 20.07 33.55
C LYS H 194 15.24 20.80 34.06
N LEU H 195 16.28 20.79 33.24
CA LEU H 195 17.60 21.27 33.64
C LEU H 195 17.73 22.78 33.62
N SER H 196 16.68 23.50 33.23
CA SER H 196 16.70 24.94 33.30
C SER H 196 15.71 25.43 34.34
N ILE I 1 -5.93 5.84 -9.38
CA ILE I 1 -4.85 4.91 -9.06
C ILE I 1 -3.53 5.68 -9.17
N LEU I 2 -2.55 5.30 -8.35
CA LEU I 2 -1.25 5.96 -8.34
C LEU I 2 -0.18 4.88 -8.43
N PRO I 3 0.55 4.80 -9.52
CA PRO I 3 1.60 3.78 -9.63
C PRO I 3 2.90 4.17 -8.97
N SER I 4 3.92 3.34 -9.14
CA SER I 4 5.27 3.66 -8.67
C SER I 4 6.25 3.24 -9.76
N PHE I 5 7.46 3.77 -9.68
CA PHE I 5 8.47 3.43 -10.67
C PHE I 5 9.76 3.00 -9.98
N SER I 16 9.05 4.31 -5.35
CA SER I 16 8.82 5.75 -5.44
C SER I 16 7.63 6.07 -6.32
N ASN I 17 6.60 6.66 -5.73
CA ASN I 17 5.44 7.09 -6.50
C ASN I 17 5.76 8.46 -7.12
N PRO I 18 4.90 8.99 -8.02
CA PRO I 18 5.19 10.31 -8.59
C PRO I 18 5.22 11.47 -7.60
N TYR I 19 4.59 11.36 -6.43
CA TYR I 19 4.69 12.48 -5.49
C TYR I 19 6.04 12.51 -4.80
N ASN I 20 6.63 11.34 -4.54
CA ASN I 20 7.98 11.29 -4.00
C ASN I 20 8.99 11.85 -5.00
N LYS I 21 8.75 11.59 -6.29
CA LYS I 21 9.65 12.10 -7.31
C LYS I 21 9.54 13.60 -7.45
N LEU I 22 8.32 14.14 -7.33
CA LEU I 22 8.14 15.59 -7.34
C LEU I 22 8.77 16.22 -6.12
N PHE I 23 8.68 15.56 -4.98
CA PHE I 23 9.20 16.15 -3.75
C PHE I 23 10.72 16.19 -3.74
N GLU I 24 11.38 15.18 -4.31
CA GLU I 24 12.83 15.21 -4.32
C GLU I 24 13.37 16.16 -5.38
N GLU I 25 12.54 16.59 -6.32
CA GLU I 25 12.84 17.73 -7.18
C GLU I 25 12.21 19.00 -6.65
N ARG I 26 11.95 19.05 -5.34
CA ARG I 26 11.58 20.23 -4.56
C ARG I 26 10.26 20.82 -5.00
N ILE I 27 9.28 19.96 -5.28
CA ILE I 27 7.93 20.38 -5.61
C ILE I 27 7.02 19.92 -4.49
N ILE I 28 6.58 20.86 -3.67
CA ILE I 28 5.55 20.61 -2.68
C ILE I 28 4.21 20.66 -3.38
N PHE I 29 3.33 19.74 -3.03
CA PHE I 29 2.05 19.65 -3.69
C PHE I 29 0.91 20.00 -2.75
N LEU I 30 0.09 20.94 -3.17
CA LEU I 30 -1.16 21.30 -2.51
C LEU I 30 -2.30 21.01 -3.48
N GLY I 31 -3.00 19.92 -3.28
CA GLY I 31 -4.05 19.56 -4.20
C GLY I 31 -5.33 19.23 -3.49
N VAL I 32 -5.28 19.25 -2.18
CA VAL I 32 -6.43 19.01 -1.33
C VAL I 32 -6.81 20.33 -0.69
N GLN I 33 -7.91 20.32 0.06
CA GLN I 33 -8.37 21.50 0.77
C GLN I 33 -7.33 21.95 1.80
N VAL I 34 -7.31 23.24 2.10
CA VAL I 34 -6.36 23.73 3.08
C VAL I 34 -7.04 23.58 4.44
N ASP I 35 -6.99 22.39 5.00
CA ASP I 35 -7.35 22.17 6.39
C ASP I 35 -6.06 22.08 7.19
N ASP I 36 -6.19 21.70 8.46
CA ASP I 36 -5.02 21.61 9.32
C ASP I 36 -4.06 20.54 8.83
N ALA I 37 -4.57 19.35 8.53
CA ALA I 37 -3.72 18.22 8.18
C ALA I 37 -2.97 18.44 6.87
N SER I 38 -3.57 19.17 5.94
CA SER I 38 -2.86 19.49 4.71
C SER I 38 -1.88 20.62 4.94
N ALA I 39 -2.24 21.57 5.81
CA ALA I 39 -1.31 22.63 6.17
C ALA I 39 -0.14 22.07 6.95
N ASN I 40 -0.41 21.10 7.81
CA ASN I 40 0.62 20.45 8.60
C ASN I 40 1.61 19.71 7.72
N ASP I 41 1.11 19.05 6.67
CA ASP I 41 1.98 18.34 5.74
C ASP I 41 2.88 19.31 4.99
N ILE I 42 2.30 20.40 4.49
CA ILE I 42 3.03 21.35 3.65
C ILE I 42 4.09 22.09 4.45
N MET I 43 3.79 22.45 5.69
CA MET I 43 4.78 23.13 6.51
C MET I 43 5.91 22.20 6.89
N ALA I 44 5.61 20.90 7.02
CA ALA I 44 6.68 19.94 7.23
C ALA I 44 7.55 19.82 5.99
N GLN I 45 6.92 19.91 4.81
CA GLN I 45 7.66 19.77 3.57
C GLN I 45 8.42 21.04 3.23
N LEU I 46 7.87 22.21 3.59
CA LEU I 46 8.56 23.47 3.34
C LEU I 46 9.81 23.59 4.18
N LEU I 47 9.75 23.08 5.40
CA LEU I 47 10.92 23.16 6.26
C LEU I 47 11.97 22.15 5.85
N VAL I 48 11.54 20.93 5.52
CA VAL I 48 12.45 19.88 5.07
C VAL I 48 13.19 20.30 3.81
N LEU I 49 12.48 20.89 2.84
CA LEU I 49 13.14 21.34 1.63
C LEU I 49 13.98 22.58 1.86
N GLU I 50 13.69 23.35 2.91
CA GLU I 50 14.58 24.43 3.27
C GLU I 50 15.90 23.90 3.81
N SER I 51 15.85 22.80 4.56
CA SER I 51 17.08 22.30 5.16
C SER I 51 17.93 21.53 4.16
N LEU I 52 17.31 20.92 3.15
CA LEU I 52 18.08 20.19 2.14
C LEU I 52 18.89 21.16 1.28
N ASP I 53 18.27 22.22 0.80
CA ASP I 53 19.00 23.32 0.20
C ASP I 53 18.14 24.57 0.36
N PRO I 54 18.59 25.55 1.13
CA PRO I 54 17.85 26.82 1.20
C PRO I 54 18.10 27.74 0.02
N ASP I 55 18.90 27.32 -0.96
CA ASP I 55 19.23 28.17 -2.09
C ASP I 55 18.53 27.73 -3.37
N ARG I 56 18.06 26.49 -3.44
CA ARG I 56 17.22 26.05 -4.55
C ARG I 56 15.79 26.42 -4.23
N ASP I 57 15.04 26.78 -5.26
CA ASP I 57 13.68 27.22 -5.11
C ASP I 57 12.78 26.03 -4.78
N ILE I 58 11.85 26.24 -3.87
CA ILE I 58 10.78 25.29 -3.63
C ILE I 58 9.65 25.62 -4.58
N THR I 59 9.14 24.62 -5.28
CA THR I 59 7.97 24.83 -6.13
C THR I 59 6.75 24.32 -5.38
N MET I 60 5.67 25.10 -5.42
CA MET I 60 4.44 24.68 -4.78
C MET I 60 3.34 24.61 -5.83
N TYR I 61 2.79 23.42 -6.02
CA TYR I 61 1.68 23.25 -6.95
C TYR I 61 0.40 23.42 -6.20
N ILE I 62 -0.52 24.17 -6.77
CA ILE I 62 -1.75 24.52 -6.09
C ILE I 62 -2.90 24.08 -6.99
N ASN I 63 -3.59 23.03 -6.55
CA ASN I 63 -4.84 22.57 -7.12
C ASN I 63 -5.86 22.45 -6.02
N SER I 64 -6.02 23.51 -5.29
CA SER I 64 -6.77 23.37 -4.08
C SER I 64 -8.05 24.19 -4.12
N PRO I 65 -9.13 23.71 -3.51
CA PRO I 65 -10.34 24.51 -3.39
C PRO I 65 -10.34 25.50 -2.24
N GLY I 66 -9.20 25.76 -1.63
CA GLY I 66 -9.14 26.66 -0.51
C GLY I 66 -9.36 25.89 0.78
N GLY I 67 -9.58 26.64 1.85
CA GLY I 67 -9.85 26.00 3.11
C GLY I 67 -9.81 26.94 4.30
N GLY I 68 -9.36 26.42 5.44
CA GLY I 68 -9.43 27.19 6.67
C GLY I 68 -8.41 28.32 6.68
N PHE I 69 -8.72 29.35 7.47
CA PHE I 69 -7.90 30.55 7.47
C PHE I 69 -6.63 30.36 8.27
N THR I 70 -6.70 29.72 9.43
CA THR I 70 -5.48 29.54 10.21
C THR I 70 -4.57 28.53 9.55
N SER I 71 -5.16 27.58 8.84
CA SER I 71 -4.38 26.64 8.05
C SER I 71 -3.78 27.33 6.84
N LEU I 72 -4.50 28.30 6.29
CA LEU I 72 -3.96 29.19 5.27
C LEU I 72 -2.75 29.94 5.79
N MET I 73 -2.90 30.62 6.92
CA MET I 73 -1.80 31.44 7.43
C MET I 73 -0.71 30.59 8.04
N ALA I 74 -0.98 29.32 8.29
CA ALA I 74 0.08 28.40 8.66
C ALA I 74 1.00 28.14 7.46
N ILE I 75 0.41 27.81 6.32
CA ILE I 75 1.20 27.61 5.10
C ILE I 75 1.82 28.91 4.65
N TYR I 76 1.05 29.99 4.68
CA TYR I 76 1.52 31.31 4.25
C TYR I 76 2.75 31.75 5.01
N ASP I 77 2.74 31.57 6.32
CA ASP I 77 3.88 32.00 7.13
C ASP I 77 5.10 31.15 6.86
N THR I 78 4.90 29.87 6.58
CA THR I 78 6.02 28.97 6.33
C THR I 78 6.57 29.15 4.93
N MET I 79 5.70 29.49 3.98
CA MET I 79 6.17 29.90 2.65
C MET I 79 7.00 31.15 2.72
N GLN I 80 6.56 32.13 3.51
CA GLN I 80 7.32 33.35 3.65
C GLN I 80 8.54 33.18 4.53
N TYR I 81 8.55 32.17 5.38
CA TYR I 81 9.65 32.01 6.33
C TYR I 81 10.89 31.42 5.69
N VAL I 82 10.73 30.37 4.89
CA VAL I 82 11.87 29.60 4.41
C VAL I 82 12.77 30.43 3.51
N ARG I 83 14.07 30.13 3.55
CA ARG I 83 15.03 30.90 2.78
C ARG I 83 14.86 30.68 1.29
N ALA I 84 14.34 29.52 0.91
CA ALA I 84 14.10 29.21 -0.48
C ALA I 84 12.99 30.08 -1.04
N ASP I 85 13.14 30.52 -2.27
CA ASP I 85 12.07 31.23 -2.96
C ASP I 85 10.99 30.22 -3.29
N ILE I 86 9.74 30.60 -3.06
CA ILE I 86 8.62 29.71 -3.34
C ILE I 86 8.12 30.01 -4.74
N GLN I 87 8.11 29.00 -5.59
CA GLN I 87 7.53 29.09 -6.92
C GLN I 87 6.14 28.48 -6.87
N THR I 88 5.12 29.31 -6.91
CA THR I 88 3.75 28.79 -6.88
C THR I 88 3.25 28.65 -8.30
N VAL I 89 2.75 27.46 -8.63
CA VAL I 89 2.11 27.20 -9.91
C VAL I 89 0.67 26.80 -9.62
N CYS I 90 -0.27 27.45 -10.30
CA CYS I 90 -1.66 27.07 -10.17
C CYS I 90 -2.00 26.01 -11.19
N LEU I 91 -2.67 24.97 -10.75
CA LEU I 91 -2.98 23.80 -11.54
C LEU I 91 -4.48 23.66 -11.43
N GLY I 92 -5.22 24.03 -12.45
CA GLY I 92 -6.65 23.86 -12.35
C GLY I 92 -7.39 24.92 -11.55
N GLN I 93 -7.24 24.92 -10.22
CA GLN I 93 -7.86 25.98 -9.44
C GLN I 93 -6.99 26.35 -8.25
N ALA I 94 -7.19 27.59 -7.80
CA ALA I 94 -6.72 28.07 -6.53
C ALA I 94 -7.85 28.91 -5.96
N ALA I 95 -8.61 28.34 -5.04
CA ALA I 95 -9.79 29.06 -4.55
C ALA I 95 -9.57 29.51 -3.11
N SER I 96 -10.25 30.57 -2.70
CA SER I 96 -10.16 31.01 -1.29
C SER I 96 -8.71 31.03 -0.81
N ALA I 97 -8.40 30.25 0.21
CA ALA I 97 -7.05 30.23 0.80
C ALA I 97 -6.01 29.94 -0.28
N ALA I 98 -6.28 28.98 -1.15
CA ALA I 98 -5.27 28.58 -2.16
C ALA I 98 -4.85 29.77 -3.03
N ALA I 99 -5.76 30.67 -3.40
CA ALA I 99 -5.33 31.78 -4.22
C ALA I 99 -4.47 32.74 -3.44
N VAL I 100 -4.64 32.78 -2.12
CA VAL I 100 -3.74 33.58 -1.29
C VAL I 100 -2.36 32.95 -1.25
N LEU I 101 -2.30 31.61 -1.18
CA LEU I 101 -1.02 30.92 -1.26
C LEU I 101 -0.42 31.02 -2.65
N LEU I 102 -1.27 31.14 -3.66
CA LEU I 102 -0.79 31.33 -5.02
C LEU I 102 -0.17 32.71 -5.19
N ALA I 103 -0.78 33.72 -4.61
CA ALA I 103 -0.19 35.04 -4.60
C ALA I 103 1.01 35.12 -3.67
N ALA I 104 1.15 34.20 -2.74
CA ALA I 104 2.21 34.22 -1.76
C ALA I 104 3.54 33.69 -2.27
N GLY I 105 3.64 33.31 -3.52
CA GLY I 105 4.91 32.90 -4.06
C GLY I 105 5.85 34.08 -4.22
N THR I 106 7.08 33.76 -4.54
CA THR I 106 8.08 34.79 -4.75
C THR I 106 7.72 35.60 -5.99
N PRO I 107 7.82 36.93 -5.92
CA PRO I 107 7.52 37.78 -7.09
C PRO I 107 8.41 37.43 -8.28
N GLY I 108 7.77 37.26 -9.42
CA GLY I 108 8.41 36.72 -10.60
C GLY I 108 8.28 35.23 -10.73
N LYS I 109 7.89 34.55 -9.66
CA LYS I 109 7.88 33.09 -9.66
C LYS I 109 6.49 32.54 -9.37
N ARG I 110 5.44 33.25 -9.69
CA ARG I 110 4.08 32.79 -9.46
C ARG I 110 3.47 32.48 -10.81
N MET I 111 3.37 31.20 -11.13
CA MET I 111 2.86 30.75 -12.41
C MET I 111 1.43 30.29 -12.28
N ALA I 112 0.76 30.20 -13.41
CA ALA I 112 -0.53 29.55 -13.49
C ALA I 112 -0.62 28.91 -14.86
N LEU I 113 -1.19 27.74 -14.92
CA LEU I 113 -1.50 27.09 -16.17
C LEU I 113 -2.60 27.87 -16.88
N PRO I 114 -2.65 27.82 -18.22
CA PRO I 114 -3.52 28.76 -18.96
C PRO I 114 -5.01 28.61 -18.69
N ASN I 115 -5.47 27.44 -18.29
CA ASN I 115 -6.87 27.25 -17.96
C ASN I 115 -7.05 27.04 -16.47
N ALA I 116 -6.11 27.51 -15.67
CA ALA I 116 -6.23 27.42 -14.21
C ALA I 116 -7.16 28.52 -13.75
N ARG I 117 -8.06 28.18 -12.84
CA ARG I 117 -8.97 29.14 -12.27
C ARG I 117 -8.36 29.74 -11.02
N VAL I 118 -8.56 31.03 -10.80
CA VAL I 118 -8.16 31.66 -9.55
C VAL I 118 -9.40 32.28 -8.95
N LEU I 119 -9.83 31.78 -7.81
CA LEU I 119 -11.04 32.23 -7.15
C LEU I 119 -10.64 32.88 -5.83
N ILE I 120 -10.92 34.16 -5.67
CA ILE I 120 -10.71 34.86 -4.42
C ILE I 120 -12.06 35.29 -3.87
N HIS I 121 -12.23 35.17 -2.56
CA HIS I 121 -13.41 35.69 -1.89
C HIS I 121 -13.08 35.95 -0.44
N GLN I 122 -13.97 36.67 0.23
CA GLN I 122 -13.79 36.97 1.63
C GLN I 122 -13.99 35.72 2.48
N PRO I 123 -13.40 35.66 3.67
CA PRO I 123 -13.60 34.50 4.54
C PRO I 123 -15.04 34.32 4.98
N SER I 124 -15.38 33.07 5.27
CA SER I 124 -16.71 32.71 5.71
C SER I 124 -16.57 31.81 6.92
N LEU I 125 -17.58 31.80 7.78
CA LEU I 125 -17.67 30.80 8.82
C LEU I 125 -18.38 29.58 8.27
N SER I 126 -17.81 28.42 8.50
CA SER I 126 -18.41 27.16 8.11
C SER I 126 -19.55 26.84 9.08
N GLY I 127 -20.76 26.82 8.56
CA GLY I 127 -21.88 26.59 9.43
C GLY I 127 -22.18 27.78 10.32
N VAL I 128 -23.05 27.53 11.28
CA VAL I 128 -23.51 28.54 12.21
C VAL I 128 -22.75 28.33 13.50
N ILE I 129 -22.07 29.37 13.99
CA ILE I 129 -21.49 29.34 15.31
C ILE I 129 -22.51 29.92 16.28
N GLN I 130 -23.10 29.07 17.11
CA GLN I 130 -24.03 29.53 18.12
C GLN I 130 -23.28 30.19 19.26
N GLY I 131 -24.00 31.00 20.02
CA GLY I 131 -23.40 31.59 21.21
C GLY I 131 -24.18 32.80 21.65
N GLN I 132 -23.80 33.31 22.80
CA GLN I 132 -24.30 34.58 23.29
C GLN I 132 -23.82 35.71 22.40
N PHE I 133 -24.49 36.85 22.47
CA PHE I 133 -24.08 37.98 21.62
C PHE I 133 -22.71 38.51 21.98
N SER I 134 -22.22 38.27 23.20
CA SER I 134 -20.83 38.60 23.48
C SER I 134 -19.88 37.59 22.88
N ASP I 135 -20.29 36.31 22.78
CA ASP I 135 -19.51 35.33 22.05
C ASP I 135 -19.46 35.66 20.56
N LEU I 136 -20.58 36.10 20.01
CA LEU I 136 -20.67 36.32 18.58
C LEU I 136 -20.01 37.62 18.18
N GLU I 137 -19.98 38.61 19.08
CA GLU I 137 -19.25 39.84 18.82
C GLU I 137 -17.76 39.56 18.70
N ILE I 138 -17.27 38.60 19.47
CA ILE I 138 -15.88 38.18 19.38
C ILE I 138 -15.63 37.43 18.07
N GLN I 139 -16.54 36.51 17.72
CA GLN I 139 -16.39 35.74 16.49
C GLN I 139 -16.54 36.60 15.25
N ALA I 140 -17.29 37.69 15.35
CA ALA I 140 -17.45 38.58 14.22
C ALA I 140 -16.30 39.55 14.09
N ALA I 141 -15.75 39.97 15.21
CA ALA I 141 -14.49 40.71 15.17
C ALA I 141 -13.36 39.84 14.67
N GLU I 142 -13.49 38.52 14.86
CA GLU I 142 -12.46 37.62 14.40
C GLU I 142 -12.55 37.38 12.90
N ILE I 143 -13.76 37.19 12.38
CA ILE I 143 -13.92 37.02 10.94
C ILE I 143 -13.65 38.33 10.23
N GLU I 144 -13.73 39.46 10.94
CA GLU I 144 -13.35 40.73 10.34
C GLU I 144 -11.84 40.89 10.28
N ARG I 145 -11.11 40.47 11.32
CA ARG I 145 -9.66 40.55 11.20
C ARG I 145 -9.12 39.45 10.32
N MET I 146 -9.86 38.34 10.16
CA MET I 146 -9.50 37.37 9.14
C MET I 146 -9.69 37.94 7.75
N ARG I 147 -10.77 38.68 7.55
CA ARG I 147 -11.02 39.35 6.28
C ARG I 147 -9.97 40.41 6.03
N THR I 148 -9.65 41.22 7.04
CA THR I 148 -8.66 42.27 6.90
C THR I 148 -7.26 41.70 6.69
N LEU I 149 -6.93 40.59 7.35
CA LEU I 149 -5.60 40.00 7.17
C LEU I 149 -5.46 39.36 5.80
N MET I 150 -6.55 38.79 5.27
CA MET I 150 -6.52 38.25 3.92
C MET I 150 -6.34 39.35 2.89
N GLU I 151 -6.97 40.50 3.11
CA GLU I 151 -6.85 41.59 2.16
C GLU I 151 -5.48 42.23 2.22
N THR I 152 -4.92 42.40 3.41
CA THR I 152 -3.58 42.97 3.51
C THR I 152 -2.53 41.98 3.05
N THR I 153 -2.82 40.68 3.11
CA THR I 153 -1.95 39.70 2.50
C THR I 153 -2.02 39.77 0.98
N LEU I 154 -3.23 39.86 0.45
CA LEU I 154 -3.39 40.03 -0.99
C LEU I 154 -2.99 41.43 -1.44
N ALA I 155 -2.96 42.39 -0.54
CA ALA I 155 -2.47 43.71 -0.91
C ALA I 155 -0.97 43.69 -1.14
N ARG I 156 -0.22 43.01 -0.27
CA ARG I 156 1.22 43.07 -0.37
C ARG I 156 1.76 42.12 -1.42
N HIS I 157 0.94 41.22 -1.94
CA HIS I 157 1.40 40.28 -2.94
C HIS I 157 0.85 40.56 -4.33
N THR I 158 -0.24 41.30 -4.46
CA THR I 158 -0.72 41.72 -5.75
C THR I 158 -0.40 43.17 -6.06
N GLY I 159 0.11 43.92 -5.10
CA GLY I 159 0.37 45.32 -5.31
C GLY I 159 -0.86 46.19 -5.34
N LYS I 160 -2.00 45.69 -4.91
CA LYS I 160 -3.20 46.49 -4.92
C LYS I 160 -3.48 47.04 -3.53
N ASP I 161 -4.34 48.06 -3.48
CA ASP I 161 -4.79 48.57 -2.20
C ASP I 161 -5.68 47.53 -1.56
N ALA I 162 -5.64 47.45 -0.23
CA ALA I 162 -6.47 46.48 0.48
C ALA I 162 -7.95 46.82 0.38
N GLY I 163 -8.28 48.10 0.14
CA GLY I 163 -9.65 48.44 -0.15
C GLY I 163 -10.09 47.96 -1.52
N VAL I 164 -9.16 47.85 -2.46
CA VAL I 164 -9.48 47.29 -3.77
C VAL I 164 -9.66 45.78 -3.65
N ILE I 165 -8.87 45.13 -2.79
CA ILE I 165 -9.08 43.71 -2.50
C ILE I 165 -10.42 43.49 -1.84
N ARG I 166 -10.82 44.43 -0.98
CA ARG I 166 -12.06 44.32 -0.24
C ARG I 166 -13.27 44.44 -1.15
N LYS I 167 -13.20 45.34 -2.12
CA LYS I 167 -14.30 45.50 -3.06
C LYS I 167 -14.35 44.36 -4.06
N ASP I 168 -13.20 43.75 -4.35
CA ASP I 168 -13.18 42.67 -5.33
C ASP I 168 -13.57 41.34 -4.70
N THR I 169 -13.17 41.09 -3.46
CA THR I 169 -13.51 39.85 -2.77
C THR I 169 -14.84 39.92 -2.05
N ASP I 170 -15.65 40.94 -2.32
CA ASP I 170 -16.99 41.02 -1.75
C ASP I 170 -17.85 39.87 -2.24
N ARG I 171 -17.77 39.55 -3.52
CA ARG I 171 -18.32 38.31 -4.02
C ARG I 171 -17.16 37.43 -4.43
N ASP I 172 -17.46 36.28 -5.02
CA ASP I 172 -16.45 35.43 -5.62
C ASP I 172 -15.89 36.16 -6.83
N LYS I 173 -14.65 36.61 -6.73
CA LYS I 173 -13.97 37.15 -7.90
C LYS I 173 -13.19 36.01 -8.52
N ILE I 174 -13.79 35.34 -9.50
CA ILE I 174 -13.10 34.31 -10.25
C ILE I 174 -12.24 34.98 -11.30
N LEU I 175 -10.95 34.71 -11.23
CA LEU I 175 -9.99 35.15 -12.24
C LEU I 175 -9.64 33.95 -13.09
N THR I 176 -9.40 34.19 -14.38
CA THR I 176 -8.74 33.17 -15.20
C THR I 176 -7.24 33.30 -14.96
N ALA I 177 -6.43 32.61 -15.77
CA ALA I 177 -4.99 32.75 -15.61
C ALA I 177 -4.52 34.13 -16.05
N GLU I 178 -5.03 34.61 -17.18
CA GLU I 178 -4.64 35.93 -17.65
C GLU I 178 -5.22 37.04 -16.78
N GLU I 179 -6.41 36.82 -16.22
CA GLU I 179 -7.00 37.82 -15.34
C GLU I 179 -6.31 37.84 -13.99
N ALA I 180 -5.75 36.73 -13.56
CA ALA I 180 -4.96 36.71 -12.33
C ALA I 180 -3.56 37.26 -12.53
N LYS I 181 -3.07 37.29 -13.77
CA LYS I 181 -1.83 37.97 -14.06
C LYS I 181 -2.01 39.48 -13.99
N ASP I 182 -3.13 39.97 -14.52
CA ASP I 182 -3.44 41.39 -14.43
C ASP I 182 -3.81 41.80 -13.03
N TYR I 183 -4.43 40.91 -12.27
CA TYR I 183 -4.78 41.23 -10.90
C TYR I 183 -3.54 41.24 -10.02
N GLY I 184 -2.61 40.35 -10.25
CA GLY I 184 -1.40 40.34 -9.46
C GLY I 184 -1.23 39.09 -8.66
N ILE I 185 -2.15 38.13 -8.83
CA ILE I 185 -2.05 36.86 -8.13
C ILE I 185 -0.86 36.06 -8.67
N ILE I 186 -0.77 35.90 -9.97
CA ILE I 186 0.33 35.20 -10.59
C ILE I 186 1.12 36.19 -11.42
N ASP I 187 2.36 35.83 -11.70
CA ASP I 187 3.27 36.70 -12.43
C ASP I 187 3.35 36.38 -13.90
N THR I 188 3.20 35.13 -14.26
CA THR I 188 3.18 34.74 -15.66
C THR I 188 2.20 33.60 -15.84
N VAL I 189 1.51 33.61 -16.97
CA VAL I 189 0.68 32.48 -17.37
C VAL I 189 1.60 31.53 -18.11
N LEU I 190 1.69 30.30 -17.63
CA LEU I 190 2.74 29.40 -18.08
C LEU I 190 2.36 28.81 -19.43
N GLU I 191 3.15 29.15 -20.45
CA GLU I 191 2.87 28.69 -21.80
C GLU I 191 3.17 27.21 -21.94
N TYR I 192 2.43 26.58 -22.85
CA TYR I 192 2.66 25.18 -23.19
C TYR I 192 4.01 25.04 -23.88
N ARG I 193 4.73 23.98 -23.56
CA ARG I 193 6.04 23.77 -24.16
C ARG I 193 6.11 22.44 -24.88
N LYS I 194 4.96 21.98 -25.39
CA LYS I 194 4.94 20.75 -26.16
C LYS I 194 5.68 20.95 -27.49
N LEU I 195 6.55 19.99 -27.81
CA LEU I 195 7.46 20.12 -28.93
C LEU I 195 6.77 20.05 -30.28
N SER I 196 5.58 19.48 -30.35
CA SER I 196 4.77 19.61 -31.54
C SER I 196 3.94 20.87 -31.43
N ILE J 1 -9.24 -6.26 -6.94
CA ILE J 1 -8.67 -7.53 -7.37
C ILE J 1 -7.49 -7.30 -8.34
N LEU J 2 -6.27 -7.36 -7.80
CA LEU J 2 -5.14 -6.95 -8.59
C LEU J 2 -3.89 -7.65 -8.10
N PRO J 3 -3.18 -8.36 -8.97
CA PRO J 3 -1.97 -9.08 -8.56
C PRO J 3 -0.74 -8.19 -8.35
N SER J 4 -0.36 -8.02 -7.09
CA SER J 4 0.81 -7.23 -6.71
C SER J 4 1.97 -8.17 -6.39
N PHE J 5 3.13 -7.91 -6.97
CA PHE J 5 4.23 -8.88 -6.90
C PHE J 5 5.14 -8.62 -5.72
N ILE J 6 4.59 -8.11 -4.60
CA ILE J 6 5.23 -7.30 -3.55
C ILE J 6 6.66 -7.73 -3.17
N GLU J 7 7.58 -6.76 -3.22
CA GLU J 7 9.04 -6.96 -3.22
C GLU J 7 9.51 -7.96 -4.25
N GLY J 12 12.91 -5.23 0.25
CA GLY J 12 12.96 -3.78 0.12
C GLY J 12 13.26 -3.42 -1.33
N VAL J 13 12.28 -3.63 -2.20
CA VAL J 13 12.43 -3.32 -3.61
C VAL J 13 11.05 -2.93 -4.15
N LYS J 14 10.97 -2.59 -5.44
CA LYS J 14 9.73 -2.15 -6.09
C LYS J 14 8.62 -3.20 -6.02
N GLU J 15 7.37 -2.72 -5.93
CA GLU J 15 6.22 -3.59 -5.75
C GLU J 15 5.79 -4.27 -7.04
N SER J 16 5.70 -3.50 -8.13
CA SER J 16 5.37 -3.95 -9.49
C SER J 16 4.01 -4.64 -9.62
N ASN J 17 2.92 -3.88 -9.49
CA ASN J 17 1.59 -4.33 -9.89
C ASN J 17 1.42 -4.03 -11.39
N PRO J 18 0.31 -4.39 -12.06
CA PRO J 18 0.19 -4.02 -13.48
C PRO J 18 0.11 -2.53 -13.77
N TYR J 19 -0.26 -1.68 -12.82
CA TYR J 19 -0.26 -0.25 -13.12
C TYR J 19 1.13 0.34 -13.11
N ASN J 20 2.06 -0.28 -12.37
CA ASN J 20 3.46 0.11 -12.48
C ASN J 20 4.00 -0.32 -13.83
N LYS J 21 3.55 -1.47 -14.32
CA LYS J 21 3.95 -1.96 -15.62
C LYS J 21 3.21 -1.23 -16.74
N LEU J 22 2.22 -0.42 -16.38
CA LEU J 22 1.72 0.55 -17.35
C LEU J 22 2.56 1.80 -17.31
N PHE J 23 2.87 2.29 -16.11
CA PHE J 23 3.56 3.56 -15.95
C PHE J 23 5.00 3.52 -16.43
N GLU J 24 5.67 2.38 -16.28
CA GLU J 24 7.04 2.26 -16.79
C GLU J 24 7.07 2.29 -18.31
N GLU J 25 5.98 1.87 -18.95
CA GLU J 25 5.81 1.95 -20.39
C GLU J 25 5.12 3.23 -20.81
N ARG J 26 5.19 4.25 -19.96
CA ARG J 26 4.74 5.61 -20.19
C ARG J 26 3.25 5.70 -20.46
N ILE J 27 2.48 4.82 -19.82
CA ILE J 27 1.03 4.82 -19.94
C ILE J 27 0.46 5.35 -18.63
N ILE J 28 -0.06 6.55 -18.69
CA ILE J 28 -0.82 7.14 -17.60
C ILE J 28 -2.23 6.62 -17.68
N PHE J 29 -2.78 6.25 -16.54
CA PHE J 29 -4.10 5.64 -16.53
C PHE J 29 -5.10 6.55 -15.84
N LEU J 30 -6.17 6.88 -16.55
CA LEU J 30 -7.29 7.63 -15.99
C LEU J 30 -8.53 6.76 -16.09
N GLY J 31 -8.86 6.06 -15.01
CA GLY J 31 -9.98 5.15 -15.04
C GLY J 31 -10.99 5.48 -13.98
N VAL J 32 -10.59 6.31 -13.03
CA VAL J 32 -11.49 6.83 -12.02
C VAL J 32 -12.08 8.13 -12.54
N GLN J 33 -13.06 8.67 -11.82
CA GLN J 33 -13.62 9.98 -12.14
C GLN J 33 -12.56 11.06 -12.02
N VAL J 34 -12.79 12.17 -12.71
CA VAL J 34 -11.85 13.29 -12.65
C VAL J 34 -12.27 14.18 -11.49
N ASP J 35 -11.88 13.80 -10.28
CA ASP J 35 -11.96 14.72 -9.16
C ASP J 35 -10.60 15.38 -9.00
N ASP J 36 -10.43 16.14 -7.92
CA ASP J 36 -9.15 16.78 -7.66
C ASP J 36 -8.06 15.76 -7.44
N ALA J 37 -8.32 14.74 -6.61
CA ALA J 37 -7.30 13.77 -6.24
C ALA J 37 -6.82 12.94 -7.42
N SER J 38 -7.71 12.60 -8.34
CA SER J 38 -7.27 11.88 -9.52
C SER J 38 -6.53 12.79 -10.47
N ALA J 39 -6.99 14.04 -10.60
CA ALA J 39 -6.31 15.02 -11.44
C ALA J 39 -4.92 15.31 -10.91
N ASN J 40 -4.79 15.37 -9.60
CA ASN J 40 -3.51 15.52 -8.95
C ASN J 40 -2.60 14.34 -9.25
N ASP J 41 -3.17 13.14 -9.29
CA ASP J 41 -2.38 11.95 -9.61
C ASP J 41 -1.90 12.00 -11.05
N ILE J 42 -2.80 12.34 -11.99
CA ILE J 42 -2.45 12.36 -13.41
C ILE J 42 -1.37 13.41 -13.70
N MET J 43 -1.49 14.59 -13.10
CA MET J 43 -0.51 15.65 -13.36
C MET J 43 0.84 15.31 -12.77
N ALA J 44 0.87 14.58 -11.66
CA ALA J 44 2.14 14.13 -11.11
C ALA J 44 2.79 13.11 -12.02
N GLN J 45 1.98 12.26 -12.66
CA GLN J 45 2.51 11.26 -13.57
C GLN J 45 2.92 11.88 -14.90
N LEU J 46 2.20 12.91 -15.35
CA LEU J 46 2.51 13.58 -16.61
C LEU J 46 3.82 14.33 -16.52
N LEU J 47 4.13 14.85 -15.35
CA LEU J 47 5.38 15.57 -15.20
C LEU J 47 6.54 14.62 -15.03
N VAL J 48 6.34 13.54 -14.28
CA VAL J 48 7.39 12.54 -14.07
C VAL J 48 7.78 11.89 -15.39
N LEU J 49 6.79 11.52 -16.19
CA LEU J 49 7.09 10.92 -17.49
C LEU J 49 7.68 11.93 -18.46
N GLU J 50 7.38 13.21 -18.28
CA GLU J 50 8.09 14.22 -19.07
C GLU J 50 9.55 14.28 -18.67
N SER J 51 9.82 14.19 -17.38
CA SER J 51 11.19 14.28 -16.89
C SER J 51 12.01 13.03 -17.16
N LEU J 52 11.37 11.88 -17.30
CA LEU J 52 12.09 10.67 -17.64
C LEU J 52 12.54 10.66 -19.08
N ASP J 53 11.68 11.00 -20.02
CA ASP J 53 12.08 11.36 -21.37
C ASP J 53 11.02 12.27 -21.95
N PRO J 54 11.36 13.52 -22.27
CA PRO J 54 10.34 14.43 -22.83
C PRO J 54 10.05 14.19 -24.30
N ASP J 55 10.72 13.25 -24.94
CA ASP J 55 10.49 13.00 -26.36
C ASP J 55 9.63 11.79 -26.62
N ARG J 56 9.69 10.76 -25.77
CA ARG J 56 8.82 9.61 -25.94
C ARG J 56 7.40 9.97 -25.58
N ASP J 57 6.45 9.40 -26.32
CA ASP J 57 5.04 9.73 -26.17
C ASP J 57 4.53 9.20 -24.85
N ILE J 58 3.79 10.02 -24.13
CA ILE J 58 3.01 9.58 -22.99
C ILE J 58 1.69 9.07 -23.52
N THR J 59 1.27 7.89 -23.08
CA THR J 59 -0.02 7.36 -23.46
C THR J 59 -0.97 7.58 -22.30
N MET J 60 -2.16 8.08 -22.58
CA MET J 60 -3.16 8.24 -21.53
C MET J 60 -4.35 7.34 -21.83
N TYR J 61 -4.67 6.47 -20.90
CA TYR J 61 -5.83 5.63 -21.04
C TYR J 61 -6.99 6.25 -20.30
N ILE J 62 -8.14 6.31 -20.96
CA ILE J 62 -9.28 7.02 -20.44
C ILE J 62 -10.44 6.04 -20.34
N ASN J 63 -10.77 5.63 -19.12
CA ASN J 63 -11.99 4.90 -18.82
C ASN J 63 -12.70 5.70 -17.75
N SER J 64 -12.87 6.95 -17.99
CA SER J 64 -13.34 7.75 -16.89
C SER J 64 -14.77 8.19 -17.11
N PRO J 65 -15.57 8.32 -16.04
CA PRO J 65 -16.90 8.90 -16.17
C PRO J 65 -16.89 10.40 -16.28
N GLY J 66 -15.72 11.04 -16.24
CA GLY J 66 -15.62 12.47 -16.20
C GLY J 66 -15.67 12.96 -14.77
N GLY J 67 -15.69 14.28 -14.63
CA GLY J 67 -15.78 14.84 -13.32
C GLY J 67 -15.73 16.35 -13.30
N GLY J 68 -14.99 16.89 -12.33
CA GLY J 68 -15.03 18.32 -12.12
C GLY J 68 -14.29 19.08 -13.21
N PHE J 69 -14.69 20.33 -13.40
CA PHE J 69 -14.13 21.12 -14.49
C PHE J 69 -12.73 21.63 -14.18
N THR J 70 -12.46 22.06 -12.96
CA THR J 70 -11.12 22.55 -12.68
C THR J 70 -10.14 21.40 -12.62
N SER J 71 -10.61 20.24 -12.20
CA SER J 71 -9.80 19.05 -12.24
C SER J 71 -9.58 18.60 -13.68
N LEU J 72 -10.58 18.82 -14.53
CA LEU J 72 -10.43 18.63 -15.96
C LEU J 72 -9.34 19.50 -16.54
N MET J 73 -9.44 20.81 -16.30
CA MET J 73 -8.48 21.74 -16.86
C MET J 73 -7.14 21.67 -16.16
N ALA J 74 -7.08 21.04 -15.00
CA ALA J 74 -5.78 20.72 -14.41
C ALA J 74 -5.07 19.66 -15.23
N ILE J 75 -5.76 18.57 -15.53
CA ILE J 75 -5.19 17.53 -16.39
C ILE J 75 -4.96 18.05 -17.80
N TYR J 76 -5.93 18.78 -18.34
CA TYR J 76 -5.87 19.31 -19.70
C TYR J 76 -4.64 20.18 -19.91
N ASP J 77 -4.38 21.09 -18.98
CA ASP J 77 -3.24 21.98 -19.12
C ASP J 77 -1.94 21.23 -19.04
N THR J 78 -1.85 20.26 -18.15
CA THR J 78 -0.64 19.47 -17.99
C THR J 78 -0.41 18.54 -19.17
N MET J 79 -1.48 18.01 -19.75
CA MET J 79 -1.37 17.27 -21.01
C MET J 79 -0.86 18.17 -22.13
N GLN J 80 -1.38 19.39 -22.20
CA GLN J 80 -0.93 20.31 -23.22
C GLN J 80 0.41 20.92 -22.90
N TYR J 81 0.83 20.92 -21.64
CA TYR J 81 2.07 21.55 -21.25
C TYR J 81 3.29 20.71 -21.60
N VAL J 82 3.26 19.42 -21.27
CA VAL J 82 4.46 18.59 -21.30
C VAL J 82 5.00 18.45 -22.72
N ARG J 83 6.31 18.24 -22.82
CA ARG J 83 6.94 18.20 -24.13
C ARG J 83 6.57 16.94 -24.88
N ALA J 84 6.21 15.89 -24.16
CA ALA J 84 5.82 14.63 -24.77
C ALA J 84 4.47 14.76 -25.43
N ASP J 85 4.33 14.19 -26.62
CA ASP J 85 3.03 14.05 -27.24
C ASP J 85 2.18 13.11 -26.42
N ILE J 86 0.93 13.48 -26.19
CA ILE J 86 0.03 12.67 -25.38
C ILE J 86 -0.79 11.81 -26.33
N GLN J 87 -0.73 10.50 -26.14
CA GLN J 87 -1.54 9.58 -26.89
C GLN J 87 -2.73 9.18 -26.04
N THR J 88 -3.91 9.68 -26.37
CA THR J 88 -5.09 9.32 -25.60
C THR J 88 -5.79 8.12 -26.21
N VAL J 89 -6.10 7.14 -25.37
CA VAL J 89 -6.80 5.94 -25.77
C VAL J 89 -8.05 5.85 -24.90
N CYS J 90 -9.21 5.75 -25.53
CA CYS J 90 -10.45 5.61 -24.80
C CYS J 90 -10.74 4.14 -24.55
N LEU J 91 -11.01 3.81 -23.30
CA LEU J 91 -11.35 2.46 -22.90
C LEU J 91 -12.79 2.49 -22.41
N GLY J 92 -13.70 1.91 -23.16
CA GLY J 92 -15.05 1.82 -22.64
C GLY J 92 -15.84 3.12 -22.64
N GLN J 93 -15.42 4.09 -21.84
CA GLN J 93 -16.08 5.38 -21.88
C GLN J 93 -15.09 6.50 -21.67
N ALA J 94 -15.45 7.66 -22.23
CA ALA J 94 -14.70 8.90 -22.00
C ALA J 94 -15.84 9.91 -21.88
N ALA J 95 -16.50 9.93 -20.74
CA ALA J 95 -17.70 10.77 -20.61
C ALA J 95 -17.36 12.10 -19.96
N SER J 96 -18.20 13.10 -20.20
CA SER J 96 -18.01 14.38 -19.48
C SER J 96 -16.63 14.96 -19.72
N ALA J 97 -15.98 15.35 -18.64
CA ALA J 97 -14.64 15.94 -18.74
C ALA J 97 -13.70 14.94 -19.36
N ALA J 98 -14.07 13.65 -19.36
CA ALA J 98 -13.03 12.76 -19.86
C ALA J 98 -13.01 12.69 -21.38
N ALA J 99 -14.12 13.06 -22.01
CA ALA J 99 -14.13 13.22 -23.46
C ALA J 99 -13.28 14.39 -23.90
N VAL J 100 -13.18 15.43 -23.06
CA VAL J 100 -12.34 16.58 -23.39
C VAL J 100 -10.87 16.19 -23.30
N LEU J 101 -10.51 15.36 -22.32
CA LEU J 101 -9.15 14.86 -22.24
C LEU J 101 -8.84 13.89 -23.37
N LEU J 102 -9.86 13.20 -23.84
CA LEU J 102 -9.68 12.31 -24.97
C LEU J 102 -9.39 13.08 -26.24
N ALA J 103 -10.10 14.18 -26.45
CA ALA J 103 -9.80 15.06 -27.57
C ALA J 103 -8.52 15.83 -27.36
N ALA J 104 -8.04 15.94 -26.12
CA ALA J 104 -6.85 16.71 -25.82
C ALA J 104 -5.55 15.99 -26.16
N GLY J 105 -5.61 14.80 -26.71
CA GLY J 105 -4.39 14.14 -27.14
C GLY J 105 -3.79 14.82 -28.35
N THR J 106 -2.62 14.41 -28.67
CA THR J 106 -1.92 14.90 -29.84
C THR J 106 -2.65 14.45 -31.09
N PRO J 107 -2.83 15.35 -32.08
CA PRO J 107 -3.48 14.97 -33.32
C PRO J 107 -2.76 13.83 -34.04
N GLY J 108 -3.54 12.85 -34.46
CA GLY J 108 -2.99 11.60 -34.97
C GLY J 108 -2.81 10.54 -33.93
N LYS J 109 -2.91 10.90 -32.65
CA LYS J 109 -2.58 9.99 -31.56
C LYS J 109 -3.74 9.87 -30.61
N ARG J 110 -4.95 10.13 -31.07
CA ARG J 110 -6.13 10.05 -30.24
C ARG J 110 -6.91 8.82 -30.67
N MET J 111 -6.94 7.81 -29.81
CA MET J 111 -7.44 6.50 -30.17
C MET J 111 -8.64 6.14 -29.31
N ALA J 112 -9.41 5.19 -29.80
CA ALA J 112 -10.51 4.63 -29.04
C ALA J 112 -10.70 3.19 -29.46
N LEU J 113 -11.08 2.36 -28.51
CA LEU J 113 -11.48 1.00 -28.78
C LEU J 113 -12.84 1.02 -29.46
N PRO J 114 -13.16 0.00 -30.28
CA PRO J 114 -14.35 0.09 -31.15
C PRO J 114 -15.67 0.22 -30.42
N ASN J 115 -15.78 -0.33 -29.23
CA ASN J 115 -17.02 -0.28 -28.48
C ASN J 115 -16.88 0.64 -27.29
N ALA J 116 -15.92 1.56 -27.36
CA ALA J 116 -15.81 2.62 -26.39
C ALA J 116 -16.77 3.74 -26.78
N ARG J 117 -17.54 4.22 -25.82
CA ARG J 117 -18.44 5.32 -26.09
C ARG J 117 -17.82 6.62 -25.60
N VAL J 118 -18.14 7.69 -26.29
CA VAL J 118 -17.62 9.00 -25.94
C VAL J 118 -18.83 9.87 -25.66
N LEU J 119 -18.96 10.33 -24.43
CA LEU J 119 -20.10 11.13 -24.02
C LEU J 119 -19.65 12.56 -23.83
N ILE J 120 -20.21 13.48 -24.59
CA ILE J 120 -19.94 14.90 -24.42
C ILE J 120 -21.20 15.57 -23.91
N HIS J 121 -21.03 16.46 -22.94
CA HIS J 121 -22.14 17.18 -22.34
C HIS J 121 -21.61 18.48 -21.78
N GLN J 122 -22.48 19.44 -21.66
CA GLN J 122 -22.16 20.72 -21.06
C GLN J 122 -21.95 20.56 -19.57
N PRO J 123 -21.20 21.48 -18.94
CA PRO J 123 -20.98 21.38 -17.50
C PRO J 123 -22.27 21.53 -16.70
N SER J 124 -22.28 20.86 -15.55
CA SER J 124 -23.42 20.89 -14.65
C SER J 124 -22.88 21.18 -13.26
N LEU J 125 -23.72 21.78 -12.43
CA LEU J 125 -23.37 21.86 -11.02
C LEU J 125 -23.77 20.59 -10.30
N SER J 126 -22.85 20.07 -9.51
CA SER J 126 -23.11 18.94 -8.62
C SER J 126 -24.02 19.43 -7.51
N GLY J 127 -25.28 19.05 -7.57
CA GLY J 127 -26.21 19.51 -6.57
C GLY J 127 -26.61 20.96 -6.80
N VAL J 128 -27.06 21.57 -5.71
CA VAL J 128 -27.60 22.91 -5.75
C VAL J 128 -26.63 23.83 -5.02
N ILE J 129 -26.27 24.94 -5.66
CA ILE J 129 -25.47 25.97 -5.02
C ILE J 129 -26.44 27.03 -4.54
N GLN J 130 -26.59 27.16 -3.23
CA GLN J 130 -27.46 28.16 -2.64
C GLN J 130 -26.77 29.51 -2.64
N GLY J 131 -27.49 30.54 -2.27
CA GLY J 131 -26.92 31.86 -2.10
C GLY J 131 -27.87 32.95 -2.53
N GLN J 132 -27.42 34.18 -2.29
CA GLN J 132 -28.10 35.37 -2.76
C GLN J 132 -28.04 35.44 -4.28
N PHE J 133 -28.91 36.24 -4.89
CA PHE J 133 -28.90 36.32 -6.34
C PHE J 133 -27.63 36.95 -6.90
N SER J 134 -26.93 37.77 -6.11
CA SER J 134 -25.64 38.23 -6.55
C SER J 134 -24.59 37.13 -6.47
N ASP J 135 -24.72 36.24 -5.48
CA ASP J 135 -23.86 35.06 -5.43
C ASP J 135 -24.14 34.13 -6.60
N LEU J 136 -25.41 33.98 -6.96
CA LEU J 136 -25.77 33.03 -8.01
C LEU J 136 -25.52 33.61 -9.39
N GLU J 137 -25.52 34.93 -9.52
CA GLU J 137 -25.11 35.56 -10.77
C GLU J 137 -23.64 35.30 -11.05
N ILE J 138 -22.84 35.24 -9.99
CA ILE J 138 -21.43 34.89 -10.13
C ILE J 138 -21.27 33.43 -10.49
N GLN J 139 -22.03 32.56 -9.83
CA GLN J 139 -21.92 31.12 -10.07
C GLN J 139 -22.46 30.74 -11.43
N ALA J 140 -23.35 31.53 -11.98
CA ALA J 140 -23.91 31.21 -13.29
C ALA J 140 -23.06 31.78 -14.40
N ALA J 141 -22.45 32.94 -14.17
CA ALA J 141 -21.43 33.42 -15.09
C ALA J 141 -20.22 32.53 -15.05
N GLU J 142 -20.03 31.80 -13.96
CA GLU J 142 -18.93 30.85 -13.87
C GLU J 142 -19.17 29.61 -14.71
N ILE J 143 -20.35 29.01 -14.59
CA ILE J 143 -20.59 27.79 -15.33
C ILE J 143 -20.82 28.11 -16.80
N GLU J 144 -21.23 29.34 -17.12
CA GLU J 144 -21.25 29.75 -18.50
C GLU J 144 -19.83 29.95 -19.02
N ARG J 145 -18.93 30.38 -18.15
CA ARG J 145 -17.53 30.46 -18.56
C ARG J 145 -16.93 29.06 -18.69
N MET J 146 -17.32 28.15 -17.79
CA MET J 146 -16.89 26.75 -17.90
C MET J 146 -17.45 26.10 -19.15
N ARG J 147 -18.69 26.43 -19.50
CA ARG J 147 -19.29 25.91 -20.72
C ARG J 147 -18.57 26.44 -21.95
N THR J 148 -18.33 27.76 -21.98
CA THR J 148 -17.62 28.36 -23.10
C THR J 148 -16.19 27.87 -23.19
N LEU J 149 -15.54 27.64 -22.05
CA LEU J 149 -14.16 27.17 -22.09
C LEU J 149 -14.08 25.72 -22.55
N MET J 150 -15.09 24.91 -22.20
CA MET J 150 -15.15 23.54 -22.67
C MET J 150 -15.42 23.47 -24.17
N GLU J 151 -16.27 24.37 -24.66
CA GLU J 151 -16.59 24.38 -26.08
C GLU J 151 -15.41 24.84 -26.91
N THR J 152 -14.70 25.89 -26.46
CA THR J 152 -13.55 26.34 -27.21
C THR J 152 -12.38 25.38 -27.07
N THR J 153 -12.37 24.58 -26.01
CA THR J 153 -11.37 23.51 -25.91
C THR J 153 -11.68 22.41 -26.90
N LEU J 154 -12.93 21.98 -26.97
CA LEU J 154 -13.33 21.00 -27.96
C LEU J 154 -13.32 21.58 -29.36
N ALA J 155 -13.42 22.90 -29.49
CA ALA J 155 -13.26 23.51 -30.81
C ALA J 155 -11.83 23.40 -31.29
N ARG J 156 -10.86 23.57 -30.38
CA ARG J 156 -9.46 23.47 -30.77
C ARG J 156 -9.06 22.07 -31.17
N HIS J 157 -9.70 21.05 -30.60
CA HIS J 157 -9.23 19.70 -30.74
C HIS J 157 -10.07 18.85 -31.68
N THR J 158 -11.34 19.18 -31.87
CA THR J 158 -12.15 18.47 -32.85
C THR J 158 -12.18 19.19 -34.18
N GLY J 159 -11.61 20.38 -34.27
CA GLY J 159 -11.66 21.15 -35.49
C GLY J 159 -13.01 21.73 -35.81
N LYS J 160 -13.90 21.81 -34.84
CA LYS J 160 -15.23 22.32 -35.13
C LYS J 160 -15.38 23.74 -34.59
N ASP J 161 -16.46 24.39 -35.01
CA ASP J 161 -16.80 25.67 -34.44
C ASP J 161 -17.32 25.45 -33.03
N ALA J 162 -17.04 26.42 -32.15
CA ALA J 162 -17.50 26.30 -30.78
C ALA J 162 -19.02 26.41 -30.67
N GLY J 163 -19.66 27.06 -31.65
CA GLY J 163 -21.10 27.06 -31.69
C GLY J 163 -21.67 25.71 -32.10
N VAL J 164 -20.92 24.94 -32.88
CA VAL J 164 -21.32 23.58 -33.18
C VAL J 164 -21.17 22.69 -31.96
N ILE J 165 -20.12 22.92 -31.16
CA ILE J 165 -19.96 22.19 -29.90
C ILE J 165 -21.08 22.55 -28.94
N ARG J 166 -21.53 23.80 -28.99
CA ARG J 166 -22.59 24.27 -28.10
C ARG J 166 -23.92 23.63 -28.44
N LYS J 167 -24.21 23.48 -29.74
CA LYS J 167 -25.46 22.85 -30.13
C LYS J 167 -25.43 21.35 -29.88
N ASP J 168 -24.26 20.74 -29.98
CA ASP J 168 -24.15 19.30 -29.81
C ASP J 168 -24.05 18.88 -28.35
N THR J 169 -23.42 19.69 -27.50
CA THR J 169 -23.34 19.38 -26.08
C THR J 169 -24.48 20.01 -25.30
N ASP J 170 -25.54 20.44 -25.97
CA ASP J 170 -26.71 20.95 -25.28
C ASP J 170 -27.36 19.86 -24.44
N ARG J 171 -27.41 18.66 -24.96
CA ARG J 171 -27.81 17.47 -24.23
C ARG J 171 -26.61 16.54 -24.18
N ASP J 172 -26.78 15.39 -23.54
CA ASP J 172 -25.79 14.32 -23.60
C ASP J 172 -25.69 13.85 -25.03
N LYS J 173 -24.57 14.10 -25.69
CA LYS J 173 -24.29 13.46 -26.97
C LYS J 173 -23.36 12.30 -26.71
N ILE J 174 -23.85 11.09 -26.87
CA ILE J 174 -23.01 9.91 -26.78
C ILE J 174 -22.58 9.55 -28.19
N LEU J 175 -21.29 9.51 -28.40
CA LEU J 175 -20.69 9.08 -29.65
C LEU J 175 -20.12 7.69 -29.45
N THR J 176 -20.18 6.88 -30.49
CA THR J 176 -19.43 5.63 -30.49
C THR J 176 -17.99 5.93 -30.87
N ALA J 177 -17.20 4.90 -31.13
CA ALA J 177 -15.82 5.14 -31.55
C ALA J 177 -15.77 5.71 -32.95
N GLU J 178 -16.57 5.16 -33.85
CA GLU J 178 -16.61 5.68 -35.22
C GLU J 178 -17.27 7.05 -35.26
N GLU J 179 -18.24 7.30 -34.40
CA GLU J 179 -18.88 8.60 -34.36
C GLU J 179 -17.99 9.64 -33.72
N ALA J 180 -17.08 9.23 -32.85
CA ALA J 180 -16.12 10.18 -32.30
C ALA J 180 -14.97 10.43 -33.24
N LYS J 181 -14.70 9.51 -34.17
CA LYS J 181 -13.73 9.78 -35.23
C LYS J 181 -14.28 10.79 -36.22
N ASP J 182 -15.54 10.63 -36.60
CA ASP J 182 -16.18 11.57 -37.51
C ASP J 182 -16.35 12.92 -36.85
N TYR J 183 -16.52 12.95 -35.55
CA TYR J 183 -16.69 14.21 -34.84
C TYR J 183 -15.37 14.93 -34.69
N GLY J 184 -14.31 14.21 -34.38
CA GLY J 184 -13.02 14.81 -34.20
C GLY J 184 -12.40 14.58 -32.87
N ILE J 185 -13.08 13.89 -31.96
CA ILE J 185 -12.53 13.62 -30.63
C ILE J 185 -11.40 12.60 -30.67
N ILE J 186 -11.53 11.51 -31.41
CA ILE J 186 -10.43 10.60 -31.62
C ILE J 186 -10.05 10.64 -33.09
N ASP J 187 -8.87 10.12 -33.38
CA ASP J 187 -8.34 10.12 -34.74
C ASP J 187 -8.42 8.76 -35.41
N THR J 188 -8.16 7.69 -34.67
CA THR J 188 -8.28 6.34 -35.17
C THR J 188 -9.09 5.52 -34.19
N VAL J 189 -9.94 4.65 -34.70
CA VAL J 189 -10.55 3.59 -33.91
C VAL J 189 -9.58 2.42 -33.98
N LEU J 190 -9.24 1.86 -32.82
CA LEU J 190 -8.26 0.78 -32.80
C LEU J 190 -8.85 -0.51 -33.36
N GLU J 191 -8.17 -1.05 -34.35
CA GLU J 191 -8.53 -2.37 -34.85
C GLU J 191 -8.03 -3.42 -33.88
N TYR J 192 -8.74 -4.54 -33.84
CA TYR J 192 -8.32 -5.66 -33.01
C TYR J 192 -7.06 -6.26 -33.57
N ARG J 193 -6.14 -6.61 -32.68
CA ARG J 193 -4.81 -7.04 -33.08
C ARG J 193 -4.63 -8.53 -32.84
N LYS J 194 -5.72 -9.26 -32.61
CA LYS J 194 -5.62 -10.65 -32.23
C LYS J 194 -5.26 -11.52 -33.43
N LEU J 195 -4.36 -12.47 -33.20
CA LEU J 195 -3.83 -13.35 -34.23
C LEU J 195 -4.78 -14.48 -34.59
N SER J 196 -5.84 -14.69 -33.83
CA SER J 196 -6.85 -15.66 -34.18
C SER J 196 -7.67 -15.15 -35.35
N ILE K 1 -7.02 -10.24 16.24
CA ILE K 1 -5.57 -10.18 16.30
C ILE K 1 -4.99 -11.54 15.94
N LEU K 2 -3.90 -11.55 15.18
CA LEU K 2 -3.24 -12.79 14.75
C LEU K 2 -1.73 -12.62 14.91
N PRO K 3 -1.14 -13.25 15.92
CA PRO K 3 0.32 -13.17 16.08
C PRO K 3 1.03 -13.94 14.98
N SER K 4 2.19 -13.41 14.58
CA SER K 4 2.97 -13.96 13.47
C SER K 4 4.29 -14.49 14.00
N PHE K 5 4.62 -15.73 13.61
CA PHE K 5 5.86 -16.37 14.09
C PHE K 5 6.95 -16.34 13.02
N ILE K 6 8.12 -16.92 13.32
CA ILE K 6 9.25 -16.96 12.35
C ILE K 6 9.66 -18.41 12.14
N GLU K 7 9.82 -18.83 10.88
CA GLU K 7 10.20 -20.24 10.58
C GLU K 7 11.65 -20.28 10.10
N HIS K 8 12.50 -21.06 10.75
CA HIS K 8 13.91 -21.22 10.29
C HIS K 8 13.96 -22.41 9.33
N SER K 9 13.39 -22.24 8.14
CA SER K 9 13.33 -23.35 7.15
C SER K 9 14.61 -23.36 6.30
N SER K 10 14.72 -24.28 5.33
CA SER K 10 15.89 -24.25 4.42
C SER K 10 16.57 -22.88 4.41
N PHE K 11 15.79 -21.80 4.55
CA PHE K 11 16.34 -20.42 4.64
C PHE K 11 16.46 -19.98 6.09
N GLY K 12 15.32 -19.89 6.77
CA GLY K 12 15.33 -19.39 8.16
C GLY K 12 14.89 -17.94 8.17
N VAL K 13 14.66 -17.39 9.36
CA VAL K 13 14.22 -15.98 9.47
C VAL K 13 13.15 -15.72 8.41
N LYS K 14 12.15 -16.59 8.30
CA LYS K 14 11.03 -16.33 7.36
C LYS K 14 9.78 -16.05 8.20
N GLU K 15 9.29 -14.81 8.17
CA GLU K 15 8.10 -14.44 8.96
C GLU K 15 6.86 -15.10 8.35
N SER K 16 6.04 -15.75 9.18
CA SER K 16 4.85 -16.46 8.65
C SER K 16 3.67 -16.31 9.61
N ASN K 17 2.49 -16.02 9.08
CA ASN K 17 1.26 -15.99 9.93
C ASN K 17 0.73 -17.42 9.94
N PRO K 18 -0.04 -17.88 10.94
CA PRO K 18 -0.59 -19.25 10.88
C PRO K 18 -1.36 -19.59 9.62
N TYR K 19 -1.91 -18.62 8.90
CA TYR K 19 -2.66 -18.97 7.69
C TYR K 19 -1.75 -19.29 6.52
N ASN K 20 -0.60 -18.59 6.42
CA ASN K 20 0.39 -18.97 5.43
C ASN K 20 0.97 -20.33 5.73
N LYS K 21 1.05 -20.67 7.02
CA LYS K 21 1.62 -21.94 7.43
C LYS K 21 0.66 -23.10 7.17
N LEU K 22 -0.64 -22.86 7.33
CA LEU K 22 -1.64 -23.83 6.91
C LEU K 22 -1.54 -24.08 5.41
N PHE K 23 -1.45 -23.01 4.63
CA PHE K 23 -1.41 -23.13 3.18
C PHE K 23 -0.12 -23.78 2.71
N GLU K 24 0.97 -23.62 3.47
CA GLU K 24 2.22 -24.28 3.14
C GLU K 24 2.11 -25.79 3.34
N GLU K 25 1.31 -26.22 4.32
CA GLU K 25 0.99 -27.62 4.53
C GLU K 25 -0.32 -28.00 3.81
N ARG K 26 -0.63 -27.28 2.73
CA ARG K 26 -1.69 -27.57 1.77
C ARG K 26 -3.07 -27.57 2.42
N ILE K 27 -3.25 -26.74 3.42
CA ILE K 27 -4.53 -26.61 4.11
C ILE K 27 -5.17 -25.32 3.66
N ILE K 28 -6.22 -25.44 2.86
CA ILE K 28 -7.04 -24.30 2.48
C ILE K 28 -8.04 -24.07 3.58
N PHE K 29 -8.27 -22.82 3.93
CA PHE K 29 -9.09 -22.50 5.08
C PHE K 29 -10.34 -21.75 4.65
N LEU K 30 -11.49 -22.35 4.84
CA LEU K 30 -12.79 -21.73 4.63
C LEU K 30 -13.39 -21.44 6.00
N GLY K 31 -13.17 -20.23 6.50
CA GLY K 31 -13.66 -19.90 7.82
C GLY K 31 -14.69 -18.79 7.76
N VAL K 32 -14.63 -18.03 6.67
CA VAL K 32 -15.58 -16.95 6.44
C VAL K 32 -16.78 -17.50 5.70
N GLN K 33 -17.81 -16.67 5.57
CA GLN K 33 -18.98 -16.98 4.76
C GLN K 33 -18.59 -17.25 3.31
N VAL K 34 -19.24 -18.24 2.71
CA VAL K 34 -19.01 -18.54 1.30
C VAL K 34 -19.72 -17.47 0.48
N ASP K 35 -19.00 -16.42 0.13
CA ASP K 35 -19.50 -15.45 -0.83
C ASP K 35 -18.55 -15.49 -2.01
N ASP K 36 -18.71 -14.55 -2.94
CA ASP K 36 -17.86 -14.55 -4.13
C ASP K 36 -16.41 -14.27 -3.77
N ALA K 37 -16.16 -13.30 -2.89
CA ALA K 37 -14.79 -12.92 -2.55
C ALA K 37 -14.07 -14.03 -1.79
N SER K 38 -14.81 -14.82 -1.01
CA SER K 38 -14.19 -15.97 -0.37
C SER K 38 -13.98 -17.10 -1.36
N ALA K 39 -14.97 -17.34 -2.23
CA ALA K 39 -14.87 -18.40 -3.21
C ALA K 39 -13.77 -18.13 -4.21
N ASN K 40 -13.56 -16.86 -4.55
CA ASN K 40 -12.45 -16.45 -5.39
C ASN K 40 -11.11 -16.81 -4.75
N ASP K 41 -11.02 -16.63 -3.43
CA ASP K 41 -9.79 -16.98 -2.72
C ASP K 41 -9.54 -18.48 -2.73
N ILE K 42 -10.52 -19.26 -2.29
CA ILE K 42 -10.38 -20.72 -2.17
C ILE K 42 -10.08 -21.37 -3.52
N MET K 43 -10.73 -20.92 -4.59
CA MET K 43 -10.46 -21.48 -5.91
C MET K 43 -9.06 -21.15 -6.39
N ALA K 44 -8.56 -19.98 -6.03
CA ALA K 44 -7.18 -19.64 -6.36
C ALA K 44 -6.22 -20.51 -5.59
N GLN K 45 -6.55 -20.85 -4.34
CA GLN K 45 -5.68 -21.66 -3.52
C GLN K 45 -5.74 -23.12 -3.94
N LEU K 46 -6.91 -23.58 -4.41
CA LEU K 46 -7.06 -24.95 -4.88
C LEU K 46 -6.27 -25.18 -6.16
N LEU K 47 -6.13 -24.14 -6.97
CA LEU K 47 -5.40 -24.29 -8.21
C LEU K 47 -3.91 -24.13 -7.99
N VAL K 48 -3.51 -23.32 -7.01
CA VAL K 48 -2.10 -23.21 -6.67
C VAL K 48 -1.60 -24.52 -6.06
N LEU K 49 -2.37 -25.08 -5.12
CA LEU K 49 -1.95 -26.33 -4.49
C LEU K 49 -2.05 -27.52 -5.41
N GLU K 50 -2.93 -27.50 -6.41
CA GLU K 50 -2.89 -28.52 -7.43
C GLU K 50 -1.62 -28.39 -8.26
N SER K 51 -1.19 -27.16 -8.51
CA SER K 51 -0.01 -26.93 -9.33
C SER K 51 1.27 -27.25 -8.58
N LEU K 52 1.30 -27.00 -7.27
CA LEU K 52 2.49 -27.29 -6.49
C LEU K 52 2.72 -28.79 -6.40
N ASP K 53 1.69 -29.54 -6.05
CA ASP K 53 1.73 -30.99 -6.17
C ASP K 53 0.32 -31.51 -6.41
N PRO K 54 0.04 -32.09 -7.58
CA PRO K 54 -1.31 -32.63 -7.82
C PRO K 54 -1.55 -33.97 -7.15
N ASP K 55 -0.55 -34.56 -6.50
CA ASP K 55 -0.73 -35.87 -5.91
C ASP K 55 -1.00 -35.77 -4.42
N ARG K 56 -0.39 -34.80 -3.74
CA ARG K 56 -0.62 -34.61 -2.32
C ARG K 56 -2.01 -34.08 -2.07
N ASP K 57 -2.63 -34.48 -0.98
CA ASP K 57 -4.01 -34.12 -0.67
C ASP K 57 -4.06 -32.67 -0.25
N ILE K 58 -5.05 -31.96 -0.76
CA ILE K 58 -5.40 -30.64 -0.24
C ILE K 58 -6.36 -30.84 0.92
N THR K 59 -6.11 -30.17 2.03
CA THR K 59 -7.02 -30.22 3.15
C THR K 59 -7.83 -28.94 3.16
N MET K 60 -9.13 -29.04 3.37
CA MET K 60 -9.98 -27.87 3.44
C MET K 60 -10.63 -27.82 4.81
N TYR K 61 -10.32 -26.79 5.58
CA TYR K 61 -10.97 -26.59 6.87
C TYR K 61 -12.21 -25.76 6.65
N ILE K 62 -13.30 -26.17 7.27
CA ILE K 62 -14.58 -25.51 7.05
C ILE K 62 -15.11 -25.06 8.40
N ASN K 63 -15.08 -23.75 8.62
CA ASN K 63 -15.78 -23.11 9.73
C ASN K 63 -16.79 -22.10 9.19
N SER K 64 -17.43 -22.41 8.09
CA SER K 64 -18.17 -21.39 7.40
C SER K 64 -19.65 -21.47 7.78
N PRO K 65 -20.35 -20.34 7.85
CA PRO K 65 -21.81 -20.38 7.98
C PRO K 65 -22.51 -20.61 6.66
N GLY K 66 -21.79 -20.84 5.57
CA GLY K 66 -22.39 -21.06 4.28
C GLY K 66 -22.83 -19.77 3.64
N GLY K 67 -23.14 -19.80 2.36
CA GLY K 67 -23.55 -18.59 1.70
C GLY K 67 -24.07 -18.79 0.31
N GLY K 68 -23.61 -17.96 -0.62
CA GLY K 68 -24.10 -17.92 -1.99
C GLY K 68 -23.99 -19.23 -2.74
N PHE K 69 -24.98 -19.51 -3.58
CA PHE K 69 -25.00 -20.79 -4.27
C PHE K 69 -23.98 -20.84 -5.40
N THR K 70 -23.83 -19.75 -6.15
CA THR K 70 -22.87 -19.78 -7.23
C THR K 70 -21.45 -19.74 -6.69
N SER K 71 -21.27 -19.13 -5.53
CA SER K 71 -19.99 -19.18 -4.84
C SER K 71 -19.74 -20.55 -4.28
N LEU K 72 -20.80 -21.22 -3.82
CA LEU K 72 -20.74 -22.62 -3.46
C LEU K 72 -20.28 -23.48 -4.62
N MET K 73 -20.95 -23.36 -5.76
CA MET K 73 -20.63 -24.23 -6.89
C MET K 73 -19.35 -23.80 -7.57
N ALA K 74 -18.85 -22.61 -7.28
CA ALA K 74 -17.53 -22.23 -7.74
C ALA K 74 -16.47 -23.01 -6.97
N ILE K 75 -16.57 -23.02 -5.64
CA ILE K 75 -15.68 -23.81 -4.81
C ILE K 75 -15.87 -25.30 -5.08
N TYR K 76 -17.13 -25.74 -5.18
CA TYR K 76 -17.46 -27.15 -5.39
C TYR K 76 -16.81 -27.71 -6.64
N ASP K 77 -16.93 -26.97 -7.74
CA ASP K 77 -16.38 -27.45 -9.00
C ASP K 77 -14.87 -27.48 -8.98
N THR K 78 -14.26 -26.54 -8.28
CA THR K 78 -12.81 -26.49 -8.20
C THR K 78 -12.26 -27.58 -7.29
N MET K 79 -12.99 -27.91 -6.21
CA MET K 79 -12.65 -29.06 -5.40
C MET K 79 -12.76 -30.35 -6.18
N GLN K 80 -13.74 -30.45 -7.06
CA GLN K 80 -13.88 -31.65 -7.85
C GLN K 80 -12.97 -31.67 -9.06
N TYR K 81 -12.51 -30.50 -9.51
CA TYR K 81 -11.72 -30.44 -10.73
C TYR K 81 -10.29 -30.89 -10.50
N VAL K 82 -9.69 -30.45 -9.38
CA VAL K 82 -8.25 -30.57 -9.18
C VAL K 82 -7.85 -32.03 -9.09
N ARG K 83 -6.61 -32.32 -9.48
CA ARG K 83 -6.15 -33.71 -9.41
C ARG K 83 -5.93 -34.17 -7.98
N ALA K 84 -5.71 -33.23 -7.07
CA ALA K 84 -5.49 -33.57 -5.67
C ALA K 84 -6.81 -33.95 -5.01
N ASP K 85 -6.77 -34.99 -4.17
CA ASP K 85 -7.91 -35.32 -3.35
C ASP K 85 -8.12 -34.24 -2.30
N ILE K 86 -9.36 -33.92 -2.01
CA ILE K 86 -9.69 -32.87 -1.05
C ILE K 86 -10.06 -33.54 0.26
N GLN K 87 -9.38 -33.15 1.33
CA GLN K 87 -9.71 -33.63 2.66
C GLN K 87 -10.46 -32.52 3.38
N THR K 88 -11.78 -32.64 3.45
CA THR K 88 -12.57 -31.64 4.15
C THR K 88 -12.64 -31.98 5.63
N VAL K 89 -12.29 -31.02 6.47
CA VAL K 89 -12.44 -31.15 7.91
C VAL K 89 -13.37 -30.04 8.36
N CYS K 90 -14.39 -30.39 9.14
CA CYS K 90 -15.31 -29.40 9.67
C CYS K 90 -14.85 -29.00 11.07
N LEU K 91 -14.80 -27.71 11.29
CA LEU K 91 -14.27 -27.12 12.51
C LEU K 91 -15.37 -26.19 12.97
N GLY K 92 -16.16 -26.59 13.94
CA GLY K 92 -17.30 -25.76 14.28
C GLY K 92 -18.43 -26.02 13.32
N GLN K 93 -18.97 -24.98 12.68
CA GLN K 93 -20.11 -25.21 11.82
C GLN K 93 -19.68 -25.45 10.38
N ALA K 94 -20.50 -26.20 9.66
CA ALA K 94 -20.53 -26.21 8.20
C ALA K 94 -22.01 -26.06 7.85
N ALA K 95 -22.42 -24.83 7.58
CA ALA K 95 -23.86 -24.63 7.36
C ALA K 95 -24.11 -24.28 5.91
N SER K 96 -25.32 -24.55 5.41
CA SER K 96 -25.67 -24.11 4.04
C SER K 96 -24.63 -24.63 3.04
N ALA K 97 -24.06 -23.74 2.25
CA ALA K 97 -23.09 -24.13 1.22
C ALA K 97 -21.93 -24.91 1.84
N ALA K 98 -21.52 -24.54 3.05
CA ALA K 98 -20.34 -25.19 3.68
C ALA K 98 -20.58 -26.68 3.89
N ALA K 99 -21.77 -27.10 4.30
CA ALA K 99 -21.96 -28.53 4.47
C ALA K 99 -21.93 -29.26 3.15
N VAL K 100 -22.31 -28.59 2.06
CA VAL K 100 -22.17 -29.17 0.74
C VAL K 100 -20.70 -29.28 0.37
N LEU K 101 -19.90 -28.27 0.73
CA LEU K 101 -18.46 -28.36 0.52
C LEU K 101 -17.83 -29.36 1.47
N LEU K 102 -18.42 -29.56 2.63
CA LEU K 102 -17.93 -30.58 3.55
C LEU K 102 -18.18 -31.96 2.99
N ALA K 103 -19.36 -32.20 2.42
CA ALA K 103 -19.65 -33.45 1.75
C ALA K 103 -18.89 -33.57 0.44
N ALA K 104 -18.39 -32.47 -0.11
CA ALA K 104 -17.72 -32.49 -1.40
C ALA K 104 -16.32 -33.05 -1.34
N GLY K 105 -15.78 -33.35 -0.18
CA GLY K 105 -14.45 -33.90 -0.08
C GLY K 105 -14.40 -35.31 -0.63
N THR K 106 -13.19 -35.79 -0.79
CA THR K 106 -12.91 -37.13 -1.26
C THR K 106 -13.46 -38.15 -0.26
N PRO K 107 -14.15 -39.18 -0.77
CA PRO K 107 -14.67 -40.22 0.12
C PRO K 107 -13.55 -40.92 0.89
N GLY K 108 -13.75 -41.06 2.19
CA GLY K 108 -12.71 -41.47 3.10
C GLY K 108 -11.99 -40.33 3.75
N LYS K 109 -12.08 -39.14 3.18
CA LYS K 109 -11.29 -38.01 3.63
C LYS K 109 -12.15 -36.86 4.11
N ARG K 110 -13.40 -37.10 4.41
CA ARG K 110 -14.27 -36.06 4.91
C ARG K 110 -14.40 -36.19 6.43
N MET K 111 -13.95 -35.17 7.13
CA MET K 111 -13.86 -35.24 8.58
C MET K 111 -14.67 -34.13 9.18
N ALA K 112 -15.04 -34.32 10.44
CA ALA K 112 -15.49 -33.20 11.25
C ALA K 112 -14.79 -33.34 12.58
N LEU K 113 -15.08 -32.46 13.51
CA LEU K 113 -14.58 -32.53 14.87
C LEU K 113 -15.76 -32.96 15.72
N PRO K 114 -15.52 -33.58 16.88
CA PRO K 114 -16.62 -34.23 17.61
C PRO K 114 -17.76 -33.31 18.02
N ASN K 115 -17.48 -32.03 18.22
CA ASN K 115 -18.52 -31.07 18.50
C ASN K 115 -18.78 -30.15 17.33
N ALA K 116 -18.41 -30.56 16.13
CA ALA K 116 -18.73 -29.77 14.95
C ALA K 116 -20.20 -29.90 14.62
N ARG K 117 -20.73 -28.88 13.97
CA ARG K 117 -22.12 -28.80 13.60
C ARG K 117 -22.23 -28.83 12.08
N VAL K 118 -23.09 -29.69 11.56
CA VAL K 118 -23.34 -29.72 10.13
C VAL K 118 -24.80 -29.35 9.93
N LEU K 119 -25.03 -28.22 9.27
CA LEU K 119 -26.36 -27.69 9.06
C LEU K 119 -26.65 -27.69 7.56
N ILE K 120 -27.52 -28.58 7.11
CA ILE K 120 -27.95 -28.61 5.72
C ILE K 120 -29.35 -28.01 5.63
N HIS K 121 -29.58 -27.20 4.61
CA HIS K 121 -30.90 -26.63 4.38
C HIS K 121 -31.02 -26.29 2.90
N GLN K 122 -32.26 -26.09 2.47
CA GLN K 122 -32.51 -25.75 1.08
C GLN K 122 -32.06 -24.32 0.80
N PRO K 123 -31.78 -23.98 -0.46
CA PRO K 123 -31.42 -22.61 -0.79
C PRO K 123 -32.53 -21.62 -0.48
N SER K 124 -32.13 -20.40 -0.17
CA SER K 124 -33.06 -19.34 0.18
C SER K 124 -32.62 -18.08 -0.53
N LEU K 125 -33.59 -17.25 -0.90
CA LEU K 125 -33.22 -15.92 -1.35
C LEU K 125 -33.03 -15.00 -0.15
N SER K 126 -31.86 -14.41 -0.08
CA SER K 126 -31.52 -13.42 0.93
C SER K 126 -32.27 -12.14 0.59
N GLY K 127 -33.32 -11.86 1.33
CA GLY K 127 -34.12 -10.67 1.06
C GLY K 127 -35.07 -10.84 -0.09
N VAL K 128 -35.88 -9.83 -0.32
CA VAL K 128 -36.93 -9.90 -1.33
C VAL K 128 -36.36 -9.49 -2.67
N ILE K 129 -36.45 -10.37 -3.65
CA ILE K 129 -36.14 -10.07 -5.05
C ILE K 129 -37.47 -9.74 -5.71
N GLN K 130 -37.60 -8.51 -6.20
CA GLN K 130 -38.84 -8.02 -6.73
C GLN K 130 -38.79 -7.95 -8.25
N GLY K 131 -39.96 -7.75 -8.84
CA GLY K 131 -40.06 -7.65 -10.28
C GLY K 131 -41.43 -8.10 -10.73
N GLN K 132 -41.60 -8.11 -12.03
CA GLN K 132 -42.80 -8.61 -12.68
C GLN K 132 -42.92 -10.11 -12.45
N PHE K 133 -44.12 -10.65 -12.62
CA PHE K 133 -44.31 -12.08 -12.41
C PHE K 133 -43.56 -12.92 -13.43
N SER K 134 -43.24 -12.39 -14.60
CA SER K 134 -42.36 -13.11 -15.50
C SER K 134 -40.93 -13.11 -14.99
N ASP K 135 -40.50 -12.03 -14.33
CA ASP K 135 -39.19 -12.02 -13.69
C ASP K 135 -39.15 -12.99 -12.52
N LEU K 136 -40.22 -13.03 -11.73
CA LEU K 136 -40.23 -13.89 -10.55
C LEU K 136 -40.40 -15.34 -10.92
N GLU K 137 -41.03 -15.62 -12.06
CA GLU K 137 -41.11 -16.99 -12.54
C GLU K 137 -39.75 -17.51 -12.94
N ILE K 138 -38.89 -16.63 -13.45
CA ILE K 138 -37.51 -17.00 -13.76
C ILE K 138 -36.73 -17.24 -12.48
N GLN K 139 -36.86 -16.32 -11.51
CA GLN K 139 -36.11 -16.41 -10.27
C GLN K 139 -36.55 -17.58 -9.41
N ALA K 140 -37.78 -18.04 -9.59
CA ALA K 140 -38.26 -19.16 -8.79
C ALA K 140 -37.94 -20.48 -9.45
N ALA K 141 -37.92 -20.50 -10.78
CA ALA K 141 -37.39 -21.66 -11.47
C ALA K 141 -35.90 -21.76 -11.29
N GLU K 142 -35.26 -20.65 -10.94
CA GLU K 142 -33.83 -20.66 -10.69
C GLU K 142 -33.50 -21.18 -9.31
N ILE K 143 -34.30 -20.84 -8.31
CA ILE K 143 -34.00 -21.38 -6.99
C ILE K 143 -34.45 -22.83 -6.91
N GLU K 144 -35.36 -23.26 -7.77
CA GLU K 144 -35.61 -24.69 -7.89
C GLU K 144 -34.50 -25.37 -8.67
N ARG K 145 -33.85 -24.65 -9.58
CA ARG K 145 -32.65 -25.18 -10.18
C ARG K 145 -31.54 -25.28 -9.15
N MET K 146 -31.47 -24.30 -8.23
CA MET K 146 -30.47 -24.34 -7.18
C MET K 146 -30.78 -25.40 -6.14
N ARG K 147 -32.07 -25.58 -5.84
CA ARG K 147 -32.46 -26.57 -4.84
C ARG K 147 -32.23 -27.98 -5.37
N THR K 148 -32.58 -28.22 -6.62
CA THR K 148 -32.35 -29.53 -7.23
C THR K 148 -30.87 -29.81 -7.37
N LEU K 149 -30.07 -28.80 -7.72
CA LEU K 149 -28.64 -29.00 -7.92
C LEU K 149 -27.93 -29.26 -6.61
N MET K 150 -28.41 -28.63 -5.53
CA MET K 150 -27.84 -28.88 -4.21
C MET K 150 -28.16 -30.29 -3.73
N GLU K 151 -29.38 -30.76 -4.00
CA GLU K 151 -29.76 -32.09 -3.60
C GLU K 151 -29.12 -33.15 -4.49
N THR K 152 -28.94 -32.85 -5.77
CA THR K 152 -28.19 -33.74 -6.65
C THR K 152 -26.73 -33.82 -6.22
N THR K 153 -26.19 -32.70 -5.73
CA THR K 153 -24.83 -32.69 -5.24
C THR K 153 -24.71 -33.48 -3.94
N LEU K 154 -25.62 -33.25 -3.00
CA LEU K 154 -25.61 -34.01 -1.77
C LEU K 154 -26.03 -35.46 -1.98
N ALA K 155 -26.70 -35.79 -3.08
CA ALA K 155 -26.96 -37.19 -3.36
C ALA K 155 -25.71 -37.92 -3.81
N ARG K 156 -24.85 -37.25 -4.57
CA ARG K 156 -23.61 -37.88 -5.03
C ARG K 156 -22.65 -38.15 -3.90
N HIS K 157 -22.71 -37.35 -2.86
CA HIS K 157 -21.67 -37.37 -1.85
C HIS K 157 -22.09 -38.00 -0.55
N THR K 158 -23.39 -38.06 -0.26
CA THR K 158 -23.87 -38.77 0.91
C THR K 158 -24.36 -40.17 0.59
N GLY K 159 -24.57 -40.48 -0.68
CA GLY K 159 -25.10 -41.77 -1.04
C GLY K 159 -26.59 -41.92 -0.79
N LYS K 160 -27.28 -40.82 -0.51
CA LYS K 160 -28.72 -40.84 -0.30
C LYS K 160 -29.41 -40.43 -1.58
N ASP K 161 -30.70 -40.73 -1.68
CA ASP K 161 -31.47 -40.26 -2.82
C ASP K 161 -31.67 -38.76 -2.70
N ALA K 162 -31.78 -38.10 -3.86
CA ALA K 162 -32.00 -36.66 -3.86
C ALA K 162 -33.37 -36.28 -3.32
N GLY K 163 -34.33 -37.21 -3.39
CA GLY K 163 -35.59 -36.98 -2.70
C GLY K 163 -35.48 -37.10 -1.21
N VAL K 164 -34.55 -37.93 -0.73
CA VAL K 164 -34.28 -38.00 0.70
C VAL K 164 -33.59 -36.73 1.19
N ILE K 165 -32.70 -36.17 0.36
CA ILE K 165 -32.10 -34.88 0.67
C ILE K 165 -33.16 -33.80 0.68
N ARG K 166 -34.16 -33.92 -0.21
CA ARG K 166 -35.21 -32.92 -0.31
C ARG K 166 -36.13 -32.95 0.89
N LYS K 167 -36.41 -34.13 1.42
CA LYS K 167 -37.21 -34.21 2.64
C LYS K 167 -36.41 -33.77 3.85
N ASP K 168 -35.12 -34.03 3.85
CA ASP K 168 -34.31 -33.67 5.02
C ASP K 168 -34.00 -32.18 5.05
N THR K 169 -33.74 -31.58 3.90
CA THR K 169 -33.46 -30.16 3.83
C THR K 169 -34.71 -29.31 3.63
N ASP K 170 -35.89 -29.84 4.00
CA ASP K 170 -37.09 -29.02 4.06
C ASP K 170 -36.92 -27.89 5.07
N ARG K 171 -36.54 -28.24 6.29
CA ARG K 171 -36.18 -27.29 7.31
C ARG K 171 -34.67 -27.33 7.47
N ASP K 172 -34.15 -26.61 8.46
CA ASP K 172 -32.74 -26.71 8.82
C ASP K 172 -32.51 -28.09 9.42
N LYS K 173 -31.84 -28.96 8.70
CA LYS K 173 -31.45 -30.23 9.27
C LYS K 173 -30.07 -30.05 9.87
N ILE K 174 -30.00 -29.87 11.18
CA ILE K 174 -28.74 -29.76 11.89
C ILE K 174 -28.29 -31.15 12.27
N LEU K 175 -27.10 -31.52 11.84
CA LEU K 175 -26.48 -32.76 12.22
C LEU K 175 -25.30 -32.45 13.14
N THR K 176 -25.07 -33.33 14.11
CA THR K 176 -23.79 -33.33 14.80
C THR K 176 -22.80 -34.10 13.93
N ALA K 177 -21.57 -34.26 14.41
CA ALA K 177 -20.58 -34.96 13.60
C ALA K 177 -20.89 -36.44 13.51
N GLU K 178 -21.38 -37.04 14.59
CA GLU K 178 -21.77 -38.44 14.52
C GLU K 178 -23.03 -38.61 13.70
N GLU K 179 -23.89 -37.60 13.69
CA GLU K 179 -25.09 -37.65 12.86
C GLU K 179 -24.78 -37.35 11.41
N ALA K 180 -23.73 -36.56 11.15
CA ALA K 180 -23.34 -36.32 9.77
C ALA K 180 -22.47 -37.44 9.23
N LYS K 181 -21.86 -38.23 10.11
CA LYS K 181 -21.17 -39.44 9.66
C LYS K 181 -22.17 -40.49 9.22
N ASP K 182 -23.24 -40.66 9.98
CA ASP K 182 -24.29 -41.59 9.60
C ASP K 182 -25.08 -41.09 8.41
N TYR K 183 -25.15 -39.78 8.24
CA TYR K 183 -25.85 -39.22 7.09
C TYR K 183 -25.02 -39.36 5.83
N GLY K 184 -23.71 -39.17 5.94
CA GLY K 184 -22.83 -39.24 4.80
C GLY K 184 -22.21 -37.94 4.39
N ILE K 185 -22.37 -36.88 5.18
CA ILE K 185 -21.65 -35.64 4.94
C ILE K 185 -20.17 -35.84 5.18
N ILE K 186 -19.82 -36.51 6.26
CA ILE K 186 -18.46 -36.88 6.58
C ILE K 186 -18.43 -38.39 6.71
N ASP K 187 -17.26 -38.95 6.97
CA ASP K 187 -17.21 -40.33 7.41
C ASP K 187 -16.14 -40.57 8.46
N THR K 188 -15.70 -39.50 9.11
CA THR K 188 -14.80 -39.60 10.24
C THR K 188 -15.09 -38.45 11.18
N VAL K 189 -15.38 -38.79 12.44
CA VAL K 189 -15.63 -37.79 13.47
C VAL K 189 -14.32 -37.27 14.08
N LEU K 190 -13.21 -37.94 13.76
CA LEU K 190 -11.85 -37.48 14.08
C LEU K 190 -11.61 -37.33 15.57
N GLU K 191 -11.45 -38.48 16.24
CA GLU K 191 -11.10 -38.57 17.65
C GLU K 191 -9.95 -37.67 18.01
N TYR K 192 -9.98 -37.13 19.22
CA TYR K 192 -8.92 -36.24 19.65
C TYR K 192 -7.65 -37.05 19.88
N ARG K 193 -6.50 -36.41 19.64
CA ARG K 193 -5.23 -37.11 19.75
C ARG K 193 -4.32 -36.50 20.79
N LYS K 194 -4.88 -35.87 21.82
CA LYS K 194 -4.06 -35.32 22.88
C LYS K 194 -3.42 -36.44 23.69
N LEU K 195 -2.15 -36.26 24.02
CA LEU K 195 -1.36 -37.28 24.69
C LEU K 195 -1.82 -37.57 26.10
N SER K 196 -2.45 -36.61 26.77
CA SER K 196 -2.95 -36.85 28.11
C SER K 196 -4.37 -37.41 28.07
N ILE L 1 -10.12 -15.33 4.16
CA ILE L 1 -8.72 -15.01 4.33
C ILE L 1 -7.96 -15.47 3.09
N LEU L 2 -6.91 -14.74 2.73
CA LEU L 2 -6.10 -15.09 1.57
C LEU L 2 -4.65 -15.18 2.00
N PRO L 3 -4.07 -16.37 2.06
CA PRO L 3 -2.68 -16.48 2.49
C PRO L 3 -1.67 -16.06 1.42
N SER L 4 -0.40 -16.14 1.77
CA SER L 4 0.68 -15.85 0.84
C SER L 4 1.73 -16.92 1.00
N PHE L 5 2.73 -16.85 0.15
CA PHE L 5 3.88 -17.73 0.29
C PHE L 5 5.07 -17.07 -0.39
N ILE L 6 6.18 -17.06 0.33
CA ILE L 6 7.36 -16.29 -0.08
C ILE L 6 8.11 -17.09 -1.14
N GLU L 7 8.27 -16.50 -2.31
CA GLU L 7 9.10 -17.05 -3.38
C GLU L 7 10.43 -16.29 -3.43
N HIS L 8 11.28 -16.69 -4.37
CA HIS L 8 12.60 -16.07 -4.49
C HIS L 8 12.93 -15.71 -5.93
N VAL L 13 12.36 -13.40 -1.10
CA VAL L 13 12.38 -11.96 -1.35
C VAL L 13 10.98 -11.46 -1.66
N LYS L 14 10.31 -12.09 -2.62
CA LYS L 14 8.97 -11.66 -3.03
C LYS L 14 7.91 -12.43 -2.25
N GLU L 15 6.81 -11.74 -1.94
CA GLU L 15 5.67 -12.34 -1.27
C GLU L 15 4.50 -12.36 -2.24
N SER L 16 4.04 -13.55 -2.58
CA SER L 16 3.01 -13.75 -3.59
C SER L 16 1.79 -14.41 -2.96
N ASN L 17 0.63 -13.86 -3.24
CA ASN L 17 -0.62 -14.52 -2.93
C ASN L 17 -0.95 -15.51 -4.05
N PRO L 18 -2.01 -16.30 -3.92
CA PRO L 18 -2.43 -17.13 -5.06
C PRO L 18 -2.86 -16.34 -6.29
N TYR L 19 -3.31 -15.10 -6.15
CA TYR L 19 -3.65 -14.29 -7.31
C TYR L 19 -2.42 -13.91 -8.12
N ASN L 20 -1.28 -13.71 -7.47
CA ASN L 20 -0.03 -13.52 -8.20
C ASN L 20 0.37 -14.78 -8.93
N LYS L 21 0.23 -15.93 -8.27
CA LYS L 21 0.63 -17.19 -8.87
C LYS L 21 -0.29 -17.57 -10.03
N LEU L 22 -1.56 -17.18 -9.96
CA LEU L 22 -2.44 -17.28 -11.12
C LEU L 22 -1.95 -16.37 -12.24
N PHE L 23 -1.65 -15.11 -11.91
CA PHE L 23 -1.33 -14.11 -12.92
C PHE L 23 -0.01 -14.39 -13.61
N GLU L 24 0.95 -14.97 -12.90
CA GLU L 24 2.21 -15.35 -13.53
C GLU L 24 2.03 -16.54 -14.47
N GLU L 25 0.94 -17.30 -14.31
CA GLU L 25 0.59 -18.35 -15.23
C GLU L 25 -0.44 -17.89 -16.26
N ARG L 26 -0.38 -16.61 -16.64
CA ARG L 26 -1.21 -15.96 -17.66
C ARG L 26 -2.70 -16.04 -17.35
N ILE L 27 -3.08 -16.11 -16.07
CA ILE L 27 -4.47 -16.23 -15.68
C ILE L 27 -4.93 -14.91 -15.08
N ILE L 28 -5.81 -14.23 -15.80
CA ILE L 28 -6.50 -13.03 -15.34
C ILE L 28 -7.75 -13.47 -14.61
N PHE L 29 -8.06 -12.81 -13.51
CA PHE L 29 -9.14 -13.25 -12.66
C PHE L 29 -10.20 -12.18 -12.54
N LEU L 30 -11.35 -12.42 -13.14
CA LEU L 30 -12.52 -11.56 -12.98
C LEU L 30 -13.43 -12.19 -11.94
N GLY L 31 -13.31 -11.73 -10.70
CA GLY L 31 -14.00 -12.39 -9.61
C GLY L 31 -14.97 -11.49 -8.90
N VAL L 32 -15.00 -10.23 -9.29
CA VAL L 32 -15.92 -9.26 -8.72
C VAL L 32 -16.80 -8.75 -9.85
N GLN L 33 -17.72 -7.86 -9.50
CA GLN L 33 -18.61 -7.31 -10.50
C GLN L 33 -17.85 -6.38 -11.43
N VAL L 34 -18.33 -6.29 -12.67
CA VAL L 34 -17.64 -5.50 -13.68
C VAL L 34 -18.02 -4.04 -13.48
N ASP L 35 -17.28 -3.34 -12.63
CA ASP L 35 -17.41 -1.90 -12.53
C ASP L 35 -16.17 -1.32 -13.18
N ASP L 36 -16.00 -0.01 -13.06
CA ASP L 36 -14.86 0.66 -13.68
C ASP L 36 -13.55 0.17 -13.10
N ALA L 37 -13.46 0.12 -11.76
CA ALA L 37 -12.20 -0.24 -11.10
C ALA L 37 -11.79 -1.68 -11.39
N SER L 38 -12.76 -2.58 -11.52
CA SER L 38 -12.40 -3.95 -11.89
C SER L 38 -12.04 -4.05 -13.35
N ALA L 39 -12.75 -3.32 -14.21
CA ALA L 39 -12.44 -3.34 -15.63
C ALA L 39 -11.09 -2.72 -15.90
N ASN L 40 -10.75 -1.69 -15.14
CA ASN L 40 -9.45 -1.06 -15.24
C ASN L 40 -8.35 -2.03 -14.82
N ASP L 41 -8.62 -2.85 -13.80
CA ASP L 41 -7.67 -3.86 -13.38
C ASP L 41 -7.47 -4.90 -14.48
N ILE L 42 -8.57 -5.42 -15.03
CA ILE L 42 -8.50 -6.49 -16.04
C ILE L 42 -7.79 -6.00 -17.30
N MET L 43 -8.08 -4.78 -17.74
CA MET L 43 -7.44 -4.25 -18.94
C MET L 43 -5.96 -4.04 -18.74
N ALA L 44 -5.56 -3.63 -17.54
CA ALA L 44 -4.13 -3.51 -17.24
C ALA L 44 -3.46 -4.87 -17.27
N GLN L 45 -4.13 -5.89 -16.73
CA GLN L 45 -3.57 -7.24 -16.72
C GLN L 45 -3.53 -7.84 -18.12
N LEU L 46 -4.53 -7.51 -18.96
CA LEU L 46 -4.55 -8.02 -20.33
C LEU L 46 -3.42 -7.44 -21.16
N LEU L 47 -3.04 -6.21 -20.87
CA LEU L 47 -1.98 -5.60 -21.65
C LEU L 47 -0.61 -6.01 -21.14
N VAL L 48 -0.49 -6.29 -19.85
CA VAL L 48 0.77 -6.77 -19.30
C VAL L 48 1.08 -8.16 -19.83
N LEU L 49 0.11 -9.07 -19.75
CA LEU L 49 0.30 -10.44 -20.21
C LEU L 49 0.47 -10.53 -21.72
N GLU L 50 -0.08 -9.59 -22.48
CA GLU L 50 0.18 -9.57 -23.91
C GLU L 50 1.61 -9.13 -24.19
N SER L 51 2.12 -8.20 -23.39
CA SER L 51 3.48 -7.72 -23.58
C SER L 51 4.49 -8.77 -23.17
N LEU L 52 4.15 -9.57 -22.15
CA LEU L 52 5.06 -10.62 -21.71
C LEU L 52 5.19 -11.71 -22.76
N ASP L 53 4.07 -12.18 -23.29
CA ASP L 53 4.08 -13.07 -24.44
C ASP L 53 2.77 -12.90 -25.19
N PRO L 54 2.79 -12.31 -26.38
CA PRO L 54 1.56 -12.16 -27.16
C PRO L 54 1.12 -13.42 -27.89
N ASP L 55 1.87 -14.51 -27.77
CA ASP L 55 1.51 -15.78 -28.37
C ASP L 55 1.06 -16.79 -27.36
N ARG L 56 1.56 -16.74 -26.13
CA ARG L 56 1.07 -17.56 -25.05
C ARG L 56 -0.28 -16.98 -24.66
N ASP L 57 -1.29 -17.84 -24.56
CA ASP L 57 -2.66 -17.38 -24.45
C ASP L 57 -2.93 -16.84 -23.05
N ILE L 58 -3.94 -16.02 -22.92
CA ILE L 58 -4.32 -15.49 -21.62
C ILE L 58 -5.58 -16.20 -21.16
N THR L 59 -5.59 -16.65 -19.92
CA THR L 59 -6.77 -17.30 -19.38
C THR L 59 -7.51 -16.31 -18.50
N MET L 60 -8.82 -16.21 -18.69
CA MET L 60 -9.63 -15.31 -17.88
C MET L 60 -10.64 -16.13 -17.09
N TYR L 61 -10.51 -16.10 -15.77
CA TYR L 61 -11.48 -16.76 -14.91
C TYR L 61 -12.59 -15.78 -14.59
N ILE L 62 -13.83 -16.24 -14.73
CA ILE L 62 -14.98 -15.38 -14.58
C ILE L 62 -15.87 -15.99 -13.51
N ASN L 63 -15.85 -15.39 -12.33
CA ASN L 63 -16.82 -15.63 -11.27
C ASN L 63 -17.39 -14.26 -10.96
N SER L 64 -18.35 -13.83 -11.75
CA SER L 64 -18.75 -12.46 -11.65
C SER L 64 -20.23 -12.28 -11.86
N PRO L 65 -20.88 -11.43 -11.07
CA PRO L 65 -22.29 -11.12 -11.28
C PRO L 65 -22.56 -10.11 -12.38
N GLY L 66 -21.53 -9.70 -13.12
CA GLY L 66 -21.69 -8.73 -14.18
C GLY L 66 -21.74 -7.33 -13.64
N GLY L 67 -21.84 -6.35 -14.52
CA GLY L 67 -21.91 -5.00 -14.05
C GLY L 67 -22.11 -3.99 -15.15
N GLY L 68 -21.37 -2.89 -15.08
CA GLY L 68 -21.53 -1.77 -15.98
C GLY L 68 -21.22 -2.10 -17.42
N PHE L 69 -21.92 -1.43 -18.35
CA PHE L 69 -21.77 -1.77 -19.76
C PHE L 69 -20.51 -1.16 -20.35
N THR L 70 -20.14 0.05 -19.95
CA THR L 70 -18.93 0.63 -20.50
C THR L 70 -17.72 -0.05 -19.91
N SER L 71 -17.83 -0.52 -18.67
CA SER L 71 -16.79 -1.33 -18.08
C SER L 71 -16.73 -2.70 -18.74
N LEU L 72 -17.89 -3.19 -19.18
CA LEU L 72 -17.96 -4.41 -19.97
C LEU L 72 -17.22 -4.27 -21.28
N MET L 73 -17.58 -3.25 -22.06
CA MET L 73 -16.97 -3.07 -23.37
C MET L 73 -15.52 -2.63 -23.26
N ALA L 74 -15.11 -2.13 -22.11
CA ALA L 74 -13.70 -1.85 -21.88
C ALA L 74 -12.92 -3.16 -21.76
N ILE L 75 -13.42 -4.10 -20.98
CA ILE L 75 -12.80 -5.42 -20.91
C ILE L 75 -12.93 -6.14 -22.23
N TYR L 76 -14.13 -6.07 -22.84
CA TYR L 76 -14.43 -6.79 -24.07
C TYR L 76 -13.49 -6.41 -25.19
N ASP L 77 -13.32 -5.11 -25.42
CA ASP L 77 -12.48 -4.66 -26.51
C ASP L 77 -11.02 -4.97 -26.26
N THR L 78 -10.60 -4.96 -24.99
CA THR L 78 -9.24 -5.29 -24.65
C THR L 78 -8.98 -6.79 -24.80
N MET L 79 -9.97 -7.61 -24.48
CA MET L 79 -9.89 -9.04 -24.76
C MET L 79 -9.80 -9.30 -26.25
N GLN L 80 -10.52 -8.53 -27.05
CA GLN L 80 -10.45 -8.71 -28.48
C GLN L 80 -9.23 -8.05 -29.09
N TYR L 81 -8.66 -7.06 -28.40
CA TYR L 81 -7.51 -6.34 -28.94
C TYR L 81 -6.22 -7.13 -28.83
N VAL L 82 -6.02 -7.82 -27.70
CA VAL L 82 -4.72 -8.42 -27.42
C VAL L 82 -4.42 -9.54 -28.41
N ARG L 83 -3.14 -9.71 -28.71
CA ARG L 83 -2.75 -10.71 -29.69
C ARG L 83 -2.95 -12.12 -29.15
N ALA L 84 -2.87 -12.28 -27.84
CA ALA L 84 -3.05 -13.58 -27.22
C ALA L 84 -4.49 -14.02 -27.30
N ASP L 85 -4.70 -15.30 -27.49
CA ASP L 85 -6.05 -15.84 -27.40
C ASP L 85 -6.51 -15.79 -25.97
N ILE L 86 -7.79 -15.50 -25.76
CA ILE L 86 -8.34 -15.44 -24.42
C ILE L 86 -9.07 -16.74 -24.16
N GLN L 87 -8.65 -17.45 -23.12
CA GLN L 87 -9.33 -18.64 -22.65
C GLN L 87 -10.22 -18.23 -21.49
N THR L 88 -11.52 -18.11 -21.73
CA THR L 88 -12.43 -17.76 -20.67
C THR L 88 -12.95 -19.01 -20.00
N VAL L 89 -12.80 -19.10 -18.69
CA VAL L 89 -13.35 -20.18 -17.90
C VAL L 89 -14.36 -19.56 -16.95
N CYS L 90 -15.57 -20.11 -16.93
CA CYS L 90 -16.58 -19.66 -15.98
C CYS L 90 -16.52 -20.50 -14.73
N LEU L 91 -16.58 -19.83 -13.60
CA LEU L 91 -16.36 -20.41 -12.28
C LEU L 91 -17.59 -20.02 -11.47
N GLY L 92 -18.51 -20.93 -11.27
CA GLY L 92 -19.67 -20.56 -10.50
C GLY L 92 -20.71 -19.73 -11.22
N GLN L 93 -20.42 -18.48 -11.55
CA GLN L 93 -21.36 -17.71 -12.34
C GLN L 93 -20.65 -16.79 -13.31
N ALA L 94 -21.35 -16.46 -14.38
CA ALA L 94 -21.01 -15.36 -15.29
C ALA L 94 -22.36 -14.73 -15.62
N ALA L 95 -22.66 -13.62 -14.96
CA ALA L 95 -24.00 -13.04 -15.17
C ALA L 95 -23.87 -11.74 -15.94
N SER L 96 -24.79 -11.48 -16.84
CA SER L 96 -24.80 -10.17 -17.53
C SER L 96 -23.51 -9.95 -18.30
N ALA L 97 -22.78 -8.89 -17.97
CA ALA L 97 -21.52 -8.55 -18.67
C ALA L 97 -20.55 -9.72 -18.61
N ALA L 98 -20.50 -10.41 -17.49
CA ALA L 98 -19.57 -11.52 -17.24
C ALA L 98 -19.91 -12.63 -18.22
N ALA L 99 -21.21 -12.82 -18.56
CA ALA L 99 -21.51 -13.83 -19.55
C ALA L 99 -21.12 -13.38 -20.94
N VAL L 100 -21.18 -12.08 -21.20
CA VAL L 100 -20.71 -11.54 -22.47
C VAL L 100 -19.20 -11.67 -22.56
N LEU L 101 -18.50 -11.45 -21.44
CA LEU L 101 -17.06 -11.68 -21.42
C LEU L 101 -16.73 -13.16 -21.48
N LEU L 102 -17.60 -14.00 -20.95
CA LEU L 102 -17.41 -15.44 -21.07
C LEU L 102 -17.52 -15.87 -22.52
N ALA L 103 -18.51 -15.34 -23.24
CA ALA L 103 -18.64 -15.64 -24.65
C ALA L 103 -17.58 -14.93 -25.48
N ALA L 104 -16.94 -13.91 -24.94
CA ALA L 104 -15.95 -13.12 -25.65
C ALA L 104 -14.62 -13.82 -25.83
N GLY L 105 -14.41 -14.98 -25.23
CA GLY L 105 -13.15 -15.68 -25.37
C GLY L 105 -12.94 -16.19 -26.78
N THR L 106 -11.75 -16.73 -26.99
CA THR L 106 -11.41 -17.28 -28.28
C THR L 106 -12.22 -18.53 -28.55
N PRO L 107 -12.76 -18.69 -29.75
CA PRO L 107 -13.53 -19.90 -30.07
C PRO L 107 -12.72 -21.18 -29.92
N GLY L 108 -13.32 -22.16 -29.27
CA GLY L 108 -12.60 -23.35 -28.87
C GLY L 108 -12.00 -23.25 -27.51
N LYS L 109 -11.88 -22.05 -26.96
CA LYS L 109 -11.21 -21.84 -25.70
C LYS L 109 -12.13 -21.26 -24.64
N ARG L 110 -13.44 -21.39 -24.79
CA ARG L 110 -14.36 -20.85 -23.81
C ARG L 110 -14.91 -21.98 -22.97
N MET L 111 -14.57 -21.98 -21.70
CA MET L 111 -14.86 -23.11 -20.83
C MET L 111 -15.78 -22.67 -19.72
N ALA L 112 -16.43 -23.65 -19.11
CA ALA L 112 -17.14 -23.42 -17.86
C ALA L 112 -17.05 -24.69 -17.05
N LEU L 113 -17.00 -24.51 -15.75
CA LEU L 113 -17.09 -25.60 -14.81
C LEU L 113 -18.50 -26.18 -14.87
N PRO L 114 -18.68 -27.47 -14.53
CA PRO L 114 -19.97 -28.13 -14.82
C PRO L 114 -21.15 -27.57 -14.07
N ASN L 115 -20.95 -26.98 -12.90
CA ASN L 115 -22.03 -26.38 -12.14
C ASN L 115 -21.97 -24.87 -12.19
N ALA L 116 -21.32 -24.32 -13.20
CA ALA L 116 -21.31 -22.88 -13.36
C ALA L 116 -22.63 -22.41 -13.94
N ARG L 117 -22.98 -21.18 -13.60
CA ARG L 117 -24.19 -20.55 -14.05
C ARG L 117 -23.81 -19.52 -15.09
N VAL L 118 -24.58 -19.43 -16.17
CA VAL L 118 -24.39 -18.40 -17.16
C VAL L 118 -25.72 -17.67 -17.24
N LEU L 119 -25.73 -16.41 -16.84
CA LEU L 119 -26.96 -15.62 -16.82
C LEU L 119 -26.80 -14.50 -17.82
N ILE L 120 -27.64 -14.49 -18.85
CA ILE L 120 -27.65 -13.40 -19.81
C ILE L 120 -28.96 -12.64 -19.68
N HIS L 121 -28.88 -11.32 -19.75
CA HIS L 121 -30.06 -10.48 -19.73
C HIS L 121 -29.70 -9.17 -20.41
N GLN L 122 -30.74 -8.45 -20.81
CA GLN L 122 -30.59 -7.14 -21.40
C GLN L 122 -30.06 -6.14 -20.38
N PRO L 123 -29.39 -5.07 -20.85
CA PRO L 123 -28.93 -4.04 -19.91
C PRO L 123 -30.05 -3.35 -19.15
N SER L 124 -29.75 -2.84 -17.98
CA SER L 124 -30.75 -2.16 -17.17
C SER L 124 -30.18 -0.82 -16.74
N LEU L 125 -30.96 -0.07 -16.00
CA LEU L 125 -30.44 1.05 -15.24
C LEU L 125 -30.64 0.74 -13.77
N SER L 126 -29.56 0.87 -13.00
CA SER L 126 -29.68 0.80 -11.56
C SER L 126 -30.39 2.04 -11.05
N GLY L 127 -31.59 1.85 -10.51
CA GLY L 127 -32.36 2.97 -10.02
C GLY L 127 -32.88 3.87 -11.13
N VAL L 128 -33.35 5.02 -10.75
CA VAL L 128 -34.05 5.89 -11.67
C VAL L 128 -33.10 6.98 -12.13
N ILE L 129 -33.02 7.20 -13.43
CA ILE L 129 -32.29 8.32 -13.99
C ILE L 129 -33.29 9.44 -14.23
N GLN L 130 -33.19 10.50 -13.44
CA GLN L 130 -34.10 11.62 -13.58
C GLN L 130 -33.73 12.47 -14.78
N GLY L 131 -34.61 13.38 -15.14
CA GLY L 131 -34.30 14.33 -16.18
C GLY L 131 -35.54 14.72 -16.96
N GLN L 132 -35.36 15.73 -17.80
CA GLN L 132 -36.35 16.13 -18.76
C GLN L 132 -36.55 15.05 -19.80
N PHE L 133 -37.66 15.11 -20.53
CA PHE L 133 -37.93 14.06 -21.51
C PHE L 133 -36.94 14.07 -22.67
N SER L 134 -36.30 15.20 -22.94
CA SER L 134 -35.22 15.21 -23.93
C SER L 134 -33.99 14.53 -23.38
N ASP L 135 -33.75 14.65 -22.07
CA ASP L 135 -32.67 13.90 -21.45
C ASP L 135 -32.98 12.42 -21.42
N LEU L 136 -34.24 12.07 -21.21
CA LEU L 136 -34.61 10.67 -21.02
C LEU L 136 -34.68 9.92 -22.33
N GLU L 137 -35.08 10.59 -23.41
CA GLU L 137 -35.10 9.91 -24.70
C GLU L 137 -33.70 9.72 -25.24
N ILE L 138 -32.73 10.42 -24.68
CA ILE L 138 -31.33 10.18 -25.02
C ILE L 138 -30.76 9.06 -24.16
N GLN L 139 -31.14 9.02 -22.88
CA GLN L 139 -30.75 7.90 -22.02
C GLN L 139 -31.40 6.61 -22.45
N ALA L 140 -32.54 6.69 -23.12
CA ALA L 140 -33.22 5.49 -23.58
C ALA L 140 -32.76 5.07 -24.96
N ALA L 141 -32.33 6.03 -25.77
CA ALA L 141 -31.63 5.67 -26.99
C ALA L 141 -30.27 5.10 -26.66
N GLU L 142 -29.74 5.48 -25.49
CA GLU L 142 -28.48 4.93 -25.05
C GLU L 142 -28.62 3.51 -24.53
N ILE L 143 -29.67 3.24 -23.76
CA ILE L 143 -29.86 1.89 -23.26
C ILE L 143 -30.31 0.97 -24.39
N GLU L 144 -30.86 1.53 -25.46
CA GLU L 144 -31.13 0.74 -26.65
C GLU L 144 -29.86 0.56 -27.47
N ARG L 145 -28.96 1.55 -27.45
CA ARG L 145 -27.64 1.35 -28.05
C ARG L 145 -26.88 0.28 -27.31
N MET L 146 -26.97 0.28 -25.98
CA MET L 146 -26.29 -0.71 -25.16
C MET L 146 -26.92 -2.09 -25.34
N ARG L 147 -28.24 -2.15 -25.49
CA ARG L 147 -28.90 -3.43 -25.68
C ARG L 147 -28.57 -4.00 -27.04
N THR L 148 -28.61 -3.18 -28.08
CA THR L 148 -28.30 -3.65 -29.42
C THR L 148 -26.84 -4.06 -29.55
N LEU L 149 -25.94 -3.33 -28.89
CA LEU L 149 -24.52 -3.64 -28.96
C LEU L 149 -24.21 -4.94 -28.23
N MET L 150 -24.89 -5.19 -27.11
CA MET L 150 -24.70 -6.43 -26.39
C MET L 150 -25.24 -7.62 -27.16
N GLU L 151 -26.39 -7.45 -27.80
CA GLU L 151 -26.96 -8.52 -28.61
C GLU L 151 -26.17 -8.75 -29.88
N THR L 152 -25.54 -7.71 -30.40
CA THR L 152 -24.60 -7.87 -31.50
C THR L 152 -23.35 -8.60 -31.05
N THR L 153 -22.89 -8.27 -29.84
CA THR L 153 -21.70 -8.89 -29.28
C THR L 153 -21.92 -10.35 -28.98
N LEU L 154 -23.09 -10.69 -28.42
CA LEU L 154 -23.42 -12.10 -28.26
C LEU L 154 -23.75 -12.77 -29.59
N ALA L 155 -24.00 -12.00 -30.64
CA ALA L 155 -24.21 -12.61 -31.95
C ALA L 155 -22.89 -12.96 -32.63
N ARG L 156 -21.85 -12.15 -32.43
CA ARG L 156 -20.52 -12.50 -32.94
C ARG L 156 -19.99 -13.79 -32.34
N HIS L 157 -20.34 -14.06 -31.10
CA HIS L 157 -19.61 -15.04 -30.32
C HIS L 157 -20.39 -16.32 -30.06
N THR L 158 -21.70 -16.23 -29.89
CA THR L 158 -22.50 -17.45 -29.80
C THR L 158 -22.88 -18.00 -31.16
N GLY L 159 -22.60 -17.27 -32.23
CA GLY L 159 -22.97 -17.72 -33.54
C GLY L 159 -24.45 -17.66 -33.82
N LYS L 160 -25.19 -16.91 -33.01
CA LYS L 160 -26.64 -16.84 -33.14
C LYS L 160 -27.02 -15.51 -33.77
N ASP L 161 -28.27 -15.44 -34.20
CA ASP L 161 -28.80 -14.19 -34.72
C ASP L 161 -29.03 -13.24 -33.55
N ALA L 162 -28.78 -11.95 -33.79
CA ALA L 162 -28.96 -10.96 -32.75
C ALA L 162 -30.42 -10.76 -32.40
N GLY L 163 -31.34 -11.11 -33.31
CA GLY L 163 -32.74 -11.12 -32.96
C GLY L 163 -33.10 -12.27 -32.04
N VAL L 164 -32.34 -13.35 -32.09
CA VAL L 164 -32.58 -14.48 -31.21
C VAL L 164 -31.94 -14.23 -29.86
N ILE L 165 -30.84 -13.48 -29.83
CA ILE L 165 -30.28 -13.00 -28.56
C ILE L 165 -31.28 -12.06 -27.89
N ARG L 166 -31.97 -11.26 -28.70
CA ARG L 166 -32.92 -10.28 -28.18
C ARG L 166 -34.14 -10.95 -27.58
N LYS L 167 -34.59 -12.05 -28.17
CA LYS L 167 -35.73 -12.78 -27.61
C LYS L 167 -35.33 -13.56 -26.37
N ASP L 168 -34.08 -14.00 -26.30
CA ASP L 168 -33.63 -14.78 -25.16
C ASP L 168 -33.26 -13.91 -23.97
N THR L 169 -32.72 -12.73 -24.21
CA THR L 169 -32.36 -11.81 -23.13
C THR L 169 -33.49 -10.86 -22.79
N ASP L 170 -34.72 -11.18 -23.18
CA ASP L 170 -35.88 -10.42 -22.72
C ASP L 170 -36.01 -10.53 -21.21
N ARG L 171 -35.87 -11.74 -20.68
CA ARG L 171 -35.81 -11.96 -19.25
C ARG L 171 -34.43 -12.52 -18.95
N ASP L 172 -34.19 -12.95 -17.71
CA ASP L 172 -32.94 -13.62 -17.36
C ASP L 172 -32.96 -14.98 -18.03
N LYS L 173 -32.19 -15.16 -19.09
CA LYS L 173 -31.97 -16.48 -19.65
C LYS L 173 -30.81 -17.06 -18.85
N ILE L 174 -31.12 -17.95 -17.93
CA ILE L 174 -30.10 -18.52 -17.07
C ILE L 174 -29.73 -19.88 -17.60
N LEU L 175 -28.47 -20.05 -17.92
CA LEU L 175 -27.96 -21.24 -18.57
C LEU L 175 -27.10 -22.00 -17.58
N THR L 176 -27.17 -23.32 -17.61
CA THR L 176 -26.14 -24.12 -16.97
C THR L 176 -24.94 -24.18 -17.91
N ALA L 177 -23.92 -24.94 -17.51
CA ALA L 177 -22.75 -25.06 -18.38
C ALA L 177 -23.08 -25.84 -19.64
N GLU L 178 -23.87 -26.92 -19.51
CA GLU L 178 -24.28 -27.67 -20.68
C GLU L 178 -25.23 -26.87 -21.56
N GLU L 179 -26.07 -26.03 -20.93
CA GLU L 179 -26.97 -25.21 -21.71
C GLU L 179 -26.26 -24.04 -22.35
N ALA L 180 -25.14 -23.60 -21.78
CA ALA L 180 -24.38 -22.53 -22.39
C ALA L 180 -23.48 -23.04 -23.49
N LYS L 181 -23.16 -24.34 -23.49
CA LYS L 181 -22.41 -24.90 -24.60
C LYS L 181 -23.31 -25.08 -25.81
N ASP L 182 -24.54 -25.54 -25.59
CA ASP L 182 -25.51 -25.64 -26.66
C ASP L 182 -25.91 -24.26 -27.17
N TYR L 183 -25.91 -23.26 -26.30
CA TYR L 183 -26.24 -21.92 -26.71
C TYR L 183 -25.14 -21.29 -27.53
N GLY L 184 -23.89 -21.50 -27.14
CA GLY L 184 -22.77 -20.94 -27.86
C GLY L 184 -21.90 -20.03 -27.04
N ILE L 185 -22.22 -19.83 -25.77
CA ILE L 185 -21.45 -18.95 -24.92
C ILE L 185 -20.12 -19.59 -24.54
N ILE L 186 -20.14 -20.87 -24.20
CA ILE L 186 -18.88 -21.58 -23.98
C ILE L 186 -18.72 -22.61 -25.07
N ASP L 187 -17.57 -23.25 -25.12
CA ASP L 187 -17.28 -24.30 -26.07
C ASP L 187 -17.05 -25.64 -25.42
N THR L 188 -16.73 -25.67 -24.14
CA THR L 188 -16.37 -26.90 -23.44
C THR L 188 -16.88 -26.79 -22.03
N VAL L 189 -17.75 -27.71 -21.62
CA VAL L 189 -18.03 -27.89 -20.21
C VAL L 189 -16.81 -28.62 -19.64
N LEU L 190 -16.10 -27.97 -18.75
CA LEU L 190 -14.79 -28.43 -18.34
C LEU L 190 -14.94 -29.59 -17.36
N GLU L 191 -14.59 -30.79 -17.81
CA GLU L 191 -14.79 -31.98 -17.00
C GLU L 191 -13.74 -32.08 -15.91
N TYR L 192 -14.11 -32.78 -14.84
CA TYR L 192 -13.25 -32.90 -13.67
C TYR L 192 -12.02 -33.73 -13.98
N ARG L 193 -10.90 -33.35 -13.38
CA ARG L 193 -9.65 -34.06 -13.59
C ARG L 193 -9.17 -34.75 -12.32
N LYS L 194 -10.09 -35.06 -11.40
CA LYS L 194 -9.73 -35.72 -10.15
C LYS L 194 -9.18 -37.10 -10.42
N LEU L 195 -8.07 -37.43 -9.77
CA LEU L 195 -7.40 -38.70 -10.01
C LEU L 195 -8.20 -39.86 -9.45
N SER L 196 -8.83 -39.65 -8.30
CA SER L 196 -9.70 -40.64 -7.70
C SER L 196 -11.03 -40.71 -8.45
N SER M 1 -59.17 23.50 16.77
CA SER M 1 -58.00 23.98 17.49
C SER M 1 -58.29 25.32 18.16
N LEU M 2 -57.54 25.65 19.21
CA LEU M 2 -57.65 26.98 19.80
C LEU M 2 -57.02 28.02 18.91
N THR M 3 -55.82 27.73 18.39
CA THR M 3 -55.09 28.67 17.56
C THR M 3 -55.86 28.99 16.28
N ASP M 4 -56.51 27.98 15.71
CA ASP M 4 -57.38 28.25 14.57
C ASP M 4 -58.64 28.98 14.99
N SER M 5 -59.08 28.81 16.23
CA SER M 5 -60.30 29.48 16.68
C SER M 5 -60.07 30.97 16.89
N VAL M 6 -58.89 31.33 17.39
CA VAL M 6 -58.58 32.75 17.59
C VAL M 6 -58.35 33.42 16.25
N TYR M 7 -57.70 32.71 15.32
CA TYR M 7 -57.51 33.23 13.97
C TYR M 7 -58.82 33.32 13.22
N GLU M 8 -59.76 32.42 13.50
CA GLU M 8 -61.07 32.50 12.86
C GLU M 8 -61.86 33.68 13.38
N ARG M 9 -61.76 33.95 14.69
CA ARG M 9 -62.45 35.10 15.25
C ARG M 9 -61.80 36.41 14.86
N LEU M 10 -60.52 36.40 14.53
CA LEU M 10 -59.91 37.60 13.99
C LEU M 10 -60.10 37.71 12.49
N LEU M 11 -60.33 36.59 11.81
CA LEU M 11 -60.78 36.65 10.43
C LEU M 11 -62.15 37.28 10.33
N SER M 12 -62.99 37.06 11.33
CA SER M 12 -64.29 37.73 11.37
C SER M 12 -64.14 39.22 11.59
N GLU M 13 -63.09 39.65 12.26
CA GLU M 13 -62.80 41.06 12.45
C GLU M 13 -61.85 41.59 11.38
N ARG M 14 -61.67 40.83 10.29
CA ARG M 14 -60.90 41.20 9.11
C ARG M 14 -59.43 41.44 9.45
N ILE M 15 -58.91 40.62 10.36
CA ILE M 15 -57.54 40.68 10.81
C ILE M 15 -56.92 39.35 10.43
N ILE M 16 -55.99 39.37 9.48
CA ILE M 16 -55.31 38.16 9.05
C ILE M 16 -53.84 38.27 9.39
N PHE M 17 -53.19 37.12 9.48
CA PHE M 17 -51.83 37.03 9.96
C PHE M 17 -50.94 36.36 8.94
N LEU M 18 -49.88 37.05 8.57
CA LEU M 18 -48.72 36.44 7.93
C LEU M 18 -47.73 36.21 9.06
N GLY M 19 -47.77 35.02 9.64
CA GLY M 19 -47.00 34.76 10.84
C GLY M 19 -45.90 33.74 10.67
N SER M 20 -45.74 33.21 9.47
CA SER M 20 -44.74 32.19 9.21
C SER M 20 -43.88 32.65 8.06
N GLU M 21 -43.03 31.76 7.57
CA GLU M 21 -42.38 32.02 6.30
C GLU M 21 -43.42 31.98 5.19
N VAL M 22 -43.19 32.78 4.16
CA VAL M 22 -44.13 32.84 3.06
C VAL M 22 -43.81 31.69 2.12
N ASN M 23 -44.38 30.54 2.39
CA ASN M 23 -44.35 29.44 1.43
C ASN M 23 -45.68 29.43 0.72
N ASP M 24 -45.87 28.45 -0.17
CA ASP M 24 -47.11 28.42 -0.95
C ASP M 24 -48.32 28.06 -0.10
N GLU M 25 -48.13 27.35 1.00
CA GLU M 25 -49.27 27.00 1.85
C GLU M 25 -49.79 28.21 2.61
N ILE M 26 -48.90 28.99 3.21
CA ILE M 26 -49.30 30.18 3.93
C ILE M 26 -49.78 31.26 2.97
N ALA M 27 -49.22 31.28 1.77
CA ALA M 27 -49.64 32.27 0.79
C ALA M 27 -51.04 31.99 0.27
N ASN M 28 -51.34 30.71 0.01
CA ASN M 28 -52.63 30.36 -0.54
C ASN M 28 -53.74 30.56 0.46
N ARG M 29 -53.47 30.33 1.74
CA ARG M 29 -54.50 30.60 2.74
C ARG M 29 -54.64 32.09 3.00
N LEU M 30 -53.57 32.88 2.85
CA LEU M 30 -53.74 34.33 2.92
C LEU M 30 -54.47 34.86 1.71
N CYS M 31 -54.14 34.34 0.52
CA CYS M 31 -54.89 34.72 -0.68
C CYS M 31 -56.34 34.29 -0.58
N ALA M 32 -56.58 33.14 0.04
CA ALA M 32 -57.96 32.70 0.26
C ALA M 32 -58.66 33.59 1.26
N GLN M 33 -57.97 34.02 2.30
CA GLN M 33 -58.57 34.90 3.29
C GLN M 33 -58.83 36.29 2.72
N ILE M 34 -57.93 36.79 1.88
CA ILE M 34 -58.17 38.08 1.25
C ILE M 34 -59.31 37.99 0.26
N LEU M 35 -59.39 36.89 -0.49
CA LEU M 35 -60.53 36.68 -1.39
C LEU M 35 -61.81 36.46 -0.61
N LEU M 36 -61.72 35.86 0.57
CA LEU M 36 -62.92 35.65 1.36
C LEU M 36 -63.39 36.95 1.99
N LEU M 37 -62.46 37.75 2.50
CA LEU M 37 -62.84 38.98 3.18
C LEU M 37 -63.25 40.07 2.21
N ALA M 38 -62.68 40.09 1.01
CA ALA M 38 -63.13 41.05 0.01
C ALA M 38 -64.47 40.65 -0.58
N ALA M 39 -64.83 39.37 -0.48
CA ALA M 39 -66.16 38.95 -0.90
C ALA M 39 -67.22 39.33 0.13
N GLU M 40 -66.86 39.32 1.42
CA GLU M 40 -67.80 39.69 2.45
C GLU M 40 -68.07 41.20 2.43
N ASP M 41 -67.04 41.99 2.64
CA ASP M 41 -67.14 43.44 2.50
C ASP M 41 -66.02 43.92 1.61
N ALA M 42 -66.39 44.65 0.56
CA ALA M 42 -65.41 45.19 -0.37
C ALA M 42 -64.97 46.58 0.04
N SER M 43 -65.43 47.07 1.18
CA SER M 43 -65.17 48.44 1.60
C SER M 43 -64.51 48.53 2.97
N LYS M 44 -64.51 47.45 3.73
CA LYS M 44 -63.86 47.44 5.03
C LYS M 44 -62.43 46.93 4.86
N ASP M 45 -61.51 47.57 5.56
CA ASP M 45 -60.09 47.26 5.40
C ASP M 45 -59.77 45.91 5.99
N ILE M 46 -58.79 45.24 5.40
CA ILE M 46 -58.22 44.02 5.93
C ILE M 46 -56.93 44.40 6.65
N SER M 47 -56.81 43.98 7.90
CA SER M 47 -55.58 44.18 8.65
C SER M 47 -54.70 42.95 8.47
N LEU M 48 -53.54 43.13 7.87
CA LEU M 48 -52.58 42.06 7.70
C LEU M 48 -51.43 42.27 8.66
N TYR M 49 -51.44 41.53 9.76
CA TYR M 49 -50.35 41.56 10.72
C TYR M 49 -49.26 40.62 10.24
N ILE M 50 -48.04 41.13 10.14
CA ILE M 50 -46.94 40.42 9.52
C ILE M 50 -45.86 40.19 10.56
N ASN M 51 -45.64 38.92 10.91
CA ASN M 51 -44.51 38.48 11.72
C ASN M 51 -43.86 37.39 10.89
N SER M 52 -43.06 37.79 9.92
CA SER M 52 -42.63 36.84 8.93
C SER M 52 -41.14 36.97 8.70
N PRO M 53 -40.42 35.85 8.64
CA PRO M 53 -39.01 35.89 8.24
C PRO M 53 -38.80 35.94 6.73
N GLY M 54 -39.85 36.20 5.96
CA GLY M 54 -39.74 36.17 4.53
C GLY M 54 -39.97 34.76 4.02
N GLY M 55 -40.03 34.63 2.72
CA GLY M 55 -40.24 33.32 2.13
C GLY M 55 -40.09 33.38 0.63
N SER M 56 -40.92 32.60 -0.05
CA SER M 56 -40.86 32.48 -1.49
C SER M 56 -41.34 33.76 -2.14
N ILE M 57 -40.66 34.16 -3.22
CA ILE M 57 -41.06 35.36 -3.95
C ILE M 57 -42.41 35.14 -4.60
N SER M 58 -42.58 34.02 -5.30
CA SER M 58 -43.82 33.75 -6.02
C SER M 58 -44.97 33.51 -5.08
N ALA M 59 -44.70 33.00 -3.89
CA ALA M 59 -45.76 32.89 -2.88
C ALA M 59 -46.15 34.27 -2.38
N GLY M 60 -45.17 35.13 -2.13
CA GLY M 60 -45.49 36.48 -1.70
C GLY M 60 -46.04 37.33 -2.83
N MET M 61 -45.69 37.02 -4.07
CA MET M 61 -46.30 37.71 -5.21
C MET M 61 -47.75 37.30 -5.38
N ALA M 62 -48.09 36.08 -4.98
CA ALA M 62 -49.49 35.68 -4.96
C ALA M 62 -50.25 36.51 -3.94
N ILE M 63 -49.67 36.73 -2.76
CA ILE M 63 -50.29 37.53 -1.72
C ILE M 63 -50.38 38.99 -2.16
N TYR M 64 -49.29 39.50 -2.72
CA TYR M 64 -49.25 40.89 -3.18
C TYR M 64 -50.24 41.16 -4.30
N ASP M 65 -50.42 40.20 -5.19
CA ASP M 65 -51.45 40.38 -6.21
C ASP M 65 -52.85 40.31 -5.61
N THR M 66 -53.05 39.44 -4.63
CA THR M 66 -54.36 39.34 -4.00
C THR M 66 -54.62 40.55 -3.12
N MET M 67 -53.58 41.15 -2.57
CA MET M 67 -53.71 42.40 -1.82
C MET M 67 -54.10 43.56 -2.73
N VAL M 68 -53.44 43.69 -3.88
CA VAL M 68 -53.72 44.79 -4.78
C VAL M 68 -55.07 44.62 -5.45
N LEU M 69 -55.38 43.40 -5.87
CA LEU M 69 -56.62 43.17 -6.58
C LEU M 69 -57.82 43.09 -5.66
N ALA M 70 -57.60 43.06 -4.35
CA ALA M 70 -58.72 43.19 -3.44
C ALA M 70 -59.27 44.60 -3.52
N PRO M 71 -60.58 44.76 -3.64
CA PRO M 71 -61.18 46.11 -3.71
C PRO M 71 -61.08 46.87 -2.40
N CYS M 72 -60.81 46.19 -1.31
CA CYS M 72 -60.65 46.80 0.00
C CYS M 72 -59.18 47.03 0.27
N ASP M 73 -58.89 48.01 1.12
CA ASP M 73 -57.51 48.34 1.46
C ASP M 73 -56.93 47.28 2.38
N ILE M 74 -55.67 46.95 2.17
CA ILE M 74 -54.98 46.00 3.02
C ILE M 74 -54.07 46.81 3.93
N ALA M 75 -54.47 46.99 5.17
CA ALA M 75 -53.61 47.62 6.15
C ALA M 75 -52.60 46.59 6.61
N THR M 76 -51.32 46.87 6.42
CA THR M 76 -50.30 45.95 6.86
C THR M 76 -49.65 46.44 8.13
N TYR M 77 -49.21 45.49 8.95
CA TYR M 77 -48.72 45.76 10.29
C TYR M 77 -47.46 44.94 10.48
N ALA M 78 -46.32 45.61 10.57
CA ALA M 78 -45.08 44.92 10.92
C ALA M 78 -45.14 44.60 12.39
N MET M 79 -45.23 43.33 12.71
CA MET M 79 -45.41 42.89 14.08
C MET M 79 -44.19 42.04 14.44
N GLY M 80 -43.19 42.66 15.03
CA GLY M 80 -42.01 41.93 15.41
C GLY M 80 -40.97 41.80 14.31
N MET M 81 -41.35 41.19 13.18
CA MET M 81 -40.41 40.93 12.11
C MET M 81 -41.11 41.02 10.77
N ALA M 82 -40.51 41.74 9.84
CA ALA M 82 -40.94 41.75 8.44
C ALA M 82 -39.66 41.63 7.63
N ALA M 83 -39.28 40.40 7.35
CA ALA M 83 -37.99 40.20 6.65
C ALA M 83 -38.26 39.67 5.25
N SER M 84 -37.40 40.01 4.30
CA SER M 84 -37.53 39.43 2.95
C SER M 84 -38.98 39.62 2.46
N MET M 85 -39.65 38.53 2.09
CA MET M 85 -41.02 38.64 1.55
C MET M 85 -41.92 39.28 2.60
N GLY M 86 -41.50 39.30 3.88
CA GLY M 86 -42.43 39.88 4.82
C GLY M 86 -42.35 41.40 4.86
N GLU M 87 -41.18 41.96 4.55
CA GLU M 87 -41.09 43.41 4.40
C GLU M 87 -41.74 43.84 3.11
N PHE M 88 -41.68 42.98 2.10
CA PHE M 88 -42.25 43.28 0.80
C PHE M 88 -43.76 43.43 0.92
N LEU M 89 -44.40 42.44 1.55
CA LEU M 89 -45.83 42.47 1.75
C LEU M 89 -46.25 43.52 2.75
N LEU M 90 -45.38 43.84 3.70
CA LEU M 90 -45.59 45.00 4.56
C LEU M 90 -45.62 46.28 3.75
N ALA M 91 -44.59 46.51 2.95
CA ALA M 91 -44.54 47.68 2.11
C ALA M 91 -45.54 47.62 0.96
N ALA M 92 -46.09 46.44 0.67
CA ALA M 92 -47.10 46.27 -0.35
C ALA M 92 -48.48 46.68 0.11
N GLY M 93 -48.66 47.03 1.38
CA GLY M 93 -49.95 47.47 1.87
C GLY M 93 -50.39 48.77 1.24
N THR M 94 -51.63 49.12 1.52
CA THR M 94 -52.19 50.37 1.04
C THR M 94 -51.44 51.53 1.66
N LYS M 95 -51.02 52.48 0.81
CA LYS M 95 -50.25 53.60 1.32
C LYS M 95 -51.12 54.49 2.20
N GLY M 96 -50.54 54.93 3.32
CA GLY M 96 -51.29 55.49 4.40
C GLY M 96 -51.73 54.47 5.43
N LYS M 97 -51.63 53.19 5.10
CA LYS M 97 -52.11 52.13 5.97
C LYS M 97 -51.04 51.07 6.20
N ARG M 98 -49.79 51.39 5.99
CA ARG M 98 -48.70 50.48 6.30
C ARG M 98 -48.12 50.87 7.64
N TYR M 99 -48.19 49.96 8.59
CA TYR M 99 -47.84 50.28 9.96
C TYR M 99 -46.70 49.39 10.42
N ALA M 100 -45.84 49.95 11.23
CA ALA M 100 -44.88 49.16 11.98
C ALA M 100 -45.20 49.33 13.45
N LEU M 101 -45.30 48.22 14.15
CA LEU M 101 -45.37 48.31 15.59
C LEU M 101 -43.98 48.70 16.08
N PRO M 102 -43.87 49.51 17.14
CA PRO M 102 -42.65 50.30 17.34
C PRO M 102 -41.38 49.53 17.65
N HIS M 103 -41.46 48.21 17.84
CA HIS M 103 -40.27 47.40 18.04
C HIS M 103 -40.19 46.30 17.01
N ALA M 104 -40.92 46.44 15.91
CA ALA M 104 -40.75 45.53 14.79
C ALA M 104 -39.48 45.86 14.05
N ARG M 105 -38.94 44.86 13.38
CA ARG M 105 -37.72 45.03 12.61
C ARG M 105 -38.01 44.63 11.19
N ILE M 106 -37.45 45.38 10.26
CA ILE M 106 -37.68 45.19 8.84
C ILE M 106 -36.34 44.84 8.21
N LEU M 107 -36.31 43.71 7.53
CA LEU M 107 -35.11 43.23 6.86
C LEU M 107 -35.34 43.23 5.36
N MET M 108 -34.68 44.13 4.65
CA MET M 108 -34.73 44.16 3.21
C MET M 108 -33.43 43.62 2.66
N HIS M 109 -33.53 42.62 1.79
CA HIS M 109 -32.36 42.10 1.11
C HIS M 109 -32.77 41.56 -0.24
N GLN M 110 -31.78 41.32 -1.09
CA GLN M 110 -32.01 40.76 -2.41
C GLN M 110 -32.48 39.32 -2.30
N PRO M 111 -33.12 38.79 -3.35
CA PRO M 111 -33.58 37.40 -3.27
C PRO M 111 -32.47 36.37 -3.16
N LEU M 112 -32.73 35.35 -2.37
CA LEU M 112 -31.90 34.17 -2.28
C LEU M 112 -32.50 33.10 -3.17
N GLY M 113 -31.67 32.16 -3.57
CA GLY M 113 -32.17 31.07 -4.39
C GLY M 113 -31.15 29.98 -4.47
N GLY M 114 -31.17 29.27 -5.59
CA GLY M 114 -30.20 28.23 -5.83
C GLY M 114 -30.12 27.93 -7.31
N VAL M 115 -28.89 27.80 -7.79
CA VAL M 115 -28.65 27.34 -9.15
C VAL M 115 -28.33 25.86 -9.10
N THR M 116 -28.84 25.12 -10.07
CA THR M 116 -28.62 23.69 -10.16
C THR M 116 -28.83 23.25 -11.59
N GLY M 117 -28.32 22.08 -11.91
CA GLY M 117 -28.52 21.51 -13.21
C GLY M 117 -27.41 21.85 -14.17
N SER M 118 -27.72 21.71 -15.45
CA SER M 118 -26.74 21.92 -16.50
C SER M 118 -26.49 23.40 -16.70
N ALA M 119 -25.46 23.71 -17.49
CA ALA M 119 -25.09 25.10 -17.72
C ALA M 119 -26.16 25.83 -18.53
N ALA M 120 -26.88 25.11 -19.38
CA ALA M 120 -27.97 25.74 -20.11
C ALA M 120 -29.17 25.97 -19.23
N ASP M 121 -29.36 25.12 -18.21
CA ASP M 121 -30.42 25.36 -17.24
C ASP M 121 -30.10 26.53 -16.34
N ILE M 122 -28.84 26.64 -15.91
CA ILE M 122 -28.43 27.69 -14.98
C ILE M 122 -28.42 29.05 -15.67
N ALA M 123 -28.13 29.07 -16.98
CA ALA M 123 -28.21 30.32 -17.73
C ALA M 123 -29.64 30.83 -17.80
N ILE M 124 -30.60 29.91 -17.80
CA ILE M 124 -32.01 30.28 -17.76
C ILE M 124 -32.40 30.72 -16.36
N GLN M 125 -31.91 30.00 -15.35
CA GLN M 125 -32.18 30.36 -13.97
C GLN M 125 -31.62 31.74 -13.63
N ALA M 126 -30.40 32.02 -14.07
CA ALA M 126 -29.80 33.33 -13.85
C ALA M 126 -30.52 34.42 -14.61
N GLU M 127 -30.98 34.10 -15.81
CA GLU M 127 -31.77 35.06 -16.58
C GLU M 127 -33.07 35.37 -15.87
N GLN M 128 -33.64 34.36 -15.23
CA GLN M 128 -34.86 34.56 -14.48
C GLN M 128 -34.58 35.15 -13.11
N PHE M 129 -33.39 34.89 -12.56
CA PHE M 129 -33.03 35.54 -11.31
C PHE M 129 -32.81 37.03 -11.52
N ALA M 130 -32.32 37.42 -12.69
CA ALA M 130 -32.21 38.83 -12.99
C ALA M 130 -33.57 39.46 -13.20
N VAL M 131 -34.54 38.68 -13.68
CA VAL M 131 -35.89 39.21 -13.88
C VAL M 131 -36.60 39.36 -12.54
N ILE M 132 -36.46 38.37 -11.66
CA ILE M 132 -37.09 38.43 -10.35
C ILE M 132 -36.48 39.53 -9.50
N LYS M 133 -35.15 39.68 -9.54
CA LYS M 133 -34.50 40.66 -8.68
C LYS M 133 -34.77 42.08 -9.18
N LYS M 134 -34.88 42.26 -10.48
CA LYS M 134 -35.24 43.57 -11.01
C LYS M 134 -36.69 43.91 -10.69
N GLU M 135 -37.56 42.90 -10.69
CA GLU M 135 -38.96 43.16 -10.41
C GLU M 135 -39.21 43.36 -8.92
N MET M 136 -38.49 42.60 -8.08
CA MET M 136 -38.58 42.79 -6.65
C MET M 136 -38.01 44.12 -6.22
N PHE M 137 -36.97 44.59 -6.91
CA PHE M 137 -36.40 45.88 -6.56
C PHE M 137 -37.24 47.02 -7.10
N ARG M 138 -37.91 46.79 -8.23
CA ARG M 138 -38.80 47.80 -8.78
C ARG M 138 -39.99 48.04 -7.87
N LEU M 139 -40.52 46.98 -7.29
CA LEU M 139 -41.69 47.13 -6.44
C LEU M 139 -41.31 47.69 -5.08
N ASN M 140 -40.18 47.27 -4.50
CA ASN M 140 -39.69 47.92 -3.29
C ASN M 140 -39.33 49.37 -3.53
N ALA M 141 -38.89 49.72 -4.72
CA ALA M 141 -38.71 51.13 -5.03
C ALA M 141 -40.05 51.83 -5.17
N GLU M 142 -41.05 51.13 -5.70
CA GLU M 142 -42.38 51.72 -5.83
C GLU M 142 -43.07 51.84 -4.47
N PHE M 143 -42.88 50.85 -3.61
CA PHE M 143 -43.51 50.85 -2.29
C PHE M 143 -42.92 51.94 -1.42
N THR M 144 -41.61 51.91 -1.25
CA THR M 144 -40.93 52.81 -0.34
C THR M 144 -40.79 54.21 -0.91
N GLY M 145 -40.90 54.37 -2.22
CA GLY M 145 -40.62 55.65 -2.82
C GLY M 145 -39.14 55.95 -2.94
N GLN M 146 -38.30 54.97 -2.69
CA GLN M 146 -36.87 55.10 -2.87
C GLN M 146 -36.54 54.93 -4.34
N PRO M 147 -35.39 55.42 -4.80
CA PRO M 147 -34.94 55.07 -6.15
C PRO M 147 -34.64 53.59 -6.24
N ILE M 148 -34.70 53.05 -7.47
CA ILE M 148 -34.41 51.63 -7.63
C ILE M 148 -32.92 51.37 -7.42
N GLU M 149 -32.07 52.36 -7.68
CA GLU M 149 -30.65 52.22 -7.41
C GLU M 149 -30.38 52.23 -5.91
N ARG M 150 -31.21 52.96 -5.15
CA ARG M 150 -31.12 52.92 -3.69
C ARG M 150 -31.54 51.56 -3.16
N ILE M 151 -32.57 50.96 -3.75
CA ILE M 151 -33.03 49.65 -3.32
C ILE M 151 -32.01 48.58 -3.71
N GLU M 152 -31.41 48.71 -4.90
CA GLU M 152 -30.37 47.77 -5.34
C GLU M 152 -29.17 47.79 -4.42
N ALA M 153 -28.69 48.97 -4.04
CA ALA M 153 -27.50 49.06 -3.21
C ALA M 153 -27.78 48.61 -1.79
N ASP M 154 -28.98 48.90 -1.28
CA ASP M 154 -29.29 48.58 0.09
C ASP M 154 -29.67 47.14 0.30
N SER M 155 -30.29 46.51 -0.69
CA SER M 155 -30.69 45.12 -0.57
C SER M 155 -29.59 44.15 -0.92
N ASP M 156 -28.38 44.65 -1.21
CA ASP M 156 -27.30 43.81 -1.70
C ASP M 156 -26.91 42.74 -0.69
N ARG M 157 -26.86 43.12 0.57
CA ARG M 157 -26.83 42.15 1.65
C ARG M 157 -27.98 42.53 2.58
N ASP M 158 -28.04 41.89 3.74
CA ASP M 158 -29.08 42.17 4.71
C ASP M 158 -29.01 43.62 5.16
N ARG M 159 -30.09 44.35 4.99
CA ARG M 159 -30.19 45.68 5.57
C ARG M 159 -31.34 45.68 6.54
N TRP M 160 -31.02 45.92 7.80
CA TRP M 160 -32.00 45.90 8.86
C TRP M 160 -32.54 47.30 9.11
N PHE M 161 -33.79 47.34 9.52
CA PHE M 161 -34.46 48.59 9.82
C PHE M 161 -35.12 48.44 11.16
N THR M 162 -35.09 49.52 11.95
CA THR M 162 -36.00 49.58 13.07
C THR M 162 -37.34 50.07 12.55
N ALA M 163 -38.29 50.29 13.45
CA ALA M 163 -39.57 50.85 13.02
C ALA M 163 -39.38 52.28 12.53
N ALA M 164 -38.57 53.07 13.26
CA ALA M 164 -38.34 54.45 12.87
C ALA M 164 -37.51 54.55 11.59
N GLU M 165 -36.59 53.61 11.38
CA GLU M 165 -35.81 53.62 10.15
C GLU M 165 -36.64 53.16 8.96
N ALA M 166 -37.57 52.23 9.19
CA ALA M 166 -38.46 51.80 8.11
C ALA M 166 -39.47 52.86 7.77
N LEU M 167 -39.84 53.69 8.74
CA LEU M 167 -40.72 54.82 8.46
C LEU M 167 -40.03 55.86 7.58
N GLU M 168 -38.75 56.14 7.85
CA GLU M 168 -38.01 57.08 7.04
C GLU M 168 -37.71 56.52 5.66
N TYR M 169 -37.50 55.21 5.56
CA TYR M 169 -37.10 54.61 4.31
C TYR M 169 -38.30 54.44 3.40
N GLY M 170 -39.45 54.13 3.97
CA GLY M 170 -40.69 54.13 3.22
C GLY M 170 -41.47 52.84 3.26
N PHE M 171 -41.02 51.86 4.02
CA PHE M 171 -41.74 50.59 4.10
C PHE M 171 -43.09 50.75 4.77
N VAL M 172 -43.16 51.55 5.83
CA VAL M 172 -44.38 51.77 6.55
C VAL M 172 -44.71 53.25 6.48
N ASP M 173 -45.94 53.57 6.84
CA ASP M 173 -46.43 54.92 6.80
C ASP M 173 -46.61 55.52 8.18
N HIS M 174 -46.77 54.68 9.20
CA HIS M 174 -46.95 55.14 10.56
C HIS M 174 -46.27 54.15 11.49
N ILE M 175 -45.92 54.65 12.67
CA ILE M 175 -45.49 53.81 13.78
C ILE M 175 -46.60 53.92 14.81
N ILE M 176 -47.22 52.80 15.15
CA ILE M 176 -48.34 52.83 16.07
C ILE M 176 -47.81 53.01 17.48
N THR M 177 -48.27 54.05 18.15
CA THR M 177 -47.91 54.29 19.55
C THR M 177 -49.17 54.67 20.29
N ARG M 178 -49.80 53.69 20.91
CA ARG M 178 -51.06 53.91 21.58
C ARG M 178 -50.86 54.09 23.09
N SER N 1 -61.46 13.41 21.09
CA SER N 1 -60.85 12.18 21.53
C SER N 1 -61.64 11.56 22.67
N LEU N 2 -61.52 10.25 22.87
CA LEU N 2 -62.14 9.62 24.03
C LEU N 2 -61.37 9.96 25.30
N THR N 3 -60.04 9.89 25.24
CA THR N 3 -59.20 10.16 26.40
C THR N 3 -59.36 11.59 26.88
N ASP N 4 -59.50 12.53 25.95
CA ASP N 4 -59.80 13.89 26.34
C ASP N 4 -61.23 14.03 26.84
N SER N 5 -62.14 13.17 26.37
CA SER N 5 -63.52 13.27 26.81
C SER N 5 -63.70 12.79 28.24
N VAL N 6 -62.96 11.75 28.62
CA VAL N 6 -63.03 11.25 30.00
C VAL N 6 -62.36 12.24 30.94
N TYR N 7 -61.25 12.83 30.51
CA TYR N 7 -60.58 13.85 31.29
C TYR N 7 -61.41 15.12 31.39
N GLU N 8 -62.20 15.43 30.36
CA GLU N 8 -63.08 16.60 30.43
C GLU N 8 -64.22 16.36 31.39
N ARG N 9 -64.76 15.13 31.40
CA ARG N 9 -65.83 14.82 32.33
C ARG N 9 -65.33 14.69 33.76
N LEU N 10 -64.06 14.37 33.95
CA LEU N 10 -63.50 14.42 35.30
C LEU N 10 -63.03 15.80 35.67
N LEU N 11 -62.72 16.64 34.70
CA LEU N 11 -62.51 18.04 34.98
C LEU N 11 -63.79 18.70 35.47
N SER N 12 -64.94 18.25 34.97
CA SER N 12 -66.21 18.74 35.48
C SER N 12 -66.46 18.29 36.90
N GLU N 13 -65.91 17.15 37.30
CA GLU N 13 -66.00 16.67 38.67
C GLU N 13 -64.81 17.10 39.49
N ARG N 14 -64.02 18.05 38.99
CA ARG N 14 -62.88 18.68 39.66
C ARG N 14 -61.79 17.66 39.98
N ILE N 15 -61.60 16.72 39.07
CA ILE N 15 -60.59 15.68 39.18
C ILE N 15 -59.63 15.89 38.02
N ILE N 16 -58.40 16.28 38.33
CA ILE N 16 -57.40 16.50 37.31
C ILE N 16 -56.28 15.50 37.51
N PHE N 17 -55.53 15.26 36.44
CA PHE N 17 -54.54 14.20 36.40
C PHE N 17 -53.17 14.77 36.04
N LEU N 18 -52.21 14.50 36.90
CA LEU N 18 -50.81 14.59 36.56
C LEU N 18 -50.39 13.17 36.23
N GLY N 19 -50.46 12.84 34.94
CA GLY N 19 -50.27 11.46 34.54
C GLY N 19 -49.04 11.22 33.70
N SER N 20 -48.26 12.26 33.43
CA SER N 20 -47.08 12.15 32.59
C SER N 20 -45.90 12.69 33.37
N GLU N 21 -44.77 12.83 32.68
CA GLU N 21 -43.68 13.60 33.26
C GLU N 21 -44.10 15.07 33.33
N VAL N 22 -43.59 15.76 34.34
CA VAL N 22 -43.94 17.16 34.52
C VAL N 22 -43.03 17.97 33.62
N ASN N 23 -43.43 18.16 32.38
CA ASN N 23 -42.77 19.11 31.50
C ASN N 23 -43.63 20.37 31.50
N ASP N 24 -43.22 21.35 30.70
CA ASP N 24 -43.94 22.62 30.68
C ASP N 24 -45.31 22.50 30.04
N GLU N 25 -45.52 21.52 29.15
CA GLU N 25 -46.82 21.37 28.52
C GLU N 25 -47.84 20.80 29.48
N ILE N 26 -47.46 19.76 30.23
CA ILE N 26 -48.37 19.16 31.21
C ILE N 26 -48.55 20.09 32.40
N ALA N 27 -47.54 20.88 32.72
CA ALA N 27 -47.66 21.81 33.82
C ALA N 27 -48.59 22.95 33.50
N ASN N 28 -48.51 23.47 32.28
CA ASN N 28 -49.33 24.61 31.91
C ASN N 28 -50.79 24.23 31.78
N ARG N 29 -51.08 23.00 31.34
CA ARG N 29 -52.46 22.59 31.29
C ARG N 29 -52.99 22.24 32.67
N LEU N 30 -52.14 21.76 33.59
CA LEU N 30 -52.58 21.60 34.96
C LEU N 30 -52.78 22.94 35.64
N CYS N 31 -51.88 23.89 35.42
CA CYS N 31 -52.06 25.23 35.94
C CYS N 31 -53.29 25.88 35.34
N ALA N 32 -53.57 25.61 34.07
CA ALA N 32 -54.79 26.11 33.46
C ALA N 32 -56.02 25.46 34.05
N GLN N 33 -55.95 24.16 34.33
CA GLN N 33 -57.09 23.47 34.93
C GLN N 33 -57.32 23.91 36.37
N ILE N 34 -56.25 24.17 37.12
CA ILE N 34 -56.43 24.66 38.48
C ILE N 34 -56.97 26.08 38.47
N LEU N 35 -56.50 26.91 37.53
CA LEU N 35 -57.06 28.25 37.39
C LEU N 35 -58.49 28.20 36.89
N LEU N 36 -58.82 27.21 36.07
CA LEU N 36 -60.19 27.11 35.58
C LEU N 36 -61.12 26.61 36.67
N LEU N 37 -60.68 25.62 37.45
CA LEU N 37 -61.54 25.05 38.48
C LEU N 37 -61.68 25.97 39.68
N ALA N 38 -60.64 26.73 40.00
CA ALA N 38 -60.78 27.71 41.08
C ALA N 38 -61.62 28.90 40.67
N ALA N 39 -61.74 29.14 39.37
CA ALA N 39 -62.64 30.18 38.90
C ALA N 39 -64.09 29.73 38.95
N GLU N 40 -64.34 28.43 38.72
CA GLU N 40 -65.70 27.93 38.78
C GLU N 40 -66.20 27.89 40.22
N ASP N 41 -65.54 27.12 41.06
CA ASP N 41 -65.85 27.11 42.49
C ASP N 41 -64.55 27.30 43.25
N ALA N 42 -64.55 28.29 44.13
CA ALA N 42 -63.38 28.58 44.95
C ALA N 42 -63.43 27.84 46.28
N SER N 43 -64.44 26.99 46.46
CA SER N 43 -64.64 26.34 47.75
C SER N 43 -64.69 24.82 47.63
N LYS N 44 -64.84 24.28 46.43
CA LYS N 44 -64.83 22.84 46.23
C LYS N 44 -63.42 22.39 45.92
N ASP N 45 -63.03 21.26 46.51
CA ASP N 45 -61.67 20.78 46.39
C ASP N 45 -61.39 20.28 44.99
N ILE N 46 -60.14 20.43 44.57
CA ILE N 46 -59.66 19.84 43.33
C ILE N 46 -58.91 18.57 43.69
N SER N 47 -59.29 17.47 43.06
CA SER N 47 -58.57 16.21 43.23
C SER N 47 -57.50 16.11 42.16
N LEU N 48 -56.25 16.06 42.58
CA LEU N 48 -55.12 15.91 41.67
C LEU N 48 -54.59 14.49 41.81
N TYR N 49 -54.94 13.63 40.87
CA TYR N 49 -54.43 12.28 40.82
C TYR N 49 -53.08 12.30 40.12
N ILE N 50 -52.07 11.75 40.78
CA ILE N 50 -50.69 11.86 40.32
C ILE N 50 -50.16 10.48 40.00
N ASN N 51 -49.88 10.24 38.72
CA ASN N 51 -49.17 9.06 38.25
C ASN N 51 -48.03 9.62 37.43
N SER N 52 -46.97 10.04 38.10
CA SER N 52 -45.99 10.82 37.42
C SER N 52 -44.59 10.30 37.74
N PRO N 53 -43.74 10.15 36.74
CA PRO N 53 -42.33 9.84 37.01
C PRO N 53 -41.49 11.05 37.39
N GLY N 54 -42.11 12.19 37.68
CA GLY N 54 -41.37 13.39 37.94
C GLY N 54 -41.08 14.12 36.65
N GLY N 55 -40.54 15.32 36.76
CA GLY N 55 -40.21 16.08 35.59
C GLY N 55 -39.43 17.32 35.96
N SER N 56 -39.71 18.40 35.24
CA SER N 56 -38.99 19.64 35.42
C SER N 56 -39.36 20.27 36.75
N ILE N 57 -38.36 20.84 37.43
CA ILE N 57 -38.62 21.52 38.69
C ILE N 57 -39.47 22.75 38.47
N SER N 58 -39.09 23.58 37.50
CA SER N 58 -39.81 24.82 37.24
C SER N 58 -41.20 24.58 36.70
N ALA N 59 -41.40 23.48 35.99
CA ALA N 59 -42.73 23.11 35.58
C ALA N 59 -43.56 22.68 36.77
N GLY N 60 -42.98 21.89 37.67
CA GLY N 60 -43.70 21.51 38.86
C GLY N 60 -43.85 22.62 39.87
N MET N 61 -42.93 23.60 39.84
CA MET N 61 -43.09 24.78 40.67
C MET N 61 -44.20 25.67 40.16
N ALA N 62 -44.45 25.63 38.85
CA ALA N 62 -45.61 26.32 38.31
C ALA N 62 -46.89 25.69 38.83
N ILE N 63 -46.94 24.35 38.87
CA ILE N 63 -48.10 23.63 39.38
C ILE N 63 -48.25 23.88 40.87
N TYR N 64 -47.14 23.79 41.61
CA TYR N 64 -47.16 23.99 43.05
C TYR N 64 -47.58 25.40 43.43
N ASP N 65 -47.17 26.39 42.66
CA ASP N 65 -47.66 27.74 42.92
C ASP N 65 -49.13 27.87 42.59
N THR N 66 -49.58 27.23 41.51
CA THR N 66 -50.99 27.30 41.16
C THR N 66 -51.84 26.50 42.13
N MET N 67 -51.28 25.45 42.73
CA MET N 67 -51.96 24.71 43.77
C MET N 67 -52.12 25.54 45.04
N VAL N 68 -51.05 26.22 45.47
CA VAL N 68 -51.10 27.00 46.70
C VAL N 68 -51.96 28.23 46.51
N LEU N 69 -51.80 28.91 45.38
CA LEU N 69 -52.54 30.13 45.16
C LEU N 69 -53.98 29.90 44.78
N ALA N 70 -54.37 28.67 44.51
CA ALA N 70 -55.77 28.37 44.33
C ALA N 70 -56.50 28.53 45.66
N PRO N 71 -57.62 29.22 45.70
CA PRO N 71 -58.36 29.38 46.96
C PRO N 71 -59.00 28.11 47.46
N CYS N 72 -59.12 27.11 46.60
CA CYS N 72 -59.66 25.83 46.96
C CYS N 72 -58.54 24.86 47.29
N ASP N 73 -58.85 23.85 48.10
CA ASP N 73 -57.86 22.87 48.50
C ASP N 73 -57.57 21.93 47.35
N ILE N 74 -56.29 21.56 47.21
CA ILE N 74 -55.89 20.62 46.18
C ILE N 74 -55.65 19.30 46.89
N ALA N 75 -56.59 18.38 46.77
CA ALA N 75 -56.39 17.03 47.29
C ALA N 75 -55.51 16.28 46.31
N THR N 76 -54.35 15.83 46.75
CA THR N 76 -53.47 15.07 45.87
C THR N 76 -53.58 13.59 46.17
N TYR N 77 -53.37 12.79 45.14
CA TYR N 77 -53.59 11.36 45.18
C TYR N 77 -52.42 10.70 44.47
N ALA N 78 -51.58 10.01 45.23
CA ALA N 78 -50.52 9.21 44.63
C ALA N 78 -51.16 7.99 44.02
N MET N 79 -51.14 7.91 42.70
CA MET N 79 -51.83 6.85 41.97
C MET N 79 -50.77 6.08 41.21
N GLY N 80 -50.27 5.01 41.80
CA GLY N 80 -49.26 4.22 41.14
C GLY N 80 -47.84 4.71 41.35
N MET N 81 -47.55 5.95 40.95
CA MET N 81 -46.20 6.48 40.99
C MET N 81 -46.24 7.97 41.27
N ALA N 82 -45.49 8.39 42.29
CA ALA N 82 -45.36 9.83 42.57
C ALA N 82 -43.85 10.02 42.73
N ALA N 83 -43.13 10.07 41.62
CA ALA N 83 -41.66 10.14 41.70
C ALA N 83 -41.16 11.55 41.42
N SER N 84 -40.02 11.92 41.99
CA SER N 84 -39.40 13.24 41.69
C SER N 84 -40.46 14.33 41.81
N MET N 85 -40.65 15.13 40.76
CA MET N 85 -41.61 16.26 40.84
C MET N 85 -42.99 15.69 41.16
N GLY N 86 -43.21 14.39 40.94
CA GLY N 86 -44.55 13.92 41.22
C GLY N 86 -44.78 13.67 42.69
N GLU N 87 -43.72 13.31 43.42
CA GLU N 87 -43.85 13.22 44.87
C GLU N 87 -43.92 14.60 45.49
N PHE N 88 -43.26 15.57 44.85
CA PHE N 88 -43.26 16.93 45.34
C PHE N 88 -44.65 17.50 45.30
N LEU N 89 -45.30 17.40 44.14
CA LEU N 89 -46.66 17.87 43.97
C LEU N 89 -47.67 17.07 44.76
N LEU N 90 -47.39 15.78 44.98
CA LEU N 90 -48.16 14.99 45.91
C LEU N 90 -48.07 15.54 47.32
N ALA N 91 -46.85 15.74 47.80
CA ALA N 91 -46.65 16.31 49.12
C ALA N 91 -47.01 17.78 49.18
N ALA N 92 -47.14 18.44 48.03
CA ALA N 92 -47.55 19.82 47.97
C ALA N 92 -49.04 20.02 48.12
N GLY N 93 -49.82 18.96 48.19
CA GLY N 93 -51.24 19.08 48.38
C GLY N 93 -51.60 19.66 49.74
N THR N 94 -52.87 19.95 49.89
CA THR N 94 -53.39 20.49 51.13
C THR N 94 -53.22 19.45 52.23
N LYS N 95 -52.65 19.86 53.36
CA LYS N 95 -52.41 18.93 54.44
C LYS N 95 -53.73 18.45 55.03
N GLY N 96 -53.80 17.15 55.30
CA GLY N 96 -55.05 16.48 55.56
C GLY N 96 -55.69 15.92 54.32
N LYS N 97 -55.22 16.32 53.13
CA LYS N 97 -55.84 15.90 51.88
C LYS N 97 -54.81 15.35 50.91
N ARG N 98 -53.67 14.90 51.40
CA ARG N 98 -52.68 14.24 50.57
C ARG N 98 -52.85 12.74 50.74
N TYR N 99 -53.16 12.06 49.67
CA TYR N 99 -53.52 10.66 49.74
C TYR N 99 -52.56 9.84 48.90
N ALA N 100 -52.26 8.64 49.39
CA ALA N 100 -51.61 7.64 48.57
C ALA N 100 -52.58 6.50 48.40
N LEU N 101 -52.77 6.06 47.17
CA LEU N 101 -53.48 4.83 46.96
C LEU N 101 -52.55 3.70 47.40
N PRO N 102 -53.07 2.61 47.98
CA PRO N 102 -52.24 1.77 48.85
C PRO N 102 -51.12 1.00 48.17
N HIS N 103 -51.02 1.04 46.85
CA HIS N 103 -49.93 0.40 46.13
C HIS N 103 -49.19 1.41 45.27
N ALA N 104 -49.36 2.70 45.55
CA ALA N 104 -48.56 3.71 44.91
C ALA N 104 -47.18 3.71 45.52
N ARG N 105 -46.21 4.17 44.74
CA ARG N 105 -44.85 4.25 45.18
C ARG N 105 -44.39 5.69 45.04
N ILE N 106 -43.63 6.14 46.02
CA ILE N 106 -43.16 7.52 46.09
C ILE N 106 -41.65 7.48 46.02
N LEU N 107 -41.10 8.19 45.06
CA LEU N 107 -39.66 8.28 44.85
C LEU N 107 -39.20 9.70 45.12
N MET N 108 -38.47 9.90 46.21
CA MET N 108 -37.89 11.18 46.53
C MET N 108 -36.40 11.12 46.24
N HIS N 109 -35.92 12.05 45.43
CA HIS N 109 -34.49 12.16 45.19
C HIS N 109 -34.15 13.61 44.88
N GLN N 110 -32.86 13.91 44.93
CA GLN N 110 -32.37 15.25 44.63
C GLN N 110 -32.55 15.55 43.15
N PRO N 111 -32.55 16.84 42.76
CA PRO N 111 -32.74 17.16 41.35
C PRO N 111 -31.62 16.67 40.45
N LEU N 112 -32.01 16.23 39.27
CA LEU N 112 -31.09 15.92 38.19
C LEU N 112 -31.03 17.11 37.26
N GLY N 113 -29.96 17.19 36.50
CA GLY N 113 -29.82 18.27 35.56
C GLY N 113 -28.68 18.01 34.61
N GLY N 114 -28.08 19.09 34.15
CA GLY N 114 -26.92 18.97 33.29
C GLY N 114 -26.15 20.26 33.30
N VAL N 115 -24.84 20.13 33.39
CA VAL N 115 -23.93 21.26 33.24
C VAL N 115 -23.39 21.26 31.83
N THR N 116 -23.27 22.43 31.25
CA THR N 116 -22.77 22.59 29.90
C THR N 116 -22.24 24.00 29.73
N GLY N 117 -21.43 24.18 28.70
CA GLY N 117 -20.93 25.48 28.39
C GLY N 117 -19.59 25.75 29.03
N SER N 118 -19.27 27.04 29.12
CA SER N 118 -17.98 27.47 29.62
C SER N 118 -17.94 27.34 31.14
N ALA N 119 -16.76 27.51 31.71
CA ALA N 119 -16.59 27.37 33.14
C ALA N 119 -17.29 28.47 33.90
N ALA N 120 -17.42 29.65 33.30
CA ALA N 120 -18.16 30.72 33.93
C ALA N 120 -19.67 30.48 33.86
N ASP N 121 -20.12 29.79 32.81
CA ASP N 121 -21.52 29.41 32.73
C ASP N 121 -21.85 28.32 33.73
N ILE N 122 -20.97 27.34 33.88
CA ILE N 122 -21.21 26.21 34.77
C ILE N 122 -21.15 26.64 36.23
N ALA N 123 -20.33 27.63 36.54
CA ALA N 123 -20.30 28.17 37.90
C ALA N 123 -21.61 28.84 38.25
N ILE N 124 -22.28 29.41 37.25
CA ILE N 124 -23.60 29.98 37.47
C ILE N 124 -24.65 28.89 37.56
N GLN N 125 -24.54 27.86 36.72
CA GLN N 125 -25.45 26.74 36.77
C GLN N 125 -25.37 26.02 38.10
N ALA N 126 -24.15 25.79 38.59
CA ALA N 126 -23.97 25.14 39.89
C ALA N 126 -24.47 26.01 41.03
N GLU N 127 -24.28 27.32 40.91
CA GLU N 127 -24.81 28.24 41.91
C GLU N 127 -26.33 28.18 41.93
N GLN N 128 -26.92 28.03 40.75
CA GLN N 128 -28.37 27.92 40.68
C GLN N 128 -28.83 26.51 41.00
N PHE N 129 -27.98 25.51 40.78
CA PHE N 129 -28.34 24.16 41.19
C PHE N 129 -28.34 24.05 42.71
N ALA N 130 -27.46 24.79 43.38
CA ALA N 130 -27.49 24.83 44.83
C ALA N 130 -28.71 25.57 45.33
N VAL N 131 -29.20 26.55 44.57
CA VAL N 131 -30.39 27.28 44.97
C VAL N 131 -31.64 26.43 44.78
N ILE N 132 -31.71 25.72 43.66
CA ILE N 132 -32.86 24.86 43.38
C ILE N 132 -32.92 23.70 44.36
N LYS N 133 -31.77 23.09 44.65
CA LYS N 133 -31.76 21.91 45.50
C LYS N 133 -32.04 22.29 46.95
N LYS N 134 -31.59 23.46 47.38
CA LYS N 134 -31.91 23.93 48.72
C LYS N 134 -33.39 24.28 48.83
N GLU N 135 -33.97 24.81 47.76
CA GLU N 135 -35.37 25.20 47.80
C GLU N 135 -36.28 23.99 47.67
N MET N 136 -35.88 23.01 46.85
CA MET N 136 -36.64 21.78 46.73
C MET N 136 -36.57 20.96 48.01
N PHE N 137 -35.43 21.02 48.70
CA PHE N 137 -35.34 20.27 49.96
C PHE N 137 -36.04 21.01 51.09
N ARG N 138 -36.09 22.34 51.01
CA ARG N 138 -36.81 23.11 52.03
C ARG N 138 -38.30 22.84 51.94
N LEU N 139 -38.83 22.71 50.73
CA LEU N 139 -40.26 22.49 50.59
C LEU N 139 -40.64 21.06 50.91
N ASN N 140 -39.82 20.09 50.50
CA ASN N 140 -40.05 18.71 50.95
C ASN N 140 -39.91 18.56 52.44
N ALA N 141 -39.04 19.37 53.07
CA ALA N 141 -39.02 19.37 54.52
C ALA N 141 -40.26 20.04 55.10
N GLU N 142 -40.78 21.05 54.41
CA GLU N 142 -41.99 21.71 54.87
C GLU N 142 -43.21 20.84 54.64
N PHE N 143 -43.25 20.12 53.52
CA PHE N 143 -44.39 19.26 53.19
C PHE N 143 -44.46 18.09 54.15
N THR N 144 -43.39 17.32 54.22
CA THR N 144 -43.36 16.10 54.99
C THR N 144 -43.24 16.34 56.48
N GLY N 145 -42.79 17.52 56.88
CA GLY N 145 -42.52 17.75 58.28
C GLY N 145 -41.23 17.14 58.75
N GLN N 146 -40.41 16.65 57.84
CA GLN N 146 -39.11 16.12 58.16
C GLN N 146 -38.13 17.27 58.32
N PRO N 147 -37.01 17.07 59.01
CA PRO N 147 -35.96 18.07 58.99
C PRO N 147 -35.37 18.21 57.60
N ILE N 148 -34.79 19.37 57.31
CA ILE N 148 -34.19 19.56 56.00
C ILE N 148 -32.94 18.70 55.86
N GLU N 149 -32.26 18.41 56.96
CA GLU N 149 -31.11 17.52 56.92
C GLU N 149 -31.54 16.08 56.67
N ARG N 150 -32.73 15.72 57.13
CA ARG N 150 -33.29 14.41 56.82
C ARG N 150 -33.64 14.31 55.34
N ILE N 151 -34.18 15.39 54.77
CA ILE N 151 -34.52 15.40 53.36
C ILE N 151 -33.26 15.40 52.50
N GLU N 152 -32.23 16.14 52.92
CA GLU N 152 -30.94 16.15 52.22
C GLU N 152 -30.30 14.78 52.16
N ALA N 153 -30.27 14.08 53.30
CA ALA N 153 -29.61 12.78 53.35
C ALA N 153 -30.41 11.73 52.59
N ASP N 154 -31.74 11.81 52.65
CA ASP N 154 -32.56 10.79 52.04
C ASP N 154 -32.72 10.98 50.54
N SER N 155 -32.70 12.20 50.06
CA SER N 155 -32.85 12.46 48.65
C SER N 155 -31.54 12.38 47.88
N ASP N 156 -30.46 12.00 48.56
CA ASP N 156 -29.12 12.03 47.95
C ASP N 156 -29.04 11.10 46.76
N ARG N 157 -29.62 9.92 46.87
CA ARG N 157 -29.89 9.09 45.71
C ARG N 157 -31.37 8.77 45.78
N ASP N 158 -31.83 7.87 44.92
CA ASP N 158 -33.22 7.47 44.90
C ASP N 158 -33.63 6.86 46.23
N ARG N 159 -34.65 7.42 46.85
CA ARG N 159 -35.24 6.79 48.02
C ARG N 159 -36.68 6.48 47.70
N TRP N 160 -37.00 5.20 47.72
CA TRP N 160 -38.32 4.74 47.40
C TRP N 160 -39.16 4.59 48.64
N PHE N 161 -40.45 4.81 48.48
CA PHE N 161 -41.41 4.72 49.55
C PHE N 161 -42.56 3.86 49.08
N THR N 162 -43.08 3.03 49.96
CA THR N 162 -44.38 2.47 49.71
C THR N 162 -45.42 3.50 50.15
N ALA N 163 -46.69 3.13 50.08
CA ALA N 163 -47.72 4.03 50.57
C ALA N 163 -47.62 4.19 52.08
N ALA N 164 -47.37 3.08 52.79
CA ALA N 164 -47.25 3.14 54.25
C ALA N 164 -45.99 3.84 54.68
N GLU N 165 -44.92 3.72 53.90
CA GLU N 165 -43.68 4.43 54.24
C GLU N 165 -43.79 5.92 53.94
N ALA N 166 -44.54 6.27 52.89
CA ALA N 166 -44.76 7.68 52.58
C ALA N 166 -45.70 8.32 53.58
N LEU N 167 -46.60 7.54 54.17
CA LEU N 167 -47.45 8.04 55.22
C LEU N 167 -46.65 8.37 56.48
N GLU N 168 -45.71 7.50 56.85
CA GLU N 168 -44.87 7.74 58.00
C GLU N 168 -43.90 8.87 57.76
N TYR N 169 -43.43 9.02 56.53
CA TYR N 169 -42.41 10.01 56.24
C TYR N 169 -43.02 11.38 56.12
N GLY N 170 -44.23 11.47 55.58
CA GLY N 170 -44.97 12.71 55.60
C GLY N 170 -45.44 13.20 54.25
N PHE N 171 -45.20 12.45 53.18
CA PHE N 171 -45.63 12.87 51.86
C PHE N 171 -47.14 12.91 51.74
N VAL N 172 -47.81 11.91 52.30
CA VAL N 172 -49.25 11.83 52.25
C VAL N 172 -49.78 11.86 53.66
N ASP N 173 -51.08 12.07 53.76
CA ASP N 173 -51.75 12.18 55.04
C ASP N 173 -52.62 10.97 55.32
N HIS N 174 -53.06 10.27 54.29
CA HIS N 174 -53.91 9.10 54.45
C HIS N 174 -53.55 8.09 53.38
N ILE N 175 -53.84 6.83 53.66
CA ILE N 175 -53.82 5.78 52.67
C ILE N 175 -55.26 5.38 52.45
N ILE N 176 -55.74 5.53 51.22
CA ILE N 176 -57.14 5.24 50.95
C ILE N 176 -57.33 3.72 50.91
N THR N 177 -58.24 3.22 51.73
CA THR N 177 -58.57 1.81 51.73
C THR N 177 -60.08 1.70 51.82
N ARG N 178 -60.73 1.57 50.67
CA ARG N 178 -62.18 1.55 50.62
C ARG N 178 -62.70 0.13 50.52
N SER O 1 -59.67 19.31 21.35
CA SER O 1 -58.74 18.83 22.37
C SER O 1 -59.18 19.29 23.75
N LEU O 2 -58.74 18.58 24.79
CA LEU O 2 -59.00 19.04 26.14
C LEU O 2 -58.13 20.23 26.49
N THR O 3 -56.84 20.15 26.14
CA THR O 3 -55.89 21.22 26.46
C THR O 3 -56.27 22.51 25.76
N ASP O 4 -56.76 22.43 24.53
CA ASP O 4 -57.29 23.61 23.86
C ASP O 4 -58.61 24.06 24.48
N SER O 5 -59.37 23.14 25.06
CA SER O 5 -60.65 23.51 25.64
C SER O 5 -60.47 24.28 26.94
N VAL O 6 -59.47 23.90 27.73
CA VAL O 6 -59.21 24.60 28.98
C VAL O 6 -58.62 25.97 28.68
N TYR O 7 -57.75 26.04 27.67
CA TYR O 7 -57.18 27.32 27.24
C TYR O 7 -58.24 28.21 26.61
N GLU O 8 -59.24 27.63 25.95
CA GLU O 8 -60.32 28.42 25.39
C GLU O 8 -61.20 28.98 26.49
N ARG O 9 -61.46 28.19 27.52
CA ARG O 9 -62.27 28.67 28.64
C ARG O 9 -61.52 29.67 29.49
N LEU O 10 -60.19 29.63 29.50
CA LEU O 10 -59.45 30.68 30.16
C LEU O 10 -59.22 31.88 29.27
N LEU O 11 -59.26 31.69 27.95
CA LEU O 11 -59.32 32.83 27.05
C LEU O 11 -60.61 33.61 27.23
N SER O 12 -61.70 32.92 27.56
CA SER O 12 -62.94 33.60 27.87
C SER O 12 -62.84 34.38 29.17
N GLU O 13 -62.01 33.95 30.09
CA GLU O 13 -61.76 34.67 31.33
C GLU O 13 -60.56 35.60 31.22
N ARG O 14 -60.10 35.85 29.99
CA ARG O 14 -59.02 36.78 29.66
C ARG O 14 -57.71 36.37 30.30
N ILE O 15 -57.47 35.06 30.34
CA ILE O 15 -56.26 34.48 30.90
C ILE O 15 -55.58 33.76 29.76
N ILE O 16 -54.42 34.26 29.33
CA ILE O 16 -53.68 33.65 28.26
C ILE O 16 -52.35 33.16 28.80
N PHE O 17 -51.76 32.20 28.10
CA PHE O 17 -50.58 31.49 28.56
C PHE O 17 -49.46 31.61 27.56
N LEU O 18 -48.32 32.10 28.04
CA LEU O 18 -47.05 31.92 27.37
C LEU O 18 -46.41 30.73 28.07
N GLY O 19 -46.61 29.55 27.53
CA GLY O 19 -46.20 28.35 28.22
C GLY O 19 -45.11 27.57 27.52
N SER O 20 -44.64 28.05 26.39
CA SER O 20 -43.62 27.36 25.62
C SER O 20 -42.46 28.32 25.40
N GLU O 21 -41.53 27.91 24.56
CA GLU O 21 -40.55 28.86 24.06
C GLU O 21 -41.25 29.87 23.16
N VAL O 22 -40.74 31.09 23.15
CA VAL O 22 -41.34 32.14 22.36
C VAL O 22 -40.78 32.00 20.93
N ASN O 23 -41.43 31.18 20.13
CA ASN O 23 -41.15 31.15 18.71
C ASN O 23 -42.24 31.95 18.02
N ASP O 24 -42.19 32.00 16.70
CA ASP O 24 -43.17 32.80 15.97
C ASP O 24 -44.56 32.22 16.03
N GLU O 25 -44.69 30.91 16.22
CA GLU O 25 -46.02 30.31 16.28
C GLU O 25 -46.73 30.66 17.59
N ILE O 26 -46.01 30.55 18.71
CA ILE O 26 -46.59 30.88 20.01
C ILE O 26 -46.77 32.38 20.13
N ALA O 27 -45.90 33.15 19.49
CA ALA O 27 -46.03 34.60 19.54
C ALA O 27 -47.23 35.09 18.77
N ASN O 28 -47.47 34.52 17.60
CA ASN O 28 -48.56 34.97 16.75
C ASN O 28 -49.91 34.60 17.35
N ARG O 29 -50.00 33.46 18.03
CA ARG O 29 -51.25 33.14 18.69
C ARG O 29 -51.45 33.95 19.97
N LEU O 30 -50.37 34.33 20.65
CA LEU O 30 -50.54 35.26 21.76
C LEU O 30 -50.90 36.65 21.27
N CYS O 31 -50.27 37.11 20.20
CA CYS O 31 -50.65 38.39 19.60
C CYS O 31 -52.08 38.34 19.09
N ALA O 32 -52.49 37.19 18.56
CA ALA O 32 -53.87 37.06 18.13
C ALA O 32 -54.82 37.06 19.32
N GLN O 33 -54.43 36.42 20.42
CA GLN O 33 -55.27 36.41 21.61
C GLN O 33 -55.34 37.77 22.26
N ILE O 34 -54.24 38.53 22.26
CA ILE O 34 -54.29 39.88 22.81
C ILE O 34 -55.12 40.79 21.92
N LEU O 35 -55.00 40.63 20.59
CA LEU O 35 -55.86 41.40 19.69
C LEU O 35 -57.30 40.97 19.79
N LEU O 36 -57.55 39.70 20.09
CA LEU O 36 -58.92 39.24 20.23
C LEU O 36 -59.53 39.72 21.54
N LEU O 37 -58.77 39.67 22.62
CA LEU O 37 -59.30 40.06 23.92
C LEU O 37 -59.42 41.56 24.06
N ALA O 38 -58.54 42.33 23.42
CA ALA O 38 -58.69 43.78 23.43
C ALA O 38 -59.82 44.23 22.54
N ALA O 39 -60.21 43.41 21.56
CA ALA O 39 -61.38 43.73 20.76
C ALA O 39 -62.67 43.44 21.51
N GLU O 40 -62.67 42.43 22.38
CA GLU O 40 -63.87 42.12 23.16
C GLU O 40 -64.10 43.18 24.23
N ASP O 41 -63.15 43.32 25.14
CA ASP O 41 -63.20 44.39 26.13
C ASP O 41 -61.87 45.11 26.13
N ALA O 42 -61.92 46.42 25.96
CA ALA O 42 -60.73 47.25 25.95
C ALA O 42 -60.39 47.76 27.33
N SER O 43 -61.15 47.34 28.34
CA SER O 43 -60.99 47.88 29.68
C SER O 43 -60.74 46.81 30.72
N LYS O 44 -60.96 45.53 30.40
CA LYS O 44 -60.68 44.45 31.31
C LYS O 44 -59.28 43.94 31.06
N ASP O 45 -58.56 43.64 32.15
CA ASP O 45 -57.16 43.26 32.05
C ASP O 45 -57.02 41.87 31.45
N ILE O 46 -55.93 41.66 30.74
CA ILE O 46 -55.55 40.35 30.25
C ILE O 46 -54.50 39.80 31.20
N SER O 47 -54.72 38.60 31.70
CA SER O 47 -53.75 37.91 32.52
C SER O 47 -52.87 37.06 31.63
N LEU O 48 -51.58 37.36 31.59
CA LEU O 48 -50.62 36.58 30.82
C LEU O 48 -49.78 35.76 31.80
N TYR O 49 -50.11 34.50 31.92
CA TYR O 49 -49.31 33.57 32.73
C TYR O 49 -48.14 33.08 31.90
N ILE O 50 -46.94 33.22 32.44
CA ILE O 50 -45.72 32.96 31.69
C ILE O 50 -44.97 31.83 32.36
N ASN O 51 -44.87 30.71 31.64
CA ASN O 51 -44.01 29.59 32.01
C ASN O 51 -43.16 29.34 30.77
N SER O 52 -42.12 30.15 30.60
CA SER O 52 -41.46 30.15 29.34
C SER O 52 -39.95 30.08 29.54
N PRO O 53 -39.26 29.24 28.77
CA PRO O 53 -37.80 29.25 28.79
C PRO O 53 -37.19 30.34 27.92
N GLY O 54 -37.97 31.30 27.45
CA GLY O 54 -37.48 32.29 26.53
C GLY O 54 -37.57 31.80 25.11
N GLY O 55 -37.29 32.67 24.18
CA GLY O 55 -37.34 32.29 22.79
C GLY O 55 -36.79 33.38 21.91
N SER O 56 -37.42 33.54 20.75
CA SER O 56 -36.96 34.50 19.76
C SER O 56 -37.23 35.91 20.25
N ILE O 57 -36.27 36.81 19.99
CA ILE O 57 -36.45 38.20 20.38
C ILE O 57 -37.57 38.84 19.56
N SER O 58 -37.55 38.64 18.25
CA SER O 58 -38.54 39.27 17.38
C SER O 58 -39.93 38.67 17.59
N ALA O 59 -40.00 37.41 17.99
CA ALA O 59 -41.28 36.84 18.37
C ALA O 59 -41.79 37.45 19.67
N GLY O 60 -40.89 37.63 20.64
CA GLY O 60 -41.31 38.26 21.87
C GLY O 60 -41.51 39.76 21.73
N MET O 61 -40.85 40.38 20.77
CA MET O 61 -41.12 41.78 20.48
C MET O 61 -42.46 41.95 19.80
N ALA O 62 -42.91 40.94 19.07
CA ALA O 62 -44.27 40.97 18.55
C ALA O 62 -45.28 40.94 19.68
N ILE O 63 -45.03 40.08 20.69
CA ILE O 63 -45.91 40.00 21.86
C ILE O 63 -45.85 41.28 22.66
N TYR O 64 -44.64 41.78 22.89
CA TYR O 64 -44.46 43.01 23.66
C TYR O 64 -45.11 44.21 22.99
N ASP O 65 -45.06 44.29 21.67
CA ASP O 65 -45.76 45.35 20.99
C ASP O 65 -47.27 45.17 21.08
N THR O 66 -47.75 43.94 21.00
CA THR O 66 -49.17 43.70 21.10
C THR O 66 -49.65 43.91 22.53
N MET O 67 -48.78 43.67 23.51
CA MET O 67 -49.11 43.97 24.90
C MET O 67 -49.22 45.47 25.14
N VAL O 68 -48.27 46.24 24.63
CA VAL O 68 -48.28 47.69 24.85
C VAL O 68 -49.40 48.34 24.07
N LEU O 69 -49.59 47.93 22.82
CA LEU O 69 -50.60 48.56 21.99
C LEU O 69 -52.00 48.10 22.32
N ALA O 70 -52.15 47.08 23.15
CA ALA O 70 -53.47 46.74 23.64
C ALA O 70 -53.97 47.84 24.56
N PRO O 71 -55.19 48.31 24.39
CA PRO O 71 -55.73 49.36 25.26
C PRO O 71 -55.99 48.89 26.68
N CYS O 72 -56.03 47.59 26.90
CA CYS O 72 -56.23 47.01 28.21
C CYS O 72 -54.88 46.64 28.81
N ASP O 73 -54.83 46.60 30.14
CA ASP O 73 -53.60 46.27 30.82
C ASP O 73 -53.30 44.79 30.70
N ILE O 74 -52.03 44.46 30.54
CA ILE O 74 -51.61 43.07 30.47
C ILE O 74 -50.97 42.74 31.80
N ALA O 75 -51.71 42.04 32.65
CA ALA O 75 -51.13 41.55 33.90
C ALA O 75 -50.30 40.33 33.58
N THR O 76 -49.01 40.38 33.88
CA THR O 76 -48.16 39.23 33.63
C THR O 76 -47.88 38.49 34.92
N TYR O 77 -47.68 37.19 34.79
CA TYR O 77 -47.57 36.28 35.92
C TYR O 77 -46.43 35.34 35.63
N ALA O 78 -45.34 35.47 36.39
CA ALA O 78 -44.26 34.50 36.29
C ALA O 78 -44.71 33.23 36.96
N MET O 79 -44.92 32.18 36.19
CA MET O 79 -45.46 30.93 36.68
C MET O 79 -44.40 29.87 36.48
N GLY O 80 -43.59 29.61 37.49
CA GLY O 80 -42.56 28.61 37.37
C GLY O 80 -41.27 29.12 36.76
N MET O 81 -41.33 29.62 35.54
CA MET O 81 -40.13 30.02 34.80
C MET O 81 -40.45 31.20 33.91
N ALA O 82 -39.64 32.25 34.04
CA ALA O 82 -39.76 33.42 33.12
C ALA O 82 -38.33 33.70 32.69
N ALA O 83 -37.84 32.95 31.70
CA ALA O 83 -36.42 33.08 31.31
C ALA O 83 -36.29 33.77 29.97
N SER O 84 -35.16 34.45 29.74
CA SER O 84 -34.90 35.06 28.42
C SER O 84 -36.10 35.90 28.00
N MET O 85 -36.70 35.59 26.86
CA MET O 85 -37.85 36.38 26.37
C MET O 85 -39.01 36.21 27.35
N GLY O 86 -38.96 35.18 28.21
CA GLY O 86 -40.11 35.07 29.10
C GLY O 86 -40.02 36.02 30.27
N GLU O 87 -38.80 36.35 30.70
CA GLU O 87 -38.66 37.39 31.72
C GLU O 87 -38.92 38.75 31.13
N PHE O 88 -38.60 38.92 29.85
CA PHE O 88 -38.80 40.17 29.17
C PHE O 88 -40.28 40.51 29.10
N LEU O 89 -41.07 39.55 28.62
CA LEU O 89 -42.51 39.72 28.54
C LEU O 89 -43.17 39.77 29.89
N LEU O 90 -42.59 39.11 30.89
CA LEU O 90 -43.01 39.28 32.27
C LEU O 90 -42.81 40.70 32.73
N ALA O 91 -41.59 41.22 32.56
CA ALA O 91 -41.30 42.59 32.94
C ALA O 91 -41.95 43.60 32.00
N ALA O 92 -42.41 43.15 30.82
CA ALA O 92 -43.12 44.00 29.89
C ALA O 92 -44.56 44.23 30.25
N GLY O 93 -45.07 43.58 31.29
CA GLY O 93 -46.44 43.78 31.71
C GLY O 93 -46.67 45.18 32.23
N THR O 94 -47.94 45.47 32.46
CA THR O 94 -48.33 46.77 33.00
C THR O 94 -47.76 46.90 34.40
N LYS O 95 -47.12 48.04 34.67
CA LYS O 95 -46.50 48.25 35.96
C LYS O 95 -47.58 48.37 37.04
N GLY O 96 -47.31 47.71 38.17
CA GLY O 96 -48.32 47.46 39.15
C GLY O 96 -49.04 46.15 38.96
N LYS O 97 -48.87 45.52 37.80
CA LYS O 97 -49.58 44.30 37.47
C LYS O 97 -48.64 43.21 36.98
N ARG O 98 -47.37 43.30 37.31
CA ARG O 98 -46.42 42.26 36.98
C ARG O 98 -46.22 41.40 38.22
N TYR O 99 -46.55 40.13 38.12
CA TYR O 99 -46.59 39.27 39.28
C TYR O 99 -45.63 38.12 39.10
N ALA O 100 -45.01 37.70 40.19
CA ALA O 100 -44.31 36.44 40.21
C ALA O 100 -45.01 35.55 41.21
N LEU O 101 -45.31 34.34 40.79
CA LEU O 101 -45.77 33.36 41.75
C LEU O 101 -44.56 32.97 42.59
N PRO O 102 -44.74 32.70 43.89
CA PRO O 102 -43.60 32.80 44.83
C PRO O 102 -42.48 31.81 44.65
N HIS O 103 -42.63 30.83 43.76
CA HIS O 103 -41.55 29.89 43.48
C HIS O 103 -41.20 29.91 42.00
N ALA O 104 -41.60 30.96 41.30
CA ALA O 104 -41.15 31.15 39.93
C ALA O 104 -39.71 31.63 39.93
N ARG O 105 -39.03 31.34 38.84
CA ARG O 105 -37.65 31.75 38.69
C ARG O 105 -37.53 32.59 37.44
N ILE O 106 -36.73 33.64 37.52
CA ILE O 106 -36.56 34.59 36.45
C ILE O 106 -35.12 34.54 36.01
N LEU O 107 -34.91 34.27 34.73
CA LEU O 107 -33.58 34.20 34.15
C LEU O 107 -33.40 35.34 33.17
N MET O 108 -32.55 36.30 33.51
CA MET O 108 -32.21 37.38 32.62
C MET O 108 -30.81 37.15 32.08
N HIS O 109 -30.69 37.15 30.76
CA HIS O 109 -29.38 37.06 30.14
C HIS O 109 -29.41 37.77 28.81
N GLN O 110 -28.23 38.02 28.26
CA GLN O 110 -28.09 38.67 26.97
C GLN O 110 -28.58 37.76 25.86
N PRO O 111 -28.93 38.30 24.68
CA PRO O 111 -29.42 37.44 23.61
C PRO O 111 -28.37 36.46 23.10
N LEU O 112 -28.86 35.27 22.77
CA LEU O 112 -28.10 34.26 22.07
C LEU O 112 -28.45 34.33 20.59
N GLY O 113 -27.56 33.83 19.77
CA GLY O 113 -27.82 33.83 18.34
C GLY O 113 -26.84 32.96 17.63
N GLY O 114 -26.56 33.31 16.39
CA GLY O 114 -25.56 32.61 15.62
C GLY O 114 -25.09 33.46 14.48
N VAL O 115 -23.78 33.47 14.27
CA VAL O 115 -23.18 34.11 13.12
C VAL O 115 -22.91 33.03 12.08
N THR O 116 -23.14 33.38 10.82
CA THR O 116 -22.92 32.45 9.72
C THR O 116 -22.74 33.26 8.44
N GLY O 117 -22.17 32.61 7.44
CA GLY O 117 -22.02 33.23 6.16
C GLY O 117 -20.67 33.91 6.00
N SER O 118 -20.63 34.82 5.03
CA SER O 118 -19.41 35.51 4.70
C SER O 118 -19.09 36.57 5.73
N ALA O 119 -17.88 37.12 5.64
CA ALA O 119 -17.45 38.12 6.62
C ALA O 119 -18.23 39.40 6.49
N ALA O 120 -18.71 39.72 5.29
CA ALA O 120 -19.55 40.89 5.11
C ALA O 120 -20.95 40.66 5.65
N ASP O 121 -21.42 39.40 5.61
CA ASP O 121 -22.70 39.08 6.22
C ASP O 121 -22.62 39.12 7.73
N ILE O 122 -21.53 38.60 8.29
CA ILE O 122 -21.38 38.53 9.75
C ILE O 122 -21.16 39.91 10.34
N ALA O 123 -20.52 40.82 9.60
CA ALA O 123 -20.38 42.19 10.05
C ALA O 123 -21.73 42.88 10.15
N ILE O 124 -22.66 42.49 9.29
CA ILE O 124 -24.02 43.01 9.35
C ILE O 124 -24.78 42.35 10.49
N GLN O 125 -24.60 41.05 10.68
CA GLN O 125 -25.22 40.33 11.77
C GLN O 125 -24.76 40.87 13.12
N ALA O 126 -23.45 41.10 13.27
CA ALA O 126 -22.93 41.66 14.50
C ALA O 126 -23.40 43.09 14.73
N GLU O 127 -23.52 43.86 13.65
CA GLU O 127 -24.05 45.21 13.77
C GLU O 127 -25.50 45.16 14.23
N GLN O 128 -26.24 44.17 13.75
CA GLN O 128 -27.62 44.02 14.19
C GLN O 128 -27.71 43.35 15.54
N PHE O 129 -26.72 42.53 15.89
CA PHE O 129 -26.70 41.96 17.23
C PHE O 129 -26.43 43.03 18.27
N ALA O 130 -25.63 44.03 17.91
CA ALA O 130 -25.41 45.15 18.81
C ALA O 130 -26.67 46.01 18.92
N VAL O 131 -27.47 46.05 17.87
CA VAL O 131 -28.71 46.84 17.91
C VAL O 131 -29.76 46.11 18.74
N ILE O 132 -29.87 44.79 18.57
CA ILE O 132 -30.84 44.01 19.33
C ILE O 132 -30.47 43.99 20.81
N LYS O 133 -29.19 43.83 21.12
CA LYS O 133 -28.79 43.70 22.51
C LYS O 133 -28.88 45.04 23.24
N LYS O 134 -28.63 46.14 22.53
CA LYS O 134 -28.81 47.45 23.13
C LYS O 134 -30.29 47.75 23.35
N GLU O 135 -31.14 47.29 22.44
CA GLU O 135 -32.57 47.54 22.57
C GLU O 135 -33.21 46.64 23.61
N MET O 136 -32.76 45.39 23.69
CA MET O 136 -33.25 44.48 24.73
C MET O 136 -32.77 44.93 26.10
N PHE O 137 -31.59 45.50 26.20
CA PHE O 137 -31.13 45.96 27.49
C PHE O 137 -31.77 47.28 27.87
N ARG O 138 -32.11 48.10 26.88
CA ARG O 138 -32.79 49.36 27.14
C ARG O 138 -34.19 49.10 27.69
N LEU O 139 -34.87 48.09 27.17
CA LEU O 139 -36.22 47.82 27.62
C LEU O 139 -36.23 47.13 28.97
N ASN O 140 -35.31 46.19 29.20
CA ASN O 140 -35.15 45.62 30.53
C ASN O 140 -34.73 46.67 31.55
N ALA O 141 -33.97 47.68 31.14
CA ALA O 141 -33.70 48.78 32.05
C ALA O 141 -34.94 49.63 32.25
N GLU O 142 -35.77 49.77 31.23
CA GLU O 142 -37.01 50.53 31.37
C GLU O 142 -38.04 49.77 32.20
N PHE O 143 -38.10 48.46 32.01
CA PHE O 143 -39.06 47.63 32.74
C PHE O 143 -38.73 47.58 34.21
N THR O 144 -37.51 47.15 34.53
CA THR O 144 -37.09 46.94 35.90
C THR O 144 -36.79 48.23 36.62
N GLY O 145 -36.53 49.30 35.89
CA GLY O 145 -36.09 50.52 36.55
C GLY O 145 -34.63 50.50 36.94
N GLN O 146 -33.90 49.49 36.49
CA GLN O 146 -32.48 49.40 36.73
C GLN O 146 -31.76 50.29 35.73
N PRO O 147 -30.52 50.68 36.01
CA PRO O 147 -29.72 51.35 34.97
C PRO O 147 -29.41 50.38 33.83
N ILE O 148 -29.15 50.94 32.65
CA ILE O 148 -28.85 50.07 31.52
C ILE O 148 -27.49 49.42 31.70
N GLU O 149 -26.57 50.08 32.43
CA GLU O 149 -25.28 49.47 32.74
C GLU O 149 -25.44 48.34 33.74
N ARG O 150 -26.43 48.45 34.63
CA ARG O 150 -26.74 47.34 35.53
C ARG O 150 -27.30 46.16 34.76
N ILE O 151 -28.15 46.42 33.77
CA ILE O 151 -28.72 45.34 32.96
C ILE O 151 -27.64 44.72 32.08
N GLU O 152 -26.75 45.53 31.52
CA GLU O 152 -25.64 45.02 30.71
C GLU O 152 -24.73 44.10 31.51
N ALA O 153 -24.35 44.49 32.72
CA ALA O 153 -23.44 43.70 33.52
C ALA O 153 -24.11 42.43 34.02
N ASP O 154 -25.39 42.51 34.36
CA ASP O 154 -26.07 41.37 34.94
C ASP O 154 -26.51 40.35 33.90
N SER O 155 -26.84 40.79 32.70
CA SER O 155 -27.28 39.89 31.65
C SER O 155 -26.12 39.28 30.89
N ASP O 156 -24.88 39.55 31.28
CA ASP O 156 -23.72 39.13 30.52
C ASP O 156 -23.64 37.62 30.41
N ARG O 157 -23.93 36.93 31.50
CA ARG O 157 -24.21 35.51 31.45
C ARG O 157 -25.56 35.33 32.13
N ASP O 158 -25.94 34.08 32.37
CA ASP O 158 -27.20 33.79 33.01
C ASP O 158 -27.24 34.38 34.41
N ARG O 159 -28.24 35.21 34.67
CA ARG O 159 -28.46 35.67 36.03
C ARG O 159 -29.84 35.22 36.45
N TRP O 160 -29.88 34.39 37.48
CA TRP O 160 -31.11 33.83 37.96
C TRP O 160 -31.67 34.67 39.09
N PHE O 161 -32.98 34.67 39.17
CA PHE O 161 -33.70 35.40 40.18
C PHE O 161 -34.71 34.47 40.81
N THR O 162 -34.88 34.59 42.11
CA THR O 162 -36.06 34.02 42.72
C THR O 162 -37.20 35.01 42.54
N ALA O 163 -38.35 34.69 43.11
CA ALA O 163 -39.45 35.64 43.06
C ALA O 163 -39.13 36.89 43.86
N ALA O 164 -38.53 36.71 45.04
CA ALA O 164 -38.19 37.85 45.89
C ALA O 164 -37.04 38.66 45.31
N GLU O 165 -36.12 38.00 44.61
CA GLU O 165 -35.03 38.73 43.98
C GLU O 165 -35.51 39.47 42.74
N ALA O 166 -36.47 38.90 42.02
CA ALA O 166 -37.04 39.59 40.86
C ALA O 166 -37.92 40.76 41.28
N LEU O 167 -38.52 40.67 42.46
CA LEU O 167 -39.26 41.80 43.00
C LEU O 167 -38.35 42.96 43.34
N GLU O 168 -37.20 42.68 43.94
CA GLU O 168 -36.25 43.72 44.27
C GLU O 168 -35.60 44.29 43.03
N TYR O 169 -35.38 43.47 42.02
CA TYR O 169 -34.66 43.90 40.83
C TYR O 169 -35.57 44.71 39.94
N GLY O 170 -36.84 44.35 39.86
CA GLY O 170 -37.81 45.16 39.17
C GLY O 170 -38.60 44.46 38.09
N PHE O 171 -38.39 43.16 37.90
CA PHE O 171 -39.12 42.43 36.87
C PHE O 171 -40.60 42.33 37.19
N VAL O 172 -40.94 42.10 38.44
CA VAL O 172 -42.32 41.99 38.86
C VAL O 172 -42.59 43.07 39.87
N ASP O 173 -43.87 43.28 40.14
CA ASP O 173 -44.32 44.30 41.06
C ASP O 173 -44.85 43.72 42.34
N HIS O 174 -45.29 42.46 42.32
CA HIS O 174 -45.84 41.82 43.51
C HIS O 174 -45.45 40.34 43.46
N ILE O 175 -45.43 39.74 44.63
CA ILE O 175 -45.33 38.29 44.77
C ILE O 175 -46.68 37.86 45.31
N ILE O 176 -47.38 37.01 44.57
CA ILE O 176 -48.71 36.60 44.98
C ILE O 176 -48.58 35.58 46.10
N THR O 177 -49.20 35.87 47.24
CA THR O 177 -49.22 34.93 48.35
C THR O 177 -50.64 34.91 48.89
N ARG O 178 -51.42 33.95 48.44
CA ARG O 178 -52.83 33.88 48.81
C ARG O 178 -53.04 32.86 49.93
N SER P 1 -63.67 12.00 10.23
CA SER P 1 -63.11 11.48 8.98
C SER P 1 -64.21 10.92 8.09
N LEU P 2 -63.94 10.86 6.78
CA LEU P 2 -64.88 10.20 5.88
C LEU P 2 -64.83 8.70 6.05
N THR P 3 -63.62 8.14 6.12
CA THR P 3 -63.44 6.70 6.24
C THR P 3 -64.05 6.17 7.53
N ASP P 4 -63.92 6.93 8.62
CA ASP P 4 -64.61 6.57 9.85
C ASP P 4 -66.11 6.78 9.73
N SER P 5 -66.56 7.71 8.89
CA SER P 5 -67.99 7.96 8.77
C SER P 5 -68.68 6.84 8.00
N VAL P 6 -68.01 6.29 6.99
CA VAL P 6 -68.60 5.20 6.23
C VAL P 6 -68.60 3.93 7.07
N TYR P 7 -67.54 3.72 7.84
CA TYR P 7 -67.48 2.59 8.76
C TYR P 7 -68.47 2.73 9.89
N GLU P 8 -68.76 3.96 10.32
CA GLU P 8 -69.78 4.16 11.35
C GLU P 8 -71.17 3.88 10.81
N ARG P 9 -71.42 4.27 9.56
CA ARG P 9 -72.72 3.99 8.97
C ARG P 9 -72.89 2.53 8.62
N LEU P 10 -71.79 1.81 8.40
CA LEU P 10 -71.91 0.37 8.24
C LEU P 10 -71.90 -0.37 9.56
N LEU P 11 -71.35 0.24 10.61
CA LEU P 11 -71.54 -0.28 11.95
C LEU P 11 -73.00 -0.19 12.37
N SER P 12 -73.71 0.84 11.90
CA SER P 12 -75.14 0.92 12.16
C SER P 12 -75.91 -0.16 11.42
N GLU P 13 -75.39 -0.62 10.28
CA GLU P 13 -75.99 -1.71 9.54
C GLU P 13 -75.38 -3.05 9.92
N ARG P 14 -74.63 -3.09 11.03
CA ARG P 14 -74.05 -4.29 11.62
C ARG P 14 -73.04 -4.94 10.68
N ILE P 15 -72.30 -4.12 9.96
CA ILE P 15 -71.28 -4.54 9.02
C ILE P 15 -69.96 -4.01 9.55
N ILE P 16 -69.09 -4.90 9.99
CA ILE P 16 -67.79 -4.50 10.50
C ILE P 16 -66.72 -5.06 9.59
N PHE P 17 -65.55 -4.45 9.65
CA PHE P 17 -64.47 -4.74 8.72
C PHE P 17 -63.22 -5.13 9.48
N LEU P 18 -62.69 -6.31 9.15
CA LEU P 18 -61.32 -6.67 9.45
C LEU P 18 -60.56 -6.38 8.17
N GLY P 19 -59.99 -5.19 8.08
CA GLY P 19 -59.40 -4.75 6.84
C GLY P 19 -57.91 -4.55 6.90
N SER P 20 -57.29 -4.81 8.04
CA SER P 20 -55.87 -4.61 8.21
C SER P 20 -55.26 -5.90 8.71
N GLU P 21 -54.00 -5.84 9.09
CA GLU P 21 -53.43 -6.95 9.84
C GLU P 21 -54.09 -7.01 11.21
N VAL P 22 -54.21 -8.22 11.74
CA VAL P 22 -54.84 -8.39 13.04
C VAL P 22 -53.78 -8.13 14.10
N ASN P 23 -53.63 -6.88 14.48
CA ASN P 23 -52.83 -6.53 15.64
C ASN P 23 -53.79 -6.29 16.79
N ASP P 24 -53.27 -5.90 17.95
CA ASP P 24 -54.13 -5.71 19.11
C ASP P 24 -55.03 -4.50 18.97
N GLU P 25 -54.64 -3.50 18.18
CA GLU P 25 -55.48 -2.32 18.02
C GLU P 25 -56.70 -2.62 17.17
N ILE P 26 -56.52 -3.31 16.05
CA ILE P 26 -57.63 -3.68 15.19
C ILE P 26 -58.49 -4.75 15.85
N ALA P 27 -57.88 -5.60 16.65
CA ALA P 27 -58.64 -6.64 17.34
C ALA P 27 -59.52 -6.06 18.42
N ASN P 28 -59.00 -5.10 19.18
CA ASN P 28 -59.76 -4.54 20.28
C ASN P 28 -60.91 -3.70 19.78
N ARG P 29 -60.75 -3.03 18.64
CA ARG P 29 -61.89 -2.28 18.10
C ARG P 29 -62.90 -3.21 17.45
N LEU P 30 -62.46 -4.34 16.89
CA LEU P 30 -63.43 -5.32 16.42
C LEU P 30 -64.14 -6.00 17.57
N CYS P 31 -63.42 -6.33 18.63
CA CYS P 31 -64.05 -6.87 19.83
C CYS P 31 -64.99 -5.87 20.45
N ALA P 32 -64.62 -4.59 20.40
CA ALA P 32 -65.51 -3.55 20.89
C ALA P 32 -66.74 -3.42 20.01
N GLN P 33 -66.57 -3.53 18.70
CA GLN P 33 -67.71 -3.43 17.80
C GLN P 33 -68.62 -4.64 17.92
N ILE P 34 -68.07 -5.83 18.14
CA ILE P 34 -68.92 -7.00 18.33
C ILE P 34 -69.64 -6.91 19.67
N LEU P 35 -68.96 -6.43 20.71
CA LEU P 35 -69.62 -6.21 21.99
C LEU P 35 -70.65 -5.10 21.90
N LEU P 36 -70.41 -4.10 21.04
CA LEU P 36 -71.38 -3.03 20.90
C LEU P 36 -72.59 -3.49 20.11
N LEU P 37 -72.37 -4.25 19.04
CA LEU P 37 -73.48 -4.68 18.20
C LEU P 37 -74.29 -5.78 18.84
N ALA P 38 -73.66 -6.65 19.64
CA ALA P 38 -74.42 -7.65 20.36
C ALA P 38 -75.20 -7.04 21.52
N ALA P 39 -74.77 -5.88 22.00
CA ALA P 39 -75.55 -5.19 23.02
C ALA P 39 -76.76 -4.50 22.42
N GLU P 40 -76.65 -4.02 21.18
CA GLU P 40 -77.79 -3.37 20.53
C GLU P 40 -78.85 -4.39 20.17
N ASP P 41 -78.51 -5.34 19.31
CA ASP P 41 -79.39 -6.45 19.00
C ASP P 41 -78.63 -7.74 19.17
N ALA P 42 -79.19 -8.65 19.97
CA ALA P 42 -78.58 -9.94 20.21
C ALA P 42 -79.07 -10.98 19.23
N SER P 43 -79.89 -10.58 18.25
CA SER P 43 -80.52 -11.52 17.35
C SER P 43 -80.24 -11.21 15.89
N LYS P 44 -79.75 -10.02 15.58
CA LYS P 44 -79.40 -9.66 14.22
C LYS P 44 -77.94 -10.00 13.97
N ASP P 45 -77.65 -10.55 12.81
CA ASP P 45 -76.31 -11.02 12.49
C ASP P 45 -75.35 -9.85 12.30
N ILE P 46 -74.10 -10.08 12.65
CA ILE P 46 -73.03 -9.14 12.37
C ILE P 46 -72.31 -9.65 11.14
N SER P 47 -72.15 -8.78 10.15
CA SER P 47 -71.39 -9.10 8.95
C SER P 47 -69.95 -8.65 9.16
N LEU P 48 -69.03 -9.60 9.17
CA LEU P 48 -67.60 -9.30 9.30
C LEU P 48 -66.95 -9.49 7.95
N TYR P 49 -66.69 -8.39 7.25
CA TYR P 49 -65.97 -8.43 6.00
C TYR P 49 -64.48 -8.44 6.29
N ILE P 50 -63.78 -9.41 5.73
CA ILE P 50 -62.39 -9.66 6.07
C ILE P 50 -61.54 -9.46 4.84
N ASN P 51 -60.69 -8.43 4.88
CA ASN P 51 -59.65 -8.21 3.88
C ASN P 51 -58.37 -8.08 4.70
N SER P 52 -57.81 -9.22 5.08
CA SER P 52 -56.78 -9.18 6.08
C SER P 52 -55.61 -10.04 5.66
N PRO P 53 -54.39 -9.55 5.80
CA PRO P 53 -53.21 -10.40 5.58
C PRO P 53 -52.85 -11.27 6.77
N GLY P 54 -53.73 -11.39 7.75
CA GLY P 54 -53.41 -12.10 8.96
C GLY P 54 -52.72 -11.20 9.95
N GLY P 55 -52.51 -11.71 11.15
CA GLY P 55 -51.83 -10.93 12.16
C GLY P 55 -51.53 -11.76 13.37
N SER P 56 -51.66 -11.13 14.53
CA SER P 56 -51.33 -11.79 15.79
C SER P 56 -52.34 -12.86 16.11
N ILE P 57 -51.87 -13.99 16.63
CA ILE P 57 -52.77 -15.07 17.01
C ILE P 57 -53.64 -14.63 18.18
N SER P 58 -53.02 -14.06 19.22
CA SER P 58 -53.77 -13.66 20.41
C SER P 58 -54.71 -12.50 20.15
N ALA P 59 -54.37 -11.65 19.18
CA ALA P 59 -55.30 -10.62 18.76
C ALA P 59 -56.49 -11.24 18.03
N GLY P 60 -56.23 -12.19 17.15
CA GLY P 60 -57.32 -12.84 16.47
C GLY P 60 -58.09 -13.80 17.35
N MET P 61 -57.44 -14.34 18.38
CA MET P 61 -58.16 -15.13 19.37
C MET P 61 -59.06 -14.28 20.22
N ALA P 62 -58.71 -13.01 20.42
CA ALA P 62 -59.62 -12.09 21.08
C ALA P 62 -60.85 -11.87 20.22
N ILE P 63 -60.67 -11.70 18.91
CA ILE P 63 -61.79 -11.53 18.00
C ILE P 63 -62.63 -12.80 17.93
N TYR P 64 -61.96 -13.94 17.81
CA TYR P 64 -62.64 -15.23 17.73
C TYR P 64 -63.43 -15.54 18.98
N ASP P 65 -62.92 -15.18 20.15
CA ASP P 65 -63.69 -15.35 21.36
C ASP P 65 -64.87 -14.40 21.41
N THR P 66 -64.68 -13.17 20.94
CA THR P 66 -65.77 -12.21 20.94
C THR P 66 -66.81 -12.58 19.90
N MET P 67 -66.38 -13.22 18.81
CA MET P 67 -67.32 -13.73 17.81
C MET P 67 -68.16 -14.87 18.36
N VAL P 68 -67.53 -15.82 19.04
CA VAL P 68 -68.26 -16.98 19.56
C VAL P 68 -69.15 -16.57 20.72
N LEU P 69 -68.64 -15.73 21.61
CA LEU P 69 -69.41 -15.35 22.78
C LEU P 69 -70.46 -14.32 22.47
N ALA P 70 -70.47 -13.75 21.28
CA ALA P 70 -71.57 -12.90 20.89
C ALA P 70 -72.82 -13.75 20.71
N PRO P 71 -73.95 -13.35 21.27
CA PRO P 71 -75.19 -14.14 21.12
C PRO P 71 -75.74 -14.11 19.70
N CYS P 72 -75.30 -13.18 18.88
CA CYS P 72 -75.70 -13.08 17.50
C CYS P 72 -74.69 -13.77 16.61
N ASP P 73 -75.15 -14.21 15.44
CA ASP P 73 -74.27 -14.90 14.51
C ASP P 73 -73.33 -13.91 13.85
N ILE P 74 -72.08 -14.32 13.64
CA ILE P 74 -71.11 -13.50 12.95
C ILE P 74 -70.98 -14.07 11.55
N ALA P 75 -71.59 -13.41 10.58
CA ALA P 75 -71.39 -13.78 9.19
C ALA P 75 -70.06 -13.23 8.74
N THR P 76 -69.15 -14.10 8.32
CA THR P 76 -67.86 -13.64 7.84
C THR P 76 -67.82 -13.67 6.33
N TYR P 77 -67.04 -12.76 5.77
CA TYR P 77 -66.98 -12.52 4.34
C TYR P 77 -65.54 -12.37 3.95
N ALA P 78 -65.00 -13.32 3.22
CA ALA P 78 -63.66 -13.19 2.66
C ALA P 78 -63.74 -12.20 1.53
N MET P 79 -63.14 -11.04 1.70
CA MET P 79 -63.23 -9.96 0.74
C MET P 79 -61.82 -9.69 0.24
N GLY P 80 -61.45 -10.30 -0.87
CA GLY P 80 -60.13 -10.09 -1.41
C GLY P 80 -59.06 -11.00 -0.82
N MET P 81 -58.86 -10.92 0.48
CA MET P 81 -57.78 -11.66 1.13
C MET P 81 -58.21 -12.07 2.53
N ALA P 82 -58.11 -13.37 2.80
CA ALA P 82 -58.35 -13.87 4.17
C ALA P 82 -57.13 -14.71 4.47
N ALA P 83 -56.02 -14.07 4.84
CA ALA P 83 -54.78 -14.83 5.02
C ALA P 83 -54.45 -15.01 6.50
N SER P 84 -53.80 -16.11 6.86
CA SER P 84 -53.32 -16.29 8.26
C SER P 84 -54.48 -16.10 9.24
N MET P 85 -54.34 -15.17 10.17
CA MET P 85 -55.41 -14.93 11.17
C MET P 85 -56.66 -14.45 10.42
N GLY P 86 -56.53 -14.00 9.17
CA GLY P 86 -57.75 -13.57 8.52
C GLY P 86 -58.56 -14.72 7.97
N GLU P 87 -57.88 -15.80 7.58
CA GLU P 87 -58.62 -17.01 7.20
C GLU P 87 -59.20 -17.69 8.41
N PHE P 88 -58.51 -17.56 9.55
CA PHE P 88 -58.96 -18.16 10.78
C PHE P 88 -60.27 -17.55 11.22
N LEU P 89 -60.31 -16.22 11.27
CA LEU P 89 -61.52 -15.50 11.64
C LEU P 89 -62.61 -15.62 10.59
N LEU P 90 -62.24 -15.79 9.33
CA LEU P 90 -63.18 -16.15 8.29
C LEU P 90 -63.82 -17.48 8.57
N ALA P 91 -63.00 -18.50 8.79
CA ALA P 91 -63.51 -19.82 9.10
C ALA P 91 -64.11 -19.89 10.50
N ALA P 92 -63.83 -18.91 11.34
CA ALA P 92 -64.41 -18.83 12.67
C ALA P 92 -65.83 -18.30 12.68
N GLY P 93 -66.35 -17.87 11.55
CA GLY P 93 -67.72 -17.38 11.49
C GLY P 93 -68.73 -18.48 11.76
N THR P 94 -69.97 -18.05 11.89
CA THR P 94 -71.07 -18.98 12.12
C THR P 94 -71.21 -19.89 10.91
N LYS P 95 -71.29 -21.19 11.15
CA LYS P 95 -71.38 -22.13 10.05
C LYS P 95 -72.72 -21.98 9.33
N GLY P 96 -72.67 -22.02 8.01
CA GLY P 96 -73.76 -21.58 7.18
C GLY P 96 -73.68 -20.13 6.80
N LYS P 97 -72.82 -19.35 7.47
CA LYS P 97 -72.73 -17.93 7.26
C LYS P 97 -71.30 -17.48 7.01
N ARG P 98 -70.44 -18.38 6.58
CA ARG P 98 -69.08 -18.02 6.21
C ARG P 98 -69.04 -17.91 4.70
N TYR P 99 -68.71 -16.74 4.20
CA TYR P 99 -68.81 -16.45 2.79
C TYR P 99 -67.45 -16.08 2.24
N ALA P 100 -67.19 -16.47 1.01
CA ALA P 100 -66.09 -15.94 0.26
C ALA P 100 -66.66 -15.20 -0.92
N LEU P 101 -66.20 -13.98 -1.13
CA LEU P 101 -66.51 -13.31 -2.36
C LEU P 101 -65.69 -13.99 -3.46
N PRO P 102 -66.22 -14.11 -4.68
CA PRO P 102 -65.71 -15.15 -5.59
C PRO P 102 -64.29 -14.98 -6.09
N HIS P 103 -63.64 -13.87 -5.79
CA HIS P 103 -62.24 -13.67 -6.17
C HIS P 103 -61.39 -13.38 -4.94
N ALA P 104 -61.90 -13.72 -3.76
CA ALA P 104 -61.09 -13.66 -2.56
C ALA P 104 -60.14 -14.83 -2.53
N ARG P 105 -59.03 -14.65 -1.84
CA ARG P 105 -58.03 -15.68 -1.71
C ARG P 105 -57.83 -15.96 -0.23
N ILE P 106 -57.67 -17.23 0.09
CA ILE P 106 -57.53 -17.68 1.46
C ILE P 106 -56.16 -18.31 1.60
N LEU P 107 -55.38 -17.81 2.53
CA LEU P 107 -54.04 -18.32 2.81
C LEU P 107 -54.01 -18.94 4.19
N MET P 108 -53.89 -20.26 4.24
CA MET P 108 -53.73 -20.97 5.49
C MET P 108 -52.29 -21.40 5.64
N HIS P 109 -51.67 -21.03 6.75
CA HIS P 109 -50.33 -21.50 7.05
C HIS P 109 -50.16 -21.57 8.56
N GLN P 110 -49.10 -22.24 8.96
CA GLN P 110 -48.78 -22.38 10.38
C GLN P 110 -48.35 -21.03 10.95
N PRO P 111 -48.40 -20.85 12.28
CA PRO P 111 -48.00 -19.57 12.85
C PRO P 111 -46.52 -19.24 12.65
N LEU P 112 -46.27 -17.97 12.41
CA LEU P 112 -44.93 -17.42 12.40
C LEU P 112 -44.67 -16.78 13.76
N GLY P 113 -43.41 -16.62 14.09
CA GLY P 113 -43.07 -16.00 15.35
C GLY P 113 -41.61 -15.66 15.39
N GLY P 114 -41.06 -15.67 16.59
CA GLY P 114 -39.65 -15.44 16.76
C GLY P 114 -39.19 -15.97 18.09
N VAL P 115 -38.06 -16.65 18.07
CA VAL P 115 -37.40 -17.08 19.30
C VAL P 115 -36.30 -16.09 19.62
N THR P 116 -36.15 -15.78 20.91
CA THR P 116 -35.14 -14.85 21.36
C THR P 116 -34.86 -15.13 22.82
N GLY P 117 -33.72 -14.63 23.28
CA GLY P 117 -33.37 -14.74 24.67
C GLY P 117 -32.52 -15.97 24.95
N SER P 118 -32.51 -16.35 26.21
CA SER P 118 -31.68 -17.45 26.67
C SER P 118 -32.29 -18.78 26.25
N ALA P 119 -31.52 -19.85 26.42
CA ALA P 119 -31.99 -21.17 26.02
C ALA P 119 -33.15 -21.65 26.88
N ALA P 120 -33.20 -21.21 28.13
CA ALA P 120 -34.33 -21.55 28.98
C ALA P 120 -35.56 -20.76 28.61
N ASP P 121 -35.37 -19.55 28.09
CA ASP P 121 -36.51 -18.78 27.60
C ASP P 121 -37.05 -19.35 26.31
N ILE P 122 -36.16 -19.78 25.41
CA ILE P 122 -36.57 -20.30 24.11
C ILE P 122 -37.22 -21.66 24.25
N ALA P 123 -36.82 -22.44 25.25
CA ALA P 123 -37.49 -23.72 25.51
C ALA P 123 -38.92 -23.50 25.96
N ILE P 124 -39.17 -22.39 26.64
CA ILE P 124 -40.53 -22.02 27.04
C ILE P 124 -41.30 -21.49 25.84
N GLN P 125 -40.64 -20.68 25.01
CA GLN P 125 -41.27 -20.15 23.81
C GLN P 125 -41.64 -21.27 22.86
N ALA P 126 -40.76 -22.24 22.66
CA ALA P 126 -41.06 -23.38 21.80
C ALA P 126 -42.15 -24.25 22.38
N GLU P 127 -42.17 -24.40 23.69
CA GLU P 127 -43.23 -25.15 24.34
C GLU P 127 -44.56 -24.45 24.13
N GLN P 128 -44.55 -23.12 24.15
CA GLN P 128 -45.77 -22.38 23.92
C GLN P 128 -46.06 -22.27 22.43
N PHE P 129 -45.04 -22.33 21.58
CA PHE P 129 -45.29 -22.37 20.15
C PHE P 129 -45.94 -23.68 19.74
N ALA P 130 -45.60 -24.76 20.43
CA ALA P 130 -46.27 -26.02 20.19
C ALA P 130 -47.71 -26.00 20.69
N VAL P 131 -47.97 -25.22 21.73
CA VAL P 131 -49.33 -25.11 22.26
C VAL P 131 -50.18 -24.26 21.34
N ILE P 132 -49.63 -23.15 20.85
CA ILE P 132 -50.36 -22.26 19.96
C ILE P 132 -50.63 -22.95 18.63
N LYS P 133 -49.65 -23.67 18.09
CA LYS P 133 -49.81 -24.27 16.77
C LYS P 133 -50.76 -25.45 16.83
N LYS P 134 -50.76 -26.19 17.94
CA LYS P 134 -51.71 -27.27 18.10
C LYS P 134 -53.12 -26.73 18.28
N GLU P 135 -53.26 -25.59 18.95
CA GLU P 135 -54.58 -25.02 19.18
C GLU P 135 -55.10 -24.33 17.92
N MET P 136 -54.22 -23.67 17.18
CA MET P 136 -54.62 -23.07 15.91
C MET P 136 -54.97 -24.12 14.89
N PHE P 137 -54.30 -25.26 14.92
CA PHE P 137 -54.63 -26.30 13.96
C PHE P 137 -55.87 -27.05 14.38
N ARG P 138 -56.13 -27.14 15.69
CA ARG P 138 -57.33 -27.79 16.17
C ARG P 138 -58.57 -27.00 15.78
N LEU P 139 -58.47 -25.68 15.84
CA LEU P 139 -59.63 -24.85 15.51
C LEU P 139 -59.84 -24.78 14.01
N ASN P 140 -58.78 -24.68 13.22
CA ASN P 140 -58.93 -24.78 11.76
C ASN P 140 -59.43 -26.15 11.34
N ALA P 141 -59.10 -27.20 12.09
CA ALA P 141 -59.72 -28.49 11.81
C ALA P 141 -61.18 -28.49 12.23
N GLU P 142 -61.51 -27.78 13.30
CA GLU P 142 -62.90 -27.70 13.73
C GLU P 142 -63.72 -26.82 12.81
N PHE P 143 -63.14 -25.74 12.32
CA PHE P 143 -63.83 -24.82 11.44
C PHE P 143 -64.12 -25.46 10.09
N THR P 144 -63.06 -25.93 9.44
CA THR P 144 -63.15 -26.47 8.10
C THR P 144 -63.75 -27.86 8.07
N GLY P 145 -63.75 -28.57 9.18
CA GLY P 145 -64.16 -29.95 9.16
C GLY P 145 -63.13 -30.89 8.60
N GLN P 146 -61.92 -30.41 8.38
CA GLN P 146 -60.82 -31.22 7.93
C GLN P 146 -60.23 -31.95 9.12
N PRO P 147 -59.52 -33.05 8.90
CA PRO P 147 -58.75 -33.66 9.99
C PRO P 147 -57.65 -32.73 10.46
N ILE P 148 -57.21 -32.90 11.71
CA ILE P 148 -56.15 -32.04 12.20
C ILE P 148 -54.83 -32.40 11.52
N GLU P 149 -54.67 -33.65 11.09
CA GLU P 149 -53.48 -34.03 10.35
C GLU P 149 -53.49 -33.43 8.94
N ARG P 150 -54.68 -33.24 8.38
CA ARG P 150 -54.80 -32.53 7.11
C ARG P 150 -54.44 -31.06 7.27
N ILE P 151 -54.86 -30.44 8.37
CA ILE P 151 -54.53 -29.04 8.62
C ILE P 151 -53.04 -28.89 8.90
N GLU P 152 -52.46 -29.83 9.66
CA GLU P 152 -51.02 -29.80 9.94
C GLU P 152 -50.19 -29.89 8.67
N ALA P 153 -50.53 -30.81 7.78
CA ALA P 153 -49.75 -30.99 6.56
C ALA P 153 -49.93 -29.83 5.60
N ASP P 154 -51.14 -29.27 5.53
CA ASP P 154 -51.41 -28.23 4.57
C ASP P 154 -50.92 -26.86 5.03
N SER P 155 -50.91 -26.60 6.33
CA SER P 155 -50.46 -25.32 6.84
C SER P 155 -48.97 -25.26 7.03
N ASP P 156 -48.23 -26.30 6.64
CA ASP P 156 -46.80 -26.39 6.93
C ASP P 156 -46.04 -25.27 6.25
N ARG P 157 -46.39 -24.95 5.03
CA ARG P 157 -45.97 -23.71 4.41
C ARG P 157 -47.25 -23.03 3.93
N ASP P 158 -47.11 -21.96 3.17
CA ASP P 158 -48.26 -21.24 2.66
C ASP P 158 -49.09 -22.13 1.76
N ARG P 159 -50.36 -22.28 2.09
CA ARG P 159 -51.28 -22.95 1.18
C ARG P 159 -52.36 -21.97 0.80
N TRP P 160 -52.42 -21.68 -0.49
CA TRP P 160 -53.36 -20.72 -1.00
C TRP P 160 -54.63 -21.40 -1.48
N PHE P 161 -55.72 -20.68 -1.36
CA PHE P 161 -57.03 -21.17 -1.76
C PHE P 161 -57.67 -20.11 -2.62
N THR P 162 -58.37 -20.55 -3.65
CA THR P 162 -59.31 -19.65 -4.28
C THR P 162 -60.59 -19.67 -3.46
N ALA P 163 -61.62 -18.98 -3.95
CA ALA P 163 -62.90 -19.04 -3.27
C ALA P 163 -63.49 -20.43 -3.39
N ALA P 164 -63.41 -21.04 -4.58
CA ALA P 164 -63.95 -22.37 -4.80
C ALA P 164 -63.15 -23.43 -4.07
N GLU P 165 -61.84 -23.23 -3.93
CA GLU P 165 -61.03 -24.19 -3.18
C GLU P 165 -61.26 -24.06 -1.68
N ALA P 166 -61.51 -22.84 -1.21
CA ALA P 166 -61.83 -22.65 0.20
C ALA P 166 -63.20 -23.17 0.55
N LEU P 167 -64.12 -23.17 -0.42
CA LEU P 167 -65.43 -23.77 -0.22
C LEU P 167 -65.33 -25.27 -0.07
N GLU P 168 -64.51 -25.91 -0.89
CA GLU P 168 -64.33 -27.35 -0.79
C GLU P 168 -63.56 -27.73 0.46
N TYR P 169 -62.63 -26.89 0.88
CA TYR P 169 -61.78 -27.23 2.01
C TYR P 169 -62.52 -27.02 3.31
N GLY P 170 -63.36 -25.99 3.38
CA GLY P 170 -64.24 -25.83 4.51
C GLY P 170 -64.14 -24.50 5.21
N PHE P 171 -63.33 -23.57 4.70
CA PHE P 171 -63.20 -22.26 5.33
C PHE P 171 -64.48 -21.46 5.22
N VAL P 172 -65.15 -21.51 4.08
CA VAL P 172 -66.37 -20.78 3.87
C VAL P 172 -67.46 -21.78 3.57
N ASP P 173 -68.69 -21.30 3.63
CA ASP P 173 -69.86 -22.12 3.42
C ASP P 173 -70.54 -21.81 2.10
N HIS P 174 -70.35 -20.61 1.57
CA HIS P 174 -70.96 -20.21 0.31
C HIS P 174 -69.99 -19.31 -0.43
N ILE P 175 -70.15 -19.26 -1.74
CA ILE P 175 -69.50 -18.28 -2.58
C ILE P 175 -70.60 -17.36 -3.06
N ILE P 176 -70.52 -16.08 -2.74
CA ILE P 176 -71.57 -15.16 -3.12
C ILE P 176 -71.45 -14.84 -4.59
N THR P 177 -72.52 -15.08 -5.34
CA THR P 177 -72.56 -14.75 -6.74
C THR P 177 -73.92 -14.11 -7.01
N ARG P 178 -73.95 -12.79 -6.99
CA ARG P 178 -75.19 -12.06 -7.14
C ARG P 178 -75.35 -11.55 -8.57
N SER Q 1 -62.37 17.56 7.84
CA SER Q 1 -61.50 18.00 6.75
C SER Q 1 -62.31 18.53 5.58
N LEU Q 2 -61.70 19.39 4.77
CA LEU Q 2 -62.37 19.82 3.55
C LEU Q 2 -62.39 18.71 2.51
N THR Q 3 -61.26 18.03 2.34
CA THR Q 3 -61.14 16.96 1.35
C THR Q 3 -62.09 15.82 1.66
N ASP Q 4 -62.27 15.50 2.94
CA ASP Q 4 -63.27 14.52 3.32
C ASP Q 4 -64.68 15.07 3.16
N SER Q 5 -64.85 16.38 3.27
CA SER Q 5 -66.19 16.95 3.13
C SER Q 5 -66.66 16.93 1.69
N VAL Q 6 -65.75 17.16 0.74
CA VAL Q 6 -66.11 17.12 -0.67
C VAL Q 6 -66.38 15.69 -1.10
N TYR Q 7 -65.57 14.75 -0.59
CA TYR Q 7 -65.78 13.34 -0.86
C TYR Q 7 -67.05 12.82 -0.21
N GLU Q 8 -67.44 13.38 0.94
CA GLU Q 8 -68.68 12.99 1.58
C GLU Q 8 -69.87 13.50 0.79
N ARG Q 9 -69.78 14.73 0.26
CA ARG Q 9 -70.86 15.25 -0.55
C ARG Q 9 -70.94 14.60 -1.90
N LEU Q 10 -69.85 14.04 -2.41
CA LEU Q 10 -69.94 13.25 -3.61
C LEU Q 10 -70.31 11.82 -3.34
N LEU Q 11 -70.06 11.33 -2.13
CA LEU Q 11 -70.62 10.05 -1.71
C LEU Q 11 -72.13 10.13 -1.63
N SER Q 12 -72.68 11.29 -1.26
CA SER Q 12 -74.12 11.48 -1.27
C SER Q 12 -74.67 11.49 -2.69
N GLU Q 13 -73.87 11.90 -3.66
CA GLU Q 13 -74.26 11.85 -5.06
C GLU Q 13 -73.80 10.57 -5.74
N ARG Q 14 -73.39 9.58 -4.94
CA ARG Q 14 -73.00 8.23 -5.38
C ARG Q 14 -71.80 8.27 -6.31
N ILE Q 15 -70.87 9.17 -6.00
CA ILE Q 15 -69.64 9.35 -6.75
C ILE Q 15 -68.50 9.03 -5.79
N ILE Q 16 -67.80 7.93 -6.04
CA ILE Q 16 -66.69 7.53 -5.20
C ILE Q 16 -65.42 7.58 -6.02
N PHE Q 17 -64.30 7.69 -5.31
CA PHE Q 17 -63.01 7.93 -5.93
C PHE Q 17 -62.01 6.86 -5.55
N LEU Q 18 -61.45 6.21 -6.56
CA LEU Q 18 -60.22 5.46 -6.41
C LEU Q 18 -59.13 6.40 -6.88
N GLY Q 19 -58.54 7.12 -5.93
CA GLY Q 19 -57.62 8.17 -6.28
C GLY Q 19 -56.20 7.94 -5.85
N SER Q 20 -55.93 6.80 -5.21
CA SER Q 20 -54.60 6.50 -4.72
C SER Q 20 -54.18 5.17 -5.30
N GLU Q 21 -53.07 4.64 -4.79
CA GLU Q 21 -52.75 3.25 -5.07
C GLU Q 21 -53.76 2.36 -4.36
N VAL Q 22 -54.04 1.22 -4.96
CA VAL Q 22 -55.02 0.30 -4.38
C VAL Q 22 -54.29 -0.53 -3.34
N ASN Q 23 -54.22 -0.02 -2.12
CA ASN Q 23 -53.77 -0.82 -0.99
C ASN Q 23 -55.02 -1.28 -0.25
N ASP Q 24 -54.82 -1.99 0.86
CA ASP Q 24 -55.96 -2.52 1.59
C ASP Q 24 -56.77 -1.43 2.28
N GLU Q 25 -56.16 -0.29 2.60
CA GLU Q 25 -56.90 0.78 3.25
C GLU Q 25 -57.85 1.47 2.29
N ILE Q 26 -57.37 1.78 1.09
CA ILE Q 26 -58.20 2.43 0.08
C ILE Q 26 -59.24 1.44 -0.46
N ALA Q 27 -58.88 0.16 -0.49
CA ALA Q 27 -59.82 -0.84 -0.98
C ALA Q 27 -60.95 -1.06 -0.01
N ASN Q 28 -60.65 -1.10 1.28
CA ASN Q 28 -61.67 -1.36 2.28
C ASN Q 28 -62.64 -0.20 2.40
N ARG Q 29 -62.15 1.03 2.23
CA ARG Q 29 -63.08 2.15 2.26
C ARG Q 29 -63.89 2.25 0.98
N LEU Q 30 -63.33 1.82 -0.16
CA LEU Q 30 -64.15 1.74 -1.36
C LEU Q 30 -65.17 0.62 -1.27
N CYS Q 31 -64.76 -0.53 -0.73
CA CYS Q 31 -65.71 -1.61 -0.50
C CYS Q 31 -66.77 -1.20 0.50
N ALA Q 32 -66.38 -0.41 1.50
CA ALA Q 32 -67.36 0.10 2.45
C ALA Q 32 -68.29 1.10 1.79
N GLN Q 33 -67.77 1.94 0.91
CA GLN Q 33 -68.61 2.91 0.22
C GLN Q 33 -69.54 2.24 -0.77
N ILE Q 34 -69.09 1.19 -1.44
CA ILE Q 34 -69.98 0.46 -2.36
C ILE Q 34 -71.04 -0.29 -1.57
N LEU Q 35 -70.66 -0.87 -0.43
CA LEU Q 35 -71.66 -1.52 0.43
C LEU Q 35 -72.60 -0.50 1.05
N LEU Q 36 -72.12 0.71 1.31
CA LEU Q 36 -72.98 1.73 1.87
C LEU Q 36 -73.94 2.27 0.82
N LEU Q 37 -73.44 2.50 -0.39
CA LEU Q 37 -74.28 3.08 -1.43
C LEU Q 37 -75.26 2.07 -2.01
N ALA Q 38 -74.89 0.79 -2.05
CA ALA Q 38 -75.85 -0.22 -2.49
C ALA Q 38 -76.89 -0.50 -1.42
N ALA Q 39 -76.59 -0.18 -0.16
CA ALA Q 39 -77.62 -0.30 0.86
C ALA Q 39 -78.60 0.86 0.81
N GLU Q 40 -78.15 2.04 0.41
CA GLU Q 40 -79.05 3.19 0.30
C GLU Q 40 -79.99 3.02 -0.88
N ASP Q 41 -79.44 2.95 -2.09
CA ASP Q 41 -80.22 2.64 -3.27
C ASP Q 41 -79.55 1.51 -4.01
N ALA Q 42 -80.33 0.47 -4.29
CA ALA Q 42 -79.83 -0.69 -5.02
C ALA Q 42 -80.05 -0.54 -6.52
N SER Q 43 -80.56 0.60 -6.95
CA SER Q 43 -80.94 0.78 -8.35
C SER Q 43 -80.26 1.99 -8.98
N LYS Q 44 -79.67 2.88 -8.19
CA LYS Q 44 -78.95 4.03 -8.72
C LYS Q 44 -77.49 3.66 -8.89
N ASP Q 45 -76.90 4.09 -9.99
CA ASP Q 45 -75.54 3.72 -10.31
C ASP Q 45 -74.55 4.40 -9.39
N ILE Q 46 -73.44 3.72 -9.14
CA ILE Q 46 -72.31 4.30 -8.42
C ILE Q 46 -71.29 4.72 -9.46
N SER Q 47 -70.86 5.96 -9.40
CA SER Q 47 -69.79 6.45 -10.26
C SER Q 47 -68.46 6.27 -9.55
N LEU Q 48 -67.59 5.45 -10.11
CA LEU Q 48 -66.26 5.23 -9.56
C LEU Q 48 -65.25 5.95 -10.45
N TYR Q 49 -64.80 7.11 -10.01
CA TYR Q 49 -63.77 7.85 -10.70
C TYR Q 49 -62.41 7.29 -10.28
N ILE Q 50 -61.60 6.91 -11.25
CA ILE Q 50 -60.37 6.19 -11.00
C ILE Q 50 -59.19 7.04 -11.48
N ASN Q 51 -58.38 7.49 -10.53
CA ASN Q 51 -57.10 8.13 -10.80
C ASN Q 51 -56.10 7.33 -9.99
N SER Q 52 -55.68 6.19 -10.52
CA SER Q 52 -54.97 5.27 -9.68
C SER Q 52 -53.74 4.75 -10.41
N PRO Q 53 -52.60 4.70 -9.74
CA PRO Q 53 -51.42 4.05 -10.32
C PRO Q 53 -51.42 2.55 -10.18
N GLY Q 54 -52.53 1.94 -9.79
CA GLY Q 54 -52.58 0.53 -9.52
C GLY Q 54 -52.17 0.25 -8.10
N GLY Q 55 -52.30 -1.00 -7.70
CA GLY Q 55 -51.93 -1.37 -6.36
C GLY Q 55 -51.98 -2.86 -6.17
N SER Q 56 -52.41 -3.27 -4.98
CA SER Q 56 -52.45 -4.67 -4.64
C SER Q 56 -53.54 -5.39 -5.42
N ILE Q 57 -53.25 -6.61 -5.86
CA ILE Q 57 -54.24 -7.39 -6.59
C ILE Q 57 -55.39 -7.77 -5.67
N SER Q 58 -55.08 -8.27 -4.48
CA SER Q 58 -56.11 -8.72 -3.56
C SER Q 58 -56.92 -7.56 -3.01
N ALA Q 59 -56.32 -6.38 -2.91
CA ALA Q 59 -57.08 -5.20 -2.54
C ALA Q 59 -58.02 -4.81 -3.66
N GLY Q 60 -57.55 -4.84 -4.90
CA GLY Q 60 -58.42 -4.55 -6.02
C GLY Q 60 -59.41 -5.64 -6.31
N MET Q 61 -59.09 -6.88 -5.96
CA MET Q 61 -60.07 -7.96 -6.06
C MET Q 61 -61.16 -7.83 -5.03
N ALA Q 62 -60.84 -7.22 -3.88
CA ALA Q 62 -61.88 -6.89 -2.92
C ALA Q 62 -62.83 -5.86 -3.50
N ILE Q 63 -62.30 -4.84 -4.18
CA ILE Q 63 -63.12 -3.82 -4.81
C ILE Q 63 -63.93 -4.41 -5.94
N TYR Q 64 -63.27 -5.21 -6.78
CA TYR Q 64 -63.93 -5.84 -7.93
C TYR Q 64 -65.04 -6.78 -7.49
N ASP Q 65 -64.85 -7.51 -6.40
CA ASP Q 65 -65.94 -8.33 -5.91
C ASP Q 65 -67.07 -7.48 -5.35
N THR Q 66 -66.73 -6.39 -4.67
CA THR Q 66 -67.76 -5.51 -4.13
C THR Q 66 -68.48 -4.76 -5.25
N MET Q 67 -67.79 -4.49 -6.34
CA MET Q 67 -68.42 -3.89 -7.51
C MET Q 67 -69.39 -4.84 -8.18
N VAL Q 68 -68.99 -6.10 -8.36
CA VAL Q 68 -69.85 -7.07 -9.03
C VAL Q 68 -71.03 -7.45 -8.15
N LEU Q 69 -70.77 -7.66 -6.86
CA LEU Q 69 -71.82 -8.10 -5.97
C LEU Q 69 -72.73 -6.98 -5.55
N ALA Q 70 -72.41 -5.74 -5.87
CA ALA Q 70 -73.33 -4.66 -5.66
C ALA Q 70 -74.50 -4.80 -6.64
N PRO Q 71 -75.74 -4.70 -6.16
CA PRO Q 71 -76.89 -4.83 -7.07
C PRO Q 71 -77.04 -3.67 -8.03
N CYS Q 72 -76.36 -2.56 -7.76
CA CYS Q 72 -76.37 -1.40 -8.62
C CYS Q 72 -75.16 -1.42 -9.54
N ASP Q 73 -75.29 -0.76 -10.69
CA ASP Q 73 -74.20 -0.73 -11.65
C ASP Q 73 -73.09 0.19 -11.16
N ILE Q 74 -71.85 -0.20 -11.39
CA ILE Q 74 -70.71 0.62 -11.04
C ILE Q 74 -70.20 1.24 -12.33
N ALA Q 75 -70.51 2.51 -12.54
CA ALA Q 75 -69.95 3.23 -13.66
C ALA Q 75 -68.53 3.62 -13.31
N THR Q 76 -67.56 3.16 -14.08
CA THR Q 76 -66.18 3.52 -13.81
C THR Q 76 -65.72 4.59 -14.79
N TYR Q 77 -64.80 5.42 -14.32
CA TYR Q 77 -64.35 6.60 -15.02
C TYR Q 77 -62.84 6.66 -14.90
N ALA Q 78 -62.15 6.46 -16.01
CA ALA Q 78 -60.71 6.66 -16.03
C ALA Q 78 -60.45 8.14 -16.00
N MET Q 79 -59.90 8.63 -14.92
CA MET Q 79 -59.70 10.06 -14.72
C MET Q 79 -58.20 10.29 -14.59
N GLY Q 80 -57.56 10.61 -15.70
CA GLY Q 80 -56.13 10.85 -15.65
C GLY Q 80 -55.29 9.60 -15.79
N MET Q 81 -55.45 8.65 -14.87
CA MET Q 81 -54.60 7.47 -14.85
C MET Q 81 -55.40 6.27 -14.36
N ALA Q 82 -55.32 5.16 -15.09
CA ALA Q 82 -55.84 3.89 -14.63
C ALA Q 82 -54.76 2.88 -14.93
N ALA Q 83 -53.86 2.66 -13.97
CA ALA Q 83 -52.73 1.77 -14.25
C ALA Q 83 -52.85 0.51 -13.41
N SER Q 84 -52.34 -0.60 -13.90
CA SER Q 84 -52.33 -1.84 -13.07
C SER Q 84 -53.73 -2.09 -12.52
N MET Q 85 -53.86 -2.16 -11.20
CA MET Q 85 -55.18 -2.47 -10.59
C MET Q 85 -56.14 -1.35 -10.95
N GLY Q 86 -55.66 -0.17 -11.35
CA GLY Q 86 -56.64 0.85 -11.63
C GLY Q 86 -57.29 0.68 -13.00
N GLU Q 87 -56.55 0.11 -13.95
CA GLU Q 87 -57.17 -0.24 -15.23
C GLU Q 87 -58.08 -1.44 -15.07
N PHE Q 88 -57.73 -2.33 -14.14
CA PHE Q 88 -58.52 -3.52 -13.90
C PHE Q 88 -59.89 -3.14 -13.39
N LEU Q 89 -59.92 -2.30 -12.35
CA LEU Q 89 -61.17 -1.84 -11.78
C LEU Q 89 -61.92 -0.91 -12.70
N LEU Q 90 -61.21 -0.20 -13.57
CA LEU Q 90 -61.84 0.54 -14.65
C LEU Q 90 -62.56 -0.39 -15.60
N ALA Q 91 -61.85 -1.40 -16.09
CA ALA Q 91 -62.45 -2.37 -16.98
C ALA Q 91 -63.41 -3.30 -16.26
N ALA Q 92 -63.37 -3.34 -14.93
CA ALA Q 92 -64.29 -4.13 -14.14
C ALA Q 92 -65.64 -3.47 -13.97
N GLY Q 93 -65.83 -2.25 -14.44
CA GLY Q 93 -67.11 -1.59 -14.34
C GLY Q 93 -68.17 -2.29 -15.16
N THR Q 94 -69.40 -1.83 -14.97
CA THR Q 94 -70.53 -2.35 -15.71
C THR Q 94 -70.35 -2.04 -17.19
N LYS Q 95 -70.51 -3.05 -18.04
CA LYS Q 95 -70.33 -2.83 -19.46
C LYS Q 95 -71.40 -1.93 -20.02
N GLY Q 96 -70.98 -1.00 -20.87
CA GLY Q 96 -71.79 0.14 -21.24
C GLY Q 96 -71.60 1.33 -20.36
N LYS Q 97 -70.94 1.16 -19.22
CA LYS Q 97 -70.77 2.23 -18.25
C LYS Q 97 -69.31 2.38 -17.83
N ARG Q 98 -68.39 1.92 -18.63
CA ARG Q 98 -66.97 2.13 -18.38
C ARG Q 98 -66.51 3.28 -19.24
N TYR Q 99 -66.04 4.34 -18.60
CA TYR Q 99 -65.75 5.57 -19.29
C TYR Q 99 -64.28 5.92 -19.13
N ALA Q 100 -63.70 6.48 -20.16
CA ALA Q 100 -62.41 7.14 -20.03
C ALA Q 100 -62.62 8.61 -20.32
N LEU Q 101 -62.11 9.45 -19.44
CA LEU Q 101 -62.06 10.85 -19.77
C LEU Q 101 -60.97 11.02 -20.82
N PRO Q 102 -61.15 11.94 -21.78
CA PRO Q 102 -60.43 11.83 -23.06
C PRO Q 102 -58.91 11.98 -23.01
N HIS Q 103 -58.35 12.35 -21.87
CA HIS Q 103 -56.91 12.43 -21.72
C HIS Q 103 -56.43 11.55 -20.58
N ALA Q 104 -57.24 10.58 -20.18
CA ALA Q 104 -56.79 9.58 -19.24
C ALA Q 104 -55.91 8.59 -19.96
N ARG Q 105 -55.03 7.95 -19.19
CA ARG Q 105 -54.12 6.96 -19.73
C ARG Q 105 -54.34 5.67 -18.99
N ILE Q 106 -54.30 4.57 -19.71
CA ILE Q 106 -54.56 3.25 -19.16
C ILE Q 106 -53.29 2.44 -19.33
N LEU Q 107 -52.79 1.91 -18.23
CA LEU Q 107 -51.59 1.09 -18.21
C LEU Q 107 -51.95 -0.33 -17.82
N MET Q 108 -51.87 -1.25 -18.76
CA MET Q 108 -52.08 -2.65 -18.49
C MET Q 108 -50.74 -3.36 -18.49
N HIS Q 109 -50.45 -4.07 -17.40
CA HIS Q 109 -49.25 -4.88 -17.33
C HIS Q 109 -49.49 -6.05 -16.41
N GLN Q 110 -48.60 -7.04 -16.49
CA GLN Q 110 -48.68 -8.22 -15.65
C GLN Q 110 -48.41 -7.85 -14.19
N PRO Q 111 -48.82 -8.69 -13.24
CA PRO Q 111 -48.57 -8.36 -11.83
C PRO Q 111 -47.09 -8.32 -11.47
N LEU Q 112 -46.77 -7.38 -10.60
CA LEU Q 112 -45.47 -7.31 -9.96
C LEU Q 112 -45.58 -7.92 -8.59
N GLY Q 113 -44.47 -8.35 -8.04
CA GLY Q 113 -44.47 -8.92 -6.72
C GLY Q 113 -43.08 -9.05 -6.19
N GLY Q 114 -42.88 -10.06 -5.36
CA GLY Q 114 -41.56 -10.33 -4.84
C GLY Q 114 -41.51 -11.76 -4.33
N VAL Q 115 -40.43 -12.44 -4.65
CA VAL Q 115 -40.14 -13.75 -4.11
C VAL Q 115 -39.15 -13.58 -2.97
N THR Q 116 -39.36 -14.34 -1.90
CA THR Q 116 -38.49 -14.28 -0.73
C THR Q 116 -38.62 -15.60 0.03
N GLY Q 117 -37.66 -15.85 0.88
CA GLY Q 117 -37.71 -17.01 1.72
C GLY Q 117 -36.99 -18.20 1.11
N SER Q 118 -37.33 -19.36 1.62
CA SER Q 118 -36.68 -20.60 1.21
C SER Q 118 -37.18 -21.02 -0.15
N ALA Q 119 -36.50 -22.02 -0.73
CA ALA Q 119 -36.85 -22.48 -2.07
C ALA Q 119 -38.21 -23.16 -2.08
N ALA Q 120 -38.61 -23.78 -0.97
CA ALA Q 120 -39.93 -24.37 -0.89
C ALA Q 120 -41.00 -23.31 -0.73
N ASP Q 121 -40.65 -22.19 -0.10
CA ASP Q 121 -41.60 -21.08 -0.02
C ASP Q 121 -41.77 -20.39 -1.36
N ILE Q 122 -40.68 -20.22 -2.10
CA ILE Q 122 -40.72 -19.52 -3.37
C ILE Q 122 -41.42 -20.37 -4.44
N ALA Q 123 -41.31 -21.69 -4.34
CA ALA Q 123 -42.04 -22.56 -5.25
C ALA Q 123 -43.54 -22.43 -5.03
N ILE Q 124 -43.96 -22.15 -3.80
CA ILE Q 124 -45.36 -21.89 -3.51
C ILE Q 124 -45.76 -20.52 -3.98
N GLN Q 125 -44.88 -19.53 -3.77
CA GLN Q 125 -45.16 -18.17 -4.24
C GLN Q 125 -45.27 -18.12 -5.76
N ALA Q 126 -44.38 -18.81 -6.46
CA ALA Q 126 -44.44 -18.85 -7.92
C ALA Q 126 -45.67 -19.61 -8.40
N GLU Q 127 -46.05 -20.66 -7.69
CA GLU Q 127 -47.27 -21.37 -8.03
C GLU Q 127 -48.48 -20.48 -7.85
N GLN Q 128 -48.45 -19.64 -6.83
CA GLN Q 128 -49.53 -18.70 -6.62
C GLN Q 128 -49.41 -17.49 -7.52
N PHE Q 129 -48.20 -17.15 -7.93
CA PHE Q 129 -48.05 -16.07 -8.91
C PHE Q 129 -48.58 -16.49 -10.26
N ALA Q 130 -48.46 -17.77 -10.59
CA ALA Q 130 -49.06 -18.26 -11.82
C ALA Q 130 -50.57 -18.29 -11.72
N VAL Q 131 -51.10 -18.50 -10.52
CA VAL Q 131 -52.55 -18.50 -10.34
C VAL Q 131 -53.10 -17.09 -10.41
N ILE Q 132 -52.42 -16.14 -9.78
CA ILE Q 132 -52.86 -14.75 -9.80
C ILE Q 132 -52.77 -14.17 -11.21
N LYS Q 133 -51.68 -14.46 -11.92
CA LYS Q 133 -51.48 -13.86 -13.22
C LYS Q 133 -52.43 -14.46 -14.26
N LYS Q 134 -52.75 -15.75 -14.11
CA LYS Q 134 -53.73 -16.36 -14.99
C LYS Q 134 -55.12 -15.82 -14.71
N GLU Q 135 -55.42 -15.55 -13.44
CA GLU Q 135 -56.74 -15.04 -13.09
C GLU Q 135 -56.89 -13.57 -13.44
N MET Q 136 -55.83 -12.79 -13.26
CA MET Q 136 -55.84 -11.40 -13.66
C MET Q 136 -55.92 -11.25 -15.17
N PHE Q 137 -55.29 -12.16 -15.91
CA PHE Q 137 -55.37 -12.08 -17.35
C PHE Q 137 -56.69 -12.60 -17.86
N ARG Q 138 -57.30 -13.55 -17.15
CA ARG Q 138 -58.61 -14.05 -17.54
C ARG Q 138 -59.67 -12.98 -17.40
N LEU Q 139 -59.57 -12.19 -16.34
CA LEU Q 139 -60.57 -11.17 -16.12
C LEU Q 139 -60.37 -9.97 -17.04
N ASN Q 140 -59.12 -9.57 -17.28
CA ASN Q 140 -58.87 -8.55 -18.30
C ASN Q 140 -59.26 -9.02 -19.69
N ALA Q 141 -59.17 -10.32 -19.96
CA ALA Q 141 -59.70 -10.82 -21.22
C ALA Q 141 -61.22 -10.81 -21.20
N GLU Q 142 -61.83 -11.04 -20.04
CA GLU Q 142 -63.28 -11.01 -19.94
C GLU Q 142 -63.79 -9.58 -20.00
N PHE Q 143 -63.08 -8.65 -19.38
CA PHE Q 143 -63.49 -7.25 -19.36
C PHE Q 143 -63.39 -6.64 -20.73
N THR Q 144 -62.21 -6.70 -21.34
CA THR Q 144 -61.95 -6.06 -22.60
C THR Q 144 -62.53 -6.81 -23.77
N GLY Q 145 -62.85 -8.09 -23.61
CA GLY Q 145 -63.27 -8.87 -24.74
C GLY Q 145 -62.13 -9.30 -25.63
N GLN Q 146 -60.90 -9.09 -25.20
CA GLN Q 146 -59.73 -9.54 -25.92
C GLN Q 146 -59.51 -11.01 -25.63
N PRO Q 147 -58.78 -11.73 -26.49
CA PRO Q 147 -58.36 -13.08 -26.12
C PRO Q 147 -57.41 -13.06 -24.94
N ILE Q 148 -57.34 -14.17 -24.21
CA ILE Q 148 -56.44 -14.20 -23.07
C ILE Q 148 -55.00 -14.24 -23.54
N GLU Q 149 -54.74 -14.78 -24.73
CA GLU Q 149 -53.39 -14.74 -25.29
C GLU Q 149 -53.01 -13.33 -25.72
N ARG Q 150 -54.00 -12.54 -26.14
CA ARG Q 150 -53.75 -11.12 -26.42
C ARG Q 150 -53.42 -10.36 -25.15
N ILE Q 151 -54.11 -10.67 -24.05
CA ILE Q 151 -53.84 -10.01 -22.78
C ILE Q 151 -52.50 -10.44 -22.22
N GLU Q 152 -52.15 -11.73 -22.37
CA GLU Q 152 -50.85 -12.24 -21.93
C GLU Q 152 -49.70 -11.56 -22.65
N ALA Q 153 -49.80 -11.42 -23.98
CA ALA Q 153 -48.71 -10.84 -24.75
C ALA Q 153 -48.61 -9.34 -24.50
N ASP Q 154 -49.73 -8.67 -24.32
CA ASP Q 154 -49.72 -7.22 -24.18
C ASP Q 154 -49.35 -6.78 -22.78
N SER Q 155 -49.69 -7.56 -21.76
CA SER Q 155 -49.38 -7.19 -20.39
C SER Q 155 -47.99 -7.61 -19.97
N ASP Q 156 -47.21 -8.18 -20.89
CA ASP Q 156 -45.91 -8.76 -20.54
C ASP Q 156 -44.97 -7.71 -19.98
N ARG Q 157 -44.96 -6.53 -20.58
CA ARG Q 157 -44.37 -5.36 -19.95
C ARG Q 157 -45.45 -4.30 -19.95
N ASP Q 158 -45.09 -3.08 -19.58
CA ASP Q 158 -46.04 -1.98 -19.56
C ASP Q 158 -46.60 -1.73 -20.94
N ARG Q 159 -47.92 -1.77 -21.07
CA ARG Q 159 -48.56 -1.36 -22.29
C ARG Q 159 -49.47 -0.21 -21.97
N TRP Q 160 -49.18 0.94 -22.57
CA TRP Q 160 -49.92 2.15 -22.32
C TRP Q 160 -51.01 2.32 -23.35
N PHE Q 161 -52.09 2.94 -22.92
CA PHE Q 161 -53.24 3.19 -23.76
C PHE Q 161 -53.61 4.66 -23.60
N THR Q 162 -54.00 5.28 -24.69
CA THR Q 162 -54.71 6.53 -24.58
C THR Q 162 -56.17 6.21 -24.30
N ALA Q 163 -57.01 7.23 -24.24
CA ALA Q 163 -58.43 6.97 -24.08
C ALA Q 163 -59.00 6.29 -25.32
N ALA Q 164 -58.58 6.74 -26.50
CA ALA Q 164 -59.07 6.15 -27.74
C ALA Q 164 -58.52 4.76 -27.96
N GLU Q 165 -57.31 4.49 -27.49
CA GLU Q 165 -56.75 3.16 -27.61
C GLU Q 165 -57.38 2.21 -26.61
N ALA Q 166 -57.74 2.70 -25.43
CA ALA Q 166 -58.41 1.87 -24.44
C ALA Q 166 -59.85 1.59 -24.85
N LEU Q 167 -60.46 2.49 -25.61
CA LEU Q 167 -61.78 2.24 -26.16
C LEU Q 167 -61.75 1.14 -27.19
N GLU Q 168 -60.75 1.13 -28.07
CA GLU Q 168 -60.63 0.08 -29.06
C GLU Q 168 -60.25 -1.24 -28.44
N TYR Q 169 -59.45 -1.20 -27.37
CA TYR Q 169 -58.96 -2.43 -26.78
C TYR Q 169 -60.02 -3.08 -25.92
N GLY Q 170 -60.82 -2.28 -25.24
CA GLY Q 170 -61.99 -2.79 -24.55
C GLY Q 170 -62.06 -2.44 -23.09
N PHE Q 171 -61.12 -1.66 -22.56
CA PHE Q 171 -61.16 -1.30 -21.16
C PHE Q 171 -62.34 -0.41 -20.83
N VAL Q 172 -62.65 0.52 -21.70
CA VAL Q 172 -63.77 1.43 -21.49
C VAL Q 172 -64.75 1.24 -22.61
N ASP Q 173 -65.95 1.78 -22.41
CA ASP Q 173 -67.02 1.66 -23.38
C ASP Q 173 -67.31 2.97 -24.08
N HIS Q 174 -66.95 4.08 -23.48
CA HIS Q 174 -67.17 5.39 -24.06
C HIS Q 174 -66.03 6.30 -23.68
N ILE Q 175 -65.83 7.32 -24.50
CA ILE Q 175 -64.95 8.43 -24.17
C ILE Q 175 -65.86 9.63 -23.97
N ILE Q 176 -65.84 10.20 -22.78
CA ILE Q 176 -66.74 11.31 -22.48
C ILE Q 176 -66.20 12.56 -23.16
N THR Q 177 -67.03 13.18 -23.99
CA THR Q 177 -66.68 14.43 -24.64
C THR Q 177 -67.89 15.34 -24.54
N ARG Q 178 -67.92 16.19 -23.52
CA ARG Q 178 -69.06 17.05 -23.28
C ARG Q 178 -68.80 18.45 -23.83
N SER R 1 -60.35 22.76 10.78
CA SER R 1 -59.20 23.65 10.58
C SER R 1 -59.65 25.01 10.11
N LEU R 2 -58.82 26.03 10.32
CA LEU R 2 -59.12 27.35 9.76
C LEU R 2 -58.88 27.37 8.27
N THR R 3 -57.75 26.80 7.83
CA THR R 3 -57.39 26.79 6.41
C THR R 3 -58.42 26.02 5.59
N ASP R 4 -58.93 24.92 6.13
CA ASP R 4 -60.02 24.23 5.47
C ASP R 4 -61.32 25.01 5.54
N SER R 5 -61.49 25.83 6.58
CA SER R 5 -62.73 26.59 6.70
C SER R 5 -62.79 27.73 5.69
N VAL R 6 -61.66 28.37 5.42
CA VAL R 6 -61.62 29.44 4.44
C VAL R 6 -61.78 28.86 3.04
N TYR R 7 -61.16 27.72 2.79
CA TYR R 7 -61.32 27.04 1.52
C TYR R 7 -62.73 26.50 1.33
N GLU R 8 -63.39 26.12 2.41
CA GLU R 8 -64.78 25.67 2.31
C GLU R 8 -65.70 26.84 2.00
N ARG R 9 -65.44 27.99 2.60
CA ARG R 9 -66.25 29.17 2.32
C ARG R 9 -65.97 29.73 0.94
N LEU R 10 -64.80 29.49 0.39
CA LEU R 10 -64.56 29.87 -0.99
C LEU R 10 -65.03 28.81 -1.97
N LEU R 11 -65.12 27.56 -1.52
CA LEU R 11 -65.80 26.55 -2.31
C LEU R 11 -67.27 26.87 -2.45
N SER R 12 -67.87 27.48 -1.42
CA SER R 12 -69.26 27.93 -1.54
C SER R 12 -69.40 29.08 -2.52
N GLU R 13 -68.36 29.88 -2.69
CA GLU R 13 -68.35 30.95 -3.68
C GLU R 13 -67.74 30.50 -5.00
N ARG R 14 -67.58 29.18 -5.18
CA ARG R 14 -67.12 28.53 -6.41
C ARG R 14 -65.70 28.96 -6.76
N ILE R 15 -64.88 29.13 -5.74
CA ILE R 15 -63.49 29.51 -5.87
C ILE R 15 -62.67 28.37 -5.32
N ILE R 16 -61.94 27.68 -6.19
CA ILE R 16 -61.11 26.56 -5.77
C ILE R 16 -59.66 26.91 -6.04
N PHE R 17 -58.78 26.23 -5.33
CA PHE R 17 -57.36 26.55 -5.33
C PHE R 17 -56.54 25.36 -5.74
N LEU R 18 -55.72 25.54 -6.77
CA LEU R 18 -54.60 24.67 -7.05
C LEU R 18 -53.40 25.39 -6.44
N GLY R 19 -53.08 25.05 -5.20
CA GLY R 19 -52.08 25.79 -4.48
C GLY R 19 -50.84 25.01 -4.14
N SER R 20 -50.76 23.76 -4.55
CA SER R 20 -49.63 22.91 -4.25
C SER R 20 -49.10 22.35 -5.56
N GLU R 21 -48.17 21.40 -5.45
CA GLU R 21 -47.83 20.62 -6.62
C GLU R 21 -49.00 19.75 -7.00
N VAL R 22 -49.13 19.49 -8.29
CA VAL R 22 -50.23 18.69 -8.79
C VAL R 22 -49.84 17.23 -8.64
N ASN R 23 -50.10 16.67 -7.46
CA ASN R 23 -49.99 15.23 -7.29
C ASN R 23 -51.39 14.66 -7.36
N ASP R 24 -51.53 13.36 -7.15
CA ASP R 24 -52.83 12.73 -7.28
C ASP R 24 -53.78 13.12 -6.16
N GLU R 25 -53.26 13.49 -4.99
CA GLU R 25 -54.13 13.89 -3.90
C GLU R 25 -54.76 15.25 -4.14
N ILE R 26 -53.97 16.22 -4.59
CA ILE R 26 -54.49 17.55 -4.88
C ILE R 26 -55.35 17.52 -6.14
N ALA R 27 -55.02 16.63 -7.07
CA ALA R 27 -55.81 16.53 -8.29
C ALA R 27 -57.17 15.93 -8.02
N ASN R 28 -57.23 14.90 -7.18
CA ASN R 28 -58.50 14.23 -6.93
C ASN R 28 -59.43 15.11 -6.12
N ARG R 29 -58.90 15.94 -5.22
CA ARG R 29 -59.77 16.85 -4.51
C ARG R 29 -60.19 18.02 -5.39
N LEU R 30 -59.36 18.45 -6.34
CA LEU R 30 -59.83 19.45 -7.30
C LEU R 30 -60.85 18.86 -8.25
N CYS R 31 -60.63 17.64 -8.72
CA CYS R 31 -61.63 16.96 -9.55
C CYS R 31 -62.91 16.74 -8.77
N ALA R 32 -62.79 16.45 -7.48
CA ALA R 32 -63.98 16.31 -6.65
C ALA R 32 -64.68 17.64 -6.47
N GLN R 33 -63.92 18.72 -6.30
CA GLN R 33 -64.53 20.04 -6.15
C GLN R 33 -65.17 20.52 -7.44
N ILE R 34 -64.56 20.21 -8.60
CA ILE R 34 -65.18 20.59 -9.86
C ILE R 34 -66.43 19.76 -10.11
N LEU R 35 -66.39 18.47 -9.76
CA LEU R 35 -67.59 17.65 -9.87
C LEU R 35 -68.66 18.07 -8.87
N LEU R 36 -68.23 18.57 -7.71
CA LEU R 36 -69.20 19.02 -6.72
C LEU R 36 -69.82 20.34 -7.14
N LEU R 37 -69.01 21.27 -7.65
CA LEU R 37 -69.53 22.58 -8.01
C LEU R 37 -70.33 22.54 -9.30
N ALA R 38 -69.99 21.66 -10.23
CA ALA R 38 -70.79 21.52 -11.43
C ALA R 38 -72.10 20.81 -11.15
N ALA R 39 -72.16 20.03 -10.06
CA ALA R 39 -73.42 19.43 -9.66
C ALA R 39 -74.33 20.45 -8.98
N GLU R 40 -73.76 21.41 -8.27
CA GLU R 40 -74.58 22.44 -7.62
C GLU R 40 -75.17 23.39 -8.65
N ASP R 41 -74.31 24.09 -9.38
CA ASP R 41 -74.75 24.92 -10.49
C ASP R 41 -73.91 24.57 -11.71
N ALA R 42 -74.60 24.26 -12.81
CA ALA R 42 -73.95 23.92 -14.05
C ALA R 42 -73.75 25.15 -14.93
N SER R 43 -74.10 26.32 -14.42
CA SER R 43 -74.07 27.53 -15.23
C SER R 43 -73.23 28.63 -14.61
N LYS R 44 -72.87 28.52 -13.34
CA LYS R 44 -72.01 29.50 -12.69
C LYS R 44 -70.57 29.05 -12.83
N ASP R 45 -69.69 30.00 -13.11
CA ASP R 45 -68.30 29.70 -13.37
C ASP R 45 -67.59 29.26 -12.10
N ILE R 46 -66.60 28.39 -12.27
CA ILE R 46 -65.70 28.01 -11.20
C ILE R 46 -64.42 28.81 -11.37
N SER R 47 -64.00 29.49 -10.32
CA SER R 47 -62.73 30.20 -10.32
C SER R 47 -61.65 29.27 -9.78
N LEU R 48 -60.67 28.95 -10.61
CA LEU R 48 -59.55 28.12 -10.21
C LEU R 48 -58.32 29.00 -10.06
N TYR R 49 -57.99 29.35 -8.84
CA TYR R 49 -56.78 30.11 -8.54
C TYR R 49 -55.61 29.15 -8.47
N ILE R 50 -54.57 29.43 -9.24
CA ILE R 50 -53.46 28.50 -9.42
C ILE R 50 -52.20 29.15 -8.89
N ASN R 51 -51.66 28.58 -7.81
CA ASN R 51 -50.34 28.92 -7.29
C ASN R 51 -49.62 27.59 -7.21
N SER R 52 -49.10 27.13 -8.33
CA SER R 52 -48.66 25.77 -8.38
C SER R 52 -47.28 25.68 -9.03
N PRO R 53 -46.36 24.93 -8.46
CA PRO R 53 -45.09 24.66 -9.13
C PRO R 53 -45.15 23.57 -10.16
N GLY R 54 -46.35 23.14 -10.56
CA GLY R 54 -46.48 22.03 -11.46
C GLY R 54 -46.49 20.72 -10.71
N GLY R 55 -46.74 19.65 -11.42
CA GLY R 55 -46.76 18.35 -10.78
C GLY R 55 -46.89 17.26 -11.80
N SER R 56 -47.64 16.22 -11.43
CA SER R 56 -47.79 15.05 -12.29
C SER R 56 -48.64 15.39 -13.49
N ILE R 57 -48.26 14.85 -14.65
CA ILE R 57 -49.03 15.08 -15.87
C ILE R 57 -50.40 14.42 -15.76
N SER R 58 -50.42 13.15 -15.34
CA SER R 58 -51.69 12.43 -15.26
C SER R 58 -52.59 12.96 -14.17
N ALA R 59 -52.01 13.53 -13.12
CA ALA R 59 -52.82 14.21 -12.12
C ALA R 59 -53.42 15.48 -12.70
N GLY R 60 -52.62 16.25 -13.43
CA GLY R 60 -53.15 17.45 -14.05
C GLY R 60 -54.05 17.15 -15.23
N MET R 61 -53.86 16.02 -15.88
CA MET R 61 -54.79 15.60 -16.93
C MET R 61 -56.12 15.18 -16.35
N ALA R 62 -56.11 14.68 -15.12
CA ALA R 62 -57.37 14.43 -14.43
C ALA R 62 -58.12 15.72 -14.18
N ILE R 63 -57.39 16.76 -13.74
CA ILE R 63 -58.00 18.07 -13.51
C ILE R 63 -58.46 18.68 -14.81
N TYR R 64 -57.62 18.62 -15.84
CA TYR R 64 -57.95 19.17 -17.15
C TYR R 64 -59.15 18.50 -17.77
N ASP R 65 -59.29 17.19 -17.59
CA ASP R 65 -60.49 16.53 -18.08
C ASP R 65 -61.71 16.92 -17.28
N THR R 66 -61.55 17.08 -15.97
CA THR R 66 -62.67 17.48 -15.13
C THR R 66 -63.04 18.94 -15.39
N MET R 67 -62.07 19.76 -15.77
CA MET R 67 -62.35 21.14 -16.16
C MET R 67 -63.13 21.20 -17.46
N VAL R 68 -62.71 20.43 -18.46
CA VAL R 68 -63.37 20.46 -19.76
C VAL R 68 -64.75 19.83 -19.68
N LEU R 69 -64.86 18.71 -18.98
CA LEU R 69 -66.12 18.00 -18.92
C LEU R 69 -67.10 18.65 -17.97
N ALA R 70 -66.66 19.61 -17.18
CA ALA R 70 -67.60 20.37 -16.39
C ALA R 70 -68.45 21.23 -17.30
N PRO R 71 -69.77 21.23 -17.13
CA PRO R 71 -70.64 22.04 -17.98
C PRO R 71 -70.50 23.53 -17.75
N CYS R 72 -69.90 23.93 -16.63
CA CYS R 72 -69.65 25.31 -16.29
C CYS R 72 -68.23 25.69 -16.69
N ASP R 73 -68.03 26.98 -16.94
CA ASP R 73 -66.72 27.46 -17.35
C ASP R 73 -65.77 27.47 -16.16
N ILE R 74 -64.53 27.11 -16.41
CA ILE R 74 -63.51 27.13 -15.36
C ILE R 74 -62.66 28.36 -15.63
N ALA R 75 -62.87 29.42 -14.86
CA ALA R 75 -62.01 30.59 -14.94
C ALA R 75 -60.73 30.27 -14.17
N THR R 76 -59.60 30.31 -14.85
CA THR R 76 -58.34 30.06 -14.19
C THR R 76 -57.61 31.36 -13.91
N TYR R 77 -56.84 31.36 -12.84
CA TYR R 77 -56.19 32.55 -12.31
C TYR R 77 -54.77 32.18 -11.94
N ALA R 78 -53.80 32.69 -12.69
CA ALA R 78 -52.41 32.52 -12.32
C ALA R 78 -52.14 33.43 -11.13
N MET R 79 -51.90 32.83 -9.98
CA MET R 79 -51.74 33.58 -8.74
C MET R 79 -50.33 33.31 -8.24
N GLY R 80 -49.40 34.19 -8.59
CA GLY R 80 -48.04 34.00 -8.14
C GLY R 80 -47.21 33.10 -9.04
N MET R 81 -47.63 31.85 -9.20
CA MET R 81 -46.85 30.87 -9.94
C MET R 81 -47.77 29.91 -10.66
N ALA R 82 -47.55 29.75 -11.96
CA ALA R 82 -48.29 28.74 -12.74
C ALA R 82 -47.21 28.01 -13.54
N ALA R 83 -46.54 27.05 -12.92
CA ALA R 83 -45.40 26.40 -13.59
C ALA R 83 -45.76 24.98 -14.00
N SER R 84 -45.11 24.46 -15.04
CA SER R 84 -45.31 23.06 -15.43
C SER R 84 -46.80 22.75 -15.55
N MET R 85 -47.29 21.79 -14.80
CA MET R 85 -48.73 21.42 -14.87
C MET R 85 -49.55 22.63 -14.42
N GLY R 86 -48.96 23.57 -13.66
CA GLY R 86 -49.81 24.66 -13.24
C GLY R 86 -50.06 25.67 -14.34
N GLU R 87 -49.10 25.82 -15.25
CA GLU R 87 -49.36 26.65 -16.42
C GLU R 87 -50.30 25.95 -17.38
N PHE R 88 -50.24 24.62 -17.41
CA PHE R 88 -51.07 23.84 -18.29
C PHE R 88 -52.52 24.02 -17.90
N LEU R 89 -52.82 23.82 -16.62
CA LEU R 89 -54.17 23.98 -16.11
C LEU R 89 -54.63 25.42 -16.13
N LEU R 90 -53.69 26.36 -16.00
CA LEU R 90 -54.00 27.77 -16.25
C LEU R 90 -54.44 28.00 -17.67
N ALA R 91 -53.65 27.54 -18.63
CA ALA R 91 -53.99 27.68 -20.03
C ALA R 91 -55.13 26.76 -20.43
N ALA R 92 -55.45 25.76 -19.60
CA ALA R 92 -56.57 24.87 -19.85
C ALA R 92 -57.91 25.47 -19.47
N GLY R 93 -57.93 26.65 -18.89
CA GLY R 93 -59.18 27.29 -18.54
C GLY R 93 -59.99 27.67 -19.76
N THR R 94 -61.21 28.10 -19.49
CA THR R 94 -62.11 28.53 -20.55
C THR R 94 -61.53 29.77 -21.21
N LYS R 95 -61.47 29.76 -22.54
CA LYS R 95 -60.89 30.89 -23.25
C LYS R 95 -61.77 32.12 -23.09
N GLY R 96 -61.11 33.26 -22.86
CA GLY R 96 -61.77 34.44 -22.38
C GLY R 96 -61.80 34.54 -20.88
N LYS R 97 -61.48 33.46 -20.18
CA LYS R 97 -61.56 33.42 -18.73
C LYS R 97 -60.28 32.92 -18.11
N ARG R 98 -59.17 32.98 -18.82
CA ARG R 98 -57.89 32.62 -18.27
C ARG R 98 -57.18 33.90 -17.86
N TYR R 99 -56.88 34.03 -16.58
CA TYR R 99 -56.38 35.27 -16.04
C TYR R 99 -55.02 35.06 -15.42
N ALA R 100 -54.16 36.05 -15.55
CA ALA R 100 -52.95 36.11 -14.76
C ALA R 100 -53.05 37.32 -13.87
N LEU R 101 -52.78 37.12 -12.59
CA LEU R 101 -52.62 38.27 -11.73
C LEU R 101 -51.28 38.92 -12.09
N PRO R 102 -51.17 40.24 -12.03
CA PRO R 102 -50.12 40.93 -12.82
C PRO R 102 -48.68 40.67 -12.41
N HIS R 103 -48.44 39.96 -11.32
CA HIS R 103 -47.10 39.59 -10.92
C HIS R 103 -46.96 38.09 -10.80
N ALA R 104 -47.87 37.34 -11.40
CA ALA R 104 -47.72 35.91 -11.50
C ALA R 104 -46.68 35.58 -12.55
N ARG R 105 -46.06 34.43 -12.40
CA ARG R 105 -45.06 33.96 -13.33
C ARG R 105 -45.50 32.62 -13.87
N ILE R 106 -45.28 32.42 -15.17
CA ILE R 106 -45.70 31.22 -15.85
C ILE R 106 -44.46 30.53 -16.37
N LEU R 107 -44.29 29.27 -15.97
CA LEU R 107 -43.15 28.47 -16.39
C LEU R 107 -43.63 27.34 -17.27
N MET R 108 -43.31 27.40 -18.54
CA MET R 108 -43.62 26.32 -19.47
C MET R 108 -42.34 25.56 -19.78
N HIS R 109 -42.36 24.26 -19.58
CA HIS R 109 -41.25 23.41 -19.96
C HIS R 109 -41.76 22.03 -20.30
N GLN R 110 -40.89 21.25 -20.94
CA GLN R 110 -41.22 19.89 -21.31
C GLN R 110 -41.35 19.01 -20.07
N PRO R 111 -42.03 17.86 -20.16
CA PRO R 111 -42.16 17.01 -18.98
C PRO R 111 -40.85 16.44 -18.48
N LEU R 112 -40.75 16.35 -17.16
CA LEU R 112 -39.68 15.67 -16.48
C LEU R 112 -40.17 14.29 -16.09
N GLY R 113 -39.25 13.38 -15.89
CA GLY R 113 -39.63 12.05 -15.49
C GLY R 113 -38.43 11.27 -15.03
N GLY R 114 -38.49 9.96 -15.22
CA GLY R 114 -37.37 9.12 -14.89
C GLY R 114 -37.48 7.81 -15.62
N VAL R 115 -36.37 7.36 -16.16
CA VAL R 115 -36.26 6.05 -16.75
C VAL R 115 -35.62 5.11 -15.74
N THR R 116 -36.13 3.89 -15.68
CA THR R 116 -35.62 2.89 -14.76
C THR R 116 -35.97 1.52 -15.29
N GLY R 117 -35.28 0.52 -14.77
CA GLY R 117 -35.57 -0.84 -15.13
C GLY R 117 -34.74 -1.33 -16.29
N SER R 118 -35.23 -2.39 -16.90
CA SER R 118 -34.51 -3.04 -17.99
C SER R 118 -34.62 -2.23 -19.26
N ALA R 119 -33.84 -2.61 -20.27
CA ALA R 119 -33.82 -1.86 -21.52
C ALA R 119 -35.14 -2.01 -22.27
N ALA R 120 -35.83 -3.13 -22.09
CA ALA R 120 -37.14 -3.29 -22.71
C ALA R 120 -38.19 -2.47 -21.99
N ASP R 121 -38.02 -2.26 -20.68
CA ASP R 121 -38.92 -1.40 -19.94
C ASP R 121 -38.71 0.06 -20.32
N ILE R 122 -37.45 0.47 -20.47
CA ILE R 122 -37.13 1.87 -20.75
C ILE R 122 -37.52 2.23 -22.17
N ALA R 123 -37.47 1.27 -23.09
CA ALA R 123 -37.94 1.51 -24.45
C ALA R 123 -39.44 1.77 -24.47
N ILE R 124 -40.17 1.15 -23.55
CA ILE R 124 -41.59 1.42 -23.40
C ILE R 124 -41.83 2.75 -22.73
N GLN R 125 -41.02 3.06 -21.70
CA GLN R 125 -41.13 4.34 -21.01
C GLN R 125 -40.82 5.49 -21.95
N ALA R 126 -39.79 5.36 -22.77
CA ALA R 126 -39.46 6.40 -23.75
C ALA R 126 -40.51 6.53 -24.82
N GLU R 127 -41.10 5.40 -25.23
CA GLU R 127 -42.19 5.44 -26.19
C GLU R 127 -43.38 6.16 -25.61
N GLN R 128 -43.62 5.98 -24.31
CA GLN R 128 -44.70 6.67 -23.65
C GLN R 128 -44.31 8.08 -23.29
N PHE R 129 -43.03 8.35 -23.09
CA PHE R 129 -42.60 9.72 -22.87
C PHE R 129 -42.74 10.54 -24.13
N ALA R 130 -42.56 9.92 -25.29
CA ALA R 130 -42.81 10.62 -26.54
C ALA R 130 -44.29 10.85 -26.75
N VAL R 131 -45.14 9.97 -26.22
CA VAL R 131 -46.59 10.15 -26.36
C VAL R 131 -47.07 11.25 -25.43
N ILE R 132 -46.56 11.27 -24.19
CA ILE R 132 -46.96 12.28 -23.23
C ILE R 132 -46.47 13.66 -23.67
N LYS R 133 -45.24 13.74 -24.16
CA LYS R 133 -44.68 15.04 -24.51
C LYS R 133 -45.31 15.60 -25.77
N LYS R 134 -45.69 14.72 -26.70
CA LYS R 134 -46.41 15.17 -27.89
C LYS R 134 -47.81 15.62 -27.53
N GLU R 135 -48.44 14.96 -26.57
CA GLU R 135 -49.80 15.32 -26.19
C GLU R 135 -49.81 16.57 -25.32
N MET R 136 -48.83 16.72 -24.43
CA MET R 136 -48.72 17.93 -23.64
C MET R 136 -48.37 19.13 -24.51
N PHE R 137 -47.58 18.92 -25.55
CA PHE R 137 -47.26 20.05 -26.43
C PHE R 137 -48.41 20.36 -27.36
N ARG R 138 -49.20 19.36 -27.72
CA ARG R 138 -50.36 19.59 -28.56
C ARG R 138 -51.39 20.42 -27.84
N LEU R 139 -51.58 20.16 -26.55
CA LEU R 139 -52.59 20.89 -25.81
C LEU R 139 -52.12 22.29 -25.46
N ASN R 140 -50.84 22.46 -25.09
CA ASN R 140 -50.30 23.80 -24.93
C ASN R 140 -50.31 24.59 -26.24
N ALA R 141 -50.16 23.91 -27.37
CA ALA R 141 -50.35 24.61 -28.63
C ALA R 141 -51.81 24.93 -28.87
N GLU R 142 -52.71 24.07 -28.41
CA GLU R 142 -54.14 24.35 -28.56
C GLU R 142 -54.59 25.44 -27.60
N PHE R 143 -54.06 25.45 -26.39
CA PHE R 143 -54.44 26.43 -25.38
C PHE R 143 -53.96 27.81 -25.78
N THR R 144 -52.66 27.94 -26.01
CA THR R 144 -52.04 29.22 -26.28
C THR R 144 -52.30 29.70 -27.70
N GLY R 145 -52.67 28.82 -28.61
CA GLY R 145 -52.78 29.21 -30.00
C GLY R 145 -51.45 29.33 -30.69
N GLN R 146 -50.38 28.89 -30.06
CA GLN R 146 -49.07 28.86 -30.65
C GLN R 146 -48.97 27.63 -31.54
N PRO R 147 -48.04 27.62 -32.51
CA PRO R 147 -47.76 26.39 -33.23
C PRO R 147 -47.17 25.34 -32.31
N ILE R 148 -47.32 24.07 -32.67
CA ILE R 148 -46.77 23.02 -31.83
C ILE R 148 -45.24 23.03 -31.91
N GLU R 149 -44.69 23.49 -33.03
CA GLU R 149 -43.23 23.62 -33.14
C GLU R 149 -42.72 24.76 -32.28
N ARG R 150 -43.54 25.80 -32.11
CA ARG R 150 -43.21 26.87 -31.18
C ARG R 150 -43.22 26.38 -29.74
N ILE R 151 -44.19 25.53 -29.40
CA ILE R 151 -44.28 24.99 -28.04
C ILE R 151 -43.13 24.02 -27.79
N GLU R 152 -42.78 23.20 -28.80
CA GLU R 152 -41.66 22.28 -28.70
C GLU R 152 -40.35 22.99 -28.45
N ALA R 153 -40.08 24.05 -29.20
CA ALA R 153 -38.81 24.77 -29.06
C ALA R 153 -38.75 25.54 -27.76
N ASP R 154 -39.87 26.10 -27.33
CA ASP R 154 -39.87 26.94 -26.14
C ASP R 154 -39.89 26.13 -24.86
N SER R 155 -40.51 24.96 -24.86
CA SER R 155 -40.58 24.13 -23.66
C SER R 155 -39.37 23.25 -23.48
N ASP R 156 -38.37 23.38 -24.36
CA ASP R 156 -37.23 22.47 -24.36
C ASP R 156 -36.46 22.54 -23.05
N ARG R 157 -36.26 23.74 -22.54
CA ARG R 157 -35.85 23.92 -21.17
C ARG R 157 -36.87 24.85 -20.54
N ASP R 158 -36.59 25.32 -19.34
CA ASP R 158 -37.49 26.22 -18.64
C ASP R 158 -37.66 27.51 -19.42
N ARG R 159 -38.89 27.85 -19.75
CA ARG R 159 -39.17 29.15 -20.33
C ARG R 159 -40.11 29.88 -19.40
N TRP R 160 -39.64 30.99 -18.87
CA TRP R 160 -40.40 31.76 -17.92
C TRP R 160 -41.17 32.87 -18.62
N PHE R 161 -42.31 33.19 -18.05
CA PHE R 161 -43.18 34.22 -18.58
C PHE R 161 -43.55 35.14 -17.45
N THR R 162 -43.62 36.43 -17.74
CA THR R 162 -44.31 37.32 -16.82
C THR R 162 -45.80 37.22 -17.14
N ALA R 163 -46.60 38.03 -16.47
CA ALA R 163 -48.02 38.06 -16.79
C ALA R 163 -48.23 38.63 -18.19
N ALA R 164 -47.50 39.70 -18.53
CA ALA R 164 -47.65 40.31 -19.84
C ALA R 164 -47.09 39.43 -20.94
N GLU R 165 -46.05 38.65 -20.65
CA GLU R 165 -45.50 37.75 -21.64
C GLU R 165 -46.40 36.53 -21.83
N ALA R 166 -47.05 36.09 -20.77
CA ALA R 166 -47.99 34.98 -20.88
C ALA R 166 -49.27 35.40 -21.59
N LEU R 167 -49.63 36.68 -21.49
CA LEU R 167 -50.76 37.19 -22.24
C LEU R 167 -50.47 37.21 -23.73
N GLU R 168 -49.26 37.62 -24.12
CA GLU R 168 -48.89 37.62 -25.52
C GLU R 168 -48.72 36.23 -26.06
N TYR R 169 -48.25 35.31 -25.23
CA TYR R 169 -47.96 33.97 -25.70
C TYR R 169 -49.22 33.15 -25.82
N GLY R 170 -50.17 33.37 -24.92
CA GLY R 170 -51.48 32.78 -25.06
C GLY R 170 -51.95 31.97 -23.88
N PHE R 171 -51.18 31.90 -22.81
CA PHE R 171 -51.59 31.13 -21.64
C PHE R 171 -52.80 31.72 -20.96
N VAL R 172 -52.85 33.03 -20.86
CA VAL R 172 -53.96 33.71 -20.23
C VAL R 172 -54.61 34.62 -21.26
N ASP R 173 -55.79 35.09 -20.91
CA ASP R 173 -56.57 35.94 -21.79
C ASP R 173 -56.63 37.37 -21.30
N HIS R 174 -56.43 37.59 -20.00
CA HIS R 174 -56.46 38.92 -19.43
C HIS R 174 -55.45 38.99 -18.31
N ILE R 175 -55.01 40.20 -18.02
CA ILE R 175 -54.24 40.50 -16.83
C ILE R 175 -55.15 41.33 -15.96
N ILE R 176 -55.44 40.85 -14.76
CA ILE R 176 -56.37 41.56 -13.90
C ILE R 176 -55.65 42.74 -13.28
N THR R 177 -56.21 43.93 -13.48
CA THR R 177 -55.66 45.14 -12.88
C THR R 177 -56.84 45.94 -12.33
N ARG R 178 -57.12 45.76 -11.06
CA ARG R 178 -58.27 46.40 -10.44
C ARG R 178 -57.85 47.65 -9.68
N SER S 1 -63.17 10.20 16.21
CA SER S 1 -62.72 8.93 15.64
C SER S 1 -63.81 7.88 15.76
N LEU S 2 -63.76 6.86 14.90
CA LEU S 2 -64.67 5.73 15.05
C LEU S 2 -64.28 4.87 16.24
N THR S 3 -62.99 4.58 16.37
CA THR S 3 -62.49 3.72 17.44
C THR S 3 -62.75 4.34 18.81
N ASP S 4 -62.61 5.66 18.91
CA ASP S 4 -62.99 6.34 20.14
C ASP S 4 -64.51 6.36 20.32
N SER S 5 -65.26 6.34 19.23
CA SER S 5 -66.72 6.39 19.34
C SER S 5 -67.28 5.06 19.85
N VAL S 6 -66.68 3.95 19.43
CA VAL S 6 -67.14 2.65 19.89
C VAL S 6 -66.74 2.45 21.35
N TYR S 7 -65.54 2.90 21.70
CA TYR S 7 -65.10 2.86 23.09
C TYR S 7 -65.90 3.79 23.98
N GLU S 8 -66.37 4.91 23.44
CA GLU S 8 -67.21 5.80 24.22
C GLU S 8 -68.59 5.19 24.45
N ARG S 9 -69.12 4.51 23.45
CA ARG S 9 -70.41 3.85 23.62
C ARG S 9 -70.32 2.63 24.49
N LEU S 10 -69.16 2.01 24.59
CA LEU S 10 -68.98 0.94 25.55
C LEU S 10 -68.61 1.45 26.92
N LEU S 11 -68.04 2.65 27.00
CA LEU S 11 -67.89 3.32 28.28
C LEU S 11 -69.24 3.66 28.86
N SER S 12 -70.22 3.98 28.03
CA SER S 12 -71.57 4.21 28.50
C SER S 12 -72.21 2.92 29.01
N GLU S 13 -71.80 1.78 28.49
CA GLU S 13 -72.27 0.49 28.97
C GLU S 13 -71.33 -0.10 30.02
N ARG S 14 -70.43 0.73 30.55
CA ARG S 14 -69.51 0.39 31.64
C ARG S 14 -68.56 -0.74 31.25
N ILE S 15 -68.14 -0.71 29.99
CA ILE S 15 -67.22 -1.69 29.43
C ILE S 15 -65.97 -0.93 29.03
N ILE S 16 -64.88 -1.17 29.72
CA ILE S 16 -63.62 -0.49 29.41
C ILE S 16 -62.62 -1.53 28.97
N PHE S 17 -61.61 -1.07 28.23
CA PHE S 17 -60.66 -1.94 27.57
C PHE S 17 -59.25 -1.61 28.00
N LEU S 18 -58.56 -2.62 28.50
CA LEU S 18 -57.10 -2.61 28.58
C LEU S 18 -56.64 -3.38 27.36
N GLY S 19 -56.37 -2.65 26.29
CA GLY S 19 -56.08 -3.29 25.03
C GLY S 19 -54.68 -3.09 24.52
N SER S 20 -53.85 -2.39 25.26
CA SER S 20 -52.49 -2.11 24.85
C SER S 20 -51.55 -2.58 25.95
N GLU S 21 -50.28 -2.23 25.81
CA GLU S 21 -49.38 -2.38 26.94
C GLU S 21 -49.77 -1.41 28.03
N VAL S 22 -49.55 -1.79 29.27
CA VAL S 22 -49.91 -0.94 30.39
C VAL S 22 -48.77 0.05 30.60
N ASN S 23 -48.82 1.16 29.89
CA ASN S 23 -47.93 2.26 30.17
C ASN S 23 -48.73 3.28 30.98
N ASP S 24 -48.11 4.41 31.29
CA ASP S 24 -48.79 5.40 32.12
C ASP S 24 -49.93 6.08 31.40
N GLU S 25 -49.90 6.15 30.07
CA GLU S 25 -50.98 6.79 29.34
C GLU S 25 -52.23 5.93 29.35
N ILE S 26 -52.09 4.63 29.08
CA ILE S 26 -53.23 3.73 29.09
C ILE S 26 -53.73 3.51 30.51
N ALA S 27 -52.82 3.56 31.48
CA ALA S 27 -53.23 3.40 32.87
C ALA S 27 -54.03 4.58 33.37
N ASN S 28 -53.60 5.78 33.02
CA ASN S 28 -54.27 6.97 33.53
C ASN S 28 -55.64 7.13 32.91
N ARG S 29 -55.81 6.72 31.66
CA ARG S 29 -57.15 6.79 31.07
C ARG S 29 -58.04 5.66 31.59
N LEU S 30 -57.47 4.50 31.95
CA LEU S 30 -58.28 3.49 32.62
C LEU S 30 -58.63 3.91 34.02
N CYS S 31 -57.69 4.49 34.75
CA CYS S 31 -57.98 5.03 36.07
C CYS S 31 -59.00 6.15 35.99
N ALA S 32 -58.93 6.95 34.93
CA ALA S 32 -59.92 7.99 34.74
C ALA S 32 -61.28 7.40 34.40
N GLN S 33 -61.30 6.34 33.60
CA GLN S 33 -62.57 5.70 33.27
C GLN S 33 -63.18 4.99 34.46
N ILE S 34 -62.35 4.38 35.31
CA ILE S 34 -62.89 3.74 36.51
C ILE S 34 -63.39 4.79 37.49
N LEU S 35 -62.66 5.91 37.62
CA LEU S 35 -63.14 7.01 38.46
C LEU S 35 -64.38 7.65 37.86
N LEU S 36 -64.50 7.67 36.54
CA LEU S 36 -65.68 8.26 35.92
C LEU S 36 -66.88 7.34 36.08
N LEU S 37 -66.68 6.04 35.89
CA LEU S 37 -67.80 5.11 35.96
C LEU S 37 -68.25 4.85 37.38
N ALA S 38 -67.33 4.89 38.34
CA ALA S 38 -67.73 4.77 39.74
C ALA S 38 -68.41 6.02 40.25
N ALA S 39 -68.17 7.17 39.60
CA ALA S 39 -68.89 8.37 39.95
C ALA S 39 -70.31 8.36 39.38
N GLU S 40 -70.51 7.73 38.22
CA GLU S 40 -71.84 7.65 37.64
C GLU S 40 -72.72 6.69 38.44
N ASP S 41 -72.33 5.42 38.49
CA ASP S 41 -72.99 4.45 39.33
C ASP S 41 -71.96 3.74 40.17
N ALA S 42 -72.18 3.73 41.48
CA ALA S 42 -71.27 3.08 42.40
C ALA S 42 -71.70 1.65 42.67
N SER S 43 -72.72 1.17 41.98
CA SER S 43 -73.29 -0.15 42.26
C SER S 43 -73.33 -1.04 41.02
N LYS S 44 -73.14 -0.48 39.83
CA LYS S 44 -73.11 -1.27 38.61
C LYS S 44 -71.68 -1.65 38.31
N ASP S 45 -71.47 -2.89 37.89
CA ASP S 45 -70.13 -3.41 37.66
C ASP S 45 -69.49 -2.77 36.45
N ILE S 46 -68.18 -2.64 36.50
CA ILE S 46 -67.39 -2.22 35.36
C ILE S 46 -66.78 -3.47 34.74
N SER S 47 -66.99 -3.65 33.45
CA SER S 47 -66.37 -4.74 32.72
C SER S 47 -65.04 -4.26 32.15
N LEU S 48 -63.96 -4.87 32.58
CA LEU S 48 -62.63 -4.55 32.08
C LEU S 48 -62.17 -5.69 31.18
N TYR S 49 -62.28 -5.48 29.87
CA TYR S 49 -61.78 -6.44 28.89
C TYR S 49 -60.30 -6.21 28.70
N ILE S 50 -59.51 -7.26 28.86
CA ILE S 50 -58.06 -7.14 28.89
C ILE S 50 -57.49 -7.93 27.73
N ASN S 51 -56.87 -7.22 26.78
CA ASN S 51 -56.08 -7.79 25.71
C ASN S 51 -54.75 -7.09 25.80
N SER S 52 -53.91 -7.53 26.72
CA SER S 52 -52.76 -6.73 27.05
C SER S 52 -51.51 -7.60 27.09
N PRO S 53 -50.42 -7.16 26.50
CA PRO S 53 -49.14 -7.86 26.66
C PRO S 53 -48.42 -7.53 27.95
N GLY S 54 -49.07 -6.88 28.89
CA GLY S 54 -48.42 -6.43 30.10
C GLY S 54 -47.78 -5.09 29.89
N GLY S 55 -47.26 -4.51 30.96
CA GLY S 55 -46.62 -3.23 30.85
C GLY S 55 -45.95 -2.85 32.15
N SER S 56 -46.02 -1.58 32.48
CA SER S 56 -45.36 -1.05 33.66
C SER S 56 -46.06 -1.53 34.92
N ILE S 57 -45.28 -1.87 35.94
CA ILE S 57 -45.85 -2.30 37.21
C ILE S 57 -46.59 -1.15 37.86
N SER S 58 -45.95 0.02 37.94
CA SER S 58 -46.55 1.16 38.62
C SER S 58 -47.74 1.71 37.85
N ALA S 59 -47.76 1.54 36.54
CA ALA S 59 -48.95 1.89 35.78
C ALA S 59 -50.07 0.92 36.06
N GLY S 60 -49.77 -0.36 36.13
CA GLY S 60 -50.79 -1.33 36.46
C GLY S 60 -51.19 -1.30 37.92
N MET S 61 -50.28 -0.86 38.79
CA MET S 61 -50.64 -0.66 40.19
C MET S 61 -51.55 0.54 40.36
N ALA S 62 -51.45 1.52 39.46
CA ALA S 62 -52.41 2.61 39.45
C ALA S 62 -53.79 2.10 39.09
N ILE S 63 -53.86 1.22 38.09
CA ILE S 63 -55.14 0.62 37.68
C ILE S 63 -55.68 -0.27 38.78
N TYR S 64 -54.82 -1.11 39.34
CA TYR S 64 -55.21 -2.02 40.41
C TYR S 64 -55.71 -1.30 41.64
N ASP S 65 -55.09 -0.17 41.98
CA ASP S 65 -55.61 0.62 43.09
C ASP S 65 -56.93 1.26 42.74
N THR S 66 -57.08 1.73 41.50
CA THR S 66 -58.34 2.33 41.10
C THR S 66 -59.43 1.29 40.97
N MET S 67 -59.07 0.06 40.64
CA MET S 67 -60.03 -1.04 40.62
C MET S 67 -60.51 -1.40 42.02
N VAL S 68 -59.59 -1.50 42.97
CA VAL S 68 -59.96 -1.87 44.34
C VAL S 68 -60.71 -0.75 45.02
N LEU S 69 -60.25 0.47 44.84
CA LEU S 69 -60.88 1.60 45.51
C LEU S 69 -62.17 2.03 44.85
N ALA S 70 -62.49 1.51 43.69
CA ALA S 70 -63.79 1.75 43.11
C ALA S 70 -64.84 1.04 43.96
N PRO S 71 -65.93 1.70 44.32
CA PRO S 71 -66.97 1.06 45.11
C PRO S 71 -67.74 0.00 44.36
N CYS S 72 -67.65 0.00 43.03
CA CYS S 72 -68.29 -0.98 42.19
C CYS S 72 -67.31 -2.09 41.84
N ASP S 73 -67.85 -3.26 41.54
CA ASP S 73 -67.02 -4.41 41.22
C ASP S 73 -66.43 -4.24 39.82
N ILE S 74 -65.18 -4.66 39.67
CA ILE S 74 -64.52 -4.61 38.37
C ILE S 74 -64.51 -6.04 37.86
N ALA S 75 -65.39 -6.34 36.92
CA ALA S 75 -65.35 -7.64 36.26
C ALA S 75 -64.26 -7.60 35.22
N THR S 76 -63.27 -8.47 35.33
CA THR S 76 -62.20 -8.51 34.36
C THR S 76 -62.40 -9.67 33.40
N TYR S 77 -61.93 -9.48 32.18
CA TYR S 77 -62.17 -10.39 31.08
C TYR S 77 -60.86 -10.56 30.33
N ALA S 78 -60.28 -11.75 30.42
CA ALA S 78 -59.10 -12.06 29.61
C ALA S 78 -59.57 -12.26 28.18
N MET S 79 -59.21 -11.36 27.31
CA MET S 79 -59.68 -11.36 25.93
C MET S 79 -58.46 -11.54 25.04
N GLY S 80 -58.16 -12.78 24.68
CA GLY S 80 -57.02 -13.03 23.84
C GLY S 80 -55.71 -13.16 24.57
N MET S 81 -55.30 -12.13 25.30
CA MET S 81 -54.01 -12.11 25.97
C MET S 81 -54.09 -11.34 27.26
N ALA S 82 -53.71 -11.99 28.35
CA ALA S 82 -53.62 -11.27 29.65
C ALA S 82 -52.21 -11.56 30.12
N ALA S 83 -51.22 -10.86 29.56
CA ALA S 83 -49.82 -11.17 29.89
C ALA S 83 -49.24 -10.16 30.88
N SER S 84 -48.29 -10.59 31.71
CA SER S 84 -47.59 -9.66 32.63
C SER S 84 -48.61 -8.80 33.39
N MET S 85 -48.47 -7.49 33.31
CA MET S 85 -49.40 -6.59 34.04
C MET S 85 -50.82 -6.89 33.57
N GLY S 86 -50.99 -7.57 32.44
CA GLY S 86 -52.36 -7.79 32.03
C GLY S 86 -52.98 -8.99 32.73
N GLU S 87 -52.17 -9.98 33.09
CA GLU S 87 -52.69 -11.07 33.91
C GLU S 87 -52.90 -10.60 35.34
N PHE S 88 -52.09 -9.65 35.78
CA PHE S 88 -52.19 -9.13 37.13
C PHE S 88 -53.51 -8.42 37.31
N LEU S 89 -53.82 -7.51 36.39
CA LEU S 89 -55.08 -6.77 36.42
C LEU S 89 -56.27 -7.65 36.13
N LEU S 90 -56.08 -8.71 35.35
CA LEU S 90 -57.10 -9.75 35.20
C LEU S 90 -57.38 -10.42 36.52
N ALA S 91 -56.34 -10.91 37.18
CA ALA S 91 -56.50 -11.55 38.47
C ALA S 91 -56.84 -10.56 39.57
N ALA S 92 -56.63 -9.27 39.32
CA ALA S 92 -56.99 -8.22 40.27
C ALA S 92 -58.47 -7.89 40.27
N GLY S 93 -59.26 -8.47 39.37
CA GLY S 93 -60.68 -8.22 39.34
C GLY S 93 -61.36 -8.75 40.59
N THR S 94 -62.64 -8.39 40.70
CA THR S 94 -63.46 -8.85 41.79
C THR S 94 -63.60 -10.35 41.72
N LYS S 95 -63.37 -11.04 42.84
CA LYS S 95 -63.45 -12.48 42.85
C LYS S 95 -64.89 -12.94 42.63
N GLY S 96 -65.04 -13.96 41.81
CA GLY S 96 -66.32 -14.31 41.25
C GLY S 96 -66.61 -13.63 39.94
N LYS S 97 -65.84 -12.62 39.58
CA LYS S 97 -66.09 -11.83 38.39
C LYS S 97 -64.85 -11.72 37.52
N ARG S 98 -63.90 -12.62 37.67
CA ARG S 98 -62.72 -12.64 36.81
C ARG S 98 -62.95 -13.71 35.76
N TYR S 99 -62.96 -13.30 34.50
CA TYR S 99 -63.36 -14.18 33.43
C TYR S 99 -62.22 -14.32 32.43
N ALA S 100 -62.08 -15.51 31.88
CA ALA S 100 -61.25 -15.71 30.71
C ALA S 100 -62.15 -16.12 29.57
N LEU S 101 -62.00 -15.47 28.45
CA LEU S 101 -62.65 -15.96 27.25
C LEU S 101 -61.90 -17.21 26.83
N PRO S 102 -62.57 -18.22 26.29
CA PRO S 102 -62.02 -19.59 26.32
C PRO S 102 -60.76 -19.83 25.50
N HIS S 103 -60.32 -18.87 24.71
CA HIS S 103 -59.08 -18.99 23.97
C HIS S 103 -58.12 -17.87 24.31
N ALA S 104 -58.35 -17.21 25.43
CA ALA S 104 -57.39 -16.26 25.94
C ALA S 104 -56.21 -16.99 26.55
N ARG S 105 -55.07 -16.34 26.56
CA ARG S 105 -53.87 -16.89 27.13
C ARG S 105 -53.37 -15.97 28.21
N ILE S 106 -52.89 -16.55 29.30
CA ILE S 106 -52.44 -15.81 30.45
C ILE S 106 -50.97 -16.11 30.64
N LEU S 107 -50.17 -15.06 30.66
CA LEU S 107 -48.73 -15.16 30.84
C LEU S 107 -48.34 -14.53 32.17
N MET S 108 -47.94 -15.36 33.12
CA MET S 108 -47.44 -14.88 34.39
C MET S 108 -45.93 -15.04 34.41
N HIS S 109 -45.23 -13.94 34.69
CA HIS S 109 -43.79 -14.01 34.85
C HIS S 109 -43.36 -12.91 35.82
N GLN S 110 -42.12 -13.03 36.30
CA GLN S 110 -41.55 -12.05 37.20
C GLN S 110 -41.32 -10.73 36.47
N PRO S 111 -41.20 -9.61 37.21
CA PRO S 111 -40.98 -8.33 36.54
C PRO S 111 -39.67 -8.24 35.78
N LEU S 112 -39.73 -7.58 34.64
CA LEU S 112 -38.56 -7.20 33.88
C LEU S 112 -38.23 -5.76 34.20
N GLY S 113 -36.98 -5.39 33.97
CA GLY S 113 -36.58 -4.03 34.22
C GLY S 113 -35.24 -3.75 33.62
N GLY S 114 -34.51 -2.85 34.24
CA GLY S 114 -33.17 -2.55 33.81
C GLY S 114 -32.41 -1.88 34.92
N VAL S 115 -31.17 -2.32 35.10
CA VAL S 115 -30.25 -1.67 36.02
C VAL S 115 -29.34 -0.76 35.21
N THR S 116 -29.05 0.41 35.76
CA THR S 116 -28.20 1.37 35.11
C THR S 116 -27.62 2.31 36.16
N GLY S 117 -26.56 2.99 35.79
CA GLY S 117 -25.97 3.97 36.67
C GLY S 117 -24.85 3.38 37.50
N SER S 118 -24.55 4.09 38.58
CA SER S 118 -23.44 3.71 39.44
C SER S 118 -23.82 2.53 40.30
N ALA S 119 -22.82 1.97 40.98
CA ALA S 119 -23.06 0.78 41.80
C ALA S 119 -23.93 1.10 43.01
N ALA S 120 -23.87 2.34 43.50
CA ALA S 120 -24.74 2.73 44.60
C ALA S 120 -26.16 2.95 44.11
N ASP S 121 -26.33 3.36 42.85
CA ASP S 121 -27.66 3.48 42.28
C ASP S 121 -28.28 2.12 42.03
N ILE S 122 -27.47 1.17 41.53
CA ILE S 122 -27.97 -0.15 41.18
C ILE S 122 -28.30 -0.95 42.44
N ALA S 123 -27.57 -0.72 43.52
CA ALA S 123 -27.90 -1.36 44.79
C ALA S 123 -29.25 -0.90 45.31
N ILE S 124 -29.62 0.34 45.00
CA ILE S 124 -30.94 0.85 45.34
C ILE S 124 -31.99 0.30 44.41
N GLN S 125 -31.67 0.23 43.12
CA GLN S 125 -32.58 -0.35 42.14
C GLN S 125 -32.87 -1.81 42.44
N ALA S 126 -31.83 -2.58 42.78
CA ALA S 126 -32.03 -3.98 43.14
C ALA S 126 -32.80 -4.14 44.42
N GLU S 127 -32.57 -3.25 45.39
CA GLU S 127 -33.34 -3.27 46.62
C GLU S 127 -34.80 -2.98 46.33
N GLN S 128 -35.06 -2.10 45.39
CA GLN S 128 -36.43 -1.81 45.01
C GLN S 128 -36.99 -2.85 44.06
N PHE S 129 -36.12 -3.52 43.30
CA PHE S 129 -36.59 -4.63 42.49
C PHE S 129 -37.01 -5.80 43.35
N ALA S 130 -36.34 -6.00 44.48
CA ALA S 130 -36.76 -7.03 45.41
C ALA S 130 -38.06 -6.65 46.10
N VAL S 131 -38.31 -5.35 46.27
CA VAL S 131 -39.56 -4.90 46.90
C VAL S 131 -40.72 -5.05 45.92
N ILE S 132 -40.49 -4.68 44.66
CA ILE S 132 -41.54 -4.79 43.64
C ILE S 132 -41.87 -6.24 43.36
N LYS S 133 -40.86 -7.10 43.27
CA LYS S 133 -41.10 -8.49 42.92
C LYS S 133 -41.75 -9.24 44.06
N LYS S 134 -41.42 -8.88 45.30
CA LYS S 134 -42.09 -9.49 46.44
C LYS S 134 -43.53 -9.02 46.53
N GLU S 135 -43.78 -7.77 46.18
CA GLU S 135 -45.15 -7.25 46.26
C GLU S 135 -46.00 -7.75 45.11
N MET S 136 -45.41 -7.85 43.91
CA MET S 136 -46.13 -8.42 42.78
C MET S 136 -46.42 -9.89 42.98
N PHE S 137 -45.52 -10.62 43.64
CA PHE S 137 -45.78 -12.03 43.88
C PHE S 137 -46.75 -12.21 45.02
N ARG S 138 -46.76 -11.30 46.00
CA ARG S 138 -47.71 -11.37 47.08
C ARG S 138 -49.13 -11.17 46.59
N LEU S 139 -49.31 -10.26 45.65
CA LEU S 139 -50.64 -9.98 45.15
C LEU S 139 -51.12 -11.06 44.20
N ASN S 140 -50.25 -11.57 43.33
CA ASN S 140 -50.60 -12.74 42.53
C ASN S 140 -50.88 -13.96 43.39
N ALA S 141 -50.21 -14.09 44.53
CA ALA S 141 -50.58 -15.15 45.46
C ALA S 141 -51.91 -14.86 46.11
N GLU S 142 -52.21 -13.59 46.37
CA GLU S 142 -53.49 -13.24 46.96
C GLU S 142 -54.62 -13.38 45.95
N PHE S 143 -54.36 -13.01 44.70
CA PHE S 143 -55.38 -13.09 43.65
C PHE S 143 -55.73 -14.53 43.34
N THR S 144 -54.73 -15.31 42.99
CA THR S 144 -54.92 -16.68 42.55
C THR S 144 -55.21 -17.62 43.69
N GLY S 145 -54.88 -17.25 44.92
CA GLY S 145 -54.99 -18.18 46.01
C GLY S 145 -53.88 -19.20 46.05
N GLN S 146 -52.87 -19.04 45.24
CA GLN S 146 -51.70 -19.89 45.25
C GLN S 146 -50.79 -19.47 46.39
N PRO S 147 -49.90 -20.35 46.85
CA PRO S 147 -48.86 -19.90 47.79
C PRO S 147 -47.91 -18.93 47.10
N ILE S 148 -47.26 -18.09 47.91
CA ILE S 148 -46.32 -17.14 47.32
C ILE S 148 -45.09 -17.87 46.80
N GLU S 149 -44.74 -19.01 47.38
CA GLU S 149 -43.64 -19.81 46.86
C GLU S 149 -44.00 -20.46 45.54
N ARG S 150 -45.29 -20.78 45.36
CA ARG S 150 -45.77 -21.28 44.07
C ARG S 150 -45.69 -20.19 43.01
N ILE S 151 -46.04 -18.96 43.38
CA ILE S 151 -45.99 -17.85 42.44
C ILE S 151 -44.53 -17.50 42.11
N GLU S 152 -43.65 -17.55 43.11
CA GLU S 152 -42.23 -17.30 42.89
C GLU S 152 -41.62 -18.29 41.93
N ALA S 153 -41.90 -19.58 42.11
CA ALA S 153 -41.31 -20.61 41.26
C ALA S 153 -41.88 -20.56 39.86
N ASP S 154 -43.17 -20.27 39.74
CA ASP S 154 -43.82 -20.31 38.44
C ASP S 154 -43.56 -19.06 37.61
N SER S 155 -43.39 -17.92 38.26
CA SER S 155 -43.14 -16.67 37.53
C SER S 155 -41.68 -16.47 37.21
N ASP S 156 -40.82 -17.44 37.52
CA ASP S 156 -39.38 -17.26 37.38
C ASP S 156 -38.99 -17.02 35.94
N ARG S 157 -39.59 -17.74 35.02
CA ARG S 157 -39.55 -17.38 33.62
C ARG S 157 -41.00 -17.32 33.17
N ASP S 158 -41.22 -17.18 31.87
CA ASP S 158 -42.56 -17.12 31.32
C ASP S 158 -43.32 -18.39 31.61
N ARG S 159 -44.46 -18.27 32.27
CA ARG S 159 -45.35 -19.40 32.43
C ARG S 159 -46.67 -19.06 31.76
N TRP S 160 -47.00 -19.83 30.75
CA TRP S 160 -48.20 -19.60 29.97
C TRP S 160 -49.34 -20.43 30.51
N PHE S 161 -50.53 -19.89 30.36
CA PHE S 161 -51.75 -20.52 30.81
C PHE S 161 -52.74 -20.48 29.66
N THR S 162 -53.49 -21.56 29.50
CA THR S 162 -54.69 -21.46 28.70
C THR S 162 -55.78 -20.88 29.58
N ALA S 163 -57.00 -20.80 29.05
CA ALA S 163 -58.11 -20.36 29.87
C ALA S 163 -58.42 -21.38 30.95
N ALA S 164 -58.38 -22.66 30.60
CA ALA S 164 -58.67 -23.71 31.57
C ALA S 164 -57.55 -23.85 32.60
N GLU S 165 -56.31 -23.59 32.20
CA GLU S 165 -55.20 -23.64 33.14
C GLU S 165 -55.21 -22.44 34.07
N ALA S 166 -55.64 -21.28 33.56
CA ALA S 166 -55.75 -20.09 34.40
C ALA S 166 -56.90 -20.19 35.36
N LEU S 167 -57.94 -20.93 34.99
CA LEU S 167 -59.05 -21.19 35.90
C LEU S 167 -58.61 -22.07 37.06
N GLU S 168 -57.82 -23.11 36.78
CA GLU S 168 -57.32 -23.98 37.83
C GLU S 168 -56.31 -23.27 38.70
N TYR S 169 -55.51 -22.38 38.12
CA TYR S 169 -54.44 -21.75 38.85
C TYR S 169 -54.98 -20.64 39.72
N GLY S 170 -55.99 -19.92 39.25
CA GLY S 170 -56.70 -18.98 40.08
C GLY S 170 -56.77 -17.57 39.54
N PHE S 171 -56.26 -17.33 38.33
CA PHE S 171 -56.31 -15.99 37.75
C PHE S 171 -57.73 -15.57 37.45
N VAL S 172 -58.55 -16.47 36.93
CA VAL S 172 -59.92 -16.17 36.59
C VAL S 172 -60.81 -17.07 37.42
N ASP S 173 -62.08 -16.73 37.44
CA ASP S 173 -63.07 -17.45 38.20
C ASP S 173 -64.01 -18.25 37.33
N HIS S 174 -64.16 -17.85 36.07
CA HIS S 174 -65.03 -18.55 35.14
C HIS S 174 -64.41 -18.50 33.76
N ILE S 175 -64.80 -19.46 32.93
CA ILE S 175 -64.52 -19.44 31.51
C ILE S 175 -65.85 -19.21 30.84
N ILE S 176 -65.98 -18.13 30.10
CA ILE S 176 -67.26 -17.81 29.46
C ILE S 176 -67.44 -18.73 28.26
N THR S 177 -68.55 -19.45 28.25
CA THR S 177 -68.89 -20.30 27.12
C THR S 177 -70.38 -20.10 26.85
N ARG S 178 -70.68 -19.21 25.92
CA ARG S 178 -72.06 -18.87 25.63
C ARG S 178 -72.56 -19.61 24.40
N ILE T 1 -1.92 14.34 0.68
CA ILE T 1 -0.89 13.35 0.40
C ILE T 1 0.44 13.84 0.97
N LEU T 2 1.26 12.91 1.46
CA LEU T 2 2.52 13.24 2.11
C LEU T 2 3.64 12.48 1.42
N PRO T 3 4.35 13.09 0.47
CA PRO T 3 5.50 12.41 -0.15
C PRO T 3 6.67 12.18 0.79
N SER T 4 7.22 10.99 0.72
CA SER T 4 8.32 10.59 1.56
C SER T 4 9.64 10.68 0.81
N PHE T 5 10.73 10.38 1.51
CA PHE T 5 12.06 10.32 0.94
C PHE T 5 12.89 9.39 1.83
N ILE T 6 13.00 8.13 1.42
CA ILE T 6 13.43 7.10 2.36
C ILE T 6 14.95 7.07 2.45
N GLU T 7 15.46 6.99 3.69
CA GLU T 7 16.88 6.92 4.04
C GLU T 7 17.64 8.17 3.54
N HIS T 8 17.23 9.30 4.11
CA HIS T 8 17.95 10.56 3.94
C HIS T 8 17.90 11.35 5.24
N SER T 16 11.59 7.46 5.28
CA SER T 16 11.45 8.73 5.98
C SER T 16 10.52 9.68 5.27
N ASN T 17 9.51 10.16 5.98
CA ASN T 17 8.58 11.18 5.52
C ASN T 17 9.01 12.48 6.18
N PRO T 18 8.38 13.63 5.85
CA PRO T 18 8.77 14.87 6.53
C PRO T 18 8.51 14.90 8.02
N TYR T 19 7.60 14.10 8.57
CA TYR T 19 7.45 14.12 10.02
C TYR T 19 8.55 13.32 10.71
N ASN T 20 9.07 12.29 10.03
CA ASN T 20 10.24 11.60 10.54
C ASN T 20 11.45 12.51 10.53
N LYS T 21 11.57 13.34 9.49
CA LYS T 21 12.72 14.22 9.38
C LYS T 21 12.65 15.33 10.41
N LEU T 22 11.44 15.81 10.71
CA LEU T 22 11.29 16.78 11.78
C LEU T 22 11.59 16.15 13.13
N PHE T 23 11.16 14.91 13.33
CA PHE T 23 11.35 14.28 14.63
C PHE T 23 12.80 13.92 14.89
N GLU T 24 13.54 13.51 13.87
CA GLU T 24 14.94 13.21 14.10
C GLU T 24 15.76 14.48 14.25
N GLU T 25 15.21 15.62 13.82
CA GLU T 25 15.73 16.92 14.17
C GLU T 25 15.01 17.51 15.37
N ARG T 26 14.42 16.64 16.20
CA ARG T 26 13.90 16.95 17.53
C ARG T 26 12.76 17.96 17.50
N ILE T 27 11.92 17.86 16.48
CA ILE T 27 10.75 18.70 16.36
C ILE T 27 9.53 17.81 16.57
N ILE T 28 8.89 17.96 17.71
CA ILE T 28 7.61 17.33 17.98
C ILE T 28 6.53 18.16 17.34
N PHE T 29 5.56 17.50 16.74
CA PHE T 29 4.54 18.20 15.99
C PHE T 29 3.18 18.01 16.63
N LEU T 30 2.51 19.13 16.90
CA LEU T 30 1.13 19.15 17.37
C LEU T 30 0.31 19.96 16.38
N GLY T 31 -0.40 19.28 15.50
CA GLY T 31 -1.20 19.96 14.51
C GLY T 31 -2.63 19.48 14.55
N VAL T 32 -2.83 18.37 15.23
CA VAL T 32 -4.17 17.86 15.47
C VAL T 32 -4.71 18.46 16.76
N GLN T 33 -6.00 18.25 17.01
CA GLN T 33 -6.57 18.71 18.27
C GLN T 33 -6.02 17.91 19.44
N VAL T 34 -6.00 18.54 20.61
CA VAL T 34 -5.41 17.95 21.80
C VAL T 34 -6.45 17.00 22.41
N ASP T 35 -6.36 15.72 22.05
CA ASP T 35 -7.16 14.73 22.75
C ASP T 35 -6.24 13.74 23.42
N ASP T 36 -6.79 12.66 23.99
CA ASP T 36 -5.97 11.69 24.68
C ASP T 36 -5.05 10.97 23.72
N ALA T 37 -5.48 10.77 22.48
CA ALA T 37 -4.63 10.10 21.50
C ALA T 37 -3.46 10.99 21.09
N SER T 38 -3.70 12.27 20.88
CA SER T 38 -2.62 13.16 20.48
C SER T 38 -1.72 13.50 21.65
N ALA T 39 -2.26 13.46 22.87
CA ALA T 39 -1.42 13.70 24.04
C ALA T 39 -0.46 12.56 24.24
N ASN T 40 -0.92 11.32 24.08
CA ASN T 40 -0.07 10.16 24.28
C ASN T 40 0.99 10.07 23.20
N ASP T 41 0.68 10.56 22.00
CA ASP T 41 1.69 10.63 20.95
C ASP T 41 2.78 11.61 21.32
N ILE T 42 2.40 12.82 21.76
CA ILE T 42 3.36 13.86 22.09
C ILE T 42 4.19 13.48 23.31
N MET T 43 3.56 12.88 24.31
CA MET T 43 4.29 12.48 25.50
C MET T 43 5.21 11.30 25.21
N ALA T 44 4.87 10.49 24.22
CA ALA T 44 5.81 9.46 23.79
C ALA T 44 7.01 10.10 23.12
N GLN T 45 6.75 11.13 22.31
CA GLN T 45 7.82 11.78 21.57
C GLN T 45 8.66 12.66 22.48
N LEU T 46 8.06 13.26 23.51
CA LEU T 46 8.82 14.04 24.48
C LEU T 46 9.74 13.15 25.29
N LEU T 47 9.30 11.93 25.57
CA LEU T 47 10.14 11.04 26.37
C LEU T 47 11.17 10.33 25.51
N VAL T 48 10.90 10.16 24.21
CA VAL T 48 11.93 9.65 23.32
C VAL T 48 13.05 10.67 23.16
N LEU T 49 12.68 11.91 22.84
CA LEU T 49 13.69 12.92 22.57
C LEU T 49 14.43 13.34 23.83
N GLU T 50 13.83 13.17 25.00
CA GLU T 50 14.58 13.34 26.23
C GLU T 50 15.61 12.22 26.39
N SER T 51 15.24 11.00 26.01
CA SER T 51 16.15 9.87 26.18
C SER T 51 17.21 9.83 25.10
N LEU T 52 16.96 10.45 23.94
CA LEU T 52 17.98 10.51 22.92
C LEU T 52 19.09 11.47 23.32
N ASP T 53 18.74 12.71 23.64
CA ASP T 53 19.67 13.60 24.31
C ASP T 53 18.88 14.57 25.17
N PRO T 54 19.11 14.58 26.47
CA PRO T 54 18.37 15.49 27.34
C PRO T 54 18.86 16.92 27.30
N ASP T 55 19.98 17.18 26.62
CA ASP T 55 20.60 18.49 26.64
C ASP T 55 20.38 19.27 25.35
N ARG T 56 19.64 18.70 24.40
CA ARG T 56 19.29 19.42 23.19
C ARG T 56 17.83 19.83 23.29
N ASP T 57 17.52 20.98 22.71
CA ASP T 57 16.18 21.55 22.79
C ASP T 57 15.22 20.71 21.98
N ILE T 58 14.05 20.44 22.53
CA ILE T 58 12.93 19.89 21.79
C ILE T 58 12.12 21.06 21.25
N THR T 59 11.80 21.01 19.98
CA THR T 59 10.95 22.03 19.40
C THR T 59 9.54 21.45 19.24
N MET T 60 8.54 22.22 19.64
CA MET T 60 7.16 21.78 19.49
C MET T 60 6.43 22.74 18.57
N TYR T 61 5.92 22.23 17.47
CA TYR T 61 5.12 23.03 16.56
C TYR T 61 3.67 22.89 16.95
N ILE T 62 2.97 24.01 17.00
CA ILE T 62 1.60 24.03 17.48
C ILE T 62 0.74 24.64 16.38
N ASN T 63 -0.01 23.80 15.69
CA ASN T 63 -1.06 24.19 14.78
C ASN T 63 -2.37 23.57 15.25
N SER T 64 -2.64 23.72 16.51
CA SER T 64 -3.71 22.95 17.06
C SER T 64 -4.89 23.82 17.42
N PRO T 65 -6.12 23.33 17.23
CA PRO T 65 -7.30 24.04 17.72
C PRO T 65 -7.57 23.82 19.21
N GLY T 66 -6.68 23.13 19.91
CA GLY T 66 -6.86 22.89 21.32
C GLY T 66 -7.73 21.68 21.57
N GLY T 67 -7.96 21.36 22.84
CA GLY T 67 -8.83 20.26 23.15
C GLY T 67 -9.01 20.04 24.62
N GLY T 68 -9.02 18.77 25.04
CA GLY T 68 -9.35 18.39 26.40
C GLY T 68 -8.35 18.88 27.41
N PHE T 69 -8.82 19.15 28.63
CA PHE T 69 -7.96 19.72 29.65
C PHE T 69 -7.01 18.69 30.23
N THR T 70 -7.45 17.45 30.45
CA THR T 70 -6.55 16.48 31.01
C THR T 70 -5.57 15.99 29.97
N SER T 71 -5.96 16.07 28.70
CA SER T 71 -5.00 15.84 27.63
C SER T 71 -4.05 17.01 27.51
N LEU T 72 -4.53 18.21 27.83
CA LEU T 72 -3.69 19.39 27.87
C LEU T 72 -2.63 19.28 28.95
N MET T 73 -3.05 19.02 30.18
CA MET T 73 -2.11 19.00 31.29
C MET T 73 -1.27 17.75 31.28
N ALA T 74 -1.63 16.75 30.48
CA ALA T 74 -0.74 15.64 30.23
C ALA T 74 0.45 16.10 29.40
N ILE T 75 0.17 16.82 28.31
CA ILE T 75 1.24 17.37 27.47
C ILE T 75 2.01 18.43 28.23
N TYR T 76 1.28 19.31 28.95
CA TYR T 76 1.90 20.39 29.71
C TYR T 76 2.90 19.88 30.73
N ASP T 77 2.51 18.85 31.48
CA ASP T 77 3.39 18.32 32.50
C ASP T 77 4.61 17.66 31.90
N THR T 78 4.43 16.92 30.80
CA THR T 78 5.53 16.21 30.17
C THR T 78 6.49 17.17 29.49
N MET T 79 5.98 18.27 28.94
CA MET T 79 6.82 19.36 28.46
C MET T 79 7.64 19.95 29.59
N GLN T 80 7.01 20.18 30.73
CA GLN T 80 7.75 20.67 31.88
C GLN T 80 8.60 19.59 32.52
N TYR T 81 8.28 18.32 32.26
CA TYR T 81 8.98 17.24 32.96
C TYR T 81 10.33 16.93 32.33
N VAL T 82 10.42 16.93 31.00
CA VAL T 82 11.64 16.47 30.33
C VAL T 82 12.80 17.41 30.61
N ARG T 83 14.01 16.86 30.59
CA ARG T 83 15.20 17.63 30.90
C ARG T 83 15.48 18.66 29.81
N ALA T 84 15.04 18.37 28.60
CA ALA T 84 15.23 19.26 27.47
C ALA T 84 14.35 20.50 27.60
N ASP T 85 14.82 21.59 27.03
CA ASP T 85 14.05 22.82 26.95
C ASP T 85 13.10 22.71 25.77
N ILE T 86 11.86 23.10 25.98
CA ILE T 86 10.86 22.98 24.94
C ILE T 86 10.78 24.31 24.20
N GLN T 87 10.93 24.26 22.89
CA GLN T 87 10.82 25.43 22.04
C GLN T 87 9.48 25.37 21.32
N THR T 88 8.50 26.11 21.81
CA THR T 88 7.18 26.09 21.21
C THR T 88 7.09 27.15 20.12
N VAL T 89 6.73 26.73 18.92
CA VAL T 89 6.48 27.62 17.80
C VAL T 89 5.02 27.48 17.43
N CYS T 90 4.33 28.61 17.31
CA CYS T 90 2.93 28.60 16.87
C CYS T 90 2.88 28.76 15.37
N LEU T 91 2.11 27.90 14.74
CA LEU T 91 2.03 27.79 13.29
C LEU T 91 0.55 27.94 12.97
N GLY T 92 0.13 29.11 12.51
CA GLY T 92 -1.27 29.24 12.18
C GLY T 92 -2.19 29.48 13.36
N GLN T 93 -2.42 28.48 14.21
CA GLN T 93 -3.23 28.71 15.39
C GLN T 93 -2.69 27.95 16.58
N ALA T 94 -2.93 28.51 17.76
CA ALA T 94 -2.83 27.81 19.03
C ALA T 94 -4.07 28.21 19.80
N ALA T 95 -5.11 27.39 19.71
CA ALA T 95 -6.38 27.81 20.32
C ALA T 95 -6.61 27.06 21.62
N SER T 96 -7.30 27.70 22.57
CA SER T 96 -7.68 27.01 23.81
C SER T 96 -6.49 26.34 24.46
N ALA T 97 -6.59 25.03 24.62
CA ALA T 97 -5.54 24.26 25.30
C ALA T 97 -4.21 24.44 24.58
N ALA T 98 -4.22 24.69 23.28
CA ALA T 98 -2.91 24.68 22.64
C ALA T 98 -2.16 25.99 22.83
N ALA T 99 -2.85 27.06 23.18
CA ALA T 99 -2.18 28.28 23.56
C ALA T 99 -1.54 28.18 24.94
N VAL T 100 -2.06 27.29 25.79
CA VAL T 100 -1.41 27.04 27.07
C VAL T 100 -0.11 26.26 26.85
N LEU T 101 -0.12 25.33 25.89
CA LEU T 101 1.11 24.63 25.54
C LEU T 101 2.09 25.56 24.84
N LEU T 102 1.57 26.54 24.12
CA LEU T 102 2.43 27.52 23.48
C LEU T 102 3.11 28.40 24.51
N ALA T 103 2.39 28.81 25.55
CA ALA T 103 3.00 29.54 26.64
C ALA T 103 3.88 28.65 27.49
N ALA T 104 3.73 27.34 27.40
CA ALA T 104 4.45 26.39 28.24
C ALA T 104 5.85 26.10 27.76
N GLY T 105 6.31 26.73 26.70
CA GLY T 105 7.68 26.53 26.27
C GLY T 105 8.65 27.17 27.23
N THR T 106 9.91 26.87 27.01
CA THR T 106 10.96 27.47 27.82
C THR T 106 11.01 28.96 27.54
N PRO T 107 11.11 29.81 28.59
CA PRO T 107 11.14 31.25 28.38
C PRO T 107 12.30 31.72 27.51
N GLY T 108 11.99 32.60 26.57
CA GLY T 108 12.92 32.95 25.52
C GLY T 108 12.83 32.06 24.31
N LYS T 109 12.12 30.94 24.41
CA LYS T 109 12.09 29.95 23.34
C LYS T 109 10.66 29.69 22.91
N ARG T 110 9.81 30.69 22.99
CA ARG T 110 8.42 30.55 22.57
C ARG T 110 8.20 31.47 21.39
N MET T 111 8.15 30.87 20.21
CA MET T 111 8.01 31.62 18.97
C MET T 111 6.59 31.54 18.47
N ALA T 112 6.27 32.45 17.57
CA ALA T 112 5.04 32.40 16.82
C ALA T 112 5.32 32.97 15.45
N LEU T 113 4.74 32.37 14.44
CA LEU T 113 4.80 32.91 13.11
C LEU T 113 3.96 34.18 13.05
N PRO T 114 4.30 35.13 12.17
CA PRO T 114 3.70 36.48 12.26
C PRO T 114 2.20 36.53 12.04
N ASN T 115 1.62 35.59 11.32
CA ASN T 115 0.19 35.56 11.10
C ASN T 115 -0.45 34.40 11.84
N ALA T 116 0.19 33.95 12.91
CA ALA T 116 -0.37 32.88 13.72
C ALA T 116 -1.38 33.45 14.71
N ARG T 117 -2.46 32.71 14.90
CA ARG T 117 -3.51 33.10 15.82
C ARG T 117 -3.24 32.43 17.16
N VAL T 118 -3.45 33.17 18.24
CA VAL T 118 -3.36 32.60 19.58
C VAL T 118 -4.70 32.89 20.23
N LEU T 119 -5.45 31.85 20.53
CA LEU T 119 -6.79 31.97 21.06
C LEU T 119 -6.79 31.37 22.46
N ILE T 120 -7.03 32.18 23.48
CA ILE T 120 -7.16 31.70 24.84
C ILE T 120 -8.61 31.86 25.27
N HIS T 121 -9.14 30.85 25.96
CA HIS T 121 -10.46 30.93 26.54
C HIS T 121 -10.53 29.99 27.73
N GLN T 122 -11.53 30.21 28.57
CA GLN T 122 -11.73 29.38 29.74
C GLN T 122 -12.19 27.99 29.31
N PRO T 123 -11.94 26.97 30.15
CA PRO T 123 -12.39 25.61 29.81
C PRO T 123 -13.91 25.51 29.69
N SER T 124 -14.32 24.60 28.82
CA SER T 124 -15.72 24.34 28.60
C SER T 124 -15.95 22.85 28.72
N LEU T 125 -17.19 22.48 29.04
CA LEU T 125 -17.64 21.11 28.87
C LEU T 125 -18.28 20.99 27.51
N SER T 126 -17.68 20.17 26.65
CA SER T 126 -18.28 19.86 25.37
C SER T 126 -19.53 19.01 25.59
N GLY T 127 -20.65 19.48 25.08
CA GLY T 127 -21.87 18.76 25.33
C GLY T 127 -22.35 18.99 26.75
N VAL T 128 -23.33 18.16 27.13
CA VAL T 128 -23.97 18.27 28.42
C VAL T 128 -23.58 17.04 29.23
N ILE T 129 -23.06 17.26 30.43
CA ILE T 129 -22.88 16.18 31.38
C ILE T 129 -24.11 16.10 32.24
N GLN T 130 -24.89 15.05 32.07
CA GLN T 130 -26.08 14.84 32.88
C GLN T 130 -25.69 14.34 34.26
N GLY T 131 -26.68 14.25 35.13
CA GLY T 131 -26.45 13.69 36.44
C GLY T 131 -27.27 14.35 37.52
N GLN T 132 -27.23 13.78 38.71
CA GLN T 132 -27.84 14.38 39.87
C GLN T 132 -27.11 15.66 40.24
N PHE T 133 -27.76 16.53 41.02
CA PHE T 133 -27.12 17.79 41.39
C PHE T 133 -25.87 17.59 42.23
N SER T 134 -25.75 16.48 42.95
CA SER T 134 -24.49 16.18 43.62
C SER T 134 -23.42 15.73 42.64
N ASP T 135 -23.80 15.02 41.57
CA ASP T 135 -22.86 14.73 40.50
C ASP T 135 -22.41 16.01 39.82
N LEU T 136 -23.34 16.93 39.59
CA LEU T 136 -23.01 18.15 38.88
C LEU T 136 -22.28 19.15 39.74
N GLU T 137 -22.49 19.10 41.05
CA GLU T 137 -21.71 19.92 41.96
C GLU T 137 -20.24 19.50 41.94
N ILE T 138 -19.99 18.20 41.75
CA ILE T 138 -18.63 17.71 41.58
C ILE T 138 -18.06 18.18 40.25
N GLN T 139 -18.85 18.04 39.18
CA GLN T 139 -18.37 18.38 37.84
C GLN T 139 -18.18 19.87 37.65
N ALA T 140 -18.84 20.68 38.48
CA ALA T 140 -18.72 22.11 38.36
C ALA T 140 -17.62 22.66 39.24
N ALA T 141 -17.38 22.00 40.37
CA ALA T 141 -16.17 22.30 41.12
C ALA T 141 -14.94 21.82 40.37
N GLU T 142 -15.13 20.86 39.48
CA GLU T 142 -14.04 20.37 38.67
C GLU T 142 -13.73 21.29 37.51
N ILE T 143 -14.75 21.88 36.87
CA ILE T 143 -14.46 22.81 35.79
C ILE T 143 -13.94 24.12 36.36
N GLU T 144 -14.19 24.40 37.64
CA GLU T 144 -13.53 25.53 38.28
C GLU T 144 -12.14 25.17 38.73
N ARG T 145 -11.90 23.89 39.03
CA ARG T 145 -10.53 23.44 39.25
C ARG T 145 -9.75 23.57 37.96
N MET T 146 -10.37 23.21 36.83
CA MET T 146 -9.70 23.30 35.53
C MET T 146 -9.51 24.74 35.10
N ARG T 147 -10.47 25.60 35.40
CA ARG T 147 -10.36 27.00 35.04
C ARG T 147 -9.27 27.69 35.83
N THR T 148 -9.27 27.49 37.15
CA THR T 148 -8.25 28.07 38.02
C THR T 148 -6.87 27.51 37.71
N LEU T 149 -6.78 26.23 37.38
CA LEU T 149 -5.47 25.64 37.06
C LEU T 149 -4.95 26.18 35.74
N MET T 150 -5.84 26.39 34.77
CA MET T 150 -5.42 26.94 33.48
C MET T 150 -4.97 28.38 33.63
N GLU T 151 -5.63 29.14 34.50
CA GLU T 151 -5.27 30.53 34.69
C GLU T 151 -3.99 30.67 35.48
N THR T 152 -3.76 29.80 36.45
CA THR T 152 -2.49 29.84 37.18
C THR T 152 -1.36 29.27 36.33
N THR T 153 -1.69 28.39 35.39
CA THR T 153 -0.70 27.93 34.42
C THR T 153 -0.30 29.05 33.48
N LEU T 154 -1.29 29.77 32.95
CA LEU T 154 -0.99 30.93 32.12
C LEU T 154 -0.45 32.08 32.94
N ALA T 155 -0.67 32.11 34.25
CA ALA T 155 -0.06 33.15 35.06
C ALA T 155 1.43 32.95 35.17
N ARG T 156 1.88 31.72 35.36
CA ARG T 156 3.30 31.49 35.58
C ARG T 156 4.11 31.48 34.31
N HIS T 157 3.45 31.47 33.16
CA HIS T 157 4.16 31.46 31.89
C HIS T 157 4.02 32.75 31.12
N THR T 158 3.03 33.58 31.39
CA THR T 158 2.92 34.89 30.77
C THR T 158 3.37 36.00 31.69
N GLY T 159 3.62 35.71 32.97
CA GLY T 159 3.99 36.75 33.90
C GLY T 159 2.86 37.64 34.33
N LYS T 160 1.62 37.28 34.01
CA LYS T 160 0.48 38.09 34.41
C LYS T 160 -0.18 37.49 35.64
N ASP T 161 -0.95 38.30 36.33
CA ASP T 161 -1.69 37.83 37.48
C ASP T 161 -2.80 36.89 37.01
N ALA T 162 -3.10 35.88 37.83
CA ALA T 162 -4.10 34.89 37.46
C ALA T 162 -5.48 35.49 37.37
N GLY T 163 -5.74 36.58 38.10
CA GLY T 163 -6.99 37.28 37.93
C GLY T 163 -7.06 38.07 36.65
N VAL T 164 -5.91 38.51 36.14
CA VAL T 164 -5.86 39.17 34.84
C VAL T 164 -6.09 38.15 33.73
N ILE T 165 -5.61 36.91 33.91
CA ILE T 165 -5.88 35.84 32.95
C ILE T 165 -7.37 35.51 32.97
N ARG T 166 -7.98 35.62 34.15
CA ARG T 166 -9.38 35.26 34.30
C ARG T 166 -10.31 36.26 33.62
N LYS T 167 -9.98 37.54 33.70
CA LYS T 167 -10.75 38.54 32.99
C LYS T 167 -10.53 38.47 31.50
N ASP T 168 -9.34 38.08 31.06
CA ASP T 168 -9.06 38.00 29.63
C ASP T 168 -9.72 36.78 29.01
N THR T 169 -9.75 35.66 29.72
CA THR T 169 -10.35 34.44 29.21
C THR T 169 -11.82 34.33 29.56
N ASP T 170 -12.47 35.44 29.89
CA ASP T 170 -13.92 35.47 30.04
C ASP T 170 -14.60 35.08 28.74
N ARG T 171 -14.19 35.69 27.65
CA ARG T 171 -14.59 35.27 26.34
C ARG T 171 -13.36 34.77 25.59
N ASP T 172 -13.52 34.51 24.30
CA ASP T 172 -12.38 34.15 23.48
C ASP T 172 -11.46 35.34 23.32
N LYS T 173 -10.33 35.33 23.99
CA LYS T 173 -9.33 36.37 23.75
C LYS T 173 -8.43 35.87 22.63
N ILE T 174 -8.71 36.30 21.42
CA ILE T 174 -7.85 35.99 20.29
C ILE T 174 -6.72 37.01 20.26
N LEU T 175 -5.50 36.52 20.32
CA LEU T 175 -4.32 37.34 20.19
C LEU T 175 -3.69 37.07 18.83
N THR T 176 -3.05 38.07 18.26
CA THR T 176 -2.23 37.86 17.08
C THR T 176 -0.86 37.35 17.52
N ALA T 177 0.11 37.35 16.62
CA ALA T 177 1.46 37.01 17.05
C ALA T 177 2.04 38.12 17.93
N GLU T 178 1.92 39.36 17.48
CA GLU T 178 2.46 40.48 18.25
C GLU T 178 1.68 40.72 19.51
N GLU T 179 0.37 40.43 19.51
CA GLU T 179 -0.42 40.59 20.70
C GLU T 179 -0.13 39.50 21.71
N ALA T 180 0.27 38.32 21.25
CA ALA T 180 0.66 37.26 22.17
C ALA T 180 2.05 37.49 22.73
N LYS T 181 2.88 38.25 22.02
CA LYS T 181 4.18 38.62 22.57
C LYS T 181 4.03 39.63 23.70
N ASP T 182 3.15 40.61 23.50
CA ASP T 182 2.90 41.60 24.54
C ASP T 182 2.12 40.99 25.69
N TYR T 183 1.34 39.95 25.41
CA TYR T 183 0.62 39.29 26.48
C TYR T 183 1.55 38.42 27.31
N GLY T 184 2.49 37.75 26.67
CA GLY T 184 3.44 36.89 27.35
C GLY T 184 3.33 35.44 26.98
N ILE T 185 2.49 35.09 26.02
CA ILE T 185 2.38 33.70 25.59
C ILE T 185 3.58 33.29 24.75
N ILE T 186 4.00 34.12 23.81
CA ILE T 186 5.21 33.85 23.07
C ILE T 186 6.22 34.92 23.40
N ASP T 187 7.49 34.59 23.18
CA ASP T 187 8.59 35.47 23.55
C ASP T 187 9.11 36.27 22.37
N THR T 188 9.03 35.74 21.17
CA THR T 188 9.39 36.48 19.98
C THR T 188 8.43 36.09 18.86
N VAL T 189 8.08 37.06 18.04
CA VAL T 189 7.39 36.80 16.79
C VAL T 189 8.46 36.50 15.77
N LEU T 190 8.37 35.36 15.13
CA LEU T 190 9.45 34.84 14.33
C LEU T 190 9.52 35.56 13.00
N GLU T 191 10.60 36.28 12.76
CA GLU T 191 10.74 37.06 11.53
C GLU T 191 10.96 36.13 10.35
N TYR T 192 10.51 36.54 9.18
CA TYR T 192 10.76 35.71 8.02
C TYR T 192 12.22 35.86 7.61
N ARG T 193 12.83 34.74 7.25
CA ARG T 193 14.24 34.74 6.91
C ARG T 193 14.49 34.38 5.46
N LYS T 194 13.53 34.69 4.58
CA LYS T 194 13.72 34.42 3.16
C LYS T 194 14.79 35.34 2.58
N LEU T 195 15.61 34.77 1.70
CA LEU T 195 16.81 35.45 1.24
C LEU T 195 16.47 36.61 0.32
N SER T 196 15.36 36.51 -0.40
CA SER T 196 14.93 37.62 -1.24
C SER T 196 14.15 38.64 -0.42
MG MG U . 40.28 11.02 -33.95
PG ATP V . 37.13 10.43 -32.60
O1G ATP V . 36.26 9.25 -32.91
O2G ATP V . 36.68 11.20 -31.38
O3G ATP V . 38.59 10.08 -32.56
PB ATP V . 37.72 12.82 -34.19
O1B ATP V . 37.06 13.93 -33.46
O2B ATP V . 39.19 12.60 -34.04
O3B ATP V . 36.97 11.44 -33.85
PA ATP V . 38.29 13.55 -36.92
O1A ATP V . 38.90 14.81 -36.42
O2A ATP V . 39.19 12.48 -37.45
O3A ATP V . 37.40 12.95 -35.75
O5' ATP V . 37.17 13.88 -38.01
C5' ATP V . 36.78 12.86 -38.96
C4' ATP V . 36.88 13.43 -40.35
O4' ATP V . 35.70 14.23 -40.64
C3' ATP V . 38.07 14.38 -40.60
O3' ATP V . 39.22 13.66 -41.03
C2' ATP V . 37.51 15.31 -41.67
O2' ATP V . 37.55 14.73 -42.95
C1' ATP V . 36.08 15.47 -41.18
N9 ATP V . 35.88 16.49 -40.15
C8 ATP V . 35.65 16.30 -38.81
N7 ATP V . 35.51 17.42 -38.15
C5 ATP V . 35.69 18.40 -39.11
C6 ATP V . 35.67 19.82 -39.04
N6 ATP V . 35.46 20.49 -37.92
N1 ATP V . 35.89 20.50 -40.18
C2 ATP V . 36.09 19.81 -41.31
N3 ATP V . 36.13 18.49 -41.50
C4 ATP V . 35.91 17.84 -40.34
PG ATP W . 26.25 -14.78 -38.19
O1G ATP W . 27.62 -14.32 -38.61
O2G ATP W . 26.18 -15.35 -36.80
O3G ATP W . 25.14 -13.81 -38.52
PB ATP W . 25.58 -15.82 -40.68
O1B ATP W . 24.08 -15.70 -40.73
O2B ATP W . 26.46 -14.70 -41.18
O3B ATP W . 25.94 -16.04 -39.12
PA ATP W . 26.67 -17.46 -42.78
O1A ATP W . 26.69 -16.16 -43.55
O2A ATP W . 27.95 -18.24 -42.62
O3A ATP W . 26.04 -17.24 -41.31
O5' ATP W . 25.61 -18.44 -43.51
C5' ATP W . 25.31 -19.73 -42.97
C4' ATP W . 24.79 -20.65 -44.06
O4' ATP W . 23.51 -20.22 -44.51
C3' ATP W . 25.72 -20.68 -45.26
O3' ATP W . 26.35 -21.96 -45.36
C2' ATP W . 24.85 -20.43 -46.46
O2' ATP W . 24.90 -21.55 -47.35
C1' ATP W . 23.43 -20.26 -45.93
N9 ATP W . 22.86 -18.99 -46.42
C8 ATP W . 22.61 -17.90 -45.65
N7 ATP W . 22.08 -16.90 -46.38
C5 ATP W . 21.98 -17.33 -47.65
C6 ATP W . 21.51 -16.77 -48.93
N6 ATP W . 21.02 -15.50 -48.99
N1 ATP W . 21.58 -17.54 -50.03
C2 ATP W . 22.06 -18.79 -49.97
N3 ATP W . 22.51 -19.37 -48.84
C4 ATP W . 22.49 -18.71 -47.67
PG ATP X . 34.56 -28.62 9.29
O1G ATP X . 34.20 -27.40 10.09
O2G ATP X . 33.41 -29.54 8.97
O3G ATP X . 35.50 -28.37 8.13
PB ATP X . 35.57 -31.07 10.27
O1B ATP X . 34.23 -31.71 10.57
O2B ATP X . 36.31 -31.42 9.01
O3B ATP X . 35.44 -29.47 10.34
PA ATP X . 37.88 -32.15 11.35
O1A ATP X . 37.51 -33.51 10.81
O2A ATP X . 38.85 -31.28 10.59
O3A ATP X . 36.52 -31.33 11.53
O5' ATP X . 38.43 -32.30 12.86
C5' ATP X . 38.80 -31.14 13.59
C4' ATP X . 39.56 -31.57 14.85
O4' ATP X . 38.68 -32.31 15.70
C3' ATP X . 40.72 -32.47 14.48
O3' ATP X . 41.96 -31.87 14.89
C2' ATP X . 40.51 -33.77 15.24
O2' ATP X . 41.61 -34.03 16.10
C1' ATP X . 39.24 -33.59 16.05
N9 ATP X . 38.24 -34.62 15.69
C8 ATP X . 37.13 -34.42 14.98
N7 ATP X . 36.42 -35.57 14.83
C5 ATP X . 37.10 -36.54 15.46
C6 ATP X . 36.91 -37.99 15.68
N6 ATP X . 35.83 -38.64 15.19
N1 ATP X . 37.86 -38.64 16.40
C2 ATP X . 38.94 -38.01 16.89
N3 ATP X . 39.17 -36.69 16.72
C4 ATP X . 38.30 -35.92 16.03
PG ATP Y . 26.30 -35.30 -18.13
O1G ATP Y . 27.34 -34.99 -19.18
O2G ATP Y . 26.44 -34.49 -16.87
O3G ATP Y . 24.90 -35.41 -18.66
PB ATP Y . 26.31 -38.03 -18.60
O1B ATP Y . 24.92 -38.47 -18.20
O2B ATP Y . 26.59 -37.62 -20.02
O3B ATP Y . 26.66 -36.79 -17.65
PA ATP Y . 28.12 -40.25 -19.01
O1A ATP Y . 27.58 -40.19 -20.42
O2A ATP Y . 29.60 -40.11 -18.79
O3A ATP Y . 27.40 -39.13 -18.10
O5' ATP Y . 27.65 -41.64 -18.37
C5' ATP Y . 27.96 -41.94 -17.01
C4' ATP Y . 27.97 -43.46 -16.78
O4' ATP Y . 26.65 -43.98 -16.93
C3' ATP Y . 28.86 -44.15 -17.79
O3' ATP Y . 30.00 -44.70 -17.13
C2' ATP Y . 28.02 -45.27 -18.38
O2' ATP Y . 28.62 -46.53 -18.11
C1' ATP Y . 26.66 -45.18 -17.71
N9 ATP Y . 25.60 -45.10 -18.73
C8 ATP Y . 24.84 -44.01 -18.97
N7 ATP Y . 23.94 -44.25 -19.95
C5 ATP Y . 24.11 -45.51 -20.35
C6 ATP Y . 23.49 -46.41 -21.36
N6 ATP Y . 22.49 -45.97 -22.15
N1 ATP Y . 23.96 -47.67 -21.46
C2 ATP Y . 24.96 -48.12 -20.68
N3 ATP Y . 25.57 -47.36 -19.75
C4 ATP Y . 25.20 -46.08 -19.54
PB ADP Z . 40.36 -1.83 18.66
O1B ADP Z . 40.24 -2.71 19.87
O2B ADP Z . 41.07 -2.50 17.51
O3B ADP Z . 39.05 -1.22 18.24
PA ADP Z . 42.90 -0.56 19.38
O1A ADP Z . 43.24 -1.70 20.28
O2A ADP Z . 43.60 -0.46 18.07
O3A ADP Z . 41.31 -0.61 19.10
O5' ADP Z . 43.05 0.81 20.20
C5' ADP Z . 43.10 2.09 19.52
C4' ADP Z . 44.03 3.01 20.27
O4' ADP Z . 43.73 2.92 21.68
C3' ADP Z . 45.53 2.71 20.15
O3' ADP Z . 46.30 3.88 20.23
C2' ADP Z . 45.77 1.80 21.36
O2' ADP Z . 47.11 1.76 21.78
C1' ADP Z . 44.86 2.47 22.39
N9 ADP Z . 44.43 1.56 23.45
C8 ADP Z . 43.29 0.80 23.45
N7 ADP Z . 43.17 0.06 24.53
C5 ADP Z . 44.30 0.36 25.27
C6 ADP Z . 44.75 -0.11 26.52
N6 ADP Z . 44.09 -0.99 27.26
N1 ADP Z . 45.93 0.38 26.98
C2 ADP Z . 46.59 1.27 26.22
N3 ADP Z . 46.26 1.77 25.04
C4 ADP Z . 45.10 1.27 24.61
H5'1 ADP Z . 42.20 2.48 19.48
H5'2 ADP Z . 43.43 1.97 18.60
H4' ADP Z . 43.86 3.93 19.97
H3' ADP Z . 45.72 2.22 19.31
HO3' ADP Z . 46.12 4.31 20.94
H2' ADP Z . 45.44 0.87 21.17
HO2' ADP Z . 47.17 1.27 22.46
H1' ADP Z . 45.34 3.24 22.78
H8 ADP Z . 42.66 0.81 22.76
HN61 ADP Z . 44.42 -1.24 28.03
HN62 ADP Z . 43.33 -1.32 26.97
H2 ADP Z . 47.40 1.58 26.59
MG MG AA . 38.65 -1.69 17.12
PB ADP BA . 43.27 22.53 -1.92
O1B ADP BA . 43.06 21.88 -3.27
O2B ADP BA . 42.01 23.05 -1.26
O3B ADP BA . 44.15 21.75 -0.99
PA ADP BA . 45.63 23.80 -2.76
O1A ADP BA . 46.49 24.20 -1.58
O2A ADP BA . 45.88 22.49 -3.46
O3A ADP BA . 44.11 23.87 -2.27
O5' ADP BA . 45.72 25.00 -3.83
C5' ADP BA . 46.42 24.82 -5.05
C4' ADP BA . 46.89 26.17 -5.60
O4' ADP BA . 46.10 27.23 -5.06
C3' ADP BA . 48.34 26.43 -5.22
O3' ADP BA . 49.18 26.31 -6.37
C2' ADP BA . 48.37 27.85 -4.69
O2' ADP BA . 49.20 28.66 -5.52
C1' ADP BA . 46.94 28.35 -4.73
N9 ADP BA . 46.52 28.89 -3.40
C8 ADP BA . 45.37 28.53 -2.79
N7 ADP BA . 45.22 29.17 -1.61
C5 ADP BA . 46.30 29.95 -1.42
C6 ADP BA . 46.76 30.88 -0.37
N6 ADP BA . 46.02 31.10 0.75
N1 ADP BA . 47.94 31.52 -0.56
C2 ADP BA . 48.68 31.31 -1.67
N3 ADP BA . 48.31 30.48 -2.67
C4 ADP BA . 47.15 29.78 -2.62
N1 BO2 CA . -26.92 -19.83 19.07
C2 BO2 CA . -25.82 -19.33 18.52
C3 BO2 CA . -25.65 -19.21 17.15
N4 BO2 CA . -26.60 -19.60 16.30
C5 BO2 CA . -27.71 -20.10 16.85
C6 BO2 CA . -27.86 -20.23 18.22
C7 BO2 CA . -24.71 -18.88 19.44
O8 BO2 CA . -23.58 -18.71 19.01
N9 BO2 CA . -25.06 -18.67 20.71
C10 BO2 CA . -24.28 -17.82 21.57
C11 BO2 CA . -24.80 -16.39 21.54
C12 BO2 CA . -24.54 -15.73 20.21
C13 BO2 CA . -23.33 -15.11 19.94
C14 BO2 CA . -23.09 -14.52 18.71
C15 BO2 CA . -24.05 -14.57 17.73
C16 BO2 CA . -25.25 -15.20 17.98
C17 BO2 CA . -25.50 -15.78 19.20
C18 BO2 CA . -24.27 -18.36 23.00
O19 BO2 CA . -24.59 -19.52 23.21
N20 BO2 CA . -23.90 -17.51 23.95
C21 BO2 CA . -22.87 -17.80 24.94
C22 BO2 CA . -22.02 -18.98 24.50
C23 BO2 CA . -21.93 -20.10 25.52
C24 BO2 CA . -22.80 -19.81 26.72
C25 BO2 CA . -22.31 -21.43 24.89
B26 BO2 CA . -21.96 -16.49 25.25
O27 BO2 CA . -22.74 -15.48 26.00
O28 BO2 CA . -21.52 -15.87 23.96
N1 BO2 DA . -19.63 -3.65 34.55
C2 BO2 DA . -18.73 -3.70 33.57
C3 BO2 DA . -18.81 -4.64 32.55
N4 BO2 DA . -19.79 -5.54 32.51
C5 BO2 DA . -20.68 -5.48 33.49
C6 BO2 DA . -20.60 -4.56 34.50
C7 BO2 DA . -17.60 -2.70 33.58
O8 BO2 DA . -16.55 -2.96 33.01
N9 BO2 DA . -17.85 -1.56 34.20
C10 BO2 DA . -17.28 -0.30 33.74
C11 BO2 DA . -18.17 0.38 32.70
C12 BO2 DA . -19.05 -0.56 31.93
C13 BO2 DA . -18.68 -1.02 30.68
C14 BO2 DA . -19.49 -1.89 29.97
C15 BO2 DA . -20.68 -2.31 30.50
C16 BO2 DA . -21.07 -1.87 31.74
C17 BO2 DA . -20.26 -1.00 32.45
C18 BO2 DA . -17.05 0.62 34.93
O19 BO2 DA . -17.68 0.47 35.97
N20 BO2 DA . -16.14 1.58 34.76
C21 BO2 DA . -15.26 2.04 35.83
C22 BO2 DA . -14.57 0.85 36.49
C23 BO2 DA . -13.88 1.15 37.81
C24 BO2 DA . -14.67 2.17 38.60
C25 BO2 DA . -13.69 -0.12 38.61
B26 BO2 DA . -14.20 3.15 35.27
O27 BO2 DA . -14.85 3.97 34.21
O28 BO2 DA . -12.99 2.46 34.73
N1 BO2 EA . -12.96 30.74 10.61
C2 BO2 EA . -11.91 29.94 10.42
C3 BO2 EA . -11.19 29.43 11.48
N4 BO2 EA . -11.47 29.73 12.75
C5 BO2 EA . -12.51 30.54 12.93
C6 BO2 EA . -13.24 31.04 11.87
C7 BO2 EA . -11.56 29.55 9.02
O8 BO2 EA . -10.80 28.61 8.81
N9 BO2 EA . -12.12 30.26 8.04
C10 BO2 EA . -12.22 29.74 6.70
C11 BO2 EA . -13.54 28.98 6.51
C12 BO2 EA . -13.38 27.69 5.76
C13 BO2 EA . -13.66 27.60 4.42
C14 BO2 EA . -13.49 26.41 3.73
C15 BO2 EA . -13.05 25.28 4.40
C16 BO2 EA . -12.77 25.36 5.73
C17 BO2 EA . -12.94 26.55 6.42
C18 BO2 EA . -12.07 30.81 5.62
O19 BO2 EA . -11.71 31.94 5.92
N20 BO2 EA . -12.34 30.42 4.37
C21 BO2 EA . -11.73 30.99 3.17
C22 BO2 EA . -10.25 31.28 3.40
C23 BO2 EA . -9.75 32.55 2.75
C24 BO2 EA . -10.89 33.31 2.10
C25 BO2 EA . -9.05 33.44 3.77
B26 BO2 EA . -11.98 30.04 1.86
O27 BO2 EA . -13.41 29.62 1.83
O28 BO2 EA . -11.11 28.82 1.95
N1 BO2 FA . -18.87 23.40 -12.05
C2 BO2 FA . -18.02 22.61 -11.41
C3 BO2 FA . -17.45 22.97 -10.19
N4 BO2 FA . -17.72 24.13 -9.61
C5 BO2 FA . -18.57 24.92 -10.26
C6 BO2 FA . -19.13 24.56 -11.47
C7 BO2 FA . -17.69 21.28 -12.02
O8 BO2 FA . -16.69 20.67 -11.67
N9 BO2 FA . -18.54 20.84 -12.94
C10 BO2 FA . -18.64 19.43 -13.25
C11 BO2 FA . -19.67 18.73 -12.35
C12 BO2 FA . -19.15 17.44 -11.78
C13 BO2 FA . -19.59 16.22 -12.27
C14 BO2 FA . -19.11 15.03 -11.73
C15 BO2 FA . -18.18 15.06 -10.72
C16 BO2 FA . -17.72 16.26 -10.24
C17 BO2 FA . -18.21 17.45 -10.77
C18 BO2 FA . -19.01 19.24 -14.72
O19 BO2 FA . -19.00 20.20 -15.49
N20 BO2 FA . -19.34 18.00 -15.09
C21 BO2 FA . -18.84 17.35 -16.29
C22 BO2 FA . -17.52 17.99 -16.74
C23 BO2 FA . -17.49 18.48 -18.18
C24 BO2 FA . -18.89 18.66 -18.74
C25 BO2 FA . -16.70 19.77 -18.30
B26 BO2 FA . -18.70 15.74 -16.09
O27 BO2 FA . -20.03 15.06 -16.01
O28 BO2 FA . -18.10 15.47 -14.77
N1 BO2 GA . -29.90 -17.73 -4.65
C2 BO2 GA . -28.68 -17.25 -4.44
C3 BO2 GA . -28.14 -16.26 -5.23
N4 BO2 GA . -28.80 -15.73 -6.25
C5 BO2 GA . -30.03 -16.21 -6.47
C6 BO2 GA . -30.56 -17.20 -5.68
C7 BO2 GA . -27.89 -17.81 -3.30
O8 BO2 GA . -26.69 -17.57 -3.20
N9 BO2 GA . -28.57 -18.55 -2.42
C10 BO2 GA . -28.02 -18.86 -1.13
C11 BO2 GA . -28.42 -17.82 -0.08
C12 BO2 GA . -27.81 -16.47 -0.37
C13 BO2 GA . -26.58 -16.12 0.16
C14 BO2 GA . -26.02 -14.89 -0.12
C15 BO2 GA . -26.69 -13.99 -0.93
C16 BO2 GA . -27.90 -14.33 -1.47
C17 BO2 GA . -28.46 -15.57 -1.20
C18 BO2 GA . -28.46 -20.25 -0.69
O19 BO2 GA . -28.78 -21.10 -1.52
N20 BO2 GA . -28.46 -20.49 0.63
C21 BO2 GA . -27.66 -21.52 1.27
C22 BO2 GA . -26.76 -22.21 0.25
C23 BO2 GA . -26.98 -23.71 0.12
C24 BO2 GA . -28.11 -24.15 1.02
C25 BO2 GA . -27.27 -24.09 -1.32
B26 BO2 GA . -26.75 -20.92 2.48
O27 BO2 GA . -27.58 -20.59 3.67
O28 BO2 GA . -26.20 -19.61 2.08
N1 BO2 HA . -26.56 1.57 -18.65
C2 BO2 HA . -25.43 1.57 -17.96
C3 BO2 HA . -24.73 2.73 -17.69
N4 BO2 HA . -25.15 3.93 -18.13
C5 BO2 HA . -26.28 3.92 -18.84
C6 BO2 HA . -26.97 2.76 -19.10
C7 BO2 HA . -24.93 0.26 -17.45
O8 BO2 HA . -23.73 0.09 -17.19
N9 BO2 HA . -25.85 -0.69 -17.28
C10 BO2 HA . -25.67 -1.78 -16.35
C11 BO2 HA . -26.39 -1.51 -15.03
C12 BO2 HA . -26.26 -0.08 -14.56
C13 BO2 HA . -25.23 0.30 -13.71
C14 BO2 HA . -25.11 1.62 -13.29
C15 BO2 HA . -26.01 2.56 -13.71
C16 BO2 HA . -27.03 2.21 -14.57
C17 BO2 HA . -27.14 0.89 -14.99
C18 BO2 HA . -26.21 -3.04 -16.98
O19 BO2 HA . -27.00 -2.99 -17.93
N20 BO2 HA . -25.78 -4.20 -16.47
C21 BO2 HA . -25.68 -5.42 -17.27
C22 BO2 HA . -24.78 -5.19 -18.48
C23 BO2 HA . -24.95 -6.22 -19.58
C24 BO2 HA . -26.39 -6.70 -19.65
C25 BO2 HA . -24.52 -5.63 -20.92
B26 BO2 HA . -25.17 -6.67 -16.35
O27 BO2 HA . -25.77 -6.59 -14.99
O28 BO2 HA . -23.68 -6.64 -16.27
N1 BO2 IA . -37.73 32.46 -6.28
C2 BO2 IA . -36.85 32.22 -5.30
C3 BO2 IA . -35.53 31.89 -5.56
N4 BO2 IA . -35.06 31.81 -6.81
C5 BO2 IA . -35.95 32.06 -7.78
C6 BO2 IA . -37.26 32.38 -7.52
C7 BO2 IA . -37.35 32.30 -3.89
O8 BO2 IA . -38.51 32.05 -3.61
N9 BO2 IA . -36.44 32.68 -2.99
C10 BO2 IA . -36.81 33.10 -1.66
C11 BO2 IA . -36.34 32.08 -0.63
C12 BO2 IA . -36.92 30.72 -0.91
C13 BO2 IA . -36.25 29.82 -1.72
C14 BO2 IA . -36.80 28.58 -1.99
C15 BO2 IA . -38.01 28.23 -1.46
C16 BO2 IA . -38.69 29.11 -0.65
C17 BO2 IA . -38.15 30.36 -0.38
C18 BO2 IA . -36.24 34.47 -1.36
O19 BO2 IA . -35.04 34.69 -1.41
N20 BO2 IA . -37.12 35.42 -1.06
C21 BO2 IA . -36.78 36.59 -0.26
C22 BO2 IA . -37.61 37.78 -0.68
C23 BO2 IA . -36.79 39.00 -1.05
C24 BO2 IA . -37.37 40.27 -0.42
C25 BO2 IA . -35.35 38.81 -0.61
B26 BO2 IA . -36.86 36.19 1.31
O27 BO2 IA . -35.50 36.18 1.90
O28 BO2 IA . -37.43 34.82 1.49
N1 BO2 JA . -34.13 22.34 36.63
C2 BO2 JA . -33.73 21.12 36.30
C3 BO2 JA . -32.39 20.79 36.20
N4 BO2 JA . -31.43 21.68 36.43
C5 BO2 JA . -31.84 22.91 36.75
C6 BO2 JA . -33.17 23.23 36.84
C7 BO2 JA . -34.79 20.09 36.04
O8 BO2 JA . -35.88 20.40 35.56
N9 BO2 JA . -34.47 18.84 36.39
C10 BO2 JA . -35.47 17.81 36.50
C11 BO2 JA . -35.32 16.79 35.37
C12 BO2 JA . -35.51 17.45 34.04
C13 BO2 JA . -34.44 17.98 33.34
C14 BO2 JA . -34.63 18.61 32.12
C15 BO2 JA . -35.89 18.72 31.59
C16 BO2 JA . -36.96 18.21 32.27
C17 BO2 JA . -36.78 17.58 33.49
C18 BO2 JA . -35.38 17.13 37.86
O19 BO2 JA . -34.31 16.69 38.27
N20 BO2 JA . -36.51 17.07 38.56
C21 BO2 JA . -36.74 16.06 39.58
C22 BO2 JA . -37.49 16.68 40.76
C23 BO2 JA . -36.82 16.44 42.10
C24 BO2 JA . -37.84 16.05 43.16
C25 BO2 JA . -35.77 15.35 41.96
B26 BO2 JA . -37.48 14.77 38.91
O27 BO2 JA . -36.54 13.61 38.91
O28 BO2 JA . -37.85 15.05 37.49
N1 BO2 KA . -32.63 37.30 17.25
C2 BO2 KA . -32.05 36.23 17.82
C3 BO2 KA . -30.72 35.92 17.60
N4 BO2 KA . -29.95 36.66 16.81
C5 BO2 KA . -30.53 37.72 16.25
C6 BO2 KA . -31.84 38.04 16.47
C7 BO2 KA . -32.90 35.38 18.70
O8 BO2 KA . -34.10 35.24 18.50
N9 BO2 KA . -32.26 34.82 19.73
C10 BO2 KA . -32.97 34.20 20.81
C11 BO2 KA . -32.80 32.69 20.80
C12 BO2 KA . -33.41 32.09 19.56
C13 BO2 KA . -32.68 31.98 18.39
C14 BO2 KA . -33.26 31.44 17.25
C15 BO2 KA . -34.57 31.05 17.27
C16 BO2 KA . -35.31 31.16 18.42
C17 BO2 KA . -34.74 31.70 19.57
C18 BO2 KA . -32.52 34.78 22.15
O19 BO2 KA . -31.34 34.80 22.46
N20 BO2 KA . -33.48 35.28 22.93
C21 BO2 KA . -33.34 35.38 24.37
C22 BO2 KA . -34.00 36.65 24.89
C23 BO2 KA . -33.06 37.53 25.70
C24 BO2 KA . -33.75 38.07 26.94
C25 BO2 KA . -31.82 36.75 26.07
B26 BO2 KA . -33.87 33.99 25.06
O27 BO2 KA . -32.72 33.26 25.65
O28 BO2 KA . -34.48 33.09 24.03
N1 BO2 LA . -48.14 -15.42 18.66
C2 BO2 LA . -47.43 -15.22 17.56
C3 BO2 LA . -46.16 -15.77 17.40
N4 BO2 LA . -45.60 -16.54 18.33
C5 BO2 LA . -46.33 -16.74 19.43
C6 BO2 LA . -47.58 -16.18 19.60
C7 BO2 LA . -48.02 -14.37 16.48
O8 BO2 LA . -48.81 -13.46 16.75
N9 BO2 LA . -47.66 -14.68 15.24
C10 BO2 LA . -48.45 -14.30 14.09
C11 BO2 LA . -47.73 -13.22 13.27
C12 BO2 LA . -47.42 -12.03 14.14
C13 BO2 LA . -46.27 -11.99 14.92
C14 BO2 LA . -46.01 -10.90 15.72
C15 BO2 LA . -46.89 -9.84 15.76
C16 BO2 LA . -48.03 -9.87 15.02
C17 BO2 LA . -48.30 -10.97 14.21
C18 BO2 LA . -48.74 -15.54 13.25
O19 BO2 LA . -48.06 -16.53 13.35
N20 BO2 LA . -49.79 -15.46 12.44
C21 BO2 LA . -49.75 -15.89 11.05
C22 BO2 LA . -50.38 -17.27 10.89
C23 BO2 LA . -51.18 -17.79 12.08
C24 BO2 LA . -52.42 -16.95 12.31
C25 BO2 LA . -51.58 -19.24 11.86
B26 BO2 LA . -50.46 -14.75 10.13
O27 BO2 LA . -49.70 -14.60 8.86
O28 BO2 LA . -50.44 -13.45 10.85
N1 BO2 MA . -50.20 -9.92 -5.07
C2 BO2 MA . -49.20 -9.11 -5.45
C3 BO2 MA . -47.94 -9.58 -5.73
N4 BO2 MA . -47.63 -10.87 -5.63
C5 BO2 MA . -48.62 -11.68 -5.25
C6 BO2 MA . -49.88 -11.21 -4.97
C7 BO2 MA . -49.51 -7.65 -5.57
O8 BO2 MA . -50.40 -7.13 -4.89
N9 BO2 MA . -48.80 -6.99 -6.47
C10 BO2 MA . -49.18 -5.67 -6.94
C11 BO2 MA . -48.19 -4.62 -6.46
C12 BO2 MA . -48.14 -4.57 -4.96
C13 BO2 MA . -47.24 -5.37 -4.26
C14 BO2 MA . -47.20 -5.34 -2.87
C15 BO2 MA . -48.07 -4.53 -2.18
C16 BO2 MA . -48.98 -3.76 -2.86
C17 BO2 MA . -49.02 -3.78 -4.24
C18 BO2 MA . -49.29 -5.67 -8.45
O19 BO2 MA . -48.33 -5.96 -9.16
N20 BO2 MA . -50.48 -5.32 -8.94
C21 BO2 MA . -50.63 -4.76 -10.28
C22 BO2 MA . -51.97 -5.19 -10.88
C23 BO2 MA . -51.84 -5.81 -12.26
C24 BO2 MA . -52.92 -5.29 -13.20
C25 BO2 MA . -50.46 -5.50 -12.84
B26 BO2 MA . -50.39 -3.14 -10.21
O27 BO2 MA . -49.13 -2.80 -10.92
O28 BO2 MA . -50.25 -2.69 -8.81
N1 BO2 NA . -45.58 11.51 -16.20
C2 BO2 NA . -44.50 12.06 -15.62
C3 BO2 NA . -43.22 11.64 -15.92
N4 BO2 NA . -42.99 10.66 -16.79
C5 BO2 NA . -44.06 10.11 -17.36
C6 BO2 NA . -45.34 10.53 -17.07
C7 BO2 NA . -44.73 13.17 -14.64
O8 BO2 NA . -45.72 13.17 -13.92
N9 BO2 NA . -43.80 14.12 -14.63
C10 BO2 NA . -44.03 15.39 -13.99
C11 BO2 NA . -43.18 15.52 -12.73
C12 BO2 NA . -43.62 14.54 -11.68
C13 BO2 NA . -43.10 13.25 -11.66
C14 BO2 NA . -43.52 12.34 -10.71
C15 BO2 NA . -44.45 12.70 -9.77
C16 BO2 NA . -44.98 13.97 -9.78
C17 BO2 NA . -44.56 14.88 -10.73
C18 BO2 NA . -43.75 16.53 -14.96
O19 BO2 NA . -42.67 16.62 -15.52
N20 BO2 NA . -44.74 17.40 -15.14
C21 BO2 NA . -44.50 18.77 -15.57
C22 BO2 NA . -45.61 19.21 -16.51
C23 BO2 NA . -45.10 19.74 -17.84
C24 BO2 NA . -45.86 20.98 -18.27
C25 BO2 NA . -43.61 20.03 -17.74
B26 BO2 NA . -44.27 19.71 -14.26
O27 BO2 NA . -42.86 20.18 -14.21
O28 BO2 NA . -44.53 18.95 -13.00
N1 BO2 OA . -40.95 -1.24 37.30
C2 BO2 OA . -40.51 -1.87 36.20
C3 BO2 OA . -39.19 -2.26 36.06
N4 BO2 OA . -38.29 -2.04 37.01
C5 BO2 OA . -38.74 -1.41 38.11
C6 BO2 OA . -40.05 -1.02 38.24
C7 BO2 OA . -41.50 -2.14 35.11
O8 BO2 OA . -42.46 -1.39 34.93
N9 BO2 OA . -41.29 -3.24 34.40
C10 BO2 OA . -42.28 -3.78 33.51
C11 BO2 OA . -41.83 -3.63 32.05
C12 BO2 OA . -41.67 -2.19 31.69
C13 BO2 OA . -40.44 -1.56 31.82
C14 BO2 OA . -40.30 -0.22 31.50
C15 BO2 OA . -41.38 0.50 31.05
C16 BO2 OA . -42.60 -0.11 30.93
C17 BO2 OA . -42.75 -1.44 31.25
C18 BO2 OA . -42.57 -5.23 33.84
O19 BO2 OA . -41.67 -6.06 33.91
N20 BO2 OA . -43.84 -5.54 34.08
C21 BO2 OA . -44.38 -6.88 33.91
C22 BO2 OA . -45.41 -7.17 35.01
C23 BO2 OA . -45.13 -8.46 35.79
C24 BO2 OA . -46.40 -9.26 35.97
C25 BO2 OA . -44.09 -9.28 35.05
B26 BO2 OA . -44.93 -7.07 32.39
O27 BO2 OA . -44.05 -8.04 31.66
O28 BO2 OA . -44.87 -5.78 31.64
N1 BO2 PA . -13.39 19.10 31.14
C2 BO2 PA . -12.98 18.33 30.12
C3 BO2 PA . -13.29 16.98 30.05
N4 BO2 PA . -14.02 16.38 30.97
C5 BO2 PA . -14.43 17.15 31.99
C6 BO2 PA . -14.11 18.48 32.07
C7 BO2 PA . -12.13 18.97 29.06
O8 BO2 PA . -11.22 18.32 28.53
N9 BO2 PA . -12.45 20.20 28.71
C10 BO2 PA . -12.16 20.71 27.38
C11 BO2 PA . -13.34 20.51 26.43
C12 BO2 PA . -14.10 19.22 26.69
C13 BO2 PA . -13.81 18.08 25.96
C14 BO2 PA . -14.50 16.90 26.20
C15 BO2 PA . -15.47 16.86 27.17
C16 BO2 PA . -15.77 17.98 27.90
C17 BO2 PA . -15.08 19.16 27.66
C18 BO2 PA . -11.80 22.19 27.44
O19 BO2 PA . -11.94 22.83 28.48
N20 BO2 PA . -11.34 22.74 26.31
C21 BO2 PA . -10.38 23.83 26.28
C22 BO2 PA . -9.18 23.51 27.15
C23 BO2 PA . -8.46 24.72 27.71
C24 BO2 PA . -9.38 25.92 27.77
C25 BO2 PA . -7.88 24.43 29.09
B26 BO2 PA . -9.94 24.20 24.74
O27 BO2 PA . -11.14 24.15 23.84
O28 BO2 PA . -8.93 23.22 24.26
#